data_8E5A
#
_entry.id   8E5A
#
_cell.length_a   1.00
_cell.length_b   1.00
_cell.length_c   1.00
_cell.angle_alpha   90.00
_cell.angle_beta   90.00
_cell.angle_gamma   90.00
#
_symmetry.space_group_name_H-M   'P 1'
#
loop_
_entity.id
_entity.type
_entity.pdbx_description
1 polymer 'Voltage-dependent L-type calcium channel subunit alpha-1D'
2 polymer 'Voltage-dependent calcium channel subunit alpha-2/delta-1'
3 polymer 'Voltage-dependent L-type calcium channel subunit beta-3'
4 branched 2-acetamido-2-deoxy-beta-D-glucopyranose-(1-4)-2-acetamido-2-deoxy-beta-D-glucopyranose-(1-4)-2-acetamido-2-deoxy-beta-D-glucopyranose
5 branched 2-acetamido-2-deoxy-beta-D-glucopyranose-(1-4)-2-acetamido-2-deoxy-beta-D-glucopyranose
6 branched 2-acetamido-2-deoxy-beta-D-glucopyranose-(1-4)-2-acetamido-2-deoxy-beta-D-glucopyranose-(1-4)-2-acetamido-2-deoxy-beta-D-glucopyranose-(1-4)-2-acetamido-2-deoxy-beta-D-glucopyranose
7 non-polymer 'CALCIUM ION'
8 non-polymer 2-acetamido-2-deoxy-beta-D-glucopyranose
#
loop_
_entity_poly.entity_id
_entity_poly.type
_entity_poly.pdbx_seq_one_letter_code
_entity_poly.pdbx_strand_id
1 'polypeptide(L)'
;MMMMMMMKKMQHQRQQQADHANEANYARGTRLPLSGEGPTSQPNSSKQTVLSWQAAIDAARQAKAAQTMSTSAPPPVGSL
SQRKRQQYAKSKKQGNSSNSRPARALFCLSLNNPIRRACISIVEWKPFDIFILLAIFANCVALAIYIPFPEDDSNSTNHN
LEKVEYAFLIIFTVETFLKIIAYGLLLHPNAYVRNGWNLLDFVIVIVGLFSVILEQLTKETEGGNHSSGKSGGFDVKALR
AFRVLRPLRLVSGVPSLQVVLNSIIKAMVPLLHIALLVLFVIIIYAIIGLELFIGKMHKTCFFADSDIVAEEDPAPCAFS
GNGRQCTANGTECRSGWVGPNGGITNFDNFAFAMLTVFQCITMEGWTDVLYWMNDAMGFELPWVYFVSLVIFGSFFVLNL
VLGVLSGEFSKEREKAKARGDFQKLREKQQLEEDLKGYLDWITQAEDIDPENEEEGGEEGKRNTSMPTSETESVNTENVS
GEGENRGCCGSLCQAISKSKLSRRWRRWNRFNRRRCRAAVKSVTFYWLVIVLVFLNTLTISSEHYNQPDWLTQIQDIANK
VLLALFTCEMLVKMYSLGLQAYFVSLFNRFDCFVVCGGITETILVELEIMSPLGISVFRCVRLLRIFKVTRHWTSLSNLV
ASLLNSMKSIASLLLLLFLFIIIFSLLGMQLFGGKFNFDETQTKRSTFDNFPQALLTVFQILTGEDWNAVMYDGIMAYGG
PSSSGMIVCIYFIILFICGNYILLNVFLAIAVDNLADAESLNTAQKEEAEEKERKKIARKESLENKKNNKPEVNQIANSD
NKVTIDDYREEDEDKDPYPPCDVPVGEEEEEEEEDEPEVPAGPRPRRISELNMKEKIAPIPEGSAFFILSKTNPIRVGCH
KLINHHIFTNLILVFIMLSSAALAAEDPIRSHSFRNTILGYFDYAFTAIFTVEILLKMTTFGAFLHKGAFCRNYFNLLDM
LVVGVSLVSFGIQSSAISVVKILRVLRVLRPLRAINRAKGLKHVVQCVFVAIRTIGNIMIVTTLLQFMFACIGVQLFKGK
FYRCTDEAKSNPEECRGLFILYKDGDVDSPVVRERIWQNSDFNFDNVLSAMMALFTVSTFEGWPALLYKAIDSNGENIGP
IYNHRVEISIFFIIYIIIVAFFMMNIFVGFVIVTFQEQGEKEYKNCELDKNQRQCVEYALKARPLRRYIPKNPYQYKFWY
VVNSSPFEYMMFVLIMLNTLCLAMQHYEQSKMFNDAMDILNMVFTGVFTVEMVLKVIAFKPKGYFSDAWNTFDSLIVIGS
IIDVALSEADPTESENVPVPTATPGNSEESNRISITFFRLFRVMRLVKLLSRGEGIRTLLWTFIKSFQALPYVALLIAML
FFIYAVIGMQMFGKVAMRDNNQINRNNNFQTFPQAVLLLFRCATGEAWQEIMLACLPGKLCDPESDYNPGEEYTCGSNFA
IVYFISFYMLCAFLIINLFVAVIMDNFDYLTRDWSILGPHHLDEFKRIWSEYDPEAKGRIKHLDVVTLLRRIQPPLGFGK
LCPHRVACKRLVAMNMPLNSDGTVMFNATLFALVRTALKIKTEGNLEQANEELRAVIKKIWKKTSMKLLDQVVPPAGDDE
VTVGKFYATFLIQDYFRKFKKRKEQGLVGKYPAKNTTIALQAGLRTLHDIGPEIRRAISCDLQDDEPEETKREEEDDVFK
RNGALLGNHVNHVNSDRRDSLQQTNTTHRPLHVQRPSIPPASDTEKPLFPPAGNSVCHNHHNHNSIGKQVPTSTNANLNN
ANMSKAAHGKRPSIGNLEHVSENGHHSSHKHDREPQRRSSVKRTRYYETYIRSDSGDEQLPTICREDPEIHGYFRDPHCL
GEQEYFSSEECYEDDSSPTWSRQNYGYYSRYPGRNIDSERPRGYHHPQGFLEDDDSPVCYDSRRSPRRRLLPPTPASHRR
SSFNFECLRRQSSQEEVPSSPIFPHRTALPLHLMQQQIMAVAGLDSSKAQKYSPSHSTRSWATPPATPPYRDWTPCYTPL
IQVEQSEALDQVNGSLPSLHRSSWYTDEPDISYRTFTPASLTVPSSFRNKNSDKQRSADSLVEAVLISEGLGRYARDPKF
VSATKHEIADACDLTIDEMESAASTLLNGNVRPRANGDVGPLSHRQDYELQDFGPGYSDEEPDPGRDEEDLADEMICITT
L
;
A
2 'polypeptide(L)'
;MAAGCLLALTLTLFQSLLIGPSSEEPFPSAVTIKSWVDKMQEDLVTLAKTASGVNQLVDIYEKYQDLYTVEPNNARQLVE
IAARDIEKLLSNRSKALVRLALEAEKVQAAHQWREDFASNEVVYYNAKDDLDPEKNDSEPGSQRIKPVFIEDANFGRQIS
YQHAAVHIPTDIYEGSTIVLNELNWTSALDEVFKKNREEDPSLLWQVFGSATGLARYYPASPWVDNSRTPNKIDLYDVRR
RPWYIQGAASPKDMLILVDVSGSVSGLTLKLIRTSVSEMLETLSDDDFVNVASFNSNAQDVSCFQHLVQANVRNKKVLKD
AVNNITAKGITDYKKGFSFAFEQLLNYNVSRANCNKIIMLFTDGGEERAQEIFNKYNKDKKVRVFTFSVGQHNYDRGPIQ
WMACENKGYYYEIPSIGAIRINTQEYLDVLGRPMVLAGDKAKQVQWTNVYLDALELGLVITGTLPVFNITGQFENKTNLK
NQLILGVMGVDVSLEDIKRLTPRFTLCPNGYYFAIDPNGYVLLHPNLQPKPIGVGIPTINLRKRRPNIQNPKSQEPVTLD
FLDAELENDIKVEIRNKMIDGESGEKTFRTLVKSQDERYIDKGNRTYTWTPVNGTDYSLALVLPTYSFYYIKAKLEETIT
QARYSETLKPDNFEESGYTFIAPRDYCNDLKISDNNTEFLLNFNEFIDRKTPNNPSCNADLINRVLLDAGFTNELVQNYW
SKQKNIKGVKARFVVTDGGITRVYPKEAGENWQENPETYEDSFYKRSLDNDNYVFTAPYFNKSGPGAYESGIMVSKAVEI
YIQGKLLKPAVVGIKIDVNSWIENFTKTSIRDPCAGPVCDCKRNSDVMDCVILDDGGFLLMANHDDYTNQIGRFFGEIDP
SLMRHLVNISVYAFNKSYDYQSVCEPGAAPKQGAGHRSAYVPSVADILQIGWWATAAAWSILQQFLLSLTFPRLLEAVEM
EDDDFTASLSKQSCITEQTQYFFDNDSKSFSGVLDCGNCSRIFHGEKLMNTNLIFIMVESKGTCPCDTRLLIQAEQTSDG
PNPCDMVKQPRYRKGPDVCFDNNVLEDYTDCGGVSGLNPSLWYIIGIQFLLLWLVSGSTHRLL
;
D
3 'polypeptide(L)'
;MYDDSYVPGFEDSEAGSADSYTSRPSLDSDVSLEEDRESARREVESQAQQQLERAKHKPVAFAVRTNVSYCGVLDEECPV
QGSGVNFEAKDFLHIKEKYSNDWWIGRLVKEGGDIAFIPSPQRLESIRLKQEQKARRSGNPSSLSDIGNRRSPPPSLAKQ
KQKQAEHVPPYDVVPSMRPVVLVGPSLKGYEVTDMMQKALFDFLKHRFDGRISITRVTADLSLAKRSVLNNPGKRTIIER
SSARSSIAEVQSEIERIFELAKSLQLVVLDADTINHPAQLAKTSLAPIIVFVKVSSPKVLQRLIRSRGKSQMKHLTVQMM
AYDKLVQCPPESFDVILDENQLEDACEHLAEYLEVYWRATHHPAPGPGLLGPPSAIPGLQNQQLLGERGEEHSPLERDSL
MPSDEASESSRQAWTGSSQRSSRHLEEDYADAYQDLYQPHRQHTSGLPSANGHDPQDRLLAQDSEHNHSDRNWQRNRPWP
KDSY
;
C
#
loop_
_chem_comp.id
_chem_comp.type
_chem_comp.name
_chem_comp.formula
CA non-polymer 'CALCIUM ION' 'Ca 2'
NAG D-saccharide, beta linking 2-acetamido-2-deoxy-beta-D-glucopyranose 'C8 H15 N O6'
#
# COMPACT_ATOMS: atom_id res chain seq x y z
N SER A 121 -2.81 38.60 44.44
CA SER A 121 -2.40 39.54 43.41
C SER A 121 -1.27 38.98 42.55
N ILE A 122 -1.50 37.81 41.96
CA ILE A 122 -0.51 37.16 41.12
C ILE A 122 -0.13 38.02 39.91
N VAL A 123 1.13 37.94 39.52
CA VAL A 123 1.62 38.71 38.37
C VAL A 123 2.36 37.83 37.38
N GLU A 124 2.06 38.00 36.09
CA GLU A 124 2.69 37.24 35.04
C GLU A 124 3.23 38.16 33.96
N TRP A 125 4.40 37.85 33.44
CA TRP A 125 5.02 38.66 32.39
C TRP A 125 5.98 37.87 31.50
N LYS A 126 7.17 37.55 32.03
CA LYS A 126 8.16 36.82 31.26
C LYS A 126 8.89 35.78 32.09
N PRO A 127 8.65 35.79 33.41
CA PRO A 127 9.29 34.83 34.30
C PRO A 127 9.03 33.40 33.83
N PHE A 128 7.76 33.01 33.76
CA PHE A 128 7.43 31.66 33.32
C PHE A 128 6.72 31.62 31.97
N ASP A 129 6.55 32.78 31.34
CA ASP A 129 5.87 32.82 30.06
C ASP A 129 6.54 31.94 29.02
N ILE A 130 7.86 31.74 29.12
CA ILE A 130 8.54 30.75 28.30
C ILE A 130 8.57 29.38 28.98
N PHE A 131 8.50 29.33 30.31
CA PHE A 131 8.47 28.05 31.02
C PHE A 131 7.23 27.23 30.67
N ILE A 132 6.04 27.85 30.72
CA ILE A 132 4.83 27.12 30.36
C ILE A 132 4.81 26.78 28.86
N LEU A 133 5.34 27.65 28.00
CA LEU A 133 5.45 27.34 26.59
C LEU A 133 6.36 26.15 26.32
N LEU A 134 7.45 26.01 27.07
CA LEU A 134 8.32 24.85 26.95
C LEU A 134 7.69 23.61 27.58
N ALA A 135 6.89 23.80 28.63
CA ALA A 135 6.15 22.67 29.20
C ALA A 135 5.14 22.12 28.22
N ILE A 136 4.54 22.99 27.40
CA ILE A 136 3.63 22.53 26.36
C ILE A 136 4.37 21.62 25.38
N PHE A 137 5.56 22.03 24.95
CA PHE A 137 6.36 21.20 24.07
C PHE A 137 6.81 19.90 24.73
N ALA A 138 7.16 19.95 26.02
CA ALA A 138 7.53 18.73 26.73
C ALA A 138 6.37 17.75 26.81
N ASN A 139 5.16 18.24 27.09
CA ASN A 139 3.97 17.41 27.06
C ASN A 139 3.68 16.86 25.66
N CYS A 140 3.88 17.67 24.62
CA CYS A 140 3.76 17.17 23.25
C CYS A 140 4.74 16.05 22.96
N VAL A 141 5.98 16.18 23.43
CA VAL A 141 6.96 15.10 23.28
C VAL A 141 6.54 13.86 24.06
N ALA A 142 6.07 14.01 25.29
CA ALA A 142 5.59 12.88 26.08
C ALA A 142 4.36 12.21 25.47
N LEU A 143 3.58 12.93 24.68
CA LEU A 143 2.46 12.36 23.96
C LEU A 143 2.87 11.61 22.70
N ALA A 144 4.12 11.76 22.26
CA ALA A 144 4.58 11.11 21.05
C ALA A 144 5.25 9.77 21.28
N ILE A 145 5.72 9.50 22.50
CA ILE A 145 6.36 8.23 22.80
C ILE A 145 5.41 7.23 23.44
N TYR A 146 4.14 7.58 23.59
CA TYR A 146 3.14 6.66 24.14
C TYR A 146 2.69 5.72 23.02
N ILE A 147 3.02 4.44 23.16
CA ILE A 147 2.66 3.44 22.15
C ILE A 147 1.25 2.91 22.45
N PRO A 148 0.29 3.12 21.55
CA PRO A 148 -1.06 2.61 21.79
C PRO A 148 -1.20 1.12 21.47
N PHE A 149 -0.85 0.27 22.43
CA PHE A 149 -0.94 -1.17 22.24
C PHE A 149 -2.38 -1.61 22.05
N PRO A 150 -2.60 -2.66 21.26
CA PRO A 150 -3.96 -3.16 21.04
C PRO A 150 -4.48 -3.99 22.21
N GLU A 151 -5.80 -4.00 22.34
CA GLU A 151 -6.52 -4.84 23.31
C GLU A 151 -6.02 -4.60 24.73
N ASP A 152 -5.85 -3.33 25.07
CA ASP A 152 -5.54 -2.89 26.44
C ASP A 152 -4.20 -3.43 26.93
N ASP A 153 -3.27 -3.66 26.02
CA ASP A 153 -1.92 -4.03 26.42
C ASP A 153 -1.11 -2.79 26.77
N SER A 154 0.02 -2.99 27.43
CA SER A 154 0.84 -1.88 27.88
C SER A 154 2.24 -2.37 28.21
N ASN A 155 3.12 -1.42 28.51
CA ASN A 155 4.48 -1.73 28.92
C ASN A 155 4.86 -0.74 30.02
N SER A 156 6.16 -0.70 30.37
CA SER A 156 6.61 0.16 31.45
C SER A 156 6.58 1.62 31.05
N THR A 157 6.87 1.91 29.78
CA THR A 157 6.92 3.30 29.33
C THR A 157 5.57 3.97 29.48
N ASN A 158 4.49 3.29 29.10
CA ASN A 158 3.16 3.85 29.28
C ASN A 158 2.81 4.02 30.76
N HIS A 159 3.27 3.07 31.59
CA HIS A 159 3.04 3.17 33.03
C HIS A 159 3.68 4.43 33.60
N ASN A 160 4.90 4.74 33.17
CA ASN A 160 5.55 5.96 33.62
C ASN A 160 4.90 7.19 33.01
N LEU A 161 4.45 7.09 31.76
CA LEU A 161 3.85 8.23 31.08
C LEU A 161 2.52 8.63 31.71
N GLU A 162 1.79 7.68 32.28
CA GLU A 162 0.56 8.05 32.99
C GLU A 162 0.87 8.96 34.18
N LYS A 163 1.88 8.60 34.98
CA LYS A 163 2.26 9.43 36.11
C LYS A 163 2.84 10.76 35.66
N VAL A 164 3.58 10.77 34.54
CA VAL A 164 4.05 12.03 33.98
C VAL A 164 2.89 12.92 33.53
N GLU A 165 1.85 12.33 32.92
CA GLU A 165 0.67 13.09 32.54
C GLU A 165 -0.03 13.66 33.76
N TYR A 166 -0.05 12.91 34.87
CA TYR A 166 -0.59 13.46 36.11
C TYR A 166 0.11 14.77 36.48
N ALA A 167 1.45 14.76 36.50
CA ALA A 167 2.21 15.96 36.84
C ALA A 167 2.00 17.08 35.81
N PHE A 168 1.94 16.74 34.53
CA PHE A 168 1.69 17.73 33.49
C PHE A 168 0.32 18.40 33.62
N LEU A 169 -0.73 17.63 33.95
CA LEU A 169 -2.03 18.18 34.25
C LEU A 169 -2.05 19.01 35.53
N ILE A 170 -1.22 18.67 36.51
CA ILE A 170 -1.09 19.48 37.71
C ILE A 170 -0.59 20.88 37.38
N ILE A 171 0.42 21.00 36.51
CA ILE A 171 0.97 22.30 36.15
C ILE A 171 -0.07 23.13 35.41
N PHE A 172 -0.81 22.50 34.48
CA PHE A 172 -1.82 23.22 33.73
C PHE A 172 -2.95 23.71 34.63
N THR A 173 -3.35 22.87 35.60
CA THR A 173 -4.35 23.29 36.58
C THR A 173 -3.86 24.40 37.48
N VAL A 174 -2.57 24.36 37.84
CA VAL A 174 -1.99 25.37 38.69
C VAL A 174 -1.84 26.70 37.94
N GLU A 175 -1.89 26.64 36.62
CA GLU A 175 -1.76 27.85 35.81
C GLU A 175 -3.08 28.32 35.20
N THR A 176 -4.19 27.92 35.83
CA THR A 176 -5.50 28.33 35.37
C THR A 176 -6.17 29.25 36.39
N PHE A 177 -5.58 29.32 37.58
CA PHE A 177 -6.09 30.17 38.64
C PHE A 177 -5.32 31.48 38.65
N LEU A 178 -4.07 31.42 38.18
CA LEU A 178 -3.24 32.61 38.13
C LEU A 178 -3.52 33.39 36.85
N LYS A 179 -4.14 32.73 35.89
CA LYS A 179 -4.50 33.35 34.63
C LYS A 179 -6.01 33.60 34.59
N ILE A 180 -6.61 33.65 35.76
CA ILE A 180 -8.05 33.88 35.85
C ILE A 180 -8.36 35.33 36.20
N ILE A 181 -7.33 36.04 36.69
CA ILE A 181 -7.40 37.46 37.09
C ILE A 181 -8.73 37.92 37.71
N TYR A 192 -9.32 36.13 28.86
CA TYR A 192 -9.13 35.52 30.18
C TYR A 192 -10.18 34.45 30.46
N VAL A 193 -11.45 34.78 30.27
CA VAL A 193 -12.51 33.79 30.37
C VAL A 193 -13.36 33.85 29.11
N ARG A 194 -13.26 34.97 28.39
CA ARG A 194 -14.02 35.17 27.16
C ARG A 194 -13.20 35.03 25.90
N ASN A 195 -11.89 35.24 25.96
CA ASN A 195 -11.04 35.09 24.78
C ASN A 195 -11.08 33.65 24.30
N GLY A 196 -11.12 33.48 22.98
CA GLY A 196 -11.21 32.15 22.39
C GLY A 196 -10.03 31.26 22.74
N TRP A 197 -8.82 31.82 22.66
CA TRP A 197 -7.63 31.05 22.98
C TRP A 197 -7.66 30.61 24.45
N ASN A 198 -7.98 31.55 25.35
CA ASN A 198 -8.07 31.21 26.76
C ASN A 198 -9.24 30.26 27.02
N LEU A 199 -10.32 30.40 26.27
CA LEU A 199 -11.45 29.49 26.41
C LEU A 199 -11.02 28.06 26.09
N LEU A 200 -10.32 27.87 24.96
CA LEU A 200 -9.80 26.55 24.63
C LEU A 200 -8.79 26.07 25.67
N ASP A 201 -7.95 26.98 26.18
CA ASP A 201 -6.93 26.59 27.15
C ASP A 201 -7.58 26.07 28.43
N PHE A 202 -8.65 26.71 28.88
CA PHE A 202 -9.40 26.27 30.04
C PHE A 202 -10.19 24.99 29.76
N VAL A 203 -10.72 24.84 28.54
CA VAL A 203 -11.45 23.62 28.18
C VAL A 203 -10.54 22.41 28.18
N ILE A 204 -9.33 22.52 27.63
CA ILE A 204 -8.44 21.38 27.50
C ILE A 204 -7.82 21.03 28.85
N VAL A 205 -8.16 21.81 29.89
CA VAL A 205 -7.71 21.51 31.24
C VAL A 205 -8.88 20.91 32.02
N ILE A 206 -10.06 21.52 31.91
CA ILE A 206 -11.21 20.99 32.63
C ILE A 206 -11.63 19.63 32.09
N VAL A 207 -11.54 19.42 30.77
CA VAL A 207 -11.85 18.11 30.21
C VAL A 207 -10.83 17.08 30.66
N GLY A 208 -9.55 17.45 30.75
CA GLY A 208 -8.55 16.53 31.24
C GLY A 208 -8.80 16.15 32.69
N LEU A 209 -9.16 17.13 33.53
CA LEU A 209 -9.46 16.84 34.93
C LEU A 209 -10.67 15.93 35.04
N PHE A 210 -11.72 16.20 34.26
CA PHE A 210 -12.91 15.35 34.28
C PHE A 210 -12.57 13.93 33.82
N SER A 211 -11.74 13.81 32.79
CA SER A 211 -11.35 12.50 32.28
C SER A 211 -10.56 11.73 33.33
N VAL A 212 -9.65 12.41 34.02
CA VAL A 212 -8.87 11.74 35.08
C VAL A 212 -9.81 11.28 36.20
N ILE A 213 -10.73 12.15 36.61
CA ILE A 213 -11.63 11.82 37.71
C ILE A 213 -12.49 10.62 37.35
N LEU A 214 -13.12 10.65 36.18
CA LEU A 214 -14.01 9.56 35.78
C LEU A 214 -13.26 8.29 35.42
N GLU A 215 -12.01 8.38 34.94
CA GLU A 215 -11.17 7.23 34.69
C GLU A 215 -10.72 6.54 35.98
N GLN A 216 -10.39 7.30 37.02
CA GLN A 216 -10.03 6.74 38.31
C GLN A 216 -11.20 6.00 38.96
N LEU A 217 -12.42 6.48 38.79
CA LEU A 217 -13.60 5.81 39.34
C LEU A 217 -14.22 4.87 38.32
N THR A 218 -13.49 3.81 37.95
CA THR A 218 -13.99 2.83 37.00
C THR A 218 -13.63 1.41 37.44
N ASP A 235 -16.35 3.43 26.92
CA ASP A 235 -15.24 4.01 26.17
C ASP A 235 -14.58 5.16 26.94
N VAL A 236 -14.12 4.87 28.16
CA VAL A 236 -13.43 5.85 28.97
C VAL A 236 -12.09 6.26 28.39
N LYS A 237 -11.34 5.33 27.81
CA LYS A 237 -10.00 5.63 27.29
C LYS A 237 -10.04 6.47 26.02
N ALA A 238 -11.20 6.61 25.37
CA ALA A 238 -11.34 7.45 24.20
C ALA A 238 -11.62 8.91 24.52
N LEU A 239 -11.83 9.25 25.80
CA LEU A 239 -12.11 10.63 26.20
C LEU A 239 -10.84 11.44 26.39
N ARG A 240 -9.68 10.79 26.42
CA ARG A 240 -8.39 11.48 26.55
C ARG A 240 -7.86 11.93 25.19
N ALA A 241 -8.74 11.99 24.19
CA ALA A 241 -8.39 12.47 22.87
C ALA A 241 -8.39 13.99 22.77
N PHE A 242 -8.80 14.68 23.83
CA PHE A 242 -8.72 16.13 23.90
C PHE A 242 -7.32 16.62 24.20
N ARG A 243 -6.41 15.73 24.58
CA ARG A 243 -5.05 16.09 24.92
C ARG A 243 -4.20 16.41 23.69
N VAL A 244 -4.69 16.10 22.48
CA VAL A 244 -3.95 16.41 21.26
C VAL A 244 -4.12 17.86 20.85
N LEU A 245 -4.97 18.61 21.53
CA LEU A 245 -5.15 20.04 21.27
C LEU A 245 -4.15 20.89 22.04
N ARG A 246 -3.32 20.26 22.87
CA ARG A 246 -2.29 20.96 23.63
C ARG A 246 -1.16 21.45 22.72
N PRO A 247 -0.69 20.67 21.74
CA PRO A 247 0.25 21.24 20.77
C PRO A 247 -0.33 22.42 20.02
N LEU A 248 -1.64 22.43 19.77
CA LEU A 248 -2.29 23.57 19.15
C LEU A 248 -2.26 24.80 20.04
N ARG A 249 -2.16 24.61 21.37
CA ARG A 249 -2.00 25.75 22.27
C ARG A 249 -0.72 26.53 22.02
N LEU A 250 0.30 25.88 21.44
CA LEU A 250 1.59 26.52 21.25
C LEU A 250 1.51 27.64 20.20
N VAL A 251 0.49 27.62 19.35
CA VAL A 251 0.38 28.63 18.30
C VAL A 251 0.15 30.01 18.90
N SER A 252 -0.57 30.09 20.02
CA SER A 252 -0.87 31.38 20.63
C SER A 252 0.32 31.98 21.36
N GLY A 253 1.28 31.16 21.78
CA GLY A 253 2.43 31.67 22.50
C GLY A 253 3.43 32.42 21.65
N VAL A 254 3.41 32.22 20.33
CA VAL A 254 4.33 32.90 19.43
C VAL A 254 3.52 33.77 18.48
N PRO A 255 3.44 35.09 18.73
CA PRO A 255 2.66 35.96 17.82
C PRO A 255 3.17 35.95 16.39
N SER A 256 4.48 35.81 16.19
CA SER A 256 5.04 35.80 14.84
C SER A 256 4.49 34.65 14.02
N LEU A 257 4.34 33.47 14.63
CA LEU A 257 3.71 32.34 13.98
C LEU A 257 2.18 32.37 14.12
N GLN A 258 1.66 33.09 15.11
CA GLN A 258 0.23 33.24 15.30
C GLN A 258 -0.44 34.05 14.19
N VAL A 259 0.21 35.11 13.70
CA VAL A 259 -0.36 35.90 12.63
C VAL A 259 -0.45 35.13 11.31
N VAL A 260 0.45 34.17 11.08
CA VAL A 260 0.41 33.37 9.86
C VAL A 260 -0.86 32.53 9.80
N LEU A 261 -1.24 31.88 10.91
CA LEU A 261 -2.46 31.11 10.96
C LEU A 261 -3.70 32.00 10.79
N ASN A 262 -3.69 33.19 11.37
CA ASN A 262 -4.78 34.13 11.16
C ASN A 262 -4.90 34.51 9.69
N SER A 263 -3.77 34.79 9.03
CA SER A 263 -3.76 35.10 7.61
C SER A 263 -4.19 33.92 6.75
N ILE A 264 -4.03 32.69 7.23
CA ILE A 264 -4.51 31.53 6.49
C ILE A 264 -6.02 31.35 6.64
N ILE A 265 -6.56 31.47 7.84
CA ILE A 265 -8.00 31.40 8.03
C ILE A 265 -8.72 32.56 7.35
N LYS A 266 -8.15 33.75 7.36
CA LYS A 266 -8.79 34.92 6.76
C LYS A 266 -8.86 34.83 5.24
N ALA A 267 -8.16 33.88 4.62
CA ALA A 267 -8.22 33.65 3.19
C ALA A 267 -9.16 32.50 2.84
N MET A 268 -9.99 32.07 3.79
CA MET A 268 -10.91 30.96 3.57
C MET A 268 -12.34 31.42 3.29
N VAL A 269 -12.69 32.66 3.64
CA VAL A 269 -14.02 33.20 3.40
C VAL A 269 -14.37 33.20 1.92
N PRO A 270 -13.49 33.65 1.00
CA PRO A 270 -13.85 33.58 -0.42
C PRO A 270 -14.06 32.18 -0.97
N LEU A 271 -13.52 31.16 -0.31
CA LEU A 271 -13.66 29.78 -0.77
C LEU A 271 -14.94 29.12 -0.26
N LEU A 272 -15.70 29.81 0.59
CA LEU A 272 -16.95 29.27 1.11
C LEU A 272 -18.01 29.10 0.02
N HIS A 273 -18.06 30.00 -0.96
CA HIS A 273 -18.97 29.82 -2.08
C HIS A 273 -18.65 28.58 -2.90
N ILE A 274 -17.37 28.32 -3.17
CA ILE A 274 -16.97 27.11 -3.87
C ILE A 274 -17.27 25.87 -3.04
N ALA A 275 -17.02 25.90 -1.73
CA ALA A 275 -17.38 24.78 -0.88
C ALA A 275 -18.89 24.51 -0.89
N LEU A 276 -19.70 25.57 -0.84
CA LEU A 276 -21.14 25.44 -0.91
C LEU A 276 -21.61 24.87 -2.23
N LEU A 277 -21.00 25.28 -3.34
CA LEU A 277 -21.26 24.68 -4.65
C LEU A 277 -20.90 23.21 -4.70
N VAL A 278 -19.73 22.84 -4.15
CA VAL A 278 -19.33 21.45 -4.06
C VAL A 278 -20.31 20.62 -3.24
N LEU A 279 -20.82 21.15 -2.13
CA LEU A 279 -21.83 20.44 -1.35
C LEU A 279 -23.09 20.14 -2.14
N PHE A 280 -23.62 21.11 -2.89
CA PHE A 280 -24.76 20.89 -3.74
C PHE A 280 -24.48 19.91 -4.88
N VAL A 281 -23.31 19.97 -5.50
CA VAL A 281 -22.96 18.99 -6.51
C VAL A 281 -22.92 17.57 -5.92
N ILE A 282 -22.33 17.42 -4.73
CA ILE A 282 -22.30 16.13 -4.06
C ILE A 282 -23.71 15.63 -3.78
N ILE A 283 -24.58 16.51 -3.27
CA ILE A 283 -25.93 16.11 -2.94
C ILE A 283 -26.69 15.67 -4.20
N ILE A 284 -26.59 16.44 -5.28
CA ILE A 284 -27.29 16.11 -6.50
C ILE A 284 -26.80 14.78 -7.07
N TYR A 285 -25.48 14.57 -7.08
CA TYR A 285 -24.97 13.32 -7.63
C TYR A 285 -25.30 12.12 -6.74
N ALA A 286 -25.30 12.30 -5.42
CA ALA A 286 -25.70 11.21 -4.53
C ALA A 286 -27.17 10.85 -4.73
N ILE A 287 -28.04 11.85 -4.87
CA ILE A 287 -29.45 11.57 -5.14
C ILE A 287 -29.64 10.89 -6.49
N ILE A 288 -28.94 11.35 -7.53
CA ILE A 288 -29.02 10.70 -8.83
C ILE A 288 -28.52 9.26 -8.79
N GLY A 289 -27.45 8.97 -8.06
CA GLY A 289 -26.97 7.61 -7.90
C GLY A 289 -27.94 6.74 -7.14
N LEU A 290 -28.63 7.33 -6.15
CA LEU A 290 -29.63 6.58 -5.40
C LEU A 290 -30.77 6.10 -6.29
N GLU A 291 -31.06 6.81 -7.36
CA GLU A 291 -32.14 6.44 -8.28
C GLU A 291 -31.64 5.54 -9.40
N LEU A 292 -30.52 5.92 -10.02
CA LEU A 292 -29.98 5.21 -11.16
C LEU A 292 -29.61 3.77 -10.81
N PHE A 293 -28.99 3.58 -9.66
CA PHE A 293 -28.52 2.27 -9.20
C PHE A 293 -28.49 2.21 -7.68
N ILE A 294 -29.39 1.43 -7.10
CA ILE A 294 -29.47 1.22 -5.66
C ILE A 294 -29.48 -0.28 -5.42
N GLY A 295 -28.58 -0.75 -4.56
CA GLY A 295 -28.52 -2.16 -4.22
C GLY A 295 -28.18 -3.08 -5.37
N LYS A 296 -27.27 -2.67 -6.26
CA LYS A 296 -26.90 -3.49 -7.40
C LYS A 296 -25.59 -4.23 -7.23
N MET A 297 -24.73 -3.80 -6.31
CA MET A 297 -23.46 -4.48 -6.06
C MET A 297 -23.63 -5.55 -4.98
N HIS A 298 -24.50 -6.52 -5.20
CA HIS A 298 -24.79 -7.53 -4.18
C HIS A 298 -24.91 -8.92 -4.79
N LYS A 299 -24.28 -9.13 -5.94
CA LYS A 299 -24.38 -10.44 -6.59
C LYS A 299 -23.03 -10.91 -7.15
N THR A 300 -22.25 -11.63 -6.35
CA THR A 300 -21.03 -12.25 -6.82
C THR A 300 -21.27 -13.74 -7.02
N CYS A 301 -20.35 -14.40 -7.71
CA CYS A 301 -20.52 -15.81 -8.09
C CYS A 301 -19.82 -16.70 -7.09
N PHE A 302 -20.62 -17.44 -6.31
CA PHE A 302 -20.12 -18.42 -5.37
C PHE A 302 -19.95 -19.77 -6.07
N PHE A 303 -19.57 -20.79 -5.30
CA PHE A 303 -19.51 -22.13 -5.85
C PHE A 303 -20.91 -22.75 -5.88
N ALA A 304 -21.04 -23.85 -6.62
CA ALA A 304 -22.33 -24.47 -6.82
C ALA A 304 -22.88 -25.01 -5.50
N ASP A 305 -24.02 -24.45 -5.08
CA ASP A 305 -24.73 -24.87 -3.87
C ASP A 305 -23.83 -24.78 -2.64
N SER A 306 -23.28 -23.59 -2.43
CA SER A 306 -22.42 -23.33 -1.27
C SER A 306 -22.45 -21.84 -0.99
N ASP A 307 -21.67 -21.43 0.01
CA ASP A 307 -21.57 -20.03 0.41
C ASP A 307 -20.14 -19.50 0.29
N ILE A 308 -19.31 -20.14 -0.52
CA ILE A 308 -17.92 -19.72 -0.70
C ILE A 308 -17.78 -19.03 -2.05
N VAL A 309 -17.24 -17.81 -2.04
CA VAL A 309 -17.03 -17.05 -3.27
C VAL A 309 -15.97 -17.75 -4.11
N ALA A 310 -16.11 -17.64 -5.43
CA ALA A 310 -15.22 -18.33 -6.36
C ALA A 310 -13.88 -17.63 -6.47
N GLU A 311 -13.88 -16.38 -6.92
CA GLU A 311 -12.63 -15.67 -7.16
C GLU A 311 -12.15 -14.96 -5.90
N GLU A 312 -10.85 -14.68 -5.86
CA GLU A 312 -10.24 -14.11 -4.66
C GLU A 312 -10.65 -12.65 -4.47
N ASP A 313 -10.78 -11.90 -5.56
CA ASP A 313 -11.22 -10.51 -5.54
C ASP A 313 -12.61 -10.41 -6.17
N PRO A 314 -13.66 -10.69 -5.40
CA PRO A 314 -15.00 -10.83 -5.99
C PRO A 314 -15.49 -9.54 -6.64
N ALA A 315 -16.23 -9.72 -7.73
CA ALA A 315 -16.86 -8.64 -8.48
C ALA A 315 -18.31 -9.01 -8.75
N PRO A 316 -19.20 -8.03 -8.82
CA PRO A 316 -20.63 -8.34 -9.00
C PRO A 316 -20.94 -8.94 -10.36
N CYS A 317 -22.00 -9.74 -10.41
CA CYS A 317 -22.59 -10.18 -11.66
C CYS A 317 -23.54 -9.11 -12.20
N ALA A 318 -24.15 -9.44 -13.33
CA ALA A 318 -25.22 -8.61 -13.86
C ALA A 318 -26.40 -8.60 -12.91
N PHE A 319 -27.03 -7.43 -12.77
CA PHE A 319 -28.27 -7.36 -11.98
C PHE A 319 -29.37 -8.19 -12.62
N SER A 320 -29.73 -7.86 -13.87
CA SER A 320 -30.65 -8.67 -14.67
C SER A 320 -30.04 -8.88 -16.05
N GLY A 321 -29.14 -9.85 -16.16
CA GLY A 321 -28.68 -10.34 -17.45
C GLY A 321 -28.17 -9.28 -18.40
N ASN A 322 -27.43 -8.30 -17.90
CA ASN A 322 -26.94 -7.26 -18.79
C ASN A 322 -25.44 -7.07 -18.72
N GLY A 323 -24.86 -7.10 -17.53
CA GLY A 323 -23.44 -6.84 -17.36
C GLY A 323 -22.56 -8.07 -17.34
N ARG A 324 -21.81 -8.25 -16.25
CA ARG A 324 -20.84 -9.33 -16.15
C ARG A 324 -21.54 -10.65 -15.86
N GLN A 325 -21.16 -11.69 -16.59
CA GLN A 325 -21.66 -13.04 -16.40
C GLN A 325 -20.50 -13.92 -15.95
N CYS A 326 -20.58 -14.43 -14.72
CA CYS A 326 -19.51 -15.27 -14.17
C CYS A 326 -19.62 -16.65 -14.77
N THR A 327 -18.74 -16.98 -15.71
CA THR A 327 -18.77 -18.24 -16.44
C THR A 327 -17.51 -19.03 -16.10
N ALA A 328 -17.65 -20.00 -15.21
CA ALA A 328 -16.61 -20.95 -14.87
C ALA A 328 -17.14 -22.36 -15.13
N ASN A 329 -16.38 -23.36 -14.69
CA ASN A 329 -16.83 -24.75 -14.85
C ASN A 329 -18.16 -24.98 -14.14
N GLY A 330 -18.15 -24.93 -12.81
CA GLY A 330 -19.41 -24.87 -12.08
C GLY A 330 -19.48 -23.68 -11.15
N THR A 331 -20.31 -22.70 -11.49
CA THR A 331 -20.52 -21.50 -10.68
C THR A 331 -21.90 -20.95 -10.97
N GLU A 332 -22.45 -20.23 -9.99
CA GLU A 332 -23.66 -19.45 -10.17
C GLU A 332 -23.60 -18.29 -9.18
N CYS A 333 -24.18 -17.17 -9.58
CA CYS A 333 -24.19 -15.98 -8.74
C CYS A 333 -25.61 -15.60 -8.34
N ARG A 334 -25.76 -15.23 -7.07
CA ARG A 334 -27.05 -14.96 -6.45
C ARG A 334 -26.86 -13.90 -5.38
N SER A 335 -27.96 -13.27 -4.99
CA SER A 335 -27.90 -12.23 -3.97
C SER A 335 -27.47 -12.83 -2.63
N GLY A 336 -26.77 -12.00 -1.85
CA GLY A 336 -26.25 -12.45 -0.57
C GLY A 336 -24.88 -11.90 -0.27
N TRP A 337 -24.24 -11.31 -1.28
CA TRP A 337 -22.95 -10.67 -1.09
C TRP A 337 -23.09 -9.41 -0.24
N VAL A 338 -22.00 -9.07 0.46
CA VAL A 338 -22.03 -7.92 1.34
C VAL A 338 -21.69 -6.64 0.59
N GLY A 339 -20.76 -6.71 -0.37
CA GLY A 339 -20.37 -5.56 -1.15
C GLY A 339 -18.93 -5.63 -1.60
N PRO A 340 -18.54 -4.72 -2.51
CA PRO A 340 -17.18 -4.74 -3.06
C PRO A 340 -16.11 -4.48 -2.03
N ASN A 341 -16.24 -3.39 -1.28
CA ASN A 341 -15.27 -2.99 -0.28
C ASN A 341 -15.70 -3.39 1.13
N GLY A 342 -16.38 -4.53 1.26
CA GLY A 342 -16.94 -4.92 2.53
C GLY A 342 -18.27 -4.28 2.86
N GLY A 343 -18.91 -3.61 1.90
CA GLY A 343 -20.15 -2.91 2.11
C GLY A 343 -20.00 -1.41 2.23
N ILE A 344 -18.77 -0.91 2.34
CA ILE A 344 -18.56 0.53 2.49
C ILE A 344 -18.89 1.26 1.20
N THR A 345 -18.49 0.70 0.06
CA THR A 345 -18.67 1.34 -1.24
C THR A 345 -19.94 0.80 -1.87
N ASN A 346 -21.01 1.57 -1.79
CA ASN A 346 -22.28 1.22 -2.42
C ASN A 346 -23.17 2.46 -2.44
N PHE A 347 -24.19 2.40 -3.28
CA PHE A 347 -25.15 3.48 -3.45
C PHE A 347 -26.53 3.10 -2.93
N ASP A 348 -26.57 2.20 -1.94
CA ASP A 348 -27.83 1.71 -1.39
C ASP A 348 -28.25 2.46 -0.12
N ASN A 349 -27.80 3.69 0.04
CA ASN A 349 -28.16 4.54 1.16
C ASN A 349 -27.63 5.93 0.89
N PHE A 350 -28.31 6.94 1.44
CA PHE A 350 -27.92 8.32 1.16
C PHE A 350 -26.54 8.63 1.72
N ALA A 351 -26.25 8.17 2.94
CA ALA A 351 -24.92 8.38 3.50
C ALA A 351 -23.86 7.66 2.69
N PHE A 352 -24.12 6.40 2.33
CA PHE A 352 -23.16 5.64 1.54
C PHE A 352 -22.96 6.27 0.16
N ALA A 353 -24.06 6.69 -0.48
CA ALA A 353 -23.95 7.33 -1.79
C ALA A 353 -23.17 8.63 -1.70
N MET A 354 -23.42 9.43 -0.66
CA MET A 354 -22.72 10.69 -0.51
C MET A 354 -21.23 10.47 -0.28
N LEU A 355 -20.88 9.48 0.56
CA LEU A 355 -19.48 9.20 0.80
C LEU A 355 -18.79 8.70 -0.47
N THR A 356 -19.46 7.84 -1.24
CA THR A 356 -18.87 7.35 -2.47
C THR A 356 -18.70 8.48 -3.50
N VAL A 357 -19.68 9.38 -3.57
CA VAL A 357 -19.56 10.51 -4.49
C VAL A 357 -18.40 11.41 -4.09
N PHE A 358 -18.25 11.68 -2.78
CA PHE A 358 -17.13 12.49 -2.33
C PHE A 358 -15.81 11.80 -2.64
N GLN A 359 -15.74 10.49 -2.44
CA GLN A 359 -14.53 9.74 -2.77
C GLN A 359 -14.19 9.85 -4.25
N CYS A 360 -15.21 9.73 -5.12
CA CYS A 360 -14.99 9.81 -6.55
C CYS A 360 -14.59 11.20 -7.00
N ILE A 361 -15.07 12.25 -6.34
CA ILE A 361 -14.68 13.60 -6.73
C ILE A 361 -13.20 13.86 -6.47
N THR A 362 -12.65 13.34 -5.37
CA THR A 362 -11.24 13.53 -5.09
C THR A 362 -10.33 12.75 -6.04
N MET A 363 -10.90 12.10 -7.07
CA MET A 363 -10.13 11.36 -8.07
C MET A 363 -9.26 10.28 -7.43
N GLU A 364 -9.77 9.64 -6.38
CA GLU A 364 -9.08 8.53 -5.72
C GLU A 364 -10.03 7.35 -5.67
N GLY A 365 -9.72 6.31 -6.44
CA GLY A 365 -10.55 5.12 -6.47
C GLY A 365 -11.92 5.32 -7.07
N TRP A 366 -12.03 6.14 -8.11
CA TRP A 366 -13.28 6.29 -8.85
C TRP A 366 -13.40 5.31 -10.00
N THR A 367 -12.28 4.91 -10.60
CA THR A 367 -12.33 3.90 -11.64
C THR A 367 -12.73 2.55 -11.08
N ASP A 368 -12.43 2.28 -9.81
CA ASP A 368 -12.88 1.05 -9.18
C ASP A 368 -14.42 1.00 -9.14
N VAL A 369 -15.05 2.11 -8.75
CA VAL A 369 -16.50 2.16 -8.73
C VAL A 369 -17.07 2.10 -10.13
N LEU A 370 -16.41 2.76 -11.09
CA LEU A 370 -16.85 2.69 -12.47
C LEU A 370 -16.81 1.26 -12.99
N TYR A 371 -15.74 0.52 -12.67
CA TYR A 371 -15.63 -0.87 -13.12
C TYR A 371 -16.63 -1.76 -12.41
N TRP A 372 -16.90 -1.51 -11.13
CA TRP A 372 -17.90 -2.29 -10.42
C TRP A 372 -19.29 -2.06 -10.99
N MET A 373 -19.60 -0.83 -11.42
CA MET A 373 -20.85 -0.60 -12.13
C MET A 373 -20.85 -1.22 -13.52
N ASN A 374 -19.71 -1.23 -14.20
CA ASN A 374 -19.63 -1.93 -15.48
C ASN A 374 -19.94 -3.41 -15.31
N ASP A 375 -19.47 -4.02 -14.22
CA ASP A 375 -19.75 -5.41 -13.91
C ASP A 375 -21.20 -5.65 -13.49
N ALA A 376 -21.73 -4.80 -12.61
CA ALA A 376 -23.07 -5.03 -12.06
C ALA A 376 -24.15 -4.63 -13.06
N MET A 377 -24.17 -3.35 -13.43
CA MET A 377 -25.09 -2.86 -14.45
C MET A 377 -24.53 -3.17 -15.83
N GLY A 378 -25.07 -2.55 -16.86
CA GLY A 378 -24.59 -2.80 -18.20
C GLY A 378 -23.26 -2.14 -18.48
N PHE A 379 -23.10 -1.60 -19.68
CA PHE A 379 -21.80 -1.06 -20.06
C PHE A 379 -21.89 0.35 -20.64
N GLU A 380 -23.08 0.86 -20.95
CA GLU A 380 -23.22 2.15 -21.59
C GLU A 380 -23.80 3.23 -20.69
N LEU A 381 -24.51 2.87 -19.63
CA LEU A 381 -25.06 3.88 -18.73
C LEU A 381 -24.03 4.39 -17.71
N PRO A 382 -23.31 3.52 -16.99
CA PRO A 382 -22.48 4.01 -15.89
C PRO A 382 -21.32 4.92 -16.30
N TRP A 383 -20.86 4.87 -17.54
CA TRP A 383 -19.75 5.73 -17.93
C TRP A 383 -20.16 7.20 -17.98
N VAL A 384 -21.43 7.50 -18.26
CA VAL A 384 -21.90 8.88 -18.24
C VAL A 384 -21.88 9.48 -16.85
N TYR A 385 -22.25 8.72 -15.82
CA TYR A 385 -22.35 9.23 -14.45
C TYR A 385 -20.99 9.57 -13.87
N PHE A 386 -20.02 8.66 -13.97
CA PHE A 386 -18.75 8.87 -13.29
C PHE A 386 -17.83 9.81 -14.07
N VAL A 387 -17.79 9.71 -15.39
CA VAL A 387 -16.94 10.61 -16.17
C VAL A 387 -17.38 12.06 -16.06
N SER A 388 -18.69 12.33 -16.14
CA SER A 388 -19.18 13.69 -15.94
C SER A 388 -19.03 14.16 -14.50
N LEU A 389 -18.98 13.24 -13.53
CA LEU A 389 -18.76 13.63 -12.14
C LEU A 389 -17.31 14.08 -11.91
N VAL A 390 -16.35 13.42 -12.52
CA VAL A 390 -14.95 13.81 -12.36
C VAL A 390 -14.67 15.14 -13.05
N ILE A 391 -15.20 15.32 -14.26
CA ILE A 391 -14.98 16.55 -14.99
C ILE A 391 -15.61 17.73 -14.27
N PHE A 392 -16.84 17.56 -13.78
CA PHE A 392 -17.54 18.64 -13.10
C PHE A 392 -17.13 18.75 -11.64
N GLY A 393 -17.10 17.62 -10.93
CA GLY A 393 -16.81 17.66 -9.50
C GLY A 393 -15.37 18.06 -9.19
N SER A 394 -14.41 17.54 -9.95
CA SER A 394 -13.00 17.75 -9.65
C SER A 394 -12.37 18.81 -10.55
N PHE A 395 -12.39 18.59 -11.87
CA PHE A 395 -11.66 19.48 -12.78
C PHE A 395 -12.26 20.87 -12.80
N PHE A 396 -13.59 20.98 -12.80
CA PHE A 396 -14.24 22.28 -12.78
C PHE A 396 -14.01 22.99 -11.45
N VAL A 397 -14.11 22.27 -10.34
CA VAL A 397 -13.98 22.88 -9.02
C VAL A 397 -12.53 23.28 -8.76
N LEU A 398 -11.58 22.41 -9.12
CA LEU A 398 -10.17 22.74 -8.92
C LEU A 398 -9.77 23.99 -9.69
N ASN A 399 -10.35 24.19 -10.88
CA ASN A 399 -10.15 25.45 -11.60
C ASN A 399 -10.71 26.63 -10.83
N LEU A 400 -11.89 26.45 -10.22
CA LEU A 400 -12.48 27.53 -9.43
C LEU A 400 -11.64 27.83 -8.20
N VAL A 401 -11.20 26.79 -7.49
CA VAL A 401 -10.42 26.99 -6.27
C VAL A 401 -9.09 27.67 -6.59
N LEU A 402 -8.40 27.17 -7.62
CA LEU A 402 -7.10 27.73 -7.97
C LEU A 402 -7.22 29.18 -8.46
N GLY A 403 -8.26 29.48 -9.24
CA GLY A 403 -8.45 30.85 -9.69
C GLY A 403 -8.79 31.81 -8.57
N VAL A 404 -9.76 31.44 -7.73
CA VAL A 404 -10.16 32.32 -6.64
C VAL A 404 -9.00 32.53 -5.66
N LEU A 405 -8.26 31.47 -5.35
CA LEU A 405 -7.10 31.61 -4.48
C LEU A 405 -6.05 32.53 -5.10
N SER A 406 -5.80 32.40 -6.41
CA SER A 406 -4.85 33.26 -7.08
C SER A 406 -5.35 34.69 -7.25
N GLY A 407 -6.66 34.92 -7.09
CA GLY A 407 -7.17 36.28 -7.08
C GLY A 407 -7.04 36.98 -5.74
N GLU A 408 -7.00 36.22 -4.65
CA GLU A 408 -6.73 36.78 -3.33
C GLU A 408 -5.25 37.08 -3.14
N PHE A 409 -4.38 36.26 -3.71
CA PHE A 409 -2.95 36.52 -3.64
C PHE A 409 -2.59 37.81 -4.37
N SER A 410 -3.17 38.01 -5.55
CA SER A 410 -2.96 39.27 -6.27
C SER A 410 -3.57 40.45 -5.53
N LYS A 411 -4.75 40.24 -4.92
CA LYS A 411 -5.39 41.30 -4.15
C LYS A 411 -4.55 41.70 -2.95
N GLU A 412 -3.96 40.72 -2.26
CA GLU A 412 -3.10 40.99 -1.12
C GLU A 412 -1.71 41.44 -1.50
N ARG A 413 -1.30 41.24 -2.75
CA ARG A 413 -0.01 41.72 -3.24
C ARG A 413 -0.06 43.17 -3.71
N GLU A 414 -1.10 43.56 -4.43
CA GLU A 414 -1.26 44.94 -4.85
C GLU A 414 -1.51 45.88 -3.68
N LYS A 415 -2.18 45.42 -2.63
CA LYS A 415 -2.37 46.22 -1.43
C LYS A 415 -1.09 46.36 -0.62
N ALA A 416 -0.27 45.32 -0.57
CA ALA A 416 1.01 45.37 0.12
C ALA A 416 2.09 46.06 -0.70
N LYS A 417 1.85 46.28 -1.99
CA LYS A 417 2.80 47.02 -2.83
C LYS A 417 2.87 48.48 -2.45
N ALA A 418 1.74 49.09 -2.04
CA ALA A 418 1.75 50.48 -1.63
C ALA A 418 2.57 50.72 -0.36
N ARG A 419 2.65 49.71 0.51
CA ARG A 419 3.43 49.84 1.73
C ARG A 419 4.91 50.03 1.44
N GLY A 420 5.43 49.27 0.48
CA GLY A 420 6.82 49.39 0.10
C GLY A 420 7.63 48.13 0.31
N ASP A 421 6.96 46.98 0.35
CA ASP A 421 7.67 45.72 0.54
C ASP A 421 8.62 45.44 -0.63
N PHE A 422 8.17 45.72 -1.86
CA PHE A 422 9.04 45.56 -3.01
C PHE A 422 10.17 46.57 -3.01
N GLN A 423 9.94 47.75 -2.45
CA GLN A 423 10.98 48.78 -2.41
C GLN A 423 12.16 48.32 -1.56
N LYS A 424 11.88 47.70 -0.41
CA LYS A 424 12.95 47.22 0.46
C LYS A 424 13.77 46.14 -0.22
N LEU A 425 13.11 45.22 -0.93
CA LEU A 425 13.83 44.21 -1.69
C LEU A 425 14.63 44.85 -2.82
N ARG A 426 14.06 45.85 -3.49
CA ARG A 426 14.74 46.50 -4.60
C ARG A 426 16.00 47.23 -4.15
N GLU A 427 15.94 47.94 -3.02
CA GLU A 427 17.09 48.73 -2.58
C GLU A 427 18.21 47.82 -2.09
N LYS A 428 17.88 46.70 -1.47
CA LYS A 428 18.90 45.77 -1.00
C LYS A 428 19.56 45.02 -2.16
N GLN A 429 18.80 44.63 -3.17
CA GLN A 429 19.36 44.02 -4.37
C GLN A 429 20.18 45.00 -5.18
N GLN A 430 19.77 46.27 -5.25
CA GLN A 430 20.53 47.29 -5.96
C GLN A 430 21.82 47.68 -5.26
N LEU A 431 21.92 47.44 -3.96
CA LEU A 431 23.09 47.80 -3.17
C LEU A 431 24.04 46.63 -2.97
N GLU A 432 24.03 45.67 -3.89
CA GLU A 432 24.92 44.52 -3.81
C GLU A 432 25.91 44.46 -4.97
N GLU A 433 25.45 44.61 -6.21
CA GLU A 433 26.39 44.65 -7.33
C GLU A 433 27.24 45.90 -7.31
N ASP A 434 26.71 46.99 -6.74
CA ASP A 434 27.54 48.19 -6.55
C ASP A 434 28.69 47.90 -5.59
N LEU A 435 28.42 47.16 -4.51
CA LEU A 435 29.47 46.78 -3.58
C LEU A 435 30.49 45.86 -4.25
N LYS A 436 30.01 44.93 -5.08
CA LYS A 436 30.92 44.02 -5.77
C LYS A 436 31.87 44.76 -6.69
N GLY A 437 31.36 45.75 -7.43
CA GLY A 437 32.22 46.54 -8.28
C GLY A 437 33.06 47.57 -7.54
N TYR A 438 32.64 47.99 -6.36
CA TYR A 438 33.37 48.96 -5.57
C TYR A 438 34.31 48.32 -4.56
N LEU A 439 34.35 47.00 -4.47
CA LEU A 439 35.23 46.31 -3.53
C LEU A 439 36.47 45.74 -4.20
N ASP A 440 36.30 45.07 -5.35
CA ASP A 440 37.45 44.55 -6.09
C ASP A 440 38.26 45.69 -6.70
N TRP A 441 37.58 46.67 -7.28
CA TRP A 441 38.26 47.74 -7.99
C TRP A 441 39.04 48.65 -7.05
N ILE A 442 38.56 48.83 -5.82
CA ILE A 442 39.22 49.72 -4.88
C ILE A 442 40.34 48.98 -4.17
N THR A 443 40.38 47.66 -4.34
CA THR A 443 41.40 46.87 -3.67
C THR A 443 42.26 46.17 -4.70
N GLN A 444 43.00 46.94 -5.46
CA GLN A 444 43.88 46.38 -6.47
C GLN A 444 44.84 47.45 -6.90
N ALA A 445 44.41 48.71 -6.76
CA ALA A 445 45.25 49.82 -7.15
C ALA A 445 46.28 50.09 -6.08
N GLU A 446 46.01 51.04 -5.21
CA GLU A 446 46.92 51.31 -4.11
C GLU A 446 47.16 50.00 -3.38
N ASP A 447 46.14 49.15 -3.34
CA ASP A 447 46.30 47.84 -2.73
C ASP A 447 47.42 47.07 -3.42
N CYS A 516 48.00 35.65 -10.90
CA CYS A 516 47.35 34.49 -11.47
C CYS A 516 45.86 34.75 -11.71
N ARG A 517 45.43 35.98 -11.44
CA ARG A 517 44.05 36.37 -11.65
C ARG A 517 43.69 36.36 -13.12
N ALA A 518 44.70 36.52 -13.99
CA ALA A 518 44.49 36.43 -15.43
C ALA A 518 44.17 35.01 -15.89
N ALA A 519 44.50 34.00 -15.07
CA ALA A 519 44.15 32.62 -15.36
C ALA A 519 42.88 32.19 -14.63
N VAL A 520 42.25 33.08 -13.88
CA VAL A 520 41.02 32.78 -13.18
C VAL A 520 39.83 33.53 -13.76
N LYS A 521 39.98 34.83 -14.07
CA LYS A 521 38.90 35.65 -14.59
C LYS A 521 38.87 35.58 -16.12
N SER A 522 39.40 34.51 -16.68
CA SER A 522 39.47 34.30 -18.12
C SER A 522 38.32 33.40 -18.56
N VAL A 523 38.25 33.16 -19.87
CA VAL A 523 37.22 32.32 -20.45
C VAL A 523 37.68 30.87 -20.64
N THR A 524 38.99 30.64 -20.65
CA THR A 524 39.55 29.30 -20.83
C THR A 524 39.63 28.52 -19.52
N PHE A 525 39.35 29.16 -18.39
CA PHE A 525 39.35 28.49 -17.10
C PHE A 525 37.95 28.13 -16.63
N TYR A 526 36.99 29.05 -16.80
CA TYR A 526 35.61 28.73 -16.47
C TYR A 526 35.07 27.61 -17.36
N TRP A 527 35.37 27.64 -18.66
CA TRP A 527 34.94 26.59 -19.57
C TRP A 527 35.72 25.30 -19.41
N LEU A 528 36.83 25.32 -18.67
CA LEU A 528 37.55 24.10 -18.33
C LEU A 528 37.08 23.49 -17.02
N VAL A 529 36.67 24.33 -16.06
CA VAL A 529 36.07 23.82 -14.82
C VAL A 529 34.76 23.09 -15.08
N ILE A 530 33.97 23.55 -16.06
CA ILE A 530 32.75 22.85 -16.44
C ILE A 530 33.02 21.42 -16.90
N VAL A 531 34.08 21.19 -17.66
CA VAL A 531 34.43 19.83 -18.08
C VAL A 531 34.77 18.93 -16.90
N LEU A 532 35.56 19.43 -15.94
CA LEU A 532 35.85 18.68 -14.73
C LEU A 532 34.60 18.39 -13.92
N VAL A 533 33.70 19.36 -13.78
CA VAL A 533 32.43 19.14 -13.11
C VAL A 533 31.58 18.08 -13.80
N PHE A 534 31.49 18.12 -15.13
CA PHE A 534 30.81 17.10 -15.90
C PHE A 534 31.41 15.71 -15.74
N LEU A 535 32.75 15.61 -15.74
CA LEU A 535 33.40 14.34 -15.47
C LEU A 535 33.19 13.86 -14.04
N ASN A 536 33.00 14.77 -13.10
CA ASN A 536 32.59 14.41 -11.74
C ASN A 536 31.18 13.83 -11.69
N THR A 537 30.23 14.41 -12.44
CA THR A 537 28.89 13.86 -12.53
C THR A 537 28.85 12.53 -13.24
N LEU A 538 29.67 12.34 -14.27
CA LEU A 538 29.72 11.09 -15.02
C LEU A 538 30.19 9.91 -14.17
N THR A 539 31.12 10.12 -13.25
CA THR A 539 31.61 9.04 -12.39
C THR A 539 30.65 8.70 -11.27
N ILE A 540 29.66 9.55 -10.99
CA ILE A 540 28.66 9.27 -9.97
C ILE A 540 27.45 8.64 -10.63
N SER A 541 27.06 9.14 -11.78
CA SER A 541 25.93 8.59 -12.54
C SER A 541 26.39 7.49 -13.48
N SER A 542 27.17 6.55 -12.95
CA SER A 542 27.57 5.36 -13.69
C SER A 542 27.49 4.09 -12.87
N GLU A 543 27.34 4.19 -11.55
CA GLU A 543 27.24 2.99 -10.72
C GLU A 543 25.91 2.30 -10.96
N HIS A 544 25.93 0.98 -10.94
CA HIS A 544 24.71 0.18 -11.08
C HIS A 544 24.94 -1.16 -10.39
N TYR A 545 23.83 -1.86 -10.14
CA TYR A 545 23.92 -3.16 -9.49
C TYR A 545 24.69 -4.14 -10.37
N ASN A 546 25.59 -4.91 -9.74
CA ASN A 546 26.43 -5.88 -10.43
C ASN A 546 27.26 -5.21 -11.52
N GLN A 547 27.79 -4.03 -11.23
CA GLN A 547 28.65 -3.34 -12.18
C GLN A 547 29.96 -4.12 -12.35
N PRO A 548 30.55 -4.08 -13.54
CA PRO A 548 31.79 -4.84 -13.78
C PRO A 548 32.91 -4.38 -12.87
N ASP A 549 33.79 -5.32 -12.53
CA ASP A 549 34.90 -5.04 -11.63
C ASP A 549 35.88 -4.02 -12.20
N TRP A 550 35.93 -3.85 -13.51
CA TRP A 550 36.81 -2.88 -14.14
C TRP A 550 36.28 -1.45 -14.09
N LEU A 551 35.00 -1.27 -13.77
CA LEU A 551 34.43 0.07 -13.70
C LEU A 551 34.68 0.73 -12.36
N THR A 552 34.66 -0.05 -11.27
CA THR A 552 34.94 0.52 -9.95
C THR A 552 36.37 1.04 -9.86
N GLN A 553 37.30 0.40 -10.57
CA GLN A 553 38.69 0.86 -10.60
C GLN A 553 38.78 2.25 -11.22
N ILE A 554 38.14 2.43 -12.38
CA ILE A 554 38.13 3.75 -13.02
C ILE A 554 37.43 4.76 -12.11
N GLN A 555 36.32 4.35 -11.49
CA GLN A 555 35.58 5.24 -10.62
C GLN A 555 36.45 5.75 -9.47
N ASP A 556 37.12 4.85 -8.76
CA ASP A 556 37.85 5.27 -7.58
C ASP A 556 39.25 5.82 -7.88
N ILE A 557 39.76 5.65 -9.10
CA ILE A 557 40.95 6.42 -9.46
C ILE A 557 40.58 7.83 -9.90
N ALA A 558 39.52 7.97 -10.71
CA ALA A 558 39.00 9.28 -11.04
C ALA A 558 38.58 10.05 -9.80
N ASN A 559 38.06 9.34 -8.79
CA ASN A 559 37.77 9.94 -7.49
C ASN A 559 38.94 10.76 -6.99
N LYS A 560 40.07 10.11 -6.71
CA LYS A 560 41.22 10.79 -6.13
C LYS A 560 41.79 11.83 -7.08
N VAL A 561 41.89 11.49 -8.37
CA VAL A 561 42.51 12.42 -9.32
C VAL A 561 41.70 13.71 -9.40
N LEU A 562 40.41 13.59 -9.65
CA LEU A 562 39.58 14.78 -9.83
C LEU A 562 39.39 15.53 -8.52
N LEU A 563 39.41 14.84 -7.38
CA LEU A 563 39.36 15.52 -6.11
C LEU A 563 40.63 16.36 -5.92
N ALA A 564 41.77 15.82 -6.35
CA ALA A 564 43.01 16.58 -6.28
C ALA A 564 42.94 17.82 -7.16
N LEU A 565 42.42 17.66 -8.38
CA LEU A 565 42.25 18.83 -9.25
C LEU A 565 41.31 19.87 -8.62
N PHE A 566 40.21 19.42 -8.03
CA PHE A 566 39.28 20.37 -7.42
C PHE A 566 39.87 21.07 -6.20
N THR A 567 40.64 20.36 -5.37
CA THR A 567 41.25 21.03 -4.23
C THR A 567 42.38 21.97 -4.66
N CYS A 568 43.10 21.64 -5.73
CA CYS A 568 44.06 22.59 -6.29
C CYS A 568 43.36 23.82 -6.83
N GLU A 569 42.21 23.63 -7.48
CA GLU A 569 41.43 24.76 -7.96
C GLU A 569 40.94 25.62 -6.82
N MET A 570 40.53 25.01 -5.70
CA MET A 570 40.14 25.77 -4.54
C MET A 570 41.31 26.54 -3.94
N LEU A 571 42.49 25.92 -3.88
CA LEU A 571 43.66 26.63 -3.39
C LEU A 571 44.02 27.80 -4.29
N VAL A 572 43.85 27.65 -5.60
CA VAL A 572 44.06 28.77 -6.51
C VAL A 572 43.03 29.88 -6.27
N LYS A 573 41.74 29.53 -6.17
CA LYS A 573 40.68 30.51 -5.95
C LYS A 573 40.47 30.80 -4.48
N MET A 574 41.48 30.56 -3.66
CA MET A 574 41.44 30.96 -2.25
C MET A 574 42.42 32.06 -1.90
N TYR A 575 43.53 32.21 -2.63
CA TYR A 575 44.56 33.19 -2.33
C TYR A 575 44.94 33.96 -3.59
N SER A 576 43.92 34.41 -4.34
CA SER A 576 44.20 35.14 -5.57
C SER A 576 43.52 36.50 -5.62
N LEU A 577 42.39 36.71 -4.95
CA LEU A 577 41.76 38.01 -4.92
C LEU A 577 41.69 38.54 -3.49
N GLY A 578 41.26 37.70 -2.56
CA GLY A 578 41.23 38.06 -1.16
C GLY A 578 40.54 37.02 -0.31
N LEU A 579 41.13 36.68 0.83
CA LEU A 579 40.55 35.63 1.68
C LEU A 579 39.33 36.12 2.43
N GLN A 580 39.31 37.40 2.83
CA GLN A 580 38.19 37.93 3.58
C GLN A 580 37.02 38.37 2.71
N ALA A 581 37.26 38.58 1.41
CA ALA A 581 36.18 38.90 0.47
C ALA A 581 35.51 37.66 -0.09
N TYR A 582 36.14 36.50 0.02
CA TYR A 582 35.53 35.25 -0.43
C TYR A 582 34.44 34.77 0.52
N PHE A 583 34.59 35.04 1.82
CA PHE A 583 33.60 34.58 2.78
C PHE A 583 32.28 35.31 2.62
N VAL A 584 32.30 36.47 1.96
CA VAL A 584 31.06 37.18 1.65
C VAL A 584 30.21 36.35 0.70
N SER A 585 30.84 35.78 -0.32
CA SER A 585 30.14 34.92 -1.26
C SER A 585 29.79 33.60 -0.59
N LEU A 586 28.53 33.20 -0.70
CA LEU A 586 28.08 31.95 -0.07
C LEU A 586 28.61 30.74 -0.81
N PHE A 587 28.77 30.84 -2.13
CA PHE A 587 29.18 29.72 -2.95
C PHE A 587 30.58 29.22 -2.60
N ASN A 588 31.52 30.15 -2.43
CA ASN A 588 32.90 29.75 -2.14
C ASN A 588 32.99 29.05 -0.79
N ARG A 589 32.30 29.58 0.23
CA ARG A 589 32.27 28.90 1.52
C ARG A 589 31.57 27.56 1.42
N PHE A 590 30.50 27.49 0.63
CA PHE A 590 29.82 26.22 0.40
C PHE A 590 30.69 25.21 -0.33
N ASP A 591 31.46 25.67 -1.34
CA ASP A 591 32.26 24.75 -2.13
C ASP A 591 33.49 24.27 -1.36
N CYS A 592 34.11 25.15 -0.58
CA CYS A 592 35.26 24.73 0.23
C CYS A 592 34.86 23.70 1.27
N PHE A 593 33.62 23.79 1.76
CA PHE A 593 33.11 22.76 2.66
C PHE A 593 33.08 21.40 1.97
N VAL A 594 32.61 21.36 0.72
CA VAL A 594 32.57 20.10 -0.02
C VAL A 594 33.99 19.61 -0.30
N VAL A 595 34.90 20.53 -0.58
CA VAL A 595 36.29 20.16 -0.85
C VAL A 595 36.92 19.52 0.39
N CYS A 596 36.71 20.14 1.55
CA CYS A 596 37.22 19.58 2.80
C CYS A 596 36.58 18.24 3.12
N GLY A 597 35.27 18.11 2.95
CA GLY A 597 34.63 16.83 3.15
C GLY A 597 35.19 15.76 2.25
N GLY A 598 35.42 16.08 0.97
CA GLY A 598 36.01 15.12 0.05
C GLY A 598 37.42 14.70 0.42
N ILE A 599 38.28 15.66 0.77
CA ILE A 599 39.64 15.33 1.21
C ILE A 599 39.65 14.57 2.53
N THR A 600 38.59 14.71 3.35
CA THR A 600 38.49 13.95 4.58
C THR A 600 38.30 12.46 4.35
N GLU A 601 37.41 12.07 3.44
CA GLU A 601 37.06 10.67 3.24
C GLU A 601 38.10 9.88 2.46
N THR A 602 38.99 10.54 1.71
CA THR A 602 39.99 9.82 0.93
C THR A 602 40.90 9.00 1.86
N ILE A 603 41.36 9.59 2.96
CA ILE A 603 42.13 8.86 3.94
C ILE A 603 41.26 8.01 4.85
N LEU A 604 40.00 8.41 5.07
CA LEU A 604 39.07 7.67 5.92
C LEU A 604 38.78 6.28 5.35
N VAL A 605 38.51 6.22 4.04
CA VAL A 605 38.22 4.94 3.40
C VAL A 605 39.45 4.06 3.33
N GLU A 606 40.60 4.63 2.95
CA GLU A 606 41.82 3.84 2.83
C GLU A 606 42.35 3.39 4.18
N LEU A 607 42.00 4.11 5.25
CA LEU A 607 42.44 3.75 6.59
C LEU A 607 41.50 2.70 7.17
N GLU A 608 41.61 2.39 8.46
CA GLU A 608 40.89 1.29 9.08
C GLU A 608 39.46 1.65 9.45
N ILE A 609 38.88 2.66 8.79
CA ILE A 609 37.48 3.02 9.01
C ILE A 609 36.68 2.63 7.78
N MET A 610 36.05 1.45 7.82
CA MET A 610 35.37 0.92 6.65
C MET A 610 34.05 1.65 6.40
N SER A 611 33.18 1.73 7.42
CA SER A 611 31.87 2.36 7.34
C SER A 611 31.12 1.97 6.07
N PRO A 612 30.64 0.72 5.96
CA PRO A 612 29.98 0.31 4.71
C PRO A 612 28.79 1.17 4.34
N LEU A 613 27.99 1.59 5.33
CA LEU A 613 26.92 2.55 5.08
C LEU A 613 27.44 3.96 4.92
N GLY A 614 28.59 4.28 5.53
CA GLY A 614 29.18 5.59 5.38
C GLY A 614 29.81 5.87 4.04
N ILE A 615 30.11 4.83 3.27
CA ILE A 615 30.61 5.04 1.91
C ILE A 615 29.55 5.62 1.00
N SER A 616 28.33 5.09 1.03
CA SER A 616 27.26 5.52 0.14
C SER A 616 26.68 6.87 0.53
N VAL A 617 26.61 7.19 1.82
CA VAL A 617 26.00 8.45 2.24
C VAL A 617 26.81 9.66 1.81
N PHE A 618 28.14 9.58 1.85
CA PHE A 618 28.99 10.72 1.49
C PHE A 618 28.99 11.03 0.00
N ARG A 619 28.86 10.00 -0.84
CA ARG A 619 28.84 10.21 -2.27
C ARG A 619 27.73 11.21 -2.58
N CYS A 620 26.70 11.23 -1.77
CA CYS A 620 25.66 12.22 -1.98
C CYS A 620 26.21 13.57 -1.63
N VAL A 621 26.99 13.63 -0.56
CA VAL A 621 27.51 14.90 -0.10
C VAL A 621 28.67 15.37 -0.99
N ARG A 622 29.11 14.49 -1.87
CA ARG A 622 30.20 14.80 -2.78
C ARG A 622 29.72 14.96 -4.22
N LEU A 623 28.43 14.71 -4.45
CA LEU A 623 27.85 14.85 -5.78
C LEU A 623 27.14 16.19 -5.92
N LEU A 624 27.33 17.06 -4.92
CA LEU A 624 26.70 18.37 -4.92
C LEU A 624 27.47 19.35 -5.79
N ARG A 625 28.72 19.01 -6.12
CA ARG A 625 29.55 19.85 -6.95
C ARG A 625 28.94 20.11 -8.33
N ILE A 626 27.68 19.72 -8.53
CA ILE A 626 27.07 19.96 -9.83
C ILE A 626 26.43 21.33 -9.92
N PHE A 627 26.28 22.04 -8.80
CA PHE A 627 25.72 23.39 -8.80
C PHE A 627 26.69 24.43 -9.35
N LYS A 628 27.93 24.05 -9.63
CA LYS A 628 28.92 24.98 -10.17
C LYS A 628 28.66 25.35 -11.62
N VAL A 629 27.72 24.68 -12.29
CA VAL A 629 27.37 25.01 -13.67
C VAL A 629 26.18 25.97 -13.72
N THR A 630 25.60 26.30 -12.57
CA THR A 630 24.45 27.18 -12.50
C THR A 630 24.74 28.50 -11.80
N ARG A 631 26.00 28.83 -11.57
CA ARG A 631 26.37 30.07 -10.88
C ARG A 631 25.93 31.30 -11.65
N HIS A 632 26.19 31.30 -12.96
CA HIS A 632 25.92 32.48 -13.81
C HIS A 632 24.67 32.22 -14.63
N TRP A 633 23.52 32.57 -14.05
CA TRP A 633 22.22 32.44 -14.70
C TRP A 633 21.54 33.77 -14.95
N THR A 634 21.43 34.60 -13.90
CA THR A 634 20.83 35.95 -13.98
C THR A 634 19.34 35.86 -14.29
N SER A 635 18.83 34.63 -14.42
CA SER A 635 17.41 34.40 -14.59
C SER A 635 16.94 33.41 -13.52
N LEU A 636 17.89 32.68 -12.96
CA LEU A 636 17.63 31.77 -11.84
C LEU A 636 17.90 32.41 -10.49
N SER A 637 19.06 33.03 -10.31
CA SER A 637 19.43 33.64 -9.04
C SER A 637 18.56 34.84 -8.68
N ASN A 638 17.87 35.43 -9.66
CA ASN A 638 17.00 36.56 -9.38
C ASN A 638 15.81 36.20 -8.52
N LEU A 639 15.25 35.00 -8.69
CA LEU A 639 14.20 34.51 -7.81
C LEU A 639 14.74 33.80 -6.57
N VAL A 640 15.94 33.23 -6.66
CA VAL A 640 16.59 32.67 -5.48
C VAL A 640 16.87 33.75 -4.44
N ALA A 641 17.40 34.90 -4.85
CA ALA A 641 17.61 36.01 -3.93
C ALA A 641 16.31 36.58 -3.39
N SER A 642 15.20 36.40 -4.10
CA SER A 642 13.90 36.86 -3.61
C SER A 642 13.29 35.89 -2.60
N LEU A 643 13.44 34.58 -2.82
CA LEU A 643 12.95 33.59 -1.87
C LEU A 643 13.86 33.43 -0.67
N LEU A 644 15.12 33.84 -0.77
CA LEU A 644 16.01 33.88 0.38
C LEU A 644 15.69 35.04 1.33
N ASN A 645 15.11 36.11 0.81
CA ASN A 645 14.70 37.23 1.65
C ASN A 645 13.44 36.92 2.44
N SER A 646 12.60 36.03 1.91
CA SER A 646 11.34 35.67 2.57
C SER A 646 11.46 34.34 3.29
N MET A 647 12.67 34.02 3.75
CA MET A 647 12.90 32.79 4.49
C MET A 647 12.16 32.75 5.83
N LYS A 648 12.03 33.89 6.51
CA LYS A 648 11.31 33.95 7.77
C LYS A 648 9.82 33.68 7.61
N SER A 649 9.29 33.76 6.40
CA SER A 649 7.92 33.35 6.12
C SER A 649 7.84 31.96 5.51
N ILE A 650 8.82 31.58 4.69
CA ILE A 650 8.87 30.25 4.14
C ILE A 650 9.00 29.20 5.24
N ALA A 651 9.89 29.43 6.21
CA ALA A 651 10.08 28.51 7.32
C ALA A 651 9.04 28.68 8.42
N SER A 652 8.18 29.70 8.30
CA SER A 652 7.07 29.87 9.22
C SER A 652 5.80 29.19 8.75
N LEU A 653 5.52 29.21 7.44
CA LEU A 653 4.43 28.42 6.91
C LEU A 653 4.68 26.92 7.02
N LEU A 654 5.91 26.48 6.77
CA LEU A 654 6.27 25.08 6.93
C LEU A 654 6.15 24.60 8.37
N LEU A 655 6.56 25.43 9.34
CA LEU A 655 6.45 25.06 10.74
C LEU A 655 5.00 25.01 11.23
N LEU A 656 4.09 25.72 10.56
CA LEU A 656 2.67 25.59 10.85
C LEU A 656 2.05 24.38 10.17
N LEU A 657 2.45 24.06 8.95
CA LEU A 657 2.03 22.81 8.32
C LEU A 657 2.50 21.59 9.09
N PHE A 658 3.74 21.61 9.60
CA PHE A 658 4.24 20.53 10.44
C PHE A 658 3.45 20.39 11.73
N LEU A 659 3.09 21.50 12.38
CA LEU A 659 2.23 21.46 13.55
C LEU A 659 0.83 20.93 13.25
N PHE A 660 0.26 21.29 12.10
CA PHE A 660 -1.00 20.71 11.67
C PHE A 660 -0.90 19.20 11.45
N ILE A 661 0.18 18.74 10.83
CA ILE A 661 0.40 17.30 10.65
C ILE A 661 0.59 16.58 11.97
N ILE A 662 1.32 17.17 12.92
CA ILE A 662 1.56 16.54 14.21
C ILE A 662 0.28 16.32 15.01
N ILE A 663 -0.61 17.33 15.08
CA ILE A 663 -1.84 17.20 15.85
C ILE A 663 -2.76 16.09 15.32
N PHE A 664 -2.97 16.02 14.01
CA PHE A 664 -3.80 14.98 13.43
C PHE A 664 -3.16 13.60 13.52
N SER A 665 -1.84 13.50 13.43
CA SER A 665 -1.16 12.25 13.70
C SER A 665 -1.33 11.77 15.13
N LEU A 666 -1.20 12.67 16.11
CA LEU A 666 -1.46 12.35 17.50
C LEU A 666 -2.91 11.94 17.74
N LEU A 667 -3.86 12.61 17.09
CA LEU A 667 -5.26 12.24 17.18
C LEU A 667 -5.56 10.89 16.56
N GLY A 668 -4.93 10.57 15.43
CA GLY A 668 -5.09 9.26 14.81
C GLY A 668 -4.49 8.16 15.65
N MET A 669 -3.38 8.47 16.32
CA MET A 669 -2.76 7.52 17.24
C MET A 669 -3.69 7.12 18.38
N GLN A 670 -4.68 7.95 18.71
CA GLN A 670 -5.65 7.62 19.75
C GLN A 670 -6.86 6.86 19.19
N LEU A 671 -7.39 7.30 18.05
CA LEU A 671 -8.59 6.68 17.50
C LEU A 671 -8.29 5.33 16.88
N PHE A 672 -7.19 5.20 16.16
CA PHE A 672 -6.87 3.98 15.42
C PHE A 672 -5.57 3.35 15.89
N GLY A 673 -5.12 3.71 17.09
CA GLY A 673 -3.90 3.14 17.63
C GLY A 673 -4.08 1.69 18.06
N GLY A 674 -3.42 0.78 17.35
CA GLY A 674 -3.57 -0.63 17.64
C GLY A 674 -4.98 -1.14 17.43
N LYS A 675 -5.61 -0.73 16.33
CA LYS A 675 -6.97 -1.15 16.01
C LYS A 675 -7.08 -1.73 14.61
N PHE A 676 -5.98 -1.81 13.86
CA PHE A 676 -5.99 -2.36 12.51
C PHE A 676 -5.73 -3.86 12.50
N ASN A 677 -5.60 -4.48 13.67
CA ASN A 677 -5.38 -5.92 13.76
C ASN A 677 -6.71 -6.66 13.80
N PHE A 678 -7.46 -6.55 12.70
CA PHE A 678 -8.75 -7.21 12.57
C PHE A 678 -8.82 -8.18 11.40
N ASP A 679 -7.95 -8.07 10.40
CA ASP A 679 -7.99 -8.93 9.24
C ASP A 679 -7.63 -10.38 9.56
N GLU A 680 -6.63 -10.58 10.43
CA GLU A 680 -6.15 -11.89 10.86
C GLU A 680 -5.57 -12.72 9.71
N THR A 681 -5.44 -12.14 8.52
CA THR A 681 -4.84 -12.82 7.39
C THR A 681 -3.69 -12.06 6.74
N GLN A 682 -3.56 -10.76 7.03
CA GLN A 682 -2.50 -9.95 6.44
C GLN A 682 -2.15 -8.83 7.40
N THR A 683 -0.98 -8.25 7.20
CA THR A 683 -0.49 -7.15 8.03
C THR A 683 -0.64 -5.84 7.28
N LYS A 684 -1.19 -4.83 7.95
CA LYS A 684 -1.35 -3.52 7.35
C LYS A 684 -0.09 -2.69 7.56
N ARG A 685 0.34 -1.99 6.51
CA ARG A 685 1.52 -1.16 6.57
C ARG A 685 1.22 0.30 6.88
N SER A 686 0.09 0.82 6.41
CA SER A 686 -0.29 2.20 6.69
C SER A 686 -1.20 2.20 7.91
N THR A 687 -0.57 2.18 9.08
CA THR A 687 -1.27 2.10 10.37
C THR A 687 -0.93 3.33 11.20
N PHE A 688 -1.43 3.33 12.44
CA PHE A 688 -1.13 4.36 13.42
C PHE A 688 -0.50 3.75 14.66
N ASP A 689 0.33 2.72 14.47
CA ASP A 689 0.87 1.97 15.60
C ASP A 689 1.78 2.85 16.47
N ASN A 690 2.88 3.34 15.92
CA ASN A 690 3.77 4.24 16.63
C ASN A 690 3.79 5.61 15.94
N PHE A 691 4.50 6.55 16.56
CA PHE A 691 4.49 7.92 16.07
C PHE A 691 5.04 8.05 14.65
N PRO A 692 6.20 7.47 14.30
CA PRO A 692 6.64 7.58 12.90
C PRO A 692 5.66 7.01 11.89
N GLN A 693 5.03 5.87 12.21
CA GLN A 693 4.06 5.28 11.29
C GLN A 693 2.81 6.15 11.18
N ALA A 694 2.36 6.73 12.29
CA ALA A 694 1.24 7.65 12.24
C ALA A 694 1.57 8.87 11.39
N LEU A 695 2.79 9.41 11.54
CA LEU A 695 3.21 10.54 10.72
C LEU A 695 3.22 10.18 9.24
N LEU A 696 3.75 8.99 8.92
CA LEU A 696 3.79 8.56 7.53
C LEU A 696 2.39 8.37 6.95
N THR A 697 1.48 7.78 7.74
CA THR A 697 0.12 7.58 7.28
C THR A 697 -0.59 8.92 7.06
N VAL A 698 -0.40 9.86 7.99
CA VAL A 698 -1.03 11.17 7.83
C VAL A 698 -0.48 11.88 6.61
N PHE A 699 0.83 11.78 6.37
CA PHE A 699 1.42 12.38 5.18
C PHE A 699 0.87 11.74 3.92
N GLN A 700 0.71 10.41 3.92
CA GLN A 700 0.17 9.71 2.75
C GLN A 700 -1.27 10.14 2.47
N ILE A 701 -2.08 10.27 3.52
CA ILE A 701 -3.45 10.76 3.32
C ILE A 701 -3.43 12.21 2.84
N LEU A 702 -2.47 13.00 3.33
CA LEU A 702 -2.37 14.40 2.90
C LEU A 702 -2.06 14.49 1.41
N THR A 703 -1.14 13.66 0.92
CA THR A 703 -0.86 13.60 -0.51
C THR A 703 -2.04 13.06 -1.30
N GLY A 704 -2.99 12.39 -0.64
CA GLY A 704 -4.19 11.91 -1.26
C GLY A 704 -4.12 10.50 -1.80
N GLU A 705 -2.92 9.92 -1.88
CA GLU A 705 -2.77 8.60 -2.47
C GLU A 705 -3.28 7.52 -1.51
N ASP A 706 -4.28 6.77 -1.97
CA ASP A 706 -4.86 5.66 -1.19
C ASP A 706 -5.35 6.11 0.17
N TRP A 707 -5.91 7.33 0.23
CA TRP A 707 -6.54 7.79 1.47
C TRP A 707 -7.82 7.03 1.76
N ASN A 708 -8.55 6.64 0.70
CA ASN A 708 -9.76 5.84 0.88
C ASN A 708 -9.44 4.45 1.41
N ALA A 709 -8.30 3.88 1.04
CA ALA A 709 -7.90 2.59 1.59
C ALA A 709 -7.68 2.67 3.09
N VAL A 710 -7.06 3.74 3.57
CA VAL A 710 -6.91 3.95 5.01
C VAL A 710 -8.24 4.24 5.67
N MET A 711 -9.13 4.99 5.02
CA MET A 711 -10.45 5.24 5.58
C MET A 711 -11.26 3.97 5.75
N TYR A 712 -11.15 3.05 4.79
CA TYR A 712 -11.87 1.77 4.91
C TYR A 712 -11.38 0.98 6.11
N ASP A 713 -10.07 0.94 6.32
CA ASP A 713 -9.53 0.25 7.49
C ASP A 713 -9.97 0.92 8.78
N GLY A 714 -9.96 2.26 8.81
CA GLY A 714 -10.46 2.98 9.97
C GLY A 714 -11.92 2.73 10.29
N ILE A 715 -12.76 2.63 9.26
CA ILE A 715 -14.16 2.29 9.45
C ILE A 715 -14.34 0.86 9.93
N MET A 716 -13.65 -0.10 9.29
CA MET A 716 -13.76 -1.50 9.69
C MET A 716 -13.18 -1.77 11.07
N ALA A 717 -12.29 -0.92 11.56
CA ALA A 717 -11.75 -1.07 12.90
C ALA A 717 -12.78 -0.77 13.98
N TYR A 718 -13.84 -0.03 13.63
CA TYR A 718 -14.92 0.30 14.57
C TYR A 718 -16.21 -0.44 14.24
N GLY A 719 -16.12 -1.69 13.81
CA GLY A 719 -17.28 -2.40 13.31
C GLY A 719 -17.24 -2.56 11.80
N GLY A 720 -18.03 -1.76 11.10
CA GLY A 720 -18.05 -1.80 9.66
C GLY A 720 -19.06 -0.84 9.07
N PRO A 721 -19.61 -1.17 7.91
CA PRO A 721 -20.64 -0.31 7.31
C PRO A 721 -21.86 -0.14 8.18
N SER A 722 -22.18 -1.12 9.02
CA SER A 722 -23.29 -1.06 9.95
C SER A 722 -22.81 -0.46 11.27
N SER A 723 -23.64 -0.56 12.31
CA SER A 723 -23.32 -0.07 13.66
C SER A 723 -23.07 1.44 13.57
N SER A 724 -22.34 1.98 14.55
CA SER A 724 -22.04 3.41 14.60
C SER A 724 -20.57 3.70 14.31
N GLY A 725 -19.84 2.73 13.77
CA GLY A 725 -18.45 2.93 13.41
C GLY A 725 -18.22 3.60 12.08
N MET A 726 -19.29 3.86 11.32
CA MET A 726 -19.17 4.54 10.04
C MET A 726 -19.04 6.05 10.19
N ILE A 727 -19.33 6.59 11.38
CA ILE A 727 -19.25 8.03 11.61
C ILE A 727 -17.82 8.51 11.78
N VAL A 728 -16.87 7.60 11.94
CA VAL A 728 -15.47 7.97 12.13
C VAL A 728 -14.81 8.29 10.78
N CYS A 729 -15.57 8.22 9.69
CA CYS A 729 -15.07 8.59 8.37
C CYS A 729 -14.91 10.10 8.23
N ILE A 730 -15.43 10.88 9.18
CA ILE A 730 -15.27 12.33 9.16
C ILE A 730 -13.88 12.76 9.59
N TYR A 731 -13.06 11.84 10.10
CA TYR A 731 -11.66 12.14 10.39
C TYR A 731 -10.82 12.20 9.13
N PHE A 732 -11.03 11.28 8.20
CA PHE A 732 -10.30 11.27 6.94
C PHE A 732 -10.88 12.22 5.92
N ILE A 733 -12.04 12.82 6.19
CA ILE A 733 -12.59 13.85 5.32
C ILE A 733 -12.15 15.25 5.73
N ILE A 734 -12.14 15.55 7.03
CA ILE A 734 -11.67 16.84 7.54
C ILE A 734 -10.18 16.95 7.26
N LEU A 735 -9.44 15.88 7.48
CA LEU A 735 -8.00 15.87 7.23
C LEU A 735 -7.66 16.08 5.77
N PHE A 736 -8.41 15.46 4.85
CA PHE A 736 -8.17 15.63 3.42
C PHE A 736 -8.65 16.99 2.91
N ILE A 737 -9.67 17.58 3.51
CA ILE A 737 -10.19 18.88 3.09
C ILE A 737 -9.36 20.01 3.66
N CYS A 738 -9.09 20.00 4.97
CA CYS A 738 -8.28 21.02 5.60
C CYS A 738 -6.79 20.81 5.39
N GLY A 739 -6.40 19.68 4.82
CA GLY A 739 -5.00 19.42 4.54
C GLY A 739 -4.59 19.85 3.15
N ASN A 740 -5.42 19.53 2.16
CA ASN A 740 -5.18 19.97 0.80
C ASN A 740 -5.53 21.43 0.57
N TYR A 741 -6.21 22.07 1.53
CA TYR A 741 -6.42 23.51 1.49
C TYR A 741 -5.26 24.29 2.06
N ILE A 742 -4.67 23.82 3.15
CA ILE A 742 -3.46 24.44 3.68
C ILE A 742 -2.29 24.30 2.72
N LEU A 743 -2.14 23.14 2.07
CA LEU A 743 -1.06 22.92 1.11
C LEU A 743 -1.12 23.90 -0.06
N LEU A 744 -2.31 24.39 -0.41
CA LEU A 744 -2.44 25.42 -1.43
C LEU A 744 -2.20 26.83 -0.87
N ASN A 745 -2.22 27.00 0.44
CA ASN A 745 -1.87 28.26 1.07
C ASN A 745 -0.45 28.29 1.59
N VAL A 746 0.28 27.18 1.46
CA VAL A 746 1.66 27.12 1.91
C VAL A 746 2.65 26.91 0.77
N PHE A 747 2.27 26.21 -0.30
CA PHE A 747 3.17 25.97 -1.43
C PHE A 747 2.79 26.74 -2.69
N LEU A 748 1.56 27.23 -2.79
CA LEU A 748 1.18 28.11 -3.89
C LEU A 748 1.25 29.58 -3.51
N ALA A 749 1.01 29.93 -2.25
CA ALA A 749 1.16 31.30 -1.77
C ALA A 749 2.62 31.74 -1.73
N ILE A 750 3.56 30.80 -1.76
CA ILE A 750 4.97 31.14 -1.83
C ILE A 750 5.43 31.39 -3.26
N ALA A 751 4.87 30.67 -4.24
CA ALA A 751 5.27 30.82 -5.63
C ALA A 751 4.58 31.98 -6.34
N VAL A 752 3.63 32.64 -5.70
CA VAL A 752 2.89 33.73 -6.33
C VAL A 752 3.18 35.00 -5.53
N ASP A 753 4.04 34.88 -4.53
CA ASP A 753 4.44 36.05 -3.74
C ASP A 753 5.95 36.22 -3.73
N ASN A 754 6.68 35.14 -4.01
CA ASN A 754 8.14 35.22 -4.15
C ASN A 754 8.60 35.23 -5.59
N LEU A 755 8.00 34.41 -6.45
CA LEU A 755 8.33 34.45 -7.88
C LEU A 755 7.67 35.61 -8.59
N ALA A 756 6.50 36.03 -8.10
CA ALA A 756 5.82 37.18 -8.69
C ALA A 756 6.72 38.40 -8.59
N ASP A 757 7.74 38.32 -7.73
CA ASP A 757 8.69 39.41 -7.53
C ASP A 757 9.85 39.28 -8.51
N ALA A 758 10.17 38.05 -8.89
CA ALA A 758 11.25 37.80 -9.83
C ALA A 758 11.02 38.59 -11.12
N GLU A 759 9.81 38.50 -11.65
CA GLU A 759 9.44 39.23 -12.86
C GLU A 759 9.59 40.72 -12.58
N SER A 760 9.05 41.15 -11.45
CA SER A 760 9.13 42.55 -11.04
C SER A 760 10.59 42.98 -11.01
N LEU A 761 11.40 42.21 -10.31
CA LEU A 761 12.83 42.50 -10.21
C LEU A 761 13.42 42.57 -11.61
N ASN A 762 13.22 41.51 -12.39
CA ASN A 762 13.71 41.44 -13.75
C ASN A 762 13.31 42.67 -14.56
N THR A 763 12.02 43.01 -14.51
CA THR A 763 11.51 44.17 -15.23
C THR A 763 12.13 45.46 -14.69
N ALA A 764 12.32 45.53 -13.38
CA ALA A 764 12.91 46.70 -12.76
C ALA A 764 14.40 46.76 -13.05
N GLN A 765 15.02 45.59 -13.22
CA GLN A 765 16.44 45.51 -13.52
C GLN A 765 16.69 45.65 -15.01
N LYS A 766 15.62 45.54 -15.80
CA LYS A 766 15.73 45.68 -17.25
C LYS A 766 15.61 47.14 -17.62
N GLU A 767 15.03 47.94 -16.73
CA GLU A 767 14.88 49.36 -17.01
C GLU A 767 16.00 50.20 -16.41
N GLU A 768 16.69 49.68 -15.40
CA GLU A 768 17.82 50.35 -14.79
C GLU A 768 19.15 49.89 -15.37
N ALA A 769 19.12 49.03 -16.38
CA ALA A 769 20.32 48.54 -17.06
C ALA A 769 20.36 49.03 -18.49
N GLU A 770 19.73 50.18 -18.74
CA GLU A 770 19.75 50.80 -20.07
C GLU A 770 20.36 52.19 -20.08
N GLU A 771 20.46 52.88 -18.94
CA GLU A 771 21.11 54.18 -18.89
C GLU A 771 22.62 54.08 -18.76
N LYS A 772 23.16 52.88 -18.51
CA LYS A 772 24.60 52.69 -18.40
C LYS A 772 25.19 52.15 -19.70
N ILE A 875 -2.99 28.56 -67.28
CA ILE A 875 -3.20 29.76 -66.49
C ILE A 875 -3.07 29.43 -65.00
N ARG A 876 -2.55 30.40 -64.24
CA ARG A 876 -2.31 30.21 -62.80
C ARG A 876 -3.20 31.12 -61.96
N VAL A 877 -4.32 31.57 -62.52
CA VAL A 877 -5.23 32.45 -61.80
C VAL A 877 -6.59 31.77 -61.68
N GLY A 878 -6.93 30.96 -62.69
CA GLY A 878 -8.18 30.22 -62.62
C GLY A 878 -8.20 29.22 -61.49
N CYS A 879 -7.09 28.52 -61.26
CA CYS A 879 -6.98 27.60 -60.14
C CYS A 879 -6.80 28.34 -58.82
N HIS A 880 -6.14 29.51 -58.86
CA HIS A 880 -6.00 30.33 -57.66
C HIS A 880 -7.35 30.78 -57.13
N LYS A 881 -8.26 31.12 -58.05
CA LYS A 881 -9.62 31.50 -57.64
C LYS A 881 -10.30 30.37 -56.88
N LEU A 882 -10.12 29.13 -57.35
CA LEU A 882 -10.72 27.98 -56.66
C LEU A 882 -10.04 27.73 -55.32
N ILE A 883 -8.72 27.90 -55.27
CA ILE A 883 -8.00 27.69 -54.01
C ILE A 883 -8.48 28.67 -52.95
N ASN A 884 -8.62 29.94 -53.32
CA ASN A 884 -9.09 30.96 -52.39
C ASN A 884 -10.60 31.09 -52.36
N HIS A 885 -11.32 30.11 -52.90
CA HIS A 885 -12.78 30.15 -52.85
C HIS A 885 -13.28 29.86 -51.44
N HIS A 886 -14.42 30.44 -51.10
CA HIS A 886 -14.96 30.28 -49.75
C HIS A 886 -15.55 28.89 -49.53
N ILE A 887 -16.13 28.31 -50.57
CA ILE A 887 -16.77 27.00 -50.47
C ILE A 887 -15.76 25.87 -50.51
N PHE A 888 -14.66 26.03 -51.24
CA PHE A 888 -13.66 24.98 -51.37
C PHE A 888 -12.73 24.87 -50.17
N THR A 889 -12.43 25.96 -49.47
CA THR A 889 -11.52 25.90 -48.34
C THR A 889 -12.16 25.31 -47.09
N ASN A 890 -13.49 25.22 -47.06
CA ASN A 890 -14.19 24.59 -45.93
C ASN A 890 -14.54 23.13 -46.19
N LEU A 891 -14.79 22.77 -47.46
CA LEU A 891 -14.97 21.36 -47.79
C LEU A 891 -13.70 20.56 -47.51
N ILE A 892 -12.55 21.10 -47.88
CA ILE A 892 -11.28 20.44 -47.56
C ILE A 892 -11.03 20.40 -46.05
N LEU A 893 -11.52 21.37 -45.30
CA LEU A 893 -11.39 21.34 -43.84
C LEU A 893 -12.25 20.27 -43.21
N VAL A 894 -13.51 20.14 -43.66
CA VAL A 894 -14.39 19.10 -43.13
C VAL A 894 -13.98 17.71 -43.59
N PHE A 895 -13.38 17.58 -44.77
CA PHE A 895 -12.86 16.29 -45.21
C PHE A 895 -11.70 15.79 -44.35
N ILE A 896 -10.85 16.69 -43.86
CA ILE A 896 -9.79 16.30 -42.93
C ILE A 896 -10.35 15.69 -41.64
N MET A 897 -11.35 16.32 -41.04
CA MET A 897 -12.01 15.76 -39.86
C MET A 897 -12.75 14.46 -40.15
N LEU A 898 -13.41 14.36 -41.31
CA LEU A 898 -14.06 13.11 -41.67
C LEU A 898 -13.07 11.97 -41.83
N SER A 899 -11.96 12.20 -42.53
CA SER A 899 -10.91 11.20 -42.65
C SER A 899 -10.25 10.89 -41.31
N SER A 900 -10.07 11.90 -40.46
CA SER A 900 -9.55 11.66 -39.12
C SER A 900 -10.47 10.77 -38.29
N ALA A 901 -11.78 11.00 -38.34
CA ALA A 901 -12.73 10.14 -37.66
C ALA A 901 -12.80 8.75 -38.27
N ALA A 902 -12.60 8.62 -39.58
CA ALA A 902 -12.58 7.32 -40.24
C ALA A 902 -11.39 6.45 -39.80
N LEU A 903 -10.35 7.06 -39.23
CA LEU A 903 -9.20 6.32 -38.74
C LEU A 903 -9.39 5.75 -37.34
N ALA A 904 -10.27 6.36 -36.54
CA ALA A 904 -10.47 5.96 -35.15
C ALA A 904 -11.63 4.99 -34.99
N ALA A 905 -12.08 4.36 -36.07
CA ALA A 905 -13.18 3.40 -36.02
C ALA A 905 -12.73 2.08 -36.61
N GLU A 906 -11.44 1.80 -36.53
CA GLU A 906 -10.85 0.59 -37.11
C GLU A 906 -10.64 -0.45 -36.02
N ASP A 907 -10.71 -1.71 -36.42
CA ASP A 907 -10.51 -2.81 -35.49
C ASP A 907 -9.02 -3.14 -35.41
N PRO A 908 -8.37 -2.97 -34.26
CA PRO A 908 -6.93 -3.22 -34.18
C PRO A 908 -6.59 -4.70 -34.15
N ILE A 909 -7.50 -5.51 -33.61
CA ILE A 909 -7.23 -6.94 -33.46
C ILE A 909 -7.43 -7.68 -34.77
N ARG A 910 -8.64 -7.65 -35.30
CA ARG A 910 -8.99 -8.42 -36.49
C ARG A 910 -8.55 -7.65 -37.74
N SER A 911 -7.41 -8.02 -38.30
CA SER A 911 -6.95 -7.39 -39.53
C SER A 911 -7.82 -7.80 -40.72
N HIS A 912 -8.26 -9.06 -40.74
CA HIS A 912 -9.11 -9.57 -41.81
C HIS A 912 -10.59 -9.40 -41.45
N SER A 913 -10.93 -8.18 -41.09
CA SER A 913 -12.30 -7.82 -40.71
C SER A 913 -13.00 -7.11 -41.86
N PHE A 914 -14.33 -7.20 -41.86
CA PHE A 914 -15.16 -6.56 -42.87
C PHE A 914 -15.18 -5.04 -42.69
N ARG A 915 -15.20 -4.57 -41.45
CA ARG A 915 -15.20 -3.13 -41.20
C ARG A 915 -13.94 -2.48 -41.72
N ASN A 916 -12.79 -3.14 -41.53
CA ASN A 916 -11.53 -2.59 -42.03
C ASN A 916 -11.53 -2.51 -43.54
N THR A 917 -12.08 -3.53 -44.21
CA THR A 917 -12.19 -3.49 -45.66
C THR A 917 -13.09 -2.35 -46.12
N ILE A 918 -14.22 -2.16 -45.44
CA ILE A 918 -15.13 -1.07 -45.79
C ILE A 918 -14.43 0.27 -45.57
N LEU A 919 -13.85 0.46 -44.38
CA LEU A 919 -13.08 1.68 -44.12
C LEU A 919 -11.84 1.78 -44.99
N GLY A 920 -11.37 0.66 -45.55
CA GLY A 920 -10.25 0.71 -46.47
C GLY A 920 -10.60 1.34 -47.79
N TYR A 921 -11.89 1.32 -48.16
CA TYR A 921 -12.29 1.96 -49.41
C TYR A 921 -12.51 3.46 -49.24
N PHE A 922 -12.82 3.87 -48.01
CA PHE A 922 -13.06 5.27 -47.70
C PHE A 922 -11.78 6.08 -47.83
N ASP A 923 -10.66 5.49 -47.45
CA ASP A 923 -9.38 6.18 -47.55
C ASP A 923 -8.95 6.30 -49.02
N TYR A 924 -9.34 5.32 -49.82
CA TYR A 924 -9.03 5.32 -51.25
C TYR A 924 -9.54 6.61 -51.86
N ALA A 925 -10.81 6.91 -51.61
CA ALA A 925 -11.44 8.11 -52.13
C ALA A 925 -10.90 9.35 -51.42
N PHE A 926 -10.77 9.27 -50.11
CA PHE A 926 -10.28 10.38 -49.30
C PHE A 926 -8.88 10.82 -49.71
N THR A 927 -8.02 9.86 -50.02
CA THR A 927 -6.65 10.18 -50.42
C THR A 927 -6.54 10.76 -51.83
N ALA A 928 -7.56 10.52 -52.65
CA ALA A 928 -7.56 11.05 -54.00
C ALA A 928 -7.76 12.56 -53.92
N ILE A 929 -8.75 12.98 -53.14
CA ILE A 929 -9.04 14.40 -52.97
C ILE A 929 -7.81 15.19 -52.54
N PHE A 930 -7.12 14.70 -51.52
CA PHE A 930 -5.93 15.37 -51.02
C PHE A 930 -4.81 15.40 -52.04
N THR A 931 -4.66 14.37 -52.86
CA THR A 931 -3.71 14.43 -53.96
C THR A 931 -4.13 15.44 -55.02
N VAL A 932 -5.43 15.58 -55.26
CA VAL A 932 -5.92 16.62 -56.16
C VAL A 932 -5.61 18.02 -55.66
N GLU A 933 -5.86 18.29 -54.38
CA GLU A 933 -5.60 19.61 -53.81
C GLU A 933 -4.12 19.92 -53.68
N ILE A 934 -3.29 18.94 -53.34
CA ILE A 934 -1.87 19.21 -53.17
C ILE A 934 -1.21 19.53 -54.52
N LEU A 935 -1.68 18.93 -55.61
CA LEU A 935 -1.19 19.29 -56.93
C LEU A 935 -1.86 20.56 -57.46
N LEU A 936 -3.12 20.78 -57.06
CA LEU A 936 -3.85 21.96 -57.51
C LEU A 936 -3.19 23.24 -56.99
N LYS A 937 -2.77 23.24 -55.73
CA LYS A 937 -2.10 24.41 -55.18
C LYS A 937 -0.71 24.60 -55.79
N MET A 938 -0.03 23.50 -56.12
CA MET A 938 1.30 23.61 -56.72
C MET A 938 1.24 24.25 -58.09
N THR A 939 0.09 24.19 -58.76
CA THR A 939 -0.06 24.86 -60.05
C THR A 939 0.06 26.37 -59.90
N THR A 940 -0.49 26.92 -58.80
CA THR A 940 -0.53 28.35 -58.59
C THR A 940 0.60 28.84 -57.67
N PHE A 941 1.54 27.97 -57.33
CA PHE A 941 2.65 28.34 -56.45
C PHE A 941 3.93 27.77 -57.04
N GLY A 942 4.90 28.64 -57.31
CA GLY A 942 6.16 28.21 -57.88
C GLY A 942 6.89 29.31 -58.62
N ASN A 953 6.10 27.40 -47.17
CA ASN A 953 6.15 27.38 -45.72
C ASN A 953 6.26 25.94 -45.22
N TYR A 954 6.90 25.74 -44.07
CA TYR A 954 7.05 24.42 -43.48
C TYR A 954 5.72 23.72 -43.27
N PHE A 955 4.64 24.51 -43.22
CA PHE A 955 3.30 23.97 -43.01
C PHE A 955 2.79 23.26 -44.26
N ASN A 956 3.45 23.50 -45.38
CA ASN A 956 3.06 22.91 -46.65
C ASN A 956 3.62 21.51 -46.83
N LEU A 957 4.80 21.27 -46.29
CA LEU A 957 5.44 19.96 -46.38
C LEU A 957 4.67 18.90 -45.61
N LEU A 958 4.07 19.30 -44.49
CA LEU A 958 3.31 18.37 -43.67
C LEU A 958 2.08 17.85 -44.40
N ASP A 959 1.45 18.71 -45.19
CA ASP A 959 0.27 18.33 -45.95
C ASP A 959 0.62 17.32 -47.04
N MET A 960 1.81 17.45 -47.61
CA MET A 960 2.27 16.54 -48.64
C MET A 960 2.78 15.25 -48.02
N LEU A 961 3.17 15.33 -46.75
CA LEU A 961 3.67 14.18 -46.01
C LEU A 961 2.54 13.25 -45.58
N VAL A 962 1.45 13.83 -45.08
CA VAL A 962 0.29 13.06 -44.63
C VAL A 962 -0.31 12.23 -45.75
N VAL A 963 -0.36 12.80 -46.96
CA VAL A 963 -0.89 12.08 -48.11
C VAL A 963 0.19 11.19 -48.68
N GLY A 964 1.44 11.51 -48.39
CA GLY A 964 2.58 10.76 -48.87
C GLY A 964 2.72 9.43 -48.14
N VAL A 965 2.40 9.42 -46.85
CA VAL A 965 2.51 8.19 -46.06
C VAL A 965 1.39 7.21 -46.39
N SER A 966 0.27 7.72 -46.88
CA SER A 966 -0.87 6.88 -47.26
C SER A 966 -0.61 6.31 -48.64
N LEU A 967 0.23 7.00 -49.42
CA LEU A 967 0.59 6.57 -50.76
C LEU A 967 1.64 5.48 -50.67
N VAL A 968 2.75 5.78 -50.02
CA VAL A 968 3.85 4.82 -49.86
C VAL A 968 3.32 3.52 -49.26
N SER A 969 2.39 3.62 -48.31
CA SER A 969 1.84 2.43 -47.68
C SER A 969 1.12 1.55 -48.69
N PHE A 970 0.55 2.17 -49.73
CA PHE A 970 -0.06 1.42 -50.83
C PHE A 970 0.99 0.61 -51.58
N VAL A 979 9.10 -0.94 -41.83
CA VAL A 979 8.05 -1.81 -42.33
C VAL A 979 6.74 -1.04 -42.46
N VAL A 980 5.66 -1.78 -42.78
CA VAL A 980 4.35 -1.16 -42.90
C VAL A 980 3.74 -0.80 -41.56
N LYS A 981 4.18 -1.43 -40.47
CA LYS A 981 3.69 -1.08 -39.14
C LYS A 981 4.04 0.36 -38.77
N ILE A 982 5.26 0.79 -39.08
CA ILE A 982 5.65 2.16 -38.81
C ILE A 982 4.83 3.16 -39.63
N LEU A 983 4.59 2.87 -40.91
CA LEU A 983 3.77 3.72 -41.75
C LEU A 983 2.31 3.72 -41.32
N ARG A 984 1.84 2.66 -40.66
CA ARG A 984 0.50 2.64 -40.12
C ARG A 984 0.33 3.54 -38.90
N VAL A 985 1.40 3.72 -38.12
CA VAL A 985 1.38 4.60 -36.96
C VAL A 985 1.68 6.05 -37.34
N LEU A 986 2.54 6.26 -38.33
CA LEU A 986 2.95 7.60 -38.74
C LEU A 986 1.84 8.38 -39.42
N ARG A 987 0.74 7.73 -39.80
CA ARG A 987 -0.37 8.39 -40.46
C ARG A 987 -1.40 8.90 -39.46
N VAL A 988 -0.98 9.10 -38.21
CA VAL A 988 -1.83 9.70 -37.20
C VAL A 988 -1.73 11.22 -37.23
N LEU A 989 -1.03 11.77 -38.24
CA LEU A 989 -0.80 13.20 -38.36
C LEU A 989 -1.96 13.92 -39.06
N ARG A 990 -2.99 13.18 -39.44
CA ARG A 990 -4.15 13.73 -40.15
C ARG A 990 -4.85 14.85 -39.38
N PRO A 991 -5.16 14.69 -38.09
CA PRO A 991 -5.82 15.79 -37.37
C PRO A 991 -4.96 17.03 -37.23
N LEU A 992 -3.65 16.93 -37.39
CA LEU A 992 -2.76 18.09 -37.32
C LEU A 992 -2.69 18.86 -38.63
N ARG A 993 -3.38 18.42 -39.66
CA ARG A 993 -3.43 19.14 -40.93
C ARG A 993 -4.43 20.29 -40.91
N ALA A 994 -5.23 20.42 -39.87
CA ALA A 994 -6.19 21.51 -39.73
C ALA A 994 -5.63 22.69 -38.97
N ILE A 995 -4.36 22.62 -38.53
CA ILE A 995 -3.77 23.72 -37.78
C ILE A 995 -3.64 24.95 -38.67
N ASN A 996 -3.20 24.78 -39.90
CA ASN A 996 -3.00 25.89 -40.82
C ASN A 996 -4.29 26.39 -41.46
N ARG A 997 -5.38 25.63 -41.35
CA ARG A 997 -6.65 26.00 -41.96
C ARG A 997 -7.63 26.60 -40.96
N ALA A 998 -7.17 26.91 -39.75
CA ALA A 998 -8.01 27.53 -38.73
C ALA A 998 -7.19 28.59 -38.02
N LYS A 999 -7.62 29.86 -38.11
CA LYS A 999 -6.89 30.95 -37.50
C LYS A 999 -6.83 30.79 -35.98
N GLY A 1000 -7.96 30.46 -35.38
CA GLY A 1000 -8.02 30.27 -33.94
C GLY A 1000 -7.16 29.12 -33.46
N LEU A 1001 -7.24 27.99 -34.16
CA LEU A 1001 -6.43 26.83 -33.80
C LEU A 1001 -4.94 27.13 -33.96
N LYS A 1002 -4.57 27.81 -35.04
CA LYS A 1002 -3.17 28.17 -35.24
C LYS A 1002 -2.68 29.12 -34.16
N HIS A 1003 -3.48 30.12 -33.79
CA HIS A 1003 -3.11 31.03 -32.72
C HIS A 1003 -2.99 30.34 -31.38
N VAL A 1004 -3.88 29.41 -31.08
CA VAL A 1004 -3.80 28.68 -29.81
C VAL A 1004 -2.59 27.74 -29.79
N VAL A 1005 -2.28 27.09 -30.91
CA VAL A 1005 -1.07 26.27 -31.01
C VAL A 1005 0.20 27.09 -30.85
N GLN A 1006 0.30 28.26 -31.50
CA GLN A 1006 1.48 29.09 -31.33
C GLN A 1006 1.67 29.59 -29.90
N CYS A 1007 0.58 29.90 -29.20
CA CYS A 1007 0.66 30.31 -27.81
C CYS A 1007 1.25 29.22 -26.92
N VAL A 1008 0.97 27.94 -27.22
CA VAL A 1008 1.56 26.85 -26.46
C VAL A 1008 3.08 26.82 -26.55
N PHE A 1009 3.64 26.89 -27.76
CA PHE A 1009 5.08 26.95 -27.92
C PHE A 1009 5.68 28.25 -27.40
N VAL A 1010 4.92 29.35 -27.44
CA VAL A 1010 5.38 30.57 -26.77
C VAL A 1010 5.49 30.40 -25.27
N ALA A 1011 4.49 29.76 -24.63
CA ALA A 1011 4.55 29.48 -23.20
C ALA A 1011 5.55 28.40 -22.85
N ILE A 1012 5.77 27.43 -23.73
CA ILE A 1012 6.72 26.36 -23.47
C ILE A 1012 8.15 26.89 -23.32
N ARG A 1013 8.59 27.80 -24.19
CA ARG A 1013 9.92 28.36 -24.08
C ARG A 1013 10.08 29.23 -22.82
N THR A 1014 9.00 29.83 -22.33
CA THR A 1014 9.07 30.62 -21.11
C THR A 1014 9.23 29.74 -19.88
N ILE A 1015 8.63 28.56 -19.89
CA ILE A 1015 8.66 27.66 -18.74
C ILE A 1015 9.85 26.72 -18.85
N GLY A 1016 10.74 27.00 -19.80
CA GLY A 1016 11.91 26.19 -20.00
C GLY A 1016 13.03 26.39 -19.01
N ASN A 1017 12.98 27.48 -18.23
CA ASN A 1017 13.98 27.70 -17.19
C ASN A 1017 13.71 26.83 -15.97
N ILE A 1018 12.44 26.65 -15.62
CA ILE A 1018 12.07 25.86 -14.45
C ILE A 1018 12.05 24.38 -14.78
N MET A 1019 12.16 24.06 -16.06
CA MET A 1019 12.17 22.67 -16.48
C MET A 1019 13.58 22.13 -16.37
N ILE A 1020 14.55 23.02 -16.60
CA ILE A 1020 15.95 22.64 -16.52
C ILE A 1020 16.35 22.50 -15.07
N VAL A 1021 15.66 23.19 -14.18
CA VAL A 1021 15.97 23.09 -12.76
C VAL A 1021 15.33 21.86 -12.12
N THR A 1022 14.05 21.60 -12.41
CA THR A 1022 13.37 20.44 -11.85
C THR A 1022 13.82 19.13 -12.46
N THR A 1023 14.47 19.15 -13.63
CA THR A 1023 15.07 17.96 -14.19
C THR A 1023 16.45 17.69 -13.60
N LEU A 1024 17.25 18.73 -13.42
CA LEU A 1024 18.54 18.61 -12.75
C LEU A 1024 18.40 18.19 -11.30
N LEU A 1025 17.40 18.72 -10.58
CA LEU A 1025 17.18 18.36 -9.20
C LEU A 1025 16.67 16.93 -9.02
N GLN A 1026 15.89 16.43 -9.97
CA GLN A 1026 15.46 15.04 -9.96
C GLN A 1026 16.60 14.06 -10.20
N PHE A 1027 17.57 14.43 -11.03
CA PHE A 1027 18.73 13.60 -11.30
C PHE A 1027 19.61 13.38 -10.06
N MET A 1028 19.83 14.42 -9.25
CA MET A 1028 20.56 14.27 -8.01
C MET A 1028 19.86 13.34 -7.03
N PHE A 1029 18.54 13.48 -6.88
CA PHE A 1029 17.79 12.56 -6.04
C PHE A 1029 17.81 11.14 -6.59
N ALA A 1030 17.79 10.97 -7.90
CA ALA A 1030 17.95 9.65 -8.50
C ALA A 1030 19.31 9.03 -8.19
N CYS A 1031 20.38 9.82 -8.28
CA CYS A 1031 21.70 9.34 -7.87
C CYS A 1031 21.77 8.99 -6.39
N ILE A 1032 21.16 9.78 -5.52
CA ILE A 1032 21.13 9.47 -4.10
C ILE A 1032 20.37 8.17 -3.85
N GLY A 1033 19.24 8.00 -4.53
CA GLY A 1033 18.49 6.75 -4.41
C GLY A 1033 19.25 5.57 -4.94
N VAL A 1034 20.05 5.76 -6.00
CA VAL A 1034 20.92 4.70 -6.47
C VAL A 1034 21.94 4.34 -5.42
N GLN A 1035 22.53 5.34 -4.75
CA GLN A 1035 23.48 5.06 -3.68
C GLN A 1035 22.82 4.30 -2.54
N LEU A 1036 21.57 4.65 -2.21
CA LEU A 1036 20.92 4.09 -1.04
C LEU A 1036 20.39 2.67 -1.30
N PHE A 1037 19.49 2.54 -2.27
CA PHE A 1037 18.89 1.23 -2.56
C PHE A 1037 19.32 0.64 -3.89
N LYS A 1038 20.62 0.50 -4.09
CA LYS A 1038 21.12 -0.06 -5.33
C LYS A 1038 21.17 -1.58 -5.28
N GLY A 1039 20.04 -2.21 -5.56
CA GLY A 1039 19.96 -3.66 -5.56
C GLY A 1039 19.45 -4.26 -4.26
N LYS A 1040 18.71 -3.47 -3.49
CA LYS A 1040 18.17 -3.91 -2.23
C LYS A 1040 16.69 -4.27 -2.29
N PHE A 1041 16.05 -4.12 -3.46
CA PHE A 1041 14.61 -4.33 -3.60
C PHE A 1041 14.28 -5.74 -4.08
N TYR A 1042 15.16 -6.70 -3.85
CA TYR A 1042 14.93 -8.08 -4.24
C TYR A 1042 14.15 -8.82 -3.16
N ARG A 1043 13.36 -9.80 -3.58
CA ARG A 1043 12.61 -10.64 -2.65
C ARG A 1043 12.25 -11.95 -3.34
N CYS A 1044 12.07 -12.99 -2.53
CA CYS A 1044 11.69 -14.29 -3.03
C CYS A 1044 10.17 -14.42 -3.07
N THR A 1045 9.70 -15.46 -3.76
CA THR A 1045 8.26 -15.67 -3.87
C THR A 1045 7.61 -15.99 -2.52
N ASP A 1046 8.28 -16.78 -1.69
CA ASP A 1046 7.81 -17.08 -0.34
C ASP A 1046 8.68 -16.30 0.64
N GLU A 1047 8.03 -15.69 1.64
CA GLU A 1047 8.73 -14.86 2.60
C GLU A 1047 9.38 -15.71 3.68
N ALA A 1048 10.19 -16.68 3.28
CA ALA A 1048 10.92 -17.53 4.22
C ALA A 1048 12.37 -17.66 3.81
N LYS A 1049 12.66 -17.44 2.53
CA LYS A 1049 14.01 -17.48 1.99
C LYS A 1049 14.48 -16.06 1.72
N SER A 1050 15.69 -15.74 2.18
CA SER A 1050 16.16 -14.35 2.19
C SER A 1050 17.46 -14.18 1.41
N ASN A 1051 17.74 -15.07 0.45
CA ASN A 1051 18.90 -14.92 -0.41
C ASN A 1051 18.66 -15.74 -1.68
N PRO A 1052 19.37 -15.44 -2.76
CA PRO A 1052 19.13 -16.17 -4.01
C PRO A 1052 19.45 -17.65 -3.94
N GLU A 1053 20.32 -18.07 -3.01
CA GLU A 1053 20.70 -19.48 -2.95
C GLU A 1053 19.53 -20.36 -2.49
N GLU A 1054 18.86 -19.96 -1.42
CA GLU A 1054 17.72 -20.73 -0.92
C GLU A 1054 16.47 -20.55 -1.77
N CYS A 1055 16.35 -19.45 -2.51
CA CYS A 1055 15.16 -19.17 -3.30
C CYS A 1055 15.21 -19.96 -4.61
N ARG A 1056 15.10 -21.28 -4.47
CA ARG A 1056 15.12 -22.19 -5.60
C ARG A 1056 14.18 -23.36 -5.32
N GLY A 1057 13.73 -24.01 -6.40
CA GLY A 1057 12.88 -25.18 -6.26
C GLY A 1057 11.42 -24.81 -6.07
N LEU A 1058 10.70 -25.73 -5.42
CA LEU A 1058 9.28 -25.55 -5.15
C LEU A 1058 9.05 -25.29 -3.66
N PHE A 1059 7.87 -24.75 -3.36
CA PHE A 1059 7.50 -24.48 -1.98
C PHE A 1059 5.99 -24.63 -1.84
N ILE A 1060 5.54 -24.80 -0.61
CA ILE A 1060 4.13 -24.99 -0.31
C ILE A 1060 3.52 -23.64 0.05
N LEU A 1061 2.56 -23.20 -0.75
CA LEU A 1061 1.86 -21.94 -0.53
C LEU A 1061 0.48 -22.23 0.04
N TYR A 1062 0.10 -21.49 1.08
CA TYR A 1062 -1.18 -21.64 1.75
C TYR A 1062 -2.09 -20.49 1.32
N LYS A 1063 -3.18 -20.83 0.64
CA LYS A 1063 -4.09 -19.81 0.12
C LYS A 1063 -4.76 -19.04 1.24
N ASP A 1064 -4.77 -17.71 1.09
CA ASP A 1064 -5.49 -16.76 1.96
C ASP A 1064 -5.29 -17.04 3.45
N GLY A 1065 -4.18 -17.66 3.80
CA GLY A 1065 -3.83 -17.92 5.18
C GLY A 1065 -4.34 -19.24 5.73
N ASP A 1066 -5.21 -19.92 4.99
CA ASP A 1066 -5.73 -21.21 5.45
C ASP A 1066 -4.62 -22.26 5.42
N VAL A 1067 -4.50 -23.01 6.52
CA VAL A 1067 -3.46 -24.01 6.64
C VAL A 1067 -3.98 -25.33 6.11
N ASP A 1068 -5.25 -25.35 5.70
CA ASP A 1068 -5.89 -26.57 5.19
C ASP A 1068 -6.03 -26.54 3.67
N SER A 1069 -5.53 -25.51 3.01
CA SER A 1069 -5.61 -25.39 1.56
C SER A 1069 -4.23 -25.06 0.99
N PRO A 1070 -3.32 -26.02 0.97
CA PRO A 1070 -1.99 -25.77 0.43
C PRO A 1070 -1.93 -26.03 -1.08
N VAL A 1071 -1.08 -25.25 -1.75
CA VAL A 1071 -0.84 -25.40 -3.18
C VAL A 1071 0.65 -25.32 -3.45
N VAL A 1072 1.14 -26.16 -4.36
CA VAL A 1072 2.56 -26.17 -4.70
C VAL A 1072 2.86 -25.05 -5.70
N ARG A 1073 3.84 -24.22 -5.37
CA ARG A 1073 4.25 -23.13 -6.25
C ARG A 1073 5.77 -23.11 -6.34
N GLU A 1074 6.27 -22.49 -7.40
CA GLU A 1074 7.69 -22.33 -7.62
C GLU A 1074 8.15 -20.97 -7.10
N ARG A 1075 9.27 -20.97 -6.37
CA ARG A 1075 9.81 -19.75 -5.79
C ARG A 1075 10.83 -19.15 -6.74
N ILE A 1076 10.67 -17.86 -7.04
CA ILE A 1076 11.50 -17.14 -8.00
C ILE A 1076 12.10 -15.94 -7.31
N TRP A 1077 13.41 -15.75 -7.46
CA TRP A 1077 14.11 -14.58 -6.89
C TRP A 1077 14.04 -13.46 -7.91
N GLN A 1078 13.03 -12.61 -7.75
CA GLN A 1078 12.72 -11.58 -8.74
C GLN A 1078 12.85 -10.18 -8.15
N ASN A 1079 13.21 -9.23 -9.00
CA ASN A 1079 13.37 -7.84 -8.62
C ASN A 1079 12.01 -7.14 -8.56
N SER A 1080 12.02 -5.94 -8.01
CA SER A 1080 10.84 -5.09 -8.00
C SER A 1080 10.60 -4.50 -9.40
N ASP A 1081 9.37 -4.06 -9.63
CA ASP A 1081 9.04 -3.45 -10.92
C ASP A 1081 9.69 -2.08 -11.05
N PHE A 1082 9.73 -1.31 -9.97
CA PHE A 1082 10.35 0.01 -9.95
C PHE A 1082 11.49 -0.04 -8.94
N ASN A 1083 12.71 -0.22 -9.42
CA ASN A 1083 13.88 -0.40 -8.58
C ASN A 1083 14.83 0.77 -8.77
N PHE A 1084 15.93 0.75 -8.01
CA PHE A 1084 16.95 1.78 -8.09
C PHE A 1084 18.28 1.18 -8.50
N ASP A 1085 18.25 0.22 -9.44
CA ASP A 1085 19.46 -0.47 -9.85
C ASP A 1085 20.45 0.49 -10.52
N ASN A 1086 19.97 1.30 -11.46
CA ASN A 1086 20.80 2.27 -12.15
C ASN A 1086 20.13 3.65 -12.10
N VAL A 1087 20.75 4.64 -12.76
CA VAL A 1087 20.28 6.01 -12.70
C VAL A 1087 18.99 6.22 -13.48
N LEU A 1088 18.68 5.35 -14.45
CA LEU A 1088 17.47 5.47 -15.24
C LEU A 1088 16.25 4.85 -14.55
N SER A 1089 16.39 3.66 -13.98
CA SER A 1089 15.32 3.07 -13.21
C SER A 1089 15.00 3.92 -11.98
N ALA A 1090 16.03 4.47 -11.32
CA ALA A 1090 15.81 5.40 -10.23
C ALA A 1090 15.07 6.65 -10.67
N MET A 1091 15.45 7.23 -11.81
CA MET A 1091 14.74 8.40 -12.32
C MET A 1091 13.28 8.11 -12.66
N MET A 1092 13.00 6.96 -13.25
CA MET A 1092 11.62 6.56 -13.54
C MET A 1092 10.80 6.29 -12.29
N ALA A 1093 11.38 5.59 -11.30
CA ALA A 1093 10.69 5.39 -10.04
C ALA A 1093 10.43 6.71 -9.31
N LEU A 1094 11.40 7.63 -9.34
CA LEU A 1094 11.19 8.93 -8.72
C LEU A 1094 10.14 9.74 -9.46
N PHE A 1095 10.06 9.60 -10.78
CA PHE A 1095 8.99 10.24 -11.53
C PHE A 1095 7.63 9.70 -11.10
N THR A 1096 7.52 8.38 -10.95
CA THR A 1096 6.27 7.79 -10.50
C THR A 1096 5.91 8.25 -9.09
N VAL A 1097 6.92 8.39 -8.22
CA VAL A 1097 6.67 8.90 -6.87
C VAL A 1097 6.20 10.34 -6.92
N SER A 1098 6.85 11.17 -7.74
CA SER A 1098 6.47 12.57 -7.86
C SER A 1098 5.09 12.75 -8.48
N THR A 1099 4.61 11.75 -9.23
CA THR A 1099 3.22 11.79 -9.67
C THR A 1099 2.26 11.32 -8.58
N PHE A 1100 2.76 11.03 -7.38
CA PHE A 1100 1.96 10.67 -6.20
C PHE A 1100 1.20 9.38 -6.37
N GLU A 1101 1.60 8.52 -7.32
CA GLU A 1101 0.89 7.29 -7.59
C GLU A 1101 1.77 6.10 -7.22
N GLY A 1102 1.24 5.22 -6.38
CA GLY A 1102 1.98 4.05 -5.95
C GLY A 1102 3.21 4.33 -5.12
N TRP A 1103 3.35 5.55 -4.60
CA TRP A 1103 4.52 5.88 -3.81
C TRP A 1103 4.52 5.24 -2.42
N PRO A 1104 3.37 5.02 -1.75
CA PRO A 1104 3.44 4.30 -0.47
C PRO A 1104 4.02 2.90 -0.60
N ALA A 1105 3.71 2.21 -1.69
CA ALA A 1105 4.27 0.88 -1.90
C ALA A 1105 5.79 0.94 -2.00
N LEU A 1106 6.31 1.89 -2.76
CA LEU A 1106 7.76 2.04 -2.88
C LEU A 1106 8.38 2.47 -1.55
N LEU A 1107 7.68 3.31 -0.79
CA LEU A 1107 8.19 3.75 0.51
C LEU A 1107 8.33 2.58 1.47
N TYR A 1108 7.28 1.75 1.57
CA TYR A 1108 7.34 0.61 2.47
C TYR A 1108 8.21 -0.50 1.92
N LYS A 1109 8.47 -0.53 0.61
CA LYS A 1109 9.46 -1.44 0.05
C LYS A 1109 10.89 -1.01 0.35
N ALA A 1110 11.15 0.31 0.37
CA ALA A 1110 12.46 0.85 0.70
C ALA A 1110 12.75 0.82 2.20
N ILE A 1111 11.72 0.94 3.04
CA ILE A 1111 11.92 0.78 4.48
C ILE A 1111 12.37 -0.63 4.84
N ASP A 1112 11.87 -1.66 4.15
CA ASP A 1112 12.26 -3.04 4.39
C ASP A 1112 13.57 -3.42 3.72
N SER A 1113 14.15 -2.53 2.91
CA SER A 1113 15.39 -2.85 2.19
C SER A 1113 16.51 -3.14 3.16
N ASN A 1114 16.90 -4.42 3.26
CA ASN A 1114 17.89 -4.85 4.25
C ASN A 1114 19.32 -4.67 3.76
N GLY A 1115 19.68 -5.34 2.66
CA GLY A 1115 21.05 -5.41 2.22
C GLY A 1115 21.20 -5.48 0.72
N GLU A 1116 22.43 -5.75 0.29
CA GLU A 1116 22.77 -5.65 -1.14
C GLU A 1116 22.06 -6.72 -1.95
N ASN A 1117 22.12 -7.98 -1.50
CA ASN A 1117 21.53 -9.06 -2.26
C ASN A 1117 20.77 -10.03 -1.36
N ILE A 1118 20.02 -9.50 -0.40
CA ILE A 1118 19.27 -10.31 0.55
C ILE A 1118 17.86 -9.75 0.67
N GLY A 1119 16.97 -10.57 1.24
CA GLY A 1119 15.56 -10.24 1.29
C GLY A 1119 15.24 -9.20 2.33
N PRO A 1120 14.00 -8.72 2.30
CA PRO A 1120 13.60 -7.64 3.20
C PRO A 1120 13.31 -8.13 4.61
N ILE A 1121 13.33 -7.17 5.55
CA ILE A 1121 12.92 -7.39 6.94
C ILE A 1121 11.86 -6.37 7.28
N TYR A 1122 10.80 -6.82 7.95
CA TYR A 1122 9.68 -5.94 8.31
C TYR A 1122 10.16 -4.74 9.11
N ASN A 1123 10.02 -3.55 8.53
CA ASN A 1123 10.34 -2.29 9.18
C ASN A 1123 11.79 -2.27 9.68
N HIS A 1124 12.72 -2.57 8.78
CA HIS A 1124 14.13 -2.54 9.15
C HIS A 1124 14.57 -1.12 9.51
N ARG A 1125 14.47 -0.20 8.54
CA ARG A 1125 14.88 1.19 8.74
C ARG A 1125 13.70 2.10 8.38
N VAL A 1126 12.90 2.44 9.40
CA VAL A 1126 11.81 3.40 9.19
C VAL A 1126 12.37 4.77 8.84
N GLU A 1127 13.51 5.13 9.43
CA GLU A 1127 14.14 6.43 9.26
C GLU A 1127 14.62 6.70 7.84
N ILE A 1128 14.54 5.75 6.91
CA ILE A 1128 14.87 6.01 5.52
C ILE A 1128 13.74 6.73 4.79
N SER A 1129 12.58 6.85 5.43
CA SER A 1129 11.46 7.59 4.88
C SER A 1129 11.73 9.09 4.76
N ILE A 1130 12.77 9.58 5.44
CA ILE A 1130 13.15 10.98 5.32
C ILE A 1130 13.53 11.34 3.89
N PHE A 1131 14.21 10.44 3.18
CA PHE A 1131 14.51 10.66 1.77
C PHE A 1131 13.26 10.92 0.95
N PHE A 1132 12.26 10.05 1.05
CA PHE A 1132 11.02 10.24 0.30
C PHE A 1132 10.26 11.48 0.74
N ILE A 1133 10.22 11.76 2.04
CA ILE A 1133 9.52 12.95 2.52
C ILE A 1133 10.17 14.21 1.98
N ILE A 1134 11.51 14.29 2.03
CA ILE A 1134 12.21 15.46 1.52
C ILE A 1134 12.03 15.59 0.02
N TYR A 1135 12.12 14.47 -0.72
CA TYR A 1135 11.92 14.55 -2.16
C TYR A 1135 10.51 15.03 -2.50
N ILE A 1136 9.49 14.50 -1.82
CA ILE A 1136 8.13 14.92 -2.09
C ILE A 1136 7.89 16.38 -1.76
N ILE A 1137 8.42 16.87 -0.64
CA ILE A 1137 8.25 18.26 -0.25
C ILE A 1137 8.95 19.17 -1.24
N ILE A 1138 10.20 18.84 -1.58
CA ILE A 1138 11.00 19.71 -2.44
C ILE A 1138 10.54 19.72 -3.89
N VAL A 1139 10.25 18.56 -4.49
CA VAL A 1139 9.92 18.52 -5.91
C VAL A 1139 8.42 18.53 -6.11
N ALA A 1140 7.74 17.49 -5.60
CA ALA A 1140 6.32 17.31 -5.90
C ALA A 1140 5.47 18.47 -5.39
N PHE A 1141 5.75 18.96 -4.19
CA PHE A 1141 4.96 20.04 -3.61
C PHE A 1141 5.47 21.42 -4.02
N PHE A 1142 6.79 21.62 -3.95
CA PHE A 1142 7.33 22.96 -4.19
C PHE A 1142 7.58 23.20 -5.68
N MET A 1143 8.34 22.31 -6.32
CA MET A 1143 8.73 22.55 -7.71
C MET A 1143 7.55 22.49 -8.67
N MET A 1144 6.49 21.76 -8.33
CA MET A 1144 5.30 21.72 -9.17
C MET A 1144 4.37 22.90 -8.94
N ASN A 1145 4.29 23.40 -7.70
CA ASN A 1145 3.47 24.58 -7.44
C ASN A 1145 4.15 25.84 -7.94
N ILE A 1146 5.49 25.87 -7.89
CA ILE A 1146 6.21 27.01 -8.44
C ILE A 1146 6.00 27.08 -9.96
N PHE A 1147 5.82 25.92 -10.60
CA PHE A 1147 5.59 25.89 -12.04
C PHE A 1147 4.25 26.54 -12.39
N VAL A 1148 3.19 26.14 -11.69
CA VAL A 1148 1.88 26.73 -11.93
C VAL A 1148 1.88 28.21 -11.58
N GLY A 1149 2.53 28.57 -10.47
CA GLY A 1149 2.61 29.98 -10.10
C GLY A 1149 3.33 30.82 -11.13
N PHE A 1150 4.43 30.29 -11.68
CA PHE A 1150 5.17 31.01 -12.69
C PHE A 1150 4.35 31.17 -13.96
N VAL A 1151 3.59 30.13 -14.33
CA VAL A 1151 2.70 30.24 -15.47
C VAL A 1151 1.65 31.32 -15.24
N ILE A 1152 1.10 31.36 -14.02
CA ILE A 1152 0.07 32.35 -13.69
C ILE A 1152 0.64 33.76 -13.80
N VAL A 1153 1.82 33.97 -13.23
CA VAL A 1153 2.43 35.31 -13.27
C VAL A 1153 2.80 35.71 -14.69
N THR A 1154 3.31 34.78 -15.52
CA THR A 1154 3.61 35.12 -16.89
C THR A 1154 2.37 35.43 -17.72
N PHE A 1155 1.25 34.74 -17.46
CA PHE A 1155 0.02 35.09 -18.14
C PHE A 1155 -0.48 36.46 -17.70
N GLN A 1156 -0.42 36.75 -16.39
CA GLN A 1156 -0.85 38.04 -15.89
C GLN A 1156 -0.01 39.18 -16.45
N GLU A 1157 1.31 39.00 -16.52
CA GLU A 1157 2.17 40.03 -17.09
C GLU A 1157 1.86 40.29 -18.56
N GLN A 1158 1.61 39.23 -19.33
CA GLN A 1158 1.21 39.42 -20.72
C GLN A 1158 -0.14 40.11 -20.81
N GLY A 1159 -1.02 39.89 -19.83
CA GLY A 1159 -2.30 40.55 -19.81
C GLY A 1159 -2.28 41.98 -19.30
N GLU A 1160 -1.12 42.50 -18.93
CA GLU A 1160 -0.99 43.85 -18.39
C GLU A 1160 -0.60 44.87 -19.45
N LYS A 1161 -0.46 44.46 -20.72
CA LYS A 1161 -0.04 45.36 -21.79
C LYS A 1161 -1.14 46.28 -22.27
N GLU A 1162 -2.34 46.21 -21.69
CA GLU A 1162 -3.45 47.08 -22.09
C GLU A 1162 -3.20 48.47 -21.53
N TYR A 1163 -2.45 49.27 -22.30
CA TYR A 1163 -2.07 50.61 -21.89
C TYR A 1163 -3.01 51.67 -22.47
N LYS A 1164 -4.24 51.68 -21.95
CA LYS A 1164 -5.20 52.72 -22.24
C LYS A 1164 -5.30 53.74 -21.11
N ASN A 1165 -4.37 53.71 -20.16
CA ASN A 1165 -4.46 54.52 -18.94
C ASN A 1165 -3.74 55.87 -19.09
N CYS A 1166 -4.12 56.63 -20.12
CA CYS A 1166 -3.61 57.99 -20.23
C CYS A 1166 -4.32 58.92 -19.24
N GLU A 1167 -5.61 58.69 -18.99
CA GLU A 1167 -6.37 59.47 -18.02
C GLU A 1167 -7.20 58.64 -17.06
N LEU A 1168 -7.57 57.41 -17.40
CA LEU A 1168 -8.43 56.58 -16.57
C LEU A 1168 -7.75 55.25 -16.29
N ASP A 1169 -7.98 54.73 -15.09
CA ASP A 1169 -7.36 53.49 -14.64
C ASP A 1169 -8.18 52.29 -15.11
N LYS A 1170 -7.85 51.10 -14.61
CA LYS A 1170 -8.57 49.89 -14.96
C LYS A 1170 -10.03 49.93 -14.52
N ASN A 1171 -10.31 50.44 -13.32
CA ASN A 1171 -11.68 50.48 -12.82
C ASN A 1171 -12.58 51.36 -13.67
N GLN A 1172 -12.07 52.49 -14.17
CA GLN A 1172 -12.84 53.32 -15.08
C GLN A 1172 -12.94 52.71 -16.47
N ARG A 1173 -12.11 51.73 -16.78
CA ARG A 1173 -12.17 50.97 -18.03
C ARG A 1173 -13.02 49.71 -17.86
N GLN A 1174 -13.62 49.55 -16.69
CA GLN A 1174 -14.39 48.36 -16.38
C GLN A 1174 -15.83 48.72 -15.97
N CYS A 1175 -15.99 49.87 -15.32
CA CYS A 1175 -17.31 50.31 -14.87
C CYS A 1175 -18.00 51.27 -15.82
N VAL A 1176 -17.25 52.13 -16.51
CA VAL A 1176 -17.83 53.04 -17.49
C VAL A 1176 -18.24 52.35 -18.78
N GLU A 1177 -17.56 51.26 -19.16
CA GLU A 1177 -17.91 50.53 -20.36
C GLU A 1177 -19.30 49.94 -20.31
N TYR A 1178 -19.79 49.57 -19.12
CA TYR A 1178 -21.15 49.08 -18.99
C TYR A 1178 -22.19 50.13 -19.35
N ALA A 1179 -21.84 51.41 -19.25
CA ALA A 1179 -22.76 52.48 -19.62
C ALA A 1179 -22.99 52.58 -21.12
N LEU A 1180 -21.96 52.37 -21.94
CA LEU A 1180 -22.07 52.50 -23.37
C LEU A 1180 -23.00 51.45 -23.96
N LYS A 1181 -22.80 50.19 -23.57
CA LYS A 1181 -23.64 49.08 -24.04
C LYS A 1181 -24.58 48.67 -22.91
N ALA A 1182 -25.79 49.22 -22.92
CA ALA A 1182 -26.77 48.93 -21.89
C ALA A 1182 -28.17 49.15 -22.46
N ARG A 1183 -29.14 48.43 -21.91
CA ARG A 1183 -30.54 48.54 -22.30
C ARG A 1183 -31.42 48.14 -21.14
N PRO A 1184 -32.45 48.94 -20.81
CA PRO A 1184 -33.32 48.60 -19.70
C PRO A 1184 -34.44 47.64 -20.10
N LEU A 1185 -34.57 46.54 -19.37
CA LEU A 1185 -35.61 45.55 -19.69
C LEU A 1185 -36.78 45.70 -18.74
N ARG A 1186 -37.99 45.60 -19.28
CA ARG A 1186 -39.21 45.90 -18.55
C ARG A 1186 -39.67 44.68 -17.75
N ARG A 1187 -40.89 44.73 -17.21
CA ARG A 1187 -41.41 43.65 -16.39
C ARG A 1187 -42.63 42.98 -17.00
N TYR A 1188 -43.18 43.52 -18.08
CA TYR A 1188 -44.36 42.96 -18.75
C TYR A 1188 -45.57 42.95 -17.83
N ILE A 1189 -46.00 44.13 -17.40
CA ILE A 1189 -47.23 44.26 -16.62
C ILE A 1189 -48.42 43.88 -17.51
N PRO A 1190 -49.26 42.96 -17.08
CA PRO A 1190 -50.46 42.64 -17.86
C PRO A 1190 -51.63 43.55 -17.55
N LYS A 1191 -52.75 43.34 -18.22
CA LYS A 1191 -53.96 44.14 -18.05
C LYS A 1191 -55.11 43.23 -17.64
N ASN A 1192 -56.32 43.78 -17.65
CA ASN A 1192 -57.52 43.06 -17.22
C ASN A 1192 -57.32 42.53 -15.81
N PRO A 1193 -57.42 43.39 -14.79
CA PRO A 1193 -57.07 42.96 -13.41
C PRO A 1193 -57.74 41.69 -12.95
N TYR A 1194 -58.81 41.25 -13.63
CA TYR A 1194 -59.30 39.89 -13.48
C TYR A 1194 -58.19 38.86 -13.58
N GLN A 1195 -57.13 39.16 -14.31
CA GLN A 1195 -55.92 38.34 -14.37
C GLN A 1195 -54.79 38.87 -13.48
N TYR A 1196 -54.71 40.19 -13.26
CA TYR A 1196 -53.67 40.74 -12.40
C TYR A 1196 -53.85 40.31 -10.95
N LYS A 1197 -55.04 39.88 -10.55
CA LYS A 1197 -55.22 39.35 -9.19
C LYS A 1197 -54.30 38.15 -8.95
N PHE A 1198 -54.15 37.28 -9.95
CA PHE A 1198 -53.22 36.16 -9.83
C PHE A 1198 -51.77 36.64 -9.89
N TRP A 1199 -51.49 37.60 -10.77
CA TRP A 1199 -50.15 38.12 -10.94
C TRP A 1199 -49.59 38.68 -9.63
N TYR A 1200 -50.41 39.47 -8.92
CA TYR A 1200 -49.97 40.01 -7.65
C TYR A 1200 -49.68 38.92 -6.65
N VAL A 1201 -50.46 37.83 -6.69
CA VAL A 1201 -50.26 36.74 -5.74
C VAL A 1201 -48.96 36.00 -6.03
N VAL A 1202 -48.64 35.81 -7.32
CA VAL A 1202 -47.53 34.95 -7.71
C VAL A 1202 -46.19 35.50 -7.21
N ASN A 1203 -45.79 36.68 -7.67
CA ASN A 1203 -44.46 37.15 -7.32
C ASN A 1203 -44.48 37.87 -5.97
N SER A 1204 -44.26 37.12 -4.89
CA SER A 1204 -44.25 37.71 -3.56
C SER A 1204 -43.25 36.99 -2.65
N SER A 1205 -42.80 37.69 -1.62
CA SER A 1205 -41.85 37.13 -0.67
C SER A 1205 -42.39 35.83 -0.09
N PRO A 1206 -43.63 35.86 0.42
CA PRO A 1206 -44.26 34.68 1.01
C PRO A 1206 -44.43 33.53 0.03
N PHE A 1207 -44.70 33.85 -1.23
CA PHE A 1207 -44.91 32.81 -2.23
C PHE A 1207 -43.63 32.06 -2.57
N GLU A 1208 -42.61 32.80 -2.99
CA GLU A 1208 -41.33 32.19 -3.37
C GLU A 1208 -40.79 31.31 -2.25
N TYR A 1209 -40.72 31.88 -1.05
CA TYR A 1209 -40.21 31.16 0.12
C TYR A 1209 -40.87 29.80 0.29
N MET A 1210 -42.20 29.79 0.37
CA MET A 1210 -42.95 28.55 0.52
C MET A 1210 -42.69 27.61 -0.65
N MET A 1211 -42.66 28.16 -1.86
CA MET A 1211 -42.42 27.38 -3.07
C MET A 1211 -40.98 26.87 -3.16
N PHE A 1212 -40.05 27.61 -2.54
CA PHE A 1212 -38.65 27.20 -2.53
C PHE A 1212 -38.38 26.27 -1.35
N VAL A 1213 -39.35 26.18 -0.45
CA VAL A 1213 -39.21 25.30 0.72
C VAL A 1213 -39.78 23.94 0.36
N LEU A 1214 -40.69 23.91 -0.60
CA LEU A 1214 -41.30 22.67 -1.06
C LEU A 1214 -40.25 21.85 -1.79
N ILE A 1215 -39.40 22.53 -2.55
CA ILE A 1215 -38.32 21.87 -3.27
C ILE A 1215 -37.41 21.20 -2.25
N MET A 1216 -37.05 21.96 -1.21
CA MET A 1216 -36.21 21.43 -0.15
C MET A 1216 -36.87 20.17 0.43
N LEU A 1217 -38.17 20.23 0.61
CA LEU A 1217 -38.93 19.09 1.13
C LEU A 1217 -38.97 17.95 0.11
N ASN A 1218 -39.17 18.27 -1.17
CA ASN A 1218 -39.15 17.23 -2.20
C ASN A 1218 -37.79 16.59 -2.32
N THR A 1219 -36.72 17.38 -2.20
CA THR A 1219 -35.37 16.81 -2.20
C THR A 1219 -35.17 15.87 -1.02
N LEU A 1220 -35.64 16.28 0.16
CA LEU A 1220 -35.53 15.41 1.34
C LEU A 1220 -36.30 14.12 1.14
N CYS A 1221 -37.49 14.21 0.55
CA CYS A 1221 -38.26 13.02 0.21
C CYS A 1221 -37.52 12.12 -0.78
N LEU A 1222 -36.88 12.70 -1.78
CA LEU A 1222 -36.11 11.94 -2.76
C LEU A 1222 -34.84 11.35 -2.17
N ALA A 1223 -34.36 11.87 -1.05
CA ALA A 1223 -33.09 11.45 -0.45
C ALA A 1223 -33.29 10.51 0.74
N MET A 1224 -34.36 9.72 0.76
CA MET A 1224 -34.56 8.74 1.82
C MET A 1224 -34.77 7.31 1.33
N GLN A 1225 -34.81 7.07 0.02
CA GLN A 1225 -35.00 5.72 -0.49
C GLN A 1225 -33.76 4.86 -0.23
N HIS A 1226 -33.84 3.95 0.74
CA HIS A 1226 -32.73 3.07 1.05
C HIS A 1226 -32.95 1.69 0.46
N TYR A 1227 -32.06 0.76 0.79
CA TYR A 1227 -32.10 -0.58 0.24
C TYR A 1227 -33.03 -1.47 1.06
N GLU A 1228 -33.79 -2.32 0.36
CA GLU A 1228 -34.71 -3.26 0.99
C GLU A 1228 -35.68 -2.57 1.94
N GLN A 1229 -36.23 -1.45 1.48
CA GLN A 1229 -37.17 -0.69 2.29
C GLN A 1229 -38.48 -1.45 2.43
N SER A 1230 -39.19 -1.18 3.53
CA SER A 1230 -40.43 -1.87 3.82
C SER A 1230 -41.49 -1.51 2.79
N LYS A 1231 -42.46 -2.42 2.62
CA LYS A 1231 -43.52 -2.19 1.65
C LYS A 1231 -44.35 -0.97 2.01
N MET A 1232 -44.63 -0.77 3.29
CA MET A 1232 -45.39 0.40 3.72
C MET A 1232 -44.60 1.67 3.46
N PHE A 1233 -43.28 1.63 3.66
CA PHE A 1233 -42.44 2.79 3.39
C PHE A 1233 -42.44 3.11 1.89
N ASN A 1234 -42.33 2.08 1.06
CA ASN A 1234 -42.34 2.28 -0.38
C ASN A 1234 -43.65 2.87 -0.84
N ASP A 1235 -44.77 2.35 -0.32
CA ASP A 1235 -46.08 2.89 -0.69
C ASP A 1235 -46.24 4.32 -0.21
N ALA A 1236 -45.77 4.62 1.01
CA ALA A 1236 -45.87 5.97 1.54
C ALA A 1236 -45.08 6.95 0.67
N MET A 1237 -43.88 6.57 0.27
CA MET A 1237 -43.11 7.44 -0.61
C MET A 1237 -43.75 7.56 -1.99
N ASP A 1238 -44.33 6.48 -2.51
CA ASP A 1238 -44.97 6.53 -3.81
C ASP A 1238 -46.15 7.50 -3.81
N ILE A 1239 -46.95 7.47 -2.74
CA ILE A 1239 -48.08 8.40 -2.64
C ILE A 1239 -47.65 9.79 -2.22
N LEU A 1240 -46.49 9.95 -1.58
CA LEU A 1240 -45.99 11.27 -1.25
C LEU A 1240 -45.41 11.99 -2.45
N ASN A 1241 -44.81 11.24 -3.38
CA ASN A 1241 -44.36 11.82 -4.64
C ASN A 1241 -45.53 12.39 -5.43
N MET A 1242 -46.70 11.74 -5.36
CA MET A 1242 -47.89 12.26 -6.03
C MET A 1242 -48.28 13.63 -5.47
N VAL A 1243 -48.13 13.81 -4.15
CA VAL A 1243 -48.47 15.08 -3.53
C VAL A 1243 -47.60 16.21 -4.09
N PHE A 1244 -46.29 15.98 -4.14
CA PHE A 1244 -45.38 16.99 -4.66
C PHE A 1244 -45.61 17.24 -6.14
N THR A 1245 -45.87 16.19 -6.92
CA THR A 1245 -46.17 16.36 -8.33
C THR A 1245 -47.41 17.22 -8.52
N GLY A 1246 -48.46 16.95 -7.73
CA GLY A 1246 -49.67 17.75 -7.81
C GLY A 1246 -49.44 19.20 -7.41
N VAL A 1247 -48.66 19.43 -6.36
CA VAL A 1247 -48.37 20.80 -5.95
C VAL A 1247 -47.63 21.55 -7.07
N PHE A 1248 -46.64 20.90 -7.67
CA PHE A 1248 -45.88 21.55 -8.74
C PHE A 1248 -46.72 21.78 -9.99
N THR A 1249 -47.59 20.84 -10.37
CA THR A 1249 -48.50 21.10 -11.48
C THR A 1249 -49.48 22.23 -11.17
N VAL A 1250 -49.96 22.30 -9.93
CA VAL A 1250 -50.81 23.42 -9.52
C VAL A 1250 -50.05 24.73 -9.63
N GLU A 1251 -48.78 24.72 -9.22
CA GLU A 1251 -47.97 25.93 -9.31
C GLU A 1251 -47.78 26.36 -10.77
N MET A 1252 -47.54 25.39 -11.65
CA MET A 1252 -47.37 25.71 -13.06
C MET A 1252 -48.66 26.26 -13.67
N VAL A 1253 -49.80 25.62 -13.38
CA VAL A 1253 -51.07 26.09 -13.95
C VAL A 1253 -51.49 27.42 -13.35
N LEU A 1254 -51.02 27.74 -12.14
CA LEU A 1254 -51.23 29.05 -11.54
C LEU A 1254 -50.34 30.13 -12.15
N LYS A 1255 -49.10 29.80 -12.49
CA LYS A 1255 -48.20 30.77 -13.11
C LYS A 1255 -48.55 31.04 -14.57
N VAL A 1256 -49.00 30.01 -15.31
CA VAL A 1256 -49.25 30.22 -16.73
C VAL A 1256 -50.45 31.12 -16.96
N ILE A 1257 -51.46 31.04 -16.10
CA ILE A 1257 -52.68 31.82 -16.29
C ILE A 1257 -52.51 33.17 -15.59
N ALA A 1258 -51.28 33.46 -15.15
CA ALA A 1258 -51.00 34.71 -14.48
C ALA A 1258 -49.85 35.45 -15.16
N PHE A 1259 -49.16 34.79 -16.07
CA PHE A 1259 -48.00 35.40 -16.71
C PHE A 1259 -48.10 35.40 -18.24
N LYS A 1260 -49.31 35.28 -18.80
CA LYS A 1260 -49.54 35.43 -20.24
C LYS A 1260 -48.66 34.52 -21.08
N PRO A 1261 -49.02 33.23 -21.21
CA PRO A 1261 -48.12 32.19 -21.75
C PRO A 1261 -47.19 32.62 -22.88
N LYS A 1262 -47.65 33.51 -23.76
CA LYS A 1262 -46.78 34.06 -24.80
C LYS A 1262 -45.51 34.63 -24.18
N GLY A 1263 -45.63 35.34 -23.06
CA GLY A 1263 -44.50 35.82 -22.32
C GLY A 1263 -43.95 34.87 -21.27
N TYR A 1264 -44.65 33.77 -21.01
CA TYR A 1264 -44.19 32.82 -20.00
C TYR A 1264 -42.97 32.04 -20.45
N PHE A 1265 -42.82 31.83 -21.75
CA PHE A 1265 -41.65 31.13 -22.29
C PHE A 1265 -40.45 32.04 -22.50
N SER A 1266 -40.59 33.34 -22.22
CA SER A 1266 -39.46 34.25 -22.31
C SER A 1266 -38.38 33.88 -21.31
N ASP A 1267 -38.78 33.54 -20.08
CA ASP A 1267 -37.82 33.19 -19.05
C ASP A 1267 -37.24 31.81 -19.31
N ALA A 1268 -35.93 31.68 -19.12
CA ALA A 1268 -35.26 30.41 -19.31
C ALA A 1268 -35.54 29.41 -18.19
N TRP A 1269 -35.89 29.90 -17.00
CA TRP A 1269 -36.11 29.00 -15.87
C TRP A 1269 -37.44 28.27 -16.01
N ASN A 1270 -38.48 28.99 -16.44
CA ASN A 1270 -39.81 28.39 -16.54
C ASN A 1270 -39.87 27.35 -17.65
N THR A 1271 -39.23 27.61 -18.79
CA THR A 1271 -39.23 26.68 -19.91
C THR A 1271 -38.57 25.36 -19.56
N PHE A 1272 -37.47 25.40 -18.81
CA PHE A 1272 -36.79 24.19 -18.38
C PHE A 1272 -37.51 23.50 -17.23
N ASP A 1273 -38.39 24.20 -16.53
CA ASP A 1273 -39.21 23.59 -15.49
C ASP A 1273 -40.39 22.82 -16.06
N SER A 1274 -40.73 23.07 -17.34
CA SER A 1274 -41.84 22.35 -17.97
C SER A 1274 -41.55 20.86 -18.09
N LEU A 1275 -40.31 20.52 -18.42
CA LEU A 1275 -39.96 19.12 -18.67
C LEU A 1275 -40.14 18.27 -17.42
N ILE A 1276 -39.71 18.78 -16.26
CA ILE A 1276 -39.85 18.04 -15.01
C ILE A 1276 -41.32 17.85 -14.66
N VAL A 1277 -42.11 18.92 -14.79
CA VAL A 1277 -43.52 18.84 -14.46
C VAL A 1277 -44.23 17.87 -15.39
N ILE A 1278 -43.95 17.96 -16.70
CA ILE A 1278 -44.50 17.00 -17.64
C ILE A 1278 -43.89 15.61 -17.40
N GLY A 1279 -42.60 15.58 -17.06
CA GLY A 1279 -41.95 14.31 -16.75
C GLY A 1279 -42.50 13.66 -15.50
N SER A 1280 -42.75 14.45 -14.45
CA SER A 1280 -43.26 13.89 -13.20
C SER A 1280 -44.73 13.52 -13.29
N ILE A 1281 -45.48 14.14 -14.21
CA ILE A 1281 -46.90 13.86 -14.33
C ILE A 1281 -47.20 12.62 -15.17
N ILE A 1282 -46.23 12.12 -15.92
CA ILE A 1282 -46.41 10.94 -16.74
C ILE A 1282 -45.85 9.68 -16.08
N ASP A 1283 -44.95 9.82 -15.10
CA ASP A 1283 -44.43 8.65 -14.40
C ASP A 1283 -45.43 8.06 -13.44
N VAL A 1284 -46.34 8.88 -12.89
CA VAL A 1284 -47.31 8.39 -11.94
C VAL A 1284 -48.28 7.40 -12.60
N ALA A 1285 -48.61 7.63 -13.87
CA ALA A 1285 -49.52 6.76 -14.58
C ALA A 1285 -48.92 5.41 -14.94
N LEU A 1286 -47.58 5.29 -14.88
CA LEU A 1286 -46.90 4.03 -15.19
C LEU A 1286 -46.31 3.36 -13.97
N SER A 1287 -46.80 3.72 -12.77
CA SER A 1287 -46.31 3.11 -11.53
C SER A 1287 -46.94 1.76 -11.25
N GLU A 1288 -47.94 1.35 -12.02
CA GLU A 1288 -48.61 0.07 -11.81
C GLU A 1288 -49.12 -0.49 -13.13
N SER A 1314 -36.36 3.16 -19.69
CA SER A 1314 -37.57 3.57 -20.38
C SER A 1314 -38.61 4.11 -19.40
N ILE A 1315 -38.43 3.78 -18.12
CA ILE A 1315 -39.34 4.21 -17.08
C ILE A 1315 -38.66 5.13 -16.06
N THR A 1316 -37.34 5.28 -16.12
CA THR A 1316 -36.61 6.14 -15.20
C THR A 1316 -36.07 7.39 -15.86
N PHE A 1317 -36.26 7.58 -17.17
CA PHE A 1317 -35.75 8.76 -17.84
C PHE A 1317 -36.35 10.04 -17.26
N PHE A 1318 -37.65 10.03 -17.01
CA PHE A 1318 -38.32 11.17 -16.40
C PHE A 1318 -38.28 11.13 -14.88
N ARG A 1319 -38.25 9.93 -14.29
CA ARG A 1319 -38.20 9.81 -12.83
C ARG A 1319 -36.85 10.29 -12.29
N LEU A 1320 -35.79 10.18 -13.08
CA LEU A 1320 -34.46 10.60 -12.66
C LEU A 1320 -34.34 12.11 -12.55
N PHE A 1321 -35.04 12.87 -13.39
CA PHE A 1321 -34.94 14.33 -13.40
C PHE A 1321 -35.89 14.97 -12.38
N ARG A 1322 -36.36 14.21 -11.40
CA ARG A 1322 -37.19 14.77 -10.35
C ARG A 1322 -36.38 15.59 -9.35
N VAL A 1323 -35.06 15.41 -9.31
CA VAL A 1323 -34.20 16.15 -8.41
C VAL A 1323 -33.68 17.44 -9.06
N MET A 1324 -33.82 17.56 -10.38
CA MET A 1324 -33.34 18.73 -11.10
C MET A 1324 -34.06 20.01 -10.71
N ARG A 1325 -35.23 19.92 -10.09
CA ARG A 1325 -35.93 21.10 -9.62
C ARG A 1325 -35.23 21.80 -8.47
N LEU A 1326 -34.23 21.15 -7.86
CA LEU A 1326 -33.52 21.75 -6.73
C LEU A 1326 -32.82 23.04 -7.15
N VAL A 1327 -32.00 22.96 -8.21
CA VAL A 1327 -31.21 24.10 -8.66
C VAL A 1327 -32.07 25.21 -9.25
N LYS A 1328 -33.33 24.91 -9.59
CA LYS A 1328 -34.20 25.94 -10.15
C LYS A 1328 -34.53 27.03 -9.16
N LEU A 1329 -34.36 26.78 -7.86
CA LEU A 1329 -34.58 27.81 -6.85
C LEU A 1329 -33.51 27.86 -5.77
N LEU A 1330 -32.64 26.86 -5.65
CA LEU A 1330 -31.55 26.92 -4.68
C LEU A 1330 -30.26 27.41 -5.33
N SER A 1331 -30.41 28.19 -6.41
CA SER A 1331 -29.27 28.84 -7.03
C SER A 1331 -29.54 30.32 -7.28
N ARG A 1332 -30.41 30.95 -6.49
CA ARG A 1332 -30.79 32.35 -6.66
C ARG A 1332 -29.90 33.30 -5.87
N GLY A 1333 -28.98 32.78 -5.06
CA GLY A 1333 -28.05 33.64 -4.34
C GLY A 1333 -27.00 34.21 -5.26
N GLU A 1334 -26.96 35.54 -5.40
CA GLU A 1334 -26.04 36.18 -6.34
C GLU A 1334 -24.65 36.34 -5.70
N GLY A 1335 -24.19 35.24 -5.10
CA GLY A 1335 -22.82 35.11 -4.66
C GLY A 1335 -22.23 33.83 -5.20
N ILE A 1336 -23.11 32.91 -5.60
CA ILE A 1336 -22.72 31.63 -6.18
C ILE A 1336 -23.15 31.50 -7.63
N ARG A 1337 -24.24 32.15 -8.03
CA ARG A 1337 -24.67 32.15 -9.43
C ARG A 1337 -23.77 32.99 -10.33
N THR A 1338 -23.36 34.17 -9.88
CA THR A 1338 -22.43 34.98 -10.67
C THR A 1338 -21.06 34.31 -10.76
N LEU A 1339 -20.62 33.63 -9.70
CA LEU A 1339 -19.36 32.90 -9.75
C LEU A 1339 -19.38 31.80 -10.79
N LEU A 1340 -20.49 31.06 -10.90
CA LEU A 1340 -20.64 30.12 -12.00
C LEU A 1340 -20.67 30.83 -13.34
N TRP A 1341 -21.54 31.82 -13.49
CA TRP A 1341 -21.77 32.43 -14.80
C TRP A 1341 -20.50 33.03 -15.37
N THR A 1342 -19.68 33.69 -14.55
CA THR A 1342 -18.44 34.28 -15.03
C THR A 1342 -17.44 33.24 -15.49
N PHE A 1343 -17.63 31.96 -15.15
CA PHE A 1343 -16.74 30.90 -15.60
C PHE A 1343 -17.30 30.12 -16.78
N ILE A 1344 -18.60 29.81 -16.77
CA ILE A 1344 -19.20 29.24 -17.98
C ILE A 1344 -19.13 30.19 -19.16
N LYS A 1345 -19.38 31.50 -18.96
CA LYS A 1345 -19.25 32.47 -20.03
C LYS A 1345 -17.80 32.68 -20.47
N SER A 1346 -16.83 32.17 -19.72
CA SER A 1346 -15.42 32.28 -20.09
C SER A 1346 -14.89 31.00 -20.72
N PHE A 1347 -15.47 29.84 -20.39
CA PHE A 1347 -15.13 28.61 -21.08
C PHE A 1347 -15.50 28.62 -22.56
N GLN A 1348 -16.64 29.18 -22.92
CA GLN A 1348 -17.04 29.28 -24.31
C GLN A 1348 -16.35 30.43 -25.04
N ALA A 1349 -15.74 31.36 -24.31
CA ALA A 1349 -14.98 32.42 -24.95
C ALA A 1349 -13.63 31.91 -25.46
N LEU A 1350 -13.18 30.76 -24.95
CA LEU A 1350 -11.93 30.13 -25.37
C LEU A 1350 -12.21 28.66 -25.70
N PRO A 1351 -12.92 28.39 -26.80
CA PRO A 1351 -13.24 27.00 -27.14
C PRO A 1351 -12.15 26.27 -27.91
N TYR A 1352 -11.17 26.99 -28.46
CA TYR A 1352 -10.08 26.36 -29.19
C TYR A 1352 -9.01 25.79 -28.27
N VAL A 1353 -8.98 26.21 -27.01
CA VAL A 1353 -8.01 25.65 -26.06
C VAL A 1353 -8.34 24.20 -25.70
N ALA A 1354 -9.60 23.88 -25.45
CA ALA A 1354 -10.02 22.50 -25.24
C ALA A 1354 -9.88 21.65 -26.47
N LEU A 1355 -9.85 22.25 -27.66
CA LEU A 1355 -9.58 21.50 -28.88
C LEU A 1355 -8.19 20.90 -28.89
N LEU A 1356 -7.21 21.56 -28.28
CA LEU A 1356 -5.89 20.94 -28.13
C LEU A 1356 -5.93 19.70 -27.26
N ILE A 1357 -6.66 19.74 -26.15
CA ILE A 1357 -6.79 18.56 -25.30
C ILE A 1357 -7.50 17.44 -26.05
N ALA A 1358 -8.55 17.78 -26.80
CA ALA A 1358 -9.27 16.79 -27.58
C ALA A 1358 -8.35 16.17 -28.64
N MET A 1359 -7.55 17.00 -29.32
CA MET A 1359 -6.63 16.51 -30.34
C MET A 1359 -5.57 15.59 -29.72
N LEU A 1360 -5.04 15.99 -28.56
CA LEU A 1360 -4.05 15.16 -27.88
C LEU A 1360 -4.63 13.81 -27.50
N PHE A 1361 -5.85 13.82 -26.94
CA PHE A 1361 -6.50 12.57 -26.57
C PHE A 1361 -6.73 11.68 -27.78
N PHE A 1362 -7.21 12.26 -28.88
CA PHE A 1362 -7.46 11.49 -30.09
C PHE A 1362 -6.17 10.89 -30.62
N ILE A 1363 -5.12 11.71 -30.73
CA ILE A 1363 -3.86 11.25 -31.29
C ILE A 1363 -3.26 10.14 -30.44
N TYR A 1364 -3.24 10.30 -29.11
CA TYR A 1364 -2.65 9.29 -28.27
C TYR A 1364 -3.49 8.02 -28.21
N ALA A 1365 -4.82 8.13 -28.22
CA ALA A 1365 -5.66 6.94 -28.23
C ALA A 1365 -5.47 6.14 -29.52
N VAL A 1366 -5.44 6.84 -30.67
CA VAL A 1366 -5.21 6.15 -31.92
C VAL A 1366 -3.86 5.45 -31.96
N ILE A 1367 -2.79 6.15 -31.54
CA ILE A 1367 -1.47 5.54 -31.49
C ILE A 1367 -1.40 4.34 -30.55
N GLY A 1368 -2.02 4.42 -29.38
CA GLY A 1368 -2.04 3.28 -28.48
C GLY A 1368 -2.84 2.13 -29.03
N MET A 1369 -3.81 2.42 -29.91
CA MET A 1369 -4.64 1.36 -30.46
C MET A 1369 -3.86 0.35 -31.29
N GLN A 1370 -2.95 0.79 -32.16
CA GLN A 1370 -2.14 -0.17 -32.91
C GLN A 1370 -1.18 -0.92 -32.00
N MET A 1371 -0.51 -0.20 -31.11
CA MET A 1371 0.57 -0.77 -30.32
C MET A 1371 0.07 -1.75 -29.27
N PHE A 1372 -0.77 -1.27 -28.35
CA PHE A 1372 -1.21 -2.07 -27.21
C PHE A 1372 -2.62 -2.61 -27.38
N GLY A 1373 -3.15 -2.58 -28.59
CA GLY A 1373 -4.48 -3.09 -28.85
C GLY A 1373 -4.57 -4.59 -28.97
N LYS A 1374 -3.45 -5.28 -29.19
CA LYS A 1374 -3.45 -6.73 -29.29
C LYS A 1374 -3.11 -7.43 -27.97
N VAL A 1375 -2.90 -6.68 -26.89
CA VAL A 1375 -2.59 -7.29 -25.60
C VAL A 1375 -3.81 -8.04 -25.10
N ALA A 1376 -3.58 -9.23 -24.53
CA ALA A 1376 -4.67 -10.07 -24.10
C ALA A 1376 -5.43 -9.45 -22.94
N MET A 1377 -6.70 -9.81 -22.83
CA MET A 1377 -7.60 -9.32 -21.79
C MET A 1377 -7.74 -10.40 -20.73
N ARG A 1378 -7.06 -10.23 -19.60
CA ARG A 1378 -7.19 -11.11 -18.47
C ARG A 1378 -8.01 -10.43 -17.38
N ASP A 1379 -8.13 -11.07 -16.22
CA ASP A 1379 -8.94 -10.53 -15.13
C ASP A 1379 -8.11 -9.96 -13.98
N ASN A 1380 -6.93 -10.51 -13.73
CA ASN A 1380 -6.08 -10.04 -12.64
C ASN A 1380 -5.06 -9.00 -13.07
N ASN A 1381 -5.00 -8.67 -14.36
CA ASN A 1381 -4.07 -7.66 -14.84
C ASN A 1381 -4.74 -6.29 -14.90
N GLN A 1382 -3.95 -5.27 -15.23
CA GLN A 1382 -4.50 -3.92 -15.41
C GLN A 1382 -5.10 -3.73 -16.78
N ILE A 1383 -4.88 -4.65 -17.72
CA ILE A 1383 -5.53 -4.64 -19.01
C ILE A 1383 -6.62 -5.70 -18.92
N ASN A 1384 -7.83 -5.27 -18.55
CA ASN A 1384 -8.93 -6.20 -18.31
C ASN A 1384 -10.17 -5.82 -19.11
N ARG A 1385 -11.30 -6.45 -18.79
CA ARG A 1385 -12.53 -6.21 -19.55
C ARG A 1385 -12.98 -4.76 -19.47
N ASN A 1386 -12.59 -4.04 -18.42
CA ASN A 1386 -12.98 -2.64 -18.27
C ASN A 1386 -11.90 -1.67 -18.74
N ASN A 1387 -10.64 -2.09 -18.77
CA ASN A 1387 -9.52 -1.23 -19.12
C ASN A 1387 -8.71 -1.90 -20.22
N ASN A 1388 -8.81 -1.39 -21.44
CA ASN A 1388 -8.10 -1.97 -22.57
C ASN A 1388 -8.04 -0.94 -23.70
N PHE A 1389 -7.22 -1.25 -24.71
CA PHE A 1389 -7.02 -0.40 -25.87
C PHE A 1389 -7.78 -0.91 -27.09
N GLN A 1390 -8.71 -1.85 -26.91
CA GLN A 1390 -9.30 -2.55 -28.04
C GLN A 1390 -10.25 -1.68 -28.85
N THR A 1391 -10.94 -0.73 -28.21
CA THR A 1391 -11.91 0.12 -28.89
C THR A 1391 -11.59 1.58 -28.59
N PHE A 1392 -11.90 2.45 -29.55
CA PHE A 1392 -11.56 3.86 -29.39
C PHE A 1392 -12.20 4.50 -28.17
N PRO A 1393 -13.49 4.31 -27.88
CA PRO A 1393 -14.00 4.80 -26.58
C PRO A 1393 -13.26 4.21 -25.39
N GLN A 1394 -12.89 2.92 -25.45
CA GLN A 1394 -12.12 2.33 -24.37
C GLN A 1394 -10.74 2.96 -24.26
N ALA A 1395 -10.07 3.22 -25.39
CA ALA A 1395 -8.77 3.88 -25.35
C ALA A 1395 -8.88 5.28 -24.77
N VAL A 1396 -9.91 6.03 -25.15
CA VAL A 1396 -10.10 7.38 -24.63
C VAL A 1396 -10.38 7.34 -23.13
N LEU A 1397 -11.18 6.35 -22.69
CA LEU A 1397 -11.45 6.22 -21.26
C LEU A 1397 -10.19 5.86 -20.48
N LEU A 1398 -9.35 4.98 -21.05
CA LEU A 1398 -8.08 4.65 -20.40
C LEU A 1398 -7.18 5.88 -20.32
N LEU A 1399 -7.14 6.68 -21.40
CA LEU A 1399 -6.34 7.89 -21.39
C LEU A 1399 -6.84 8.88 -20.36
N PHE A 1400 -8.16 9.00 -20.21
CA PHE A 1400 -8.73 9.86 -19.18
C PHE A 1400 -8.37 9.34 -17.78
N ARG A 1401 -8.40 8.01 -17.60
CA ARG A 1401 -7.99 7.42 -16.33
C ARG A 1401 -6.54 7.77 -16.01
N CYS A 1402 -5.66 7.68 -17.00
CA CYS A 1402 -4.26 8.06 -16.78
C CYS A 1402 -4.11 9.56 -16.56
N ALA A 1403 -4.94 10.37 -17.23
CA ALA A 1403 -4.89 11.81 -17.04
C ALA A 1403 -5.26 12.20 -15.62
N THR A 1404 -6.29 11.57 -15.06
CA THR A 1404 -6.58 11.75 -13.65
C THR A 1404 -5.55 11.07 -12.76
N GLY A 1405 -4.65 10.26 -13.33
CA GLY A 1405 -3.60 9.63 -12.57
C GLY A 1405 -4.12 8.62 -11.58
N GLU A 1406 -4.68 7.52 -12.07
CA GLU A 1406 -5.22 6.50 -11.16
C GLU A 1406 -4.21 5.40 -10.87
N ALA A 1407 -3.84 4.63 -11.89
CA ALA A 1407 -2.81 3.61 -11.78
C ALA A 1407 -1.97 3.55 -13.04
N TRP A 1408 -1.58 4.72 -13.55
CA TRP A 1408 -0.97 4.77 -14.89
C TRP A 1408 0.32 3.98 -14.96
N GLN A 1409 1.10 3.94 -13.88
CA GLN A 1409 2.34 3.17 -13.89
C GLN A 1409 2.05 1.67 -13.95
N GLU A 1410 0.96 1.22 -13.32
CA GLU A 1410 0.58 -0.18 -13.42
C GLU A 1410 0.21 -0.54 -14.85
N ILE A 1411 -0.50 0.34 -15.55
CA ILE A 1411 -0.84 0.10 -16.95
C ILE A 1411 0.42 0.07 -17.80
N MET A 1412 1.36 0.99 -17.53
CA MET A 1412 2.61 1.00 -18.28
C MET A 1412 3.37 -0.32 -18.08
N LEU A 1413 3.41 -0.82 -16.85
CA LEU A 1413 4.03 -2.12 -16.60
C LEU A 1413 3.28 -3.24 -17.31
N ALA A 1414 1.95 -3.18 -17.33
CA ALA A 1414 1.14 -4.20 -17.98
C ALA A 1414 1.25 -4.17 -19.50
N CYS A 1415 1.72 -3.07 -20.08
CA CYS A 1415 1.89 -2.95 -21.52
C CYS A 1415 3.32 -3.21 -21.97
N LEU A 1416 4.05 -4.04 -21.23
CA LEU A 1416 5.44 -4.35 -21.55
C LEU A 1416 5.53 -5.50 -22.56
N PRO A 1417 6.70 -5.68 -23.22
CA PRO A 1417 6.83 -6.68 -24.28
C PRO A 1417 6.31 -8.08 -23.95
N GLY A 1418 6.75 -8.66 -22.84
CA GLY A 1418 6.42 -10.04 -22.56
C GLY A 1418 4.99 -10.28 -22.12
N LYS A 1419 4.03 -10.05 -23.01
CA LYS A 1419 2.61 -10.19 -22.70
C LYS A 1419 1.93 -11.04 -23.75
N LEU A 1420 0.98 -11.86 -23.29
CA LEU A 1420 0.23 -12.75 -24.18
C LEU A 1420 -0.78 -11.94 -25.00
N CYS A 1421 -1.17 -12.50 -26.14
CA CYS A 1421 -2.09 -11.86 -27.06
C CYS A 1421 -3.40 -12.64 -27.16
N ASP A 1422 -4.50 -11.91 -27.28
CA ASP A 1422 -5.80 -12.55 -27.34
C ASP A 1422 -5.90 -13.44 -28.58
N PRO A 1423 -6.57 -14.60 -28.47
CA PRO A 1423 -6.64 -15.51 -29.60
C PRO A 1423 -7.60 -15.06 -30.70
N GLU A 1424 -7.47 -13.80 -31.12
CA GLU A 1424 -8.27 -13.28 -32.22
C GLU A 1424 -7.46 -12.52 -33.26
N SER A 1425 -6.26 -12.08 -32.89
CA SER A 1425 -5.40 -11.36 -33.80
C SER A 1425 -4.70 -12.35 -34.72
N ASP A 1426 -4.33 -11.90 -35.90
CA ASP A 1426 -3.64 -12.77 -36.86
C ASP A 1426 -2.15 -12.75 -36.58
N TYR A 1427 -1.74 -13.51 -35.58
CA TYR A 1427 -0.34 -13.60 -35.20
C TYR A 1427 0.27 -14.94 -35.62
N ASN A 1428 1.53 -14.90 -36.04
CA ASN A 1428 2.24 -16.10 -36.46
C ASN A 1428 2.19 -17.18 -35.38
N PRO A 1429 1.82 -18.40 -35.78
CA PRO A 1429 1.70 -19.53 -34.84
C PRO A 1429 3.03 -19.87 -34.20
N GLY A 1430 2.99 -20.32 -32.94
CA GLY A 1430 4.19 -20.67 -32.22
C GLY A 1430 4.48 -19.72 -31.08
N GLU A 1431 4.61 -18.44 -31.40
CA GLU A 1431 4.90 -17.43 -30.39
C GLU A 1431 3.70 -16.54 -30.10
N GLU A 1432 3.06 -16.79 -28.97
CA GLU A 1432 1.90 -16.02 -28.51
C GLU A 1432 2.32 -14.83 -27.67
N TYR A 1433 3.33 -14.99 -26.81
CA TYR A 1433 3.77 -13.90 -25.94
C TYR A 1433 4.69 -12.96 -26.69
N THR A 1434 4.16 -12.21 -27.64
CA THR A 1434 4.97 -11.30 -28.45
C THR A 1434 4.46 -9.87 -28.44
N CYS A 1435 3.14 -9.67 -28.40
CA CYS A 1435 2.60 -8.31 -28.42
C CYS A 1435 2.93 -7.58 -27.12
N GLY A 1436 3.07 -6.27 -27.23
CA GLY A 1436 3.63 -5.46 -26.16
C GLY A 1436 4.98 -4.92 -26.60
N SER A 1437 5.24 -3.64 -26.35
CA SER A 1437 6.43 -2.99 -26.85
C SER A 1437 7.11 -2.18 -25.75
N ASN A 1438 8.40 -1.94 -25.94
CA ASN A 1438 9.18 -1.11 -25.03
C ASN A 1438 8.87 0.36 -25.18
N PHE A 1439 8.04 0.74 -26.16
CA PHE A 1439 7.66 2.14 -26.34
C PHE A 1439 6.63 2.58 -25.31
N ALA A 1440 6.15 1.66 -24.47
CA ALA A 1440 5.12 2.00 -23.50
C ALA A 1440 5.62 3.03 -22.49
N ILE A 1441 6.89 2.91 -22.08
CA ILE A 1441 7.42 3.82 -21.07
C ILE A 1441 7.36 5.26 -21.57
N VAL A 1442 7.90 5.50 -22.77
CA VAL A 1442 7.87 6.85 -23.34
C VAL A 1442 6.47 7.28 -23.69
N TYR A 1443 5.62 6.36 -24.19
CA TYR A 1443 4.22 6.70 -24.47
C TYR A 1443 3.54 7.27 -23.24
N PHE A 1444 3.59 6.54 -22.12
CA PHE A 1444 2.86 6.94 -20.94
C PHE A 1444 3.49 8.16 -20.28
N ILE A 1445 4.83 8.24 -20.24
CA ILE A 1445 5.47 9.40 -19.63
C ILE A 1445 5.16 10.66 -20.41
N SER A 1446 5.30 10.60 -21.74
CA SER A 1446 5.00 11.77 -22.57
C SER A 1446 3.54 12.16 -22.48
N PHE A 1447 2.62 11.18 -22.45
CA PHE A 1447 1.22 11.52 -22.31
C PHE A 1447 0.94 12.20 -20.99
N TYR A 1448 1.46 11.66 -19.88
CA TYR A 1448 1.21 12.24 -18.58
C TYR A 1448 1.83 13.64 -18.44
N MET A 1449 2.95 13.90 -19.10
CA MET A 1449 3.52 15.24 -19.07
C MET A 1449 2.73 16.22 -19.93
N LEU A 1450 2.47 15.86 -21.20
CA LEU A 1450 1.79 16.76 -22.12
C LEU A 1450 0.37 17.06 -21.64
N CYS A 1451 -0.35 16.04 -21.19
CA CYS A 1451 -1.74 16.24 -20.76
C CYS A 1451 -1.82 17.15 -19.55
N ALA A 1452 -0.93 16.95 -18.58
CA ALA A 1452 -0.92 17.82 -17.40
C ALA A 1452 -0.57 19.25 -17.78
N PHE A 1453 0.43 19.43 -18.65
CA PHE A 1453 0.78 20.77 -19.09
C PHE A 1453 -0.36 21.45 -19.84
N LEU A 1454 -1.04 20.74 -20.74
CA LEU A 1454 -2.15 21.29 -21.48
C LEU A 1454 -3.37 21.57 -20.60
N ILE A 1455 -3.60 20.75 -19.57
CA ILE A 1455 -4.71 21.01 -18.66
C ILE A 1455 -4.46 22.25 -17.81
N ILE A 1456 -3.26 22.39 -17.24
CA ILE A 1456 -2.98 23.62 -16.50
C ILE A 1456 -2.90 24.83 -17.43
N ASN A 1457 -2.50 24.65 -18.69
CA ASN A 1457 -2.56 25.72 -19.67
C ASN A 1457 -3.98 26.21 -19.91
N LEU A 1458 -4.95 25.31 -20.03
CA LEU A 1458 -6.35 25.70 -20.11
C LEU A 1458 -6.86 26.33 -18.84
N PHE A 1459 -6.47 25.81 -17.68
CA PHE A 1459 -6.91 26.39 -16.41
C PHE A 1459 -6.45 27.84 -16.27
N VAL A 1460 -5.15 28.09 -16.46
CA VAL A 1460 -4.66 29.46 -16.33
C VAL A 1460 -5.20 30.35 -17.44
N ALA A 1461 -5.41 29.80 -18.64
CA ALA A 1461 -6.00 30.60 -19.72
C ALA A 1461 -7.41 31.05 -19.36
N VAL A 1462 -8.19 30.17 -18.74
CA VAL A 1462 -9.54 30.55 -18.31
C VAL A 1462 -9.48 31.55 -17.17
N ILE A 1463 -8.55 31.35 -16.22
CA ILE A 1463 -8.45 32.24 -15.06
C ILE A 1463 -8.04 33.65 -15.51
N MET A 1464 -7.18 33.74 -16.53
CA MET A 1464 -6.79 35.04 -17.07
C MET A 1464 -7.98 35.87 -17.52
N ASP A 1465 -9.01 35.24 -18.06
CA ASP A 1465 -10.18 35.95 -18.59
C ASP A 1465 -11.08 36.48 -17.49
N ASN A 1466 -10.82 36.16 -16.23
CA ASN A 1466 -11.73 36.52 -15.14
C ASN A 1466 -11.03 37.34 -14.04
N PHE A 1467 -9.89 37.95 -14.34
CA PHE A 1467 -9.23 38.78 -13.35
C PHE A 1467 -10.07 40.00 -12.98
N ASP A 1468 -10.97 40.40 -13.88
CA ASP A 1468 -11.89 41.49 -13.57
C ASP A 1468 -12.82 41.12 -12.42
N TYR A 1469 -13.30 39.87 -12.41
CA TYR A 1469 -14.19 39.40 -11.35
C TYR A 1469 -13.42 38.83 -10.16
N LEU A 1470 -12.30 38.16 -10.41
CA LEU A 1470 -11.50 37.56 -9.34
C LEU A 1470 -10.82 38.62 -8.48
N THR A 1471 -10.67 39.84 -8.98
CA THR A 1471 -10.14 40.96 -8.22
C THR A 1471 -11.11 42.14 -8.33
N ARG A 1472 -12.40 41.85 -8.15
CA ARG A 1472 -13.43 42.85 -8.37
C ARG A 1472 -13.34 44.01 -7.37
N ASP A 1473 -13.05 43.69 -6.10
CA ASP A 1473 -13.08 44.66 -5.01
C ASP A 1473 -14.48 45.28 -4.89
N TRP A 1474 -15.43 44.42 -4.50
CA TRP A 1474 -16.83 44.79 -4.36
C TRP A 1474 -17.05 46.06 -3.55
N SER A 1475 -16.11 46.41 -2.66
CA SER A 1475 -16.33 47.53 -1.74
C SER A 1475 -16.47 48.85 -2.48
N ILE A 1476 -15.60 49.10 -3.47
CA ILE A 1476 -15.52 50.43 -4.06
C ILE A 1476 -16.60 50.63 -5.13
N LEU A 1477 -16.73 49.68 -6.06
CA LEU A 1477 -17.64 49.86 -7.19
C LEU A 1477 -17.73 48.54 -7.94
N GLY A 1478 -18.46 48.53 -9.06
CA GLY A 1478 -18.54 47.37 -9.91
C GLY A 1478 -19.82 47.33 -10.72
N PRO A 1479 -19.86 46.46 -11.73
CA PRO A 1479 -21.07 46.30 -12.56
C PRO A 1479 -22.29 45.80 -11.80
N HIS A 1480 -22.12 45.16 -10.64
CA HIS A 1480 -23.26 44.73 -9.84
C HIS A 1480 -24.08 45.93 -9.38
N HIS A 1481 -23.41 47.00 -8.96
CA HIS A 1481 -24.12 48.22 -8.57
C HIS A 1481 -24.89 48.81 -9.73
N LEU A 1482 -24.29 48.77 -10.93
CA LEU A 1482 -24.97 49.29 -12.11
C LEU A 1482 -26.19 48.44 -12.47
N ASP A 1483 -26.08 47.12 -12.31
CA ASP A 1483 -27.23 46.25 -12.52
C ASP A 1483 -28.34 46.55 -11.52
N GLU A 1484 -27.96 46.75 -10.26
CA GLU A 1484 -28.95 47.13 -9.25
C GLU A 1484 -29.62 48.45 -9.61
N PHE A 1485 -28.84 49.42 -10.07
CA PHE A 1485 -29.41 50.70 -10.48
C PHE A 1485 -30.35 50.54 -11.66
N LYS A 1486 -29.99 49.69 -12.63
CA LYS A 1486 -30.87 49.48 -13.77
C LYS A 1486 -32.19 48.86 -13.33
N ARG A 1487 -32.12 47.86 -12.44
CA ARG A 1487 -33.34 47.22 -11.97
C ARG A 1487 -34.20 48.20 -11.16
N ILE A 1488 -33.56 49.04 -10.35
CA ILE A 1488 -34.31 50.02 -9.56
C ILE A 1488 -34.90 51.11 -10.45
N TRP A 1489 -34.15 51.56 -11.46
CA TRP A 1489 -34.62 52.57 -12.39
C TRP A 1489 -35.75 52.04 -13.27
N SER A 1490 -35.83 50.74 -13.46
CA SER A 1490 -36.94 50.12 -14.18
C SER A 1490 -38.14 49.85 -13.28
N GLU A 1491 -38.04 50.13 -11.98
CA GLU A 1491 -39.16 49.90 -11.07
C GLU A 1491 -40.34 50.80 -11.39
N TYR A 1492 -40.07 52.06 -11.71
CA TYR A 1492 -41.13 52.98 -12.15
C TYR A 1492 -41.22 53.07 -13.66
N ASP A 1493 -40.44 52.28 -14.39
CA ASP A 1493 -40.40 52.37 -15.85
C ASP A 1493 -41.13 51.17 -16.46
N PRO A 1494 -42.27 51.39 -17.13
CA PRO A 1494 -43.05 50.22 -17.60
C PRO A 1494 -42.49 49.58 -18.86
N GLU A 1495 -41.79 50.34 -19.70
CA GLU A 1495 -41.28 49.81 -20.97
C GLU A 1495 -39.84 50.24 -21.19
N ALA A 1496 -39.33 50.05 -22.41
CA ALA A 1496 -37.97 50.48 -22.73
C ALA A 1496 -38.00 51.60 -23.76
N LYS A 1497 -38.92 52.55 -23.60
CA LYS A 1497 -39.10 53.64 -24.57
C LYS A 1497 -38.25 54.84 -24.15
N GLY A 1498 -36.96 54.56 -23.91
CA GLY A 1498 -36.00 55.61 -23.60
C GLY A 1498 -36.33 56.44 -22.38
N ARG A 1499 -36.78 57.67 -22.61
CA ARG A 1499 -37.04 58.60 -21.53
C ARG A 1499 -38.13 58.09 -20.60
N ILE A 1500 -38.03 58.46 -19.32
CA ILE A 1500 -39.00 58.05 -18.31
C ILE A 1500 -39.31 59.26 -17.43
N LYS A 1501 -40.35 59.15 -16.60
CA LYS A 1501 -40.80 60.25 -15.77
C LYS A 1501 -39.71 60.65 -14.76
N HIS A 1502 -39.54 61.96 -14.58
CA HIS A 1502 -38.57 62.50 -13.64
C HIS A 1502 -39.19 62.81 -12.28
N LEU A 1503 -40.50 62.65 -12.13
CA LEU A 1503 -41.20 63.05 -10.91
C LEU A 1503 -40.67 62.31 -9.69
N ASP A 1504 -40.44 61.00 -9.83
CA ASP A 1504 -40.09 60.13 -8.70
C ASP A 1504 -38.61 59.74 -8.72
N VAL A 1505 -37.76 60.59 -9.27
CA VAL A 1505 -36.32 60.31 -9.30
C VAL A 1505 -35.74 60.26 -7.89
N VAL A 1506 -36.16 61.16 -7.01
CA VAL A 1506 -35.64 61.18 -5.65
C VAL A 1506 -36.02 59.89 -4.91
N THR A 1507 -37.28 59.49 -5.01
CA THR A 1507 -37.73 58.23 -4.43
C THR A 1507 -37.04 57.02 -5.04
N LEU A 1508 -36.73 57.07 -6.34
CA LEU A 1508 -35.96 55.99 -6.96
C LEU A 1508 -34.55 55.92 -6.38
N LEU A 1509 -33.89 57.06 -6.22
CA LEU A 1509 -32.54 57.11 -5.67
C LEU A 1509 -32.48 56.76 -4.18
N ARG A 1510 -33.58 56.96 -3.45
CA ARG A 1510 -33.59 56.63 -2.03
C ARG A 1510 -33.40 55.14 -1.81
N ARG A 1511 -33.91 54.31 -2.73
CA ARG A 1511 -33.83 52.86 -2.59
C ARG A 1511 -32.43 52.33 -2.91
N ILE A 1512 -31.53 53.16 -3.42
CA ILE A 1512 -30.21 52.72 -3.83
C ILE A 1512 -29.24 52.82 -2.65
N GLN A 1513 -28.27 51.91 -2.62
CA GLN A 1513 -27.29 51.85 -1.55
C GLN A 1513 -26.41 53.09 -1.56
N PRO A 1514 -25.81 53.44 -0.42
CA PRO A 1514 -24.96 54.64 -0.33
C PRO A 1514 -23.83 54.65 -1.34
N PRO A 1515 -23.16 53.52 -1.62
CA PRO A 1515 -22.05 53.58 -2.60
C PRO A 1515 -22.46 54.11 -3.97
N LEU A 1516 -23.66 53.78 -4.44
CA LEU A 1516 -24.12 54.29 -5.73
C LEU A 1516 -25.12 55.44 -5.56
N GLY A 1517 -26.01 55.33 -4.58
CA GLY A 1517 -26.98 56.38 -4.34
C GLY A 1517 -26.43 57.49 -3.47
N PHE A 1518 -27.17 57.89 -2.45
CA PHE A 1518 -26.75 58.92 -1.53
C PHE A 1518 -26.75 58.35 -0.11
N GLY A 1519 -26.41 59.20 0.85
CA GLY A 1519 -26.36 58.77 2.24
C GLY A 1519 -27.73 58.49 2.80
N LYS A 1520 -27.73 57.85 3.98
CA LYS A 1520 -28.98 57.50 4.65
C LYS A 1520 -29.70 58.71 5.23
N LEU A 1521 -29.06 59.88 5.22
CA LEU A 1521 -29.68 61.09 5.74
C LEU A 1521 -30.81 61.56 4.83
N CYS A 1522 -31.47 62.64 5.23
CA CYS A 1522 -32.59 63.15 4.46
C CYS A 1522 -32.11 63.66 3.09
N PRO A 1523 -32.87 63.37 2.03
CA PRO A 1523 -32.48 63.89 0.70
C PRO A 1523 -32.65 65.39 0.55
N HIS A 1524 -33.28 66.06 1.52
CA HIS A 1524 -33.55 67.48 1.40
C HIS A 1524 -32.28 68.32 1.41
N ARG A 1525 -31.18 67.79 1.93
CA ARG A 1525 -29.92 68.53 2.02
C ARG A 1525 -28.89 68.05 1.01
N VAL A 1526 -28.78 66.75 0.80
CA VAL A 1526 -27.77 66.19 -0.09
C VAL A 1526 -28.34 65.96 -1.47
N ALA A 1527 -29.35 65.09 -1.56
CA ALA A 1527 -29.86 64.69 -2.87
C ALA A 1527 -30.54 65.83 -3.60
N CYS A 1528 -31.31 66.65 -2.89
CA CYS A 1528 -32.06 67.72 -3.55
C CYS A 1528 -31.13 68.71 -4.24
N LYS A 1529 -30.05 69.11 -3.56
CA LYS A 1529 -29.09 70.03 -4.18
C LYS A 1529 -28.22 69.31 -5.21
N ARG A 1530 -27.83 68.07 -4.93
CA ARG A 1530 -26.92 67.37 -5.82
C ARG A 1530 -27.57 67.04 -7.16
N LEU A 1531 -28.88 66.77 -7.16
CA LEU A 1531 -29.57 66.47 -8.42
C LEU A 1531 -29.39 67.60 -9.42
N VAL A 1532 -29.40 68.84 -8.96
CA VAL A 1532 -29.15 69.99 -9.83
C VAL A 1532 -27.67 70.33 -9.92
N ALA A 1533 -26.85 69.83 -8.99
CA ALA A 1533 -25.44 70.23 -8.93
C ALA A 1533 -24.69 69.93 -10.22
N MET A 1534 -24.76 68.69 -10.70
CA MET A 1534 -23.99 68.32 -11.88
C MET A 1534 -24.74 68.72 -13.14
N ASN A 1535 -24.24 68.24 -14.29
CA ASN A 1535 -24.85 68.55 -15.58
C ASN A 1535 -25.87 67.48 -15.96
N MET A 1536 -26.97 67.93 -16.54
CA MET A 1536 -28.03 67.06 -17.03
C MET A 1536 -28.37 67.43 -18.47
N PRO A 1537 -28.91 66.48 -19.24
CA PRO A 1537 -29.50 66.83 -20.54
C PRO A 1537 -30.83 67.54 -20.34
N LEU A 1538 -30.92 68.78 -20.81
CA LEU A 1538 -32.11 69.60 -20.61
C LEU A 1538 -33.16 69.21 -21.64
N ASN A 1539 -33.84 68.09 -21.38
CA ASN A 1539 -34.95 67.65 -22.21
C ASN A 1539 -36.24 68.21 -21.60
N SER A 1540 -37.39 67.72 -22.03
CA SER A 1540 -38.66 68.19 -21.51
C SER A 1540 -38.79 67.88 -20.01
N ASP A 1541 -39.86 68.40 -19.42
CA ASP A 1541 -40.03 68.34 -17.97
C ASP A 1541 -40.09 66.92 -17.43
N GLY A 1542 -40.78 66.01 -18.12
CA GLY A 1542 -40.93 64.66 -17.62
C GLY A 1542 -40.35 63.61 -18.55
N THR A 1543 -39.30 63.97 -19.29
CA THR A 1543 -38.64 63.06 -20.22
C THR A 1543 -37.15 63.05 -19.88
N VAL A 1544 -36.71 62.07 -19.10
CA VAL A 1544 -35.30 61.89 -18.79
C VAL A 1544 -34.94 60.43 -19.07
N MET A 1545 -33.88 60.23 -19.84
CA MET A 1545 -33.58 58.90 -20.37
C MET A 1545 -32.49 58.22 -19.54
N PHE A 1546 -32.49 56.88 -19.59
CA PHE A 1546 -31.70 56.09 -18.65
C PHE A 1546 -30.19 56.25 -18.86
N ASN A 1547 -29.74 56.25 -20.12
CA ASN A 1547 -28.31 56.23 -20.40
C ASN A 1547 -27.63 57.54 -20.08
N ALA A 1548 -28.38 58.59 -19.78
CA ALA A 1548 -27.80 59.85 -19.33
C ALA A 1548 -27.78 59.98 -17.81
N THR A 1549 -28.67 59.27 -17.11
CA THR A 1549 -28.68 59.26 -15.66
C THR A 1549 -27.68 58.26 -15.09
N LEU A 1550 -27.65 57.03 -15.64
CA LEU A 1550 -26.66 56.06 -15.17
C LEU A 1550 -25.25 56.54 -15.46
N PHE A 1551 -25.04 57.11 -16.66
CA PHE A 1551 -23.72 57.65 -16.99
C PHE A 1551 -23.36 58.82 -16.09
N ALA A 1552 -24.34 59.67 -15.76
CA ALA A 1552 -24.09 60.78 -14.86
C ALA A 1552 -23.66 60.28 -13.48
N LEU A 1553 -24.34 59.25 -12.96
CA LEU A 1553 -23.96 58.70 -11.67
C LEU A 1553 -22.58 58.05 -11.73
N VAL A 1554 -22.27 57.36 -12.83
CA VAL A 1554 -20.95 56.76 -12.99
C VAL A 1554 -19.87 57.83 -12.96
N ARG A 1555 -20.09 58.93 -13.69
CA ARG A 1555 -19.11 60.00 -13.73
C ARG A 1555 -19.03 60.75 -12.40
N THR A 1556 -20.13 60.77 -11.64
CA THR A 1556 -20.10 61.40 -10.32
C THR A 1556 -19.37 60.53 -9.30
N ALA A 1557 -19.40 59.20 -9.50
CA ALA A 1557 -18.78 58.29 -8.53
C ALA A 1557 -17.28 58.55 -8.41
N LEU A 1558 -16.57 58.60 -9.54
CA LEU A 1558 -15.14 58.83 -9.55
C LEU A 1558 -14.77 59.81 -10.64
N LYS A 1559 -13.56 60.35 -10.53
CA LYS A 1559 -12.99 61.37 -11.43
C LYS A 1559 -14.05 62.42 -11.82
N ILE A 1560 -14.68 62.98 -10.80
CA ILE A 1560 -15.63 64.07 -11.01
C ILE A 1560 -14.89 65.31 -11.50
N LYS A 1561 -15.47 66.01 -12.48
CA LYS A 1561 -14.86 67.18 -13.07
C LYS A 1561 -15.81 68.36 -12.96
N THR A 1562 -15.23 69.55 -12.85
CA THR A 1562 -16.00 70.77 -12.66
C THR A 1562 -16.64 71.22 -13.98
N GLU A 1563 -17.38 72.32 -13.92
CA GLU A 1563 -18.05 72.85 -15.10
C GLU A 1563 -17.03 73.46 -16.07
N GLY A 1564 -17.45 73.60 -17.32
CA GLY A 1564 -16.63 74.15 -18.38
C GLY A 1564 -15.87 73.14 -19.19
N ASN A 1565 -15.29 72.13 -18.52
CA ASN A 1565 -14.55 71.07 -19.18
C ASN A 1565 -15.37 69.79 -19.35
N LEU A 1566 -16.68 69.94 -19.54
CA LEU A 1566 -17.52 68.77 -19.78
C LEU A 1566 -17.18 68.11 -21.12
N GLU A 1567 -16.81 68.91 -22.11
CA GLU A 1567 -16.39 68.36 -23.40
C GLU A 1567 -15.10 67.56 -23.29
N GLN A 1568 -14.29 67.81 -22.26
CA GLN A 1568 -13.09 67.01 -22.05
C GLN A 1568 -13.43 65.55 -21.80
N ALA A 1569 -14.56 65.29 -21.12
CA ALA A 1569 -14.99 63.91 -20.90
C ALA A 1569 -15.27 63.21 -22.23
N ASN A 1570 -16.02 63.87 -23.12
CA ASN A 1570 -16.31 63.27 -24.42
C ASN A 1570 -15.06 63.14 -25.27
N GLU A 1571 -14.12 64.08 -25.15
CA GLU A 1571 -12.84 63.94 -25.82
C GLU A 1571 -12.09 62.70 -25.33
N GLU A 1572 -12.10 62.47 -24.03
CA GLU A 1572 -11.46 61.27 -23.48
C GLU A 1572 -12.14 60.00 -23.96
N LEU A 1573 -13.48 60.01 -24.02
CA LEU A 1573 -14.20 58.85 -24.54
C LEU A 1573 -13.87 58.59 -26.00
N ARG A 1574 -13.78 59.63 -26.81
CA ARG A 1574 -13.45 59.45 -28.22
C ARG A 1574 -11.97 59.22 -28.45
N ALA A 1575 -11.12 59.39 -27.43
CA ALA A 1575 -9.70 59.12 -27.55
C ALA A 1575 -9.25 57.84 -26.85
N VAL A 1576 -10.01 57.36 -25.86
CA VAL A 1576 -9.66 56.16 -25.10
C VAL A 1576 -10.77 55.11 -25.17
N ILE A 1577 -12.00 55.51 -24.84
CA ILE A 1577 -13.10 54.56 -24.83
C ILE A 1577 -13.40 54.10 -26.26
N LYS A 1578 -14.07 52.94 -26.35
CA LYS A 1578 -14.29 52.27 -27.62
C LYS A 1578 -15.28 53.06 -28.49
N LYS A 1579 -15.63 52.47 -29.63
CA LYS A 1579 -16.48 53.13 -30.61
C LYS A 1579 -17.78 53.59 -29.98
N ILE A 1580 -18.10 54.87 -30.17
CA ILE A 1580 -19.30 55.45 -29.58
C ILE A 1580 -20.57 55.06 -30.34
N TRP A 1581 -20.44 54.69 -31.62
CA TRP A 1581 -21.58 54.35 -32.47
C TRP A 1581 -22.60 55.48 -32.54
N LYS A 1582 -22.11 56.72 -32.46
CA LYS A 1582 -22.94 57.93 -32.51
C LYS A 1582 -23.97 57.99 -31.39
N LYS A 1583 -23.78 57.20 -30.33
CA LYS A 1583 -24.70 57.17 -29.21
C LYS A 1583 -24.34 58.16 -28.11
N THR A 1584 -23.18 58.80 -28.18
CA THR A 1584 -22.74 59.74 -27.17
C THR A 1584 -23.05 61.19 -27.55
N SER A 1585 -23.71 61.42 -28.69
CA SER A 1585 -24.07 62.77 -29.08
C SER A 1585 -25.03 63.40 -28.07
N MET A 1586 -26.02 62.63 -27.61
CA MET A 1586 -26.94 63.13 -26.60
C MET A 1586 -26.30 63.12 -25.22
N LYS A 1587 -25.45 62.13 -24.93
CA LYS A 1587 -24.77 62.06 -23.63
C LYS A 1587 -23.73 63.16 -23.46
N LEU A 1588 -23.31 63.80 -24.55
CA LEU A 1588 -22.34 64.89 -24.44
C LEU A 1588 -22.89 66.04 -23.63
N LEU A 1589 -24.15 66.38 -23.83
CA LEU A 1589 -24.78 67.47 -23.09
C LEU A 1589 -25.37 66.98 -21.78
N PHE B 27 -57.26 -62.48 31.37
CA PHE B 27 -55.88 -62.96 31.46
C PHE B 27 -55.82 -64.39 31.96
N PRO B 28 -55.21 -65.27 31.16
CA PRO B 28 -55.05 -66.67 31.59
C PRO B 28 -54.12 -66.77 32.79
N SER B 29 -54.33 -67.83 33.57
CA SER B 29 -53.56 -68.06 34.77
C SER B 29 -52.14 -68.50 34.41
N ALA B 30 -51.28 -68.61 35.43
CA ALA B 30 -49.89 -68.96 35.20
C ALA B 30 -49.74 -70.41 34.74
N VAL B 31 -50.55 -71.31 35.30
CA VAL B 31 -50.46 -72.72 34.92
C VAL B 31 -50.81 -72.92 33.46
N THR B 32 -51.87 -72.23 32.98
CA THR B 32 -52.29 -72.39 31.60
C THR B 32 -51.22 -71.89 30.62
N ILE B 33 -50.58 -70.78 30.95
CA ILE B 33 -49.55 -70.23 30.06
C ILE B 33 -48.35 -71.16 29.99
N LYS B 34 -47.91 -71.68 31.14
CA LYS B 34 -46.75 -72.56 31.16
C LYS B 34 -47.00 -73.83 30.37
N SER B 35 -48.19 -74.42 30.53
CA SER B 35 -48.54 -75.59 29.72
C SER B 35 -48.66 -75.21 28.25
N TRP B 36 -49.11 -73.98 27.96
CA TRP B 36 -49.14 -73.50 26.59
C TRP B 36 -47.74 -73.42 26.01
N VAL B 37 -46.76 -72.97 26.81
CA VAL B 37 -45.38 -72.91 26.35
C VAL B 37 -44.78 -74.29 26.13
N ASP B 38 -44.97 -75.23 27.06
CA ASP B 38 -44.37 -76.55 26.95
C ASP B 38 -44.83 -77.31 25.71
N LYS B 39 -46.03 -77.05 25.22
CA LYS B 39 -46.50 -77.64 23.97
C LYS B 39 -45.76 -77.10 22.76
N MET B 40 -45.48 -75.80 22.73
CA MET B 40 -44.72 -75.18 21.65
C MET B 40 -43.21 -75.25 21.87
N GLN B 41 -42.74 -75.23 23.12
CA GLN B 41 -41.32 -75.36 23.39
C GLN B 41 -40.76 -76.68 22.91
N GLU B 42 -41.48 -77.78 23.13
CA GLU B 42 -41.06 -79.09 22.65
C GLU B 42 -41.32 -79.28 21.16
N ASP B 43 -42.16 -78.43 20.55
CA ASP B 43 -42.37 -78.48 19.12
C ASP B 43 -41.19 -77.94 18.33
N LEU B 44 -40.30 -77.19 18.98
CA LEU B 44 -39.11 -76.64 18.34
C LEU B 44 -37.85 -77.44 18.65
N VAL B 45 -37.66 -77.84 19.90
CA VAL B 45 -36.48 -78.63 20.26
C VAL B 45 -36.49 -79.96 19.53
N THR B 46 -37.65 -80.63 19.48
CA THR B 46 -37.73 -81.92 18.81
C THR B 46 -37.46 -81.79 17.31
N LEU B 47 -38.03 -80.77 16.67
CA LEU B 47 -37.79 -80.58 15.24
C LEU B 47 -36.33 -80.25 14.97
N ALA B 48 -35.71 -79.41 15.81
CA ALA B 48 -34.30 -79.08 15.63
C ALA B 48 -33.38 -80.23 16.00
N LYS B 49 -33.80 -81.11 16.91
CA LYS B 49 -32.99 -82.25 17.30
C LYS B 49 -32.95 -83.36 16.25
N THR B 50 -34.00 -83.48 15.44
CA THR B 50 -34.12 -84.57 14.46
C THR B 50 -33.79 -84.13 13.05
N ALA B 51 -34.34 -82.99 12.60
CA ALA B 51 -34.10 -82.54 11.23
C ALA B 51 -32.62 -82.22 11.03
N SER B 52 -32.03 -81.47 11.96
CA SER B 52 -30.61 -81.13 11.84
C SER B 52 -29.74 -82.37 12.01
N GLY B 53 -30.10 -83.26 12.94
CA GLY B 53 -29.33 -84.46 13.18
C GLY B 53 -28.13 -84.23 14.07
N VAL B 54 -28.36 -83.54 15.20
CA VAL B 54 -27.26 -83.25 16.11
C VAL B 54 -26.75 -84.53 16.78
N ASN B 55 -27.66 -85.44 17.09
CA ASN B 55 -27.25 -86.69 17.76
C ASN B 55 -26.53 -87.62 16.80
N GLN B 56 -26.92 -87.63 15.52
CA GLN B 56 -26.28 -88.51 14.55
C GLN B 56 -24.83 -88.11 14.30
N LEU B 57 -24.56 -86.79 14.24
CA LEU B 57 -23.18 -86.35 14.06
C LEU B 57 -22.32 -86.75 15.25
N VAL B 58 -22.92 -86.85 16.44
CA VAL B 58 -22.20 -87.41 17.59
C VAL B 58 -21.80 -88.84 17.30
N ASP B 59 -22.72 -89.64 16.76
CA ASP B 59 -22.43 -91.03 16.44
C ASP B 59 -21.34 -91.14 15.37
N ILE B 60 -21.41 -90.30 14.33
CA ILE B 60 -20.40 -90.36 13.27
C ILE B 60 -19.03 -90.01 13.81
N TYR B 61 -18.93 -88.98 14.66
CA TYR B 61 -17.65 -88.59 15.24
C TYR B 61 -17.15 -89.57 16.29
N GLU B 62 -18.01 -90.49 16.75
CA GLU B 62 -17.63 -91.47 17.76
C GLU B 62 -17.50 -92.88 17.23
N LYS B 63 -17.99 -93.16 16.01
CA LYS B 63 -18.00 -94.51 15.48
C LYS B 63 -16.69 -94.91 14.82
N TYR B 64 -15.73 -93.99 14.72
CA TYR B 64 -14.45 -94.35 14.11
C TYR B 64 -13.33 -94.35 15.13
N GLN B 65 -13.09 -93.20 15.76
CA GLN B 65 -12.03 -93.03 16.76
C GLN B 65 -10.70 -93.58 16.29
N ASP B 66 -10.53 -93.69 14.97
CA ASP B 66 -9.32 -94.27 14.40
C ASP B 66 -8.78 -93.43 13.25
N LEU B 67 -9.64 -92.59 12.66
CA LEU B 67 -9.23 -91.73 11.57
C LEU B 67 -8.57 -90.45 12.03
N TYR B 68 -8.53 -90.20 13.34
CA TYR B 68 -7.91 -89.01 13.90
C TYR B 68 -7.33 -89.37 15.26
N THR B 69 -6.89 -88.36 15.99
CA THR B 69 -6.38 -88.56 17.35
C THR B 69 -6.64 -87.30 18.15
N VAL B 70 -6.93 -87.45 19.44
CA VAL B 70 -7.16 -86.31 20.32
C VAL B 70 -5.83 -85.84 20.88
N GLU B 71 -5.41 -84.65 20.47
CA GLU B 71 -4.10 -84.17 20.94
C GLU B 71 -4.28 -83.09 22.01
N PRO B 72 -3.41 -83.07 23.01
CA PRO B 72 -3.50 -82.03 24.03
C PRO B 72 -3.22 -80.65 23.46
N ASN B 73 -3.85 -79.65 24.05
CA ASN B 73 -3.69 -78.26 23.67
C ASN B 73 -3.23 -77.50 24.91
N ASN B 74 -1.93 -77.48 25.13
CA ASN B 74 -1.36 -76.88 26.34
C ASN B 74 -1.22 -75.38 26.14
N ALA B 75 -1.90 -74.60 26.99
CA ALA B 75 -1.81 -73.15 26.90
C ALA B 75 -0.43 -72.63 27.28
N ARG B 76 0.19 -73.20 28.31
CA ARG B 76 1.50 -72.74 28.76
C ARG B 76 2.60 -72.97 27.74
N GLN B 77 2.57 -74.08 27.01
CA GLN B 77 3.58 -74.35 25.99
C GLN B 77 3.41 -73.45 24.77
N LEU B 78 2.18 -73.29 24.29
CA LEU B 78 1.94 -72.46 23.11
C LEU B 78 2.33 -71.01 23.38
N VAL B 79 2.04 -70.52 24.58
CA VAL B 79 2.40 -69.15 24.93
C VAL B 79 3.92 -68.97 24.90
N GLU B 80 4.66 -69.93 25.47
CA GLU B 80 6.11 -69.83 25.50
C GLU B 80 6.76 -70.15 24.16
N ILE B 81 6.07 -70.88 23.28
CA ILE B 81 6.60 -71.13 21.95
C ILE B 81 6.37 -69.96 21.00
N ALA B 82 5.17 -69.38 20.98
CA ALA B 82 4.89 -68.23 20.14
C ALA B 82 5.61 -66.97 20.58
N ALA B 83 5.87 -66.81 21.89
CA ALA B 83 6.62 -65.66 22.36
C ALA B 83 8.10 -65.76 22.04
N ARG B 84 8.61 -66.96 21.80
CA ARG B 84 10.00 -67.14 21.39
C ARG B 84 10.20 -66.93 19.90
N ASP B 85 9.19 -67.24 19.09
CA ASP B 85 9.27 -66.94 17.66
C ASP B 85 9.14 -65.46 17.38
N ILE B 86 8.28 -64.76 18.12
CA ILE B 86 8.17 -63.31 17.98
C ILE B 86 9.46 -62.60 18.40
N GLU B 87 10.09 -63.03 19.50
CA GLU B 87 11.38 -62.49 19.90
C GLU B 87 12.47 -62.72 18.87
N LYS B 88 12.51 -63.91 18.27
CA LYS B 88 13.46 -64.18 17.20
C LYS B 88 13.22 -63.30 15.98
N LEU B 89 11.96 -63.07 15.63
CA LEU B 89 11.64 -62.20 14.49
C LEU B 89 12.12 -60.79 14.73
N LEU B 90 11.92 -60.26 15.95
CA LEU B 90 12.39 -58.92 16.28
C LEU B 90 13.90 -58.87 16.48
N SER B 91 14.56 -60.01 16.68
CA SER B 91 16.01 -60.05 16.74
C SER B 91 16.66 -60.07 15.37
N ASN B 92 15.99 -60.63 14.37
CA ASN B 92 16.48 -60.52 12.99
C ASN B 92 16.51 -59.07 12.54
N ARG B 93 15.46 -58.32 12.85
CA ARG B 93 15.39 -56.91 12.50
C ARG B 93 16.35 -56.06 13.32
N SER B 94 16.56 -56.41 14.59
CA SER B 94 17.54 -55.69 15.40
C SER B 94 18.95 -55.86 14.84
N LYS B 95 19.29 -57.07 14.38
CA LYS B 95 20.58 -57.28 13.74
C LYS B 95 20.69 -56.53 12.42
N ALA B 96 19.57 -56.35 11.72
CA ALA B 96 19.59 -55.58 10.48
C ALA B 96 19.79 -54.10 10.75
N LEU B 97 19.26 -53.59 11.85
CA LEU B 97 19.44 -52.18 12.17
C LEU B 97 20.86 -51.88 12.63
N VAL B 98 21.43 -52.77 13.45
CA VAL B 98 22.82 -52.58 13.89
C VAL B 98 23.77 -52.64 12.70
N ARG B 99 23.53 -53.57 11.79
CA ARG B 99 24.39 -53.70 10.61
C ARG B 99 24.30 -52.48 9.70
N LEU B 100 23.16 -51.79 9.69
CA LEU B 100 22.99 -50.58 8.89
C LEU B 100 23.53 -49.34 9.59
N ALA B 101 23.26 -49.20 10.89
CA ALA B 101 23.70 -48.01 11.61
C ALA B 101 25.22 -47.91 11.68
N LEU B 102 25.90 -49.02 11.90
CA LEU B 102 27.37 -49.00 11.97
C LEU B 102 27.98 -48.60 10.64
N GLU B 103 27.44 -49.13 9.54
CA GLU B 103 27.99 -48.83 8.22
C GLU B 103 27.77 -47.36 7.84
N ALA B 104 26.60 -46.82 8.17
CA ALA B 104 26.31 -45.43 7.86
C ALA B 104 27.25 -44.48 8.58
N GLU B 105 27.55 -44.77 9.84
CA GLU B 105 28.51 -43.96 10.58
C GLU B 105 29.90 -44.04 9.96
N LYS B 106 30.30 -45.23 9.55
CA LYS B 106 31.64 -45.42 8.98
C LYS B 106 31.77 -44.71 7.63
N VAL B 107 30.76 -44.85 6.78
CA VAL B 107 30.83 -44.23 5.45
C VAL B 107 30.85 -42.72 5.54
N GLN B 108 29.98 -42.15 6.39
CA GLN B 108 29.89 -40.70 6.49
C GLN B 108 31.16 -40.10 7.08
N ALA B 109 31.83 -40.81 7.99
CA ALA B 109 33.08 -40.31 8.55
C ALA B 109 34.18 -40.19 7.50
N ALA B 110 34.04 -40.87 6.36
CA ALA B 110 35.01 -40.80 5.27
C ALA B 110 34.53 -39.90 4.14
N HIS B 111 33.83 -38.82 4.46
CA HIS B 111 33.32 -37.89 3.47
C HIS B 111 34.17 -36.63 3.46
N GLN B 112 34.27 -36.00 2.28
CA GLN B 112 35.14 -34.85 2.10
C GLN B 112 34.39 -33.53 1.97
N TRP B 113 33.07 -33.56 1.84
CA TRP B 113 32.24 -32.36 1.69
C TRP B 113 32.66 -31.53 0.47
N ARG B 114 32.50 -32.17 -0.69
CA ARG B 114 32.75 -31.49 -1.95
C ARG B 114 31.63 -30.50 -2.25
N GLU B 115 32.00 -29.34 -2.79
CA GLU B 115 31.05 -28.24 -2.99
C GLU B 115 30.82 -27.94 -4.46
N ASP B 116 31.04 -28.92 -5.34
CA ASP B 116 30.71 -28.76 -6.75
C ASP B 116 30.42 -30.12 -7.35
N PHE B 117 29.27 -30.25 -8.02
CA PHE B 117 28.82 -31.52 -8.58
C PHE B 117 28.46 -31.40 -10.05
N ALA B 118 28.91 -30.33 -10.72
CA ALA B 118 28.63 -30.18 -12.14
C ALA B 118 29.28 -31.28 -12.96
N SER B 119 30.52 -31.64 -12.62
CA SER B 119 31.24 -32.70 -13.30
C SER B 119 31.02 -34.07 -12.67
N ASN B 120 31.26 -34.20 -11.36
CA ASN B 120 31.05 -35.45 -10.65
C ASN B 120 29.60 -35.52 -10.16
N GLU B 121 28.70 -35.63 -11.14
CA GLU B 121 27.27 -35.69 -10.84
C GLU B 121 26.93 -36.96 -10.07
N VAL B 122 26.01 -36.82 -9.12
CA VAL B 122 25.54 -37.96 -8.32
C VAL B 122 24.36 -38.61 -9.03
N VAL B 123 24.38 -39.93 -9.11
CA VAL B 123 23.34 -40.70 -9.78
C VAL B 123 22.47 -41.36 -8.72
N TYR B 124 21.15 -41.20 -8.85
CA TYR B 124 20.21 -41.73 -7.88
C TYR B 124 18.83 -41.76 -8.51
N TYR B 125 17.93 -42.52 -7.89
CA TYR B 125 16.54 -42.60 -8.33
C TYR B 125 15.70 -41.73 -7.38
N ASN B 126 15.10 -40.69 -7.93
CA ASN B 126 14.24 -39.79 -7.17
C ASN B 126 12.81 -40.32 -7.24
N ALA B 127 12.20 -40.50 -6.08
CA ALA B 127 10.80 -40.93 -6.04
C ALA B 127 9.90 -39.81 -6.56
N LYS B 128 8.62 -40.16 -6.69
CA LYS B 128 7.56 -39.27 -7.19
C LYS B 128 8.05 -38.41 -8.37
N ASP B 129 8.54 -39.11 -9.39
CA ASP B 129 8.96 -38.47 -10.63
C ASP B 129 8.46 -39.29 -11.81
N ASP B 130 8.36 -38.63 -12.96
CA ASP B 130 7.88 -39.29 -14.17
C ASP B 130 8.86 -40.34 -14.67
N GLU B 139 18.70 -30.33 -13.92
CA GLU B 139 19.45 -30.95 -12.82
C GLU B 139 20.87 -30.40 -12.76
N PRO B 140 21.21 -29.70 -11.67
CA PRO B 140 22.55 -29.14 -11.55
C PRO B 140 23.64 -30.21 -11.50
N GLY B 141 23.51 -31.17 -10.59
CA GLY B 141 24.50 -32.21 -10.45
C GLY B 141 23.94 -33.59 -10.17
N SER B 142 22.74 -33.87 -10.67
CA SER B 142 22.05 -35.13 -10.40
C SER B 142 21.63 -35.80 -11.70
N GLN B 143 21.72 -37.12 -11.73
CA GLN B 143 21.28 -37.92 -12.86
C GLN B 143 20.23 -38.92 -12.37
N ARG B 144 19.08 -38.95 -13.03
CA ARG B 144 18.01 -39.83 -12.61
C ARG B 144 18.20 -41.24 -13.18
N ILE B 145 17.45 -42.18 -12.63
CA ILE B 145 17.57 -43.60 -12.97
C ILE B 145 16.19 -44.10 -13.37
N LYS B 146 16.13 -44.87 -14.46
CA LYS B 146 14.88 -45.50 -14.87
C LYS B 146 14.92 -46.97 -14.47
N PRO B 147 14.20 -47.41 -13.44
CA PRO B 147 14.23 -48.82 -13.04
C PRO B 147 13.22 -49.67 -13.79
N VAL B 148 13.12 -50.93 -13.43
CA VAL B 148 12.25 -51.89 -14.11
C VAL B 148 10.89 -52.00 -13.44
N PHE B 149 10.85 -52.00 -12.11
CA PHE B 149 9.61 -52.03 -11.33
C PHE B 149 8.75 -53.26 -11.67
N ILE B 150 9.29 -54.42 -11.35
CA ILE B 150 8.54 -55.66 -11.44
C ILE B 150 7.60 -55.77 -10.26
N GLU B 151 6.36 -56.18 -10.52
CA GLU B 151 5.39 -56.37 -9.45
C GLU B 151 5.75 -57.57 -8.60
N ASP B 152 5.56 -57.44 -7.28
CA ASP B 152 5.96 -58.47 -6.35
C ASP B 152 4.83 -58.72 -5.35
N ALA B 153 4.75 -59.97 -4.87
CA ALA B 153 3.87 -60.31 -3.77
C ALA B 153 4.42 -59.74 -2.47
N ASN B 154 3.63 -59.86 -1.40
CA ASN B 154 3.91 -59.30 -0.08
C ASN B 154 4.34 -57.82 -0.16
N PHE B 155 3.92 -57.16 -1.23
CA PHE B 155 4.21 -55.74 -1.44
C PHE B 155 3.11 -55.21 -2.35
N GLY B 156 2.25 -54.35 -1.81
CA GLY B 156 1.09 -53.89 -2.56
C GLY B 156 1.40 -52.92 -3.69
N ARG B 157 2.68 -52.77 -4.02
CA ARG B 157 3.10 -51.85 -5.06
C ARG B 157 4.05 -52.60 -6.00
N GLN B 158 4.59 -51.87 -6.97
CA GLN B 158 5.66 -52.38 -7.82
C GLN B 158 7.00 -51.89 -7.26
N ILE B 159 7.97 -52.79 -7.19
CA ILE B 159 9.23 -52.53 -6.51
C ILE B 159 10.38 -52.99 -7.40
N SER B 160 11.59 -52.61 -7.00
CA SER B 160 12.80 -52.99 -7.71
C SER B 160 13.93 -53.13 -6.70
N TYR B 161 14.62 -54.27 -6.74
CA TYR B 161 15.72 -54.54 -5.82
C TYR B 161 17.06 -54.05 -6.35
N GLN B 162 17.10 -53.43 -7.53
CA GLN B 162 18.36 -53.05 -8.13
C GLN B 162 19.03 -51.91 -7.36
N HIS B 163 18.23 -51.01 -6.79
CA HIS B 163 18.78 -49.87 -6.06
C HIS B 163 17.76 -49.44 -5.00
N ALA B 164 18.00 -48.29 -4.39
CA ALA B 164 17.14 -47.75 -3.35
C ALA B 164 16.60 -46.39 -3.78
N ALA B 165 15.32 -46.17 -3.53
CA ALA B 165 14.68 -44.91 -3.88
C ALA B 165 15.04 -43.82 -2.88
N VAL B 166 14.86 -42.58 -3.31
CA VAL B 166 15.14 -41.41 -2.48
C VAL B 166 13.93 -40.50 -2.52
N HIS B 167 13.43 -40.13 -1.35
CA HIS B 167 12.31 -39.19 -1.24
C HIS B 167 12.83 -37.85 -0.71
N ILE B 168 12.49 -36.78 -1.41
CA ILE B 168 12.85 -35.42 -1.01
C ILE B 168 11.57 -34.62 -0.92
N PRO B 169 11.25 -34.00 0.22
CA PRO B 169 9.98 -33.29 0.36
C PRO B 169 9.89 -32.12 -0.61
N THR B 170 8.66 -31.67 -0.83
CA THR B 170 8.39 -30.62 -1.81
C THR B 170 9.11 -29.33 -1.45
N ASP B 171 9.09 -28.95 -0.16
CA ASP B 171 9.65 -27.68 0.27
C ASP B 171 11.16 -27.70 0.41
N ILE B 172 11.81 -28.82 0.13
CA ILE B 172 13.27 -28.93 0.17
C ILE B 172 13.77 -29.08 -1.26
N TYR B 173 14.66 -28.19 -1.67
CA TYR B 173 15.17 -28.15 -3.04
C TYR B 173 16.28 -29.19 -3.19
N GLU B 174 16.08 -30.13 -4.11
CA GLU B 174 17.13 -31.07 -4.46
C GLU B 174 18.18 -30.37 -5.31
N GLY B 175 19.44 -30.81 -5.17
CA GLY B 175 20.54 -30.17 -5.86
C GLY B 175 21.27 -29.11 -5.05
N SER B 176 20.82 -28.82 -3.84
CA SER B 176 21.54 -27.90 -2.97
C SER B 176 22.80 -28.56 -2.43
N THR B 177 23.69 -27.73 -1.87
CA THR B 177 24.97 -28.25 -1.39
C THR B 177 24.78 -29.25 -0.26
N ILE B 178 23.87 -28.95 0.67
CA ILE B 178 23.65 -29.86 1.79
C ILE B 178 23.04 -31.17 1.32
N VAL B 179 22.04 -31.10 0.44
CA VAL B 179 21.37 -32.32 -0.02
C VAL B 179 22.32 -33.17 -0.86
N LEU B 180 23.06 -32.54 -1.77
CA LEU B 180 23.94 -33.30 -2.66
C LEU B 180 25.05 -34.00 -1.89
N ASN B 181 25.64 -33.32 -0.90
CA ASN B 181 26.62 -33.99 -0.04
C ASN B 181 25.98 -35.15 0.71
N GLU B 182 24.76 -34.93 1.22
CA GLU B 182 24.01 -36.03 1.83
C GLU B 182 23.67 -37.12 0.81
N LEU B 183 23.63 -36.76 -0.48
CA LEU B 183 23.20 -37.70 -1.50
C LEU B 183 24.33 -38.60 -2.00
N ASN B 184 25.58 -38.33 -1.63
CA ASN B 184 26.65 -39.30 -1.87
C ASN B 184 26.71 -40.40 -0.81
N TRP B 185 26.98 -40.02 0.44
CA TRP B 185 27.38 -41.02 1.42
C TRP B 185 26.25 -41.97 1.77
N THR B 186 25.02 -41.63 1.43
CA THR B 186 23.90 -42.54 1.54
C THR B 186 23.84 -43.55 0.39
N SER B 187 24.55 -43.30 -0.71
CA SER B 187 24.56 -44.26 -1.81
C SER B 187 25.34 -45.51 -1.48
N ALA B 188 26.23 -45.47 -0.48
CA ALA B 188 26.92 -46.67 -0.02
C ALA B 188 26.03 -47.55 0.84
N LEU B 189 24.87 -47.07 1.25
CA LEU B 189 23.93 -47.87 2.01
C LEU B 189 23.20 -48.89 1.15
N ASP B 190 23.18 -48.70 -0.16
CA ASP B 190 22.47 -49.63 -1.04
C ASP B 190 23.07 -51.02 -1.01
N GLU B 191 24.39 -51.12 -0.86
CA GLU B 191 25.02 -52.44 -0.76
C GLU B 191 24.56 -53.18 0.48
N VAL B 192 24.50 -52.48 1.62
CA VAL B 192 24.05 -53.12 2.86
C VAL B 192 22.55 -53.39 2.81
N PHE B 193 21.79 -52.53 2.13
CA PHE B 193 20.37 -52.79 1.94
C PHE B 193 20.16 -54.11 1.22
N LYS B 194 20.94 -54.37 0.18
CA LYS B 194 20.86 -55.64 -0.53
C LYS B 194 21.30 -56.79 0.37
N LYS B 195 22.37 -56.60 1.14
CA LYS B 195 22.92 -57.68 1.95
C LYS B 195 21.93 -58.14 3.02
N ASN B 196 21.24 -57.20 3.66
CA ASN B 196 20.28 -57.56 4.69
C ASN B 196 19.12 -58.36 4.10
N ARG B 197 18.66 -57.98 2.91
CA ARG B 197 17.57 -58.69 2.27
C ARG B 197 17.97 -60.11 1.87
N GLU B 198 19.22 -60.31 1.46
CA GLU B 198 19.67 -61.63 1.05
C GLU B 198 19.62 -62.62 2.21
N GLU B 199 20.04 -62.18 3.40
CA GLU B 199 19.98 -63.05 4.57
C GLU B 199 18.54 -63.38 4.95
N ASP B 200 17.66 -62.39 4.92
CA ASP B 200 16.25 -62.56 5.29
C ASP B 200 15.38 -62.07 4.15
N PRO B 201 14.95 -62.98 3.25
CA PRO B 201 14.09 -62.54 2.14
C PRO B 201 12.78 -61.91 2.57
N SER B 202 12.24 -62.33 3.71
CA SER B 202 10.99 -61.78 4.23
C SER B 202 11.27 -60.51 5.04
N LEU B 203 11.72 -59.48 4.33
CA LEU B 203 12.08 -58.20 4.94
C LEU B 203 11.32 -57.08 4.25
N LEU B 204 10.74 -56.20 5.05
CA LEU B 204 9.95 -55.08 4.55
C LEU B 204 10.86 -53.85 4.38
N TRP B 205 10.25 -52.68 4.23
CA TRP B 205 10.99 -51.45 3.94
C TRP B 205 12.10 -51.22 4.97
N GLN B 206 13.29 -50.91 4.46
CA GLN B 206 14.40 -50.42 5.26
C GLN B 206 14.67 -48.98 4.83
N VAL B 207 14.47 -48.03 5.75
CA VAL B 207 14.47 -46.62 5.42
C VAL B 207 15.45 -45.88 6.30
N PHE B 208 16.17 -44.92 5.73
CA PHE B 208 17.06 -44.04 6.47
C PHE B 208 16.48 -42.63 6.41
N GLY B 209 16.08 -42.10 7.56
CA GLY B 209 15.59 -40.74 7.61
C GLY B 209 16.69 -39.76 7.97
N SER B 210 17.18 -39.02 6.99
CA SER B 210 18.27 -38.09 7.21
C SER B 210 17.79 -36.85 7.94
N ALA B 211 18.71 -36.26 8.73
CA ALA B 211 18.39 -35.02 9.41
C ALA B 211 18.25 -33.85 8.45
N THR B 212 18.73 -33.99 7.21
CA THR B 212 18.54 -32.94 6.21
C THR B 212 17.11 -32.90 5.72
N GLY B 213 16.44 -34.04 5.62
CA GLY B 213 15.07 -34.09 5.19
C GLY B 213 14.76 -35.24 4.25
N LEU B 214 15.76 -35.73 3.54
CA LEU B 214 15.56 -36.77 2.56
C LEU B 214 15.54 -38.15 3.21
N ALA B 215 14.66 -39.01 2.71
CA ALA B 215 14.52 -40.37 3.18
C ALA B 215 14.86 -41.34 2.05
N ARG B 216 15.80 -42.24 2.31
CA ARG B 216 16.22 -43.25 1.35
C ARG B 216 15.77 -44.60 1.85
N TYR B 217 14.92 -45.27 1.07
CA TYR B 217 14.34 -46.55 1.46
C TYR B 217 14.60 -47.61 0.40
N TYR B 218 14.57 -48.87 0.83
CA TYR B 218 14.82 -50.03 -0.01
C TYR B 218 13.77 -51.09 0.29
N PRO B 219 13.25 -51.77 -0.74
CA PRO B 219 13.54 -51.60 -2.17
C PRO B 219 12.89 -50.37 -2.78
N ALA B 220 13.41 -49.92 -3.91
CA ALA B 220 12.89 -48.73 -4.56
C ALA B 220 11.46 -48.97 -5.04
N SER B 221 10.62 -47.94 -4.87
CA SER B 221 9.22 -48.02 -5.28
C SER B 221 8.72 -46.60 -5.46
N PRO B 222 7.92 -46.33 -6.49
CA PRO B 222 7.45 -44.95 -6.71
C PRO B 222 6.59 -44.47 -5.55
N TRP B 223 6.71 -43.19 -5.25
CA TRP B 223 5.96 -42.61 -4.14
C TRP B 223 4.48 -42.55 -4.48
N VAL B 224 3.65 -42.62 -3.44
CA VAL B 224 2.20 -42.58 -3.60
C VAL B 224 1.75 -41.23 -4.15
N LYS B 232 -3.67 -35.36 -5.24
CA LYS B 232 -3.34 -34.25 -4.36
C LYS B 232 -1.84 -33.98 -4.34
N ILE B 233 -1.39 -33.17 -3.39
CA ILE B 233 0.00 -32.81 -3.26
C ILE B 233 0.61 -33.62 -2.13
N ASP B 234 1.95 -33.61 -2.08
CA ASP B 234 2.70 -34.40 -1.11
C ASP B 234 3.18 -33.49 0.01
N LEU B 235 2.85 -33.86 1.26
CA LEU B 235 3.30 -33.13 2.43
C LEU B 235 4.10 -34.01 3.38
N TYR B 236 4.62 -35.13 2.89
CA TYR B 236 5.34 -36.07 3.73
C TYR B 236 6.71 -35.52 4.08
N ASP B 237 7.07 -35.59 5.35
CA ASP B 237 8.39 -35.21 5.83
C ASP B 237 8.88 -36.29 6.79
N VAL B 238 10.07 -36.83 6.51
CA VAL B 238 10.56 -37.96 7.31
C VAL B 238 10.87 -37.54 8.74
N ARG B 239 11.16 -36.25 8.97
CA ARG B 239 11.54 -35.80 10.30
C ARG B 239 10.35 -35.58 11.22
N ARG B 240 9.12 -35.67 10.71
CA ARG B 240 7.92 -35.54 11.52
C ARG B 240 7.23 -36.88 11.76
N ARG B 241 7.76 -37.96 11.20
CA ARG B 241 7.12 -39.26 11.37
C ARG B 241 7.30 -39.77 12.80
N PRO B 242 6.35 -40.56 13.30
CA PRO B 242 6.46 -41.07 14.67
C PRO B 242 7.70 -41.91 14.92
N TRP B 243 8.17 -42.67 13.93
CA TRP B 243 9.33 -43.52 14.15
C TRP B 243 10.62 -42.71 14.18
N TYR B 244 10.67 -41.59 13.48
CA TYR B 244 11.84 -40.73 13.54
C TYR B 244 11.89 -39.98 14.86
N ILE B 245 10.74 -39.53 15.36
CA ILE B 245 10.71 -38.67 16.54
C ILE B 245 11.13 -39.45 17.78
N GLN B 246 10.72 -40.71 17.90
CA GLN B 246 11.04 -41.47 19.11
C GLN B 246 12.52 -41.80 19.20
N GLY B 247 13.21 -41.86 18.06
CA GLY B 247 14.62 -42.16 18.02
C GLY B 247 15.55 -40.98 18.00
N ALA B 248 15.03 -39.78 17.78
CA ALA B 248 15.84 -38.58 17.78
C ALA B 248 16.00 -37.97 19.17
N ALA B 249 15.26 -38.46 20.16
CA ALA B 249 15.32 -37.92 21.51
C ALA B 249 14.67 -38.93 22.45
N SER B 250 14.48 -38.52 23.70
CA SER B 250 13.85 -39.30 24.75
C SER B 250 12.47 -38.72 25.06
N PRO B 251 11.66 -39.42 25.86
CA PRO B 251 10.37 -38.84 26.26
C PRO B 251 10.56 -37.51 26.98
N LYS B 252 9.61 -36.60 26.77
CA LYS B 252 9.72 -35.24 27.25
C LYS B 252 8.49 -34.83 28.03
N ASP B 253 8.70 -34.03 29.07
CA ASP B 253 7.62 -33.41 29.84
C ASP B 253 7.42 -31.98 29.33
N MET B 254 6.85 -31.87 28.13
CA MET B 254 6.66 -30.55 27.55
C MET B 254 5.56 -29.79 28.29
N LEU B 255 5.66 -28.47 28.23
CA LEU B 255 4.61 -27.59 28.77
C LEU B 255 4.63 -26.32 27.93
N ILE B 256 3.57 -26.11 27.16
CA ILE B 256 3.52 -25.00 26.21
C ILE B 256 2.97 -23.76 26.91
N LEU B 257 3.74 -22.68 26.91
CA LEU B 257 3.30 -21.39 27.44
C LEU B 257 2.92 -20.51 26.27
N VAL B 258 1.68 -20.03 26.27
CA VAL B 258 1.14 -19.24 25.17
C VAL B 258 0.88 -17.82 25.65
N ASP B 259 1.41 -16.84 24.93
CA ASP B 259 1.17 -15.44 25.22
C ASP B 259 -0.17 -15.03 24.62
N VAL B 260 -1.13 -14.68 25.49
CA VAL B 260 -2.45 -14.28 25.04
C VAL B 260 -2.72 -12.84 25.45
N SER B 261 -1.65 -12.04 25.53
CA SER B 261 -1.79 -10.65 25.93
C SER B 261 -2.41 -9.84 24.78
N GLY B 262 -2.53 -8.53 25.00
CA GLY B 262 -3.18 -7.68 24.01
C GLY B 262 -2.40 -7.58 22.71
N SER B 263 -1.07 -7.47 22.80
CA SER B 263 -0.26 -7.21 21.62
C SER B 263 -0.25 -8.37 20.62
N VAL B 264 -0.66 -9.58 21.05
CA VAL B 264 -0.64 -10.73 20.14
C VAL B 264 -1.93 -10.87 19.36
N SER B 265 -2.87 -9.94 19.51
CA SER B 265 -4.12 -10.02 18.77
C SER B 265 -3.89 -9.76 17.29
N GLY B 266 -4.66 -10.44 16.45
CA GLY B 266 -4.57 -10.25 15.01
C GLY B 266 -3.96 -11.44 14.29
N LEU B 267 -3.11 -11.15 13.30
CA LEU B 267 -2.48 -12.22 12.53
C LEU B 267 -1.54 -13.05 13.40
N THR B 268 -0.80 -12.40 14.29
CA THR B 268 0.22 -13.09 15.09
C THR B 268 -0.37 -14.02 16.14
N LEU B 269 -1.69 -13.98 16.36
CA LEU B 269 -2.32 -15.00 17.21
C LEU B 269 -2.73 -16.22 16.40
N LYS B 270 -3.19 -16.01 15.17
CA LYS B 270 -3.48 -17.14 14.28
C LYS B 270 -2.23 -17.96 14.01
N LEU B 271 -1.07 -17.32 13.98
CA LEU B 271 0.17 -18.05 13.81
C LEU B 271 0.54 -18.83 15.07
N ILE B 272 0.23 -18.28 16.24
CA ILE B 272 0.53 -18.98 17.50
C ILE B 272 -0.36 -20.21 17.65
N ARG B 273 -1.65 -20.07 17.34
CA ARG B 273 -2.57 -21.20 17.49
C ARG B 273 -2.23 -22.32 16.52
N THR B 274 -1.81 -21.98 15.30
CA THR B 274 -1.36 -23.00 14.36
C THR B 274 -0.04 -23.61 14.76
N SER B 275 0.88 -22.81 15.33
CA SER B 275 2.17 -23.33 15.76
C SER B 275 2.01 -24.33 16.89
N VAL B 276 1.11 -24.06 17.83
CA VAL B 276 0.88 -25.00 18.93
C VAL B 276 0.26 -26.30 18.40
N SER B 277 -0.65 -26.18 17.44
CA SER B 277 -1.28 -27.37 16.87
C SER B 277 -0.27 -28.25 16.14
N GLU B 278 0.65 -27.65 15.38
CA GLU B 278 1.68 -28.44 14.70
C GLU B 278 2.71 -28.96 15.67
N MET B 279 2.92 -28.26 16.80
CA MET B 279 3.88 -28.73 17.79
C MET B 279 3.35 -29.95 18.53
N LEU B 280 2.06 -29.98 18.82
CA LEU B 280 1.47 -31.13 19.49
C LEU B 280 1.53 -32.40 18.64
N GLU B 281 1.74 -32.26 17.33
CA GLU B 281 1.83 -33.41 16.45
C GLU B 281 3.19 -34.10 16.53
N THR B 282 4.17 -33.51 17.19
CA THR B 282 5.48 -34.11 17.39
C THR B 282 5.58 -34.84 18.73
N LEU B 283 4.45 -35.19 19.33
CA LEU B 283 4.41 -35.85 20.62
C LEU B 283 3.78 -37.22 20.49
N SER B 284 4.27 -38.17 21.30
CA SER B 284 3.76 -39.54 21.27
C SER B 284 3.16 -39.91 22.62
N ASP B 285 2.78 -41.18 22.78
CA ASP B 285 2.16 -41.62 24.02
C ASP B 285 3.11 -41.63 25.20
N ASP B 286 4.42 -41.60 24.95
CA ASP B 286 5.41 -41.52 26.03
C ASP B 286 5.70 -40.10 26.46
N ASP B 287 5.08 -39.11 25.83
CA ASP B 287 5.32 -37.71 26.12
C ASP B 287 4.14 -37.14 26.91
N PHE B 288 4.46 -36.32 27.91
CA PHE B 288 3.45 -35.67 28.74
C PHE B 288 3.48 -34.17 28.50
N VAL B 289 2.33 -33.59 28.18
CA VAL B 289 2.24 -32.20 27.78
C VAL B 289 1.06 -31.54 28.47
N ASN B 290 1.14 -30.21 28.61
CA ASN B 290 0.04 -29.39 29.08
C ASN B 290 0.24 -27.99 28.51
N VAL B 291 -0.87 -27.30 28.28
CA VAL B 291 -0.86 -25.98 27.64
C VAL B 291 -1.44 -24.97 28.62
N ALA B 292 -0.72 -23.86 28.81
CA ALA B 292 -1.15 -22.78 29.68
C ALA B 292 -0.94 -21.45 28.97
N SER B 293 -1.75 -20.46 29.35
CA SER B 293 -1.68 -19.13 28.76
C SER B 293 -1.65 -18.09 29.87
N PHE B 294 -0.96 -16.98 29.60
CA PHE B 294 -0.79 -15.92 30.59
C PHE B 294 -1.02 -14.56 29.97
N ASN B 295 -1.85 -13.75 30.62
CA ASN B 295 -1.99 -12.33 30.29
C ASN B 295 -2.35 -11.61 31.59
N SER B 296 -1.32 -11.14 32.29
CA SER B 296 -1.38 -10.60 33.64
C SER B 296 -1.85 -11.64 34.66
N ASN B 297 -2.14 -12.87 34.22
CA ASN B 297 -2.61 -13.94 35.06
C ASN B 297 -2.48 -15.23 34.28
N ALA B 298 -1.79 -16.22 34.84
CA ALA B 298 -1.51 -17.47 34.15
C ALA B 298 -2.55 -18.51 34.54
N GLN B 299 -3.10 -19.18 33.53
CA GLN B 299 -4.11 -20.20 33.75
C GLN B 299 -4.02 -21.23 32.63
N ASP B 300 -4.56 -22.42 32.91
CA ASP B 300 -4.61 -23.47 31.90
C ASP B 300 -5.67 -23.13 30.86
N VAL B 301 -5.39 -23.53 29.61
CA VAL B 301 -6.35 -23.28 28.53
C VAL B 301 -7.39 -24.39 28.42
N SER B 302 -7.29 -25.44 29.23
CA SER B 302 -8.17 -26.59 29.10
C SER B 302 -8.56 -27.06 30.49
N CYS B 303 -9.16 -28.24 30.58
CA CYS B 303 -9.69 -28.80 31.82
C CYS B 303 -8.71 -29.72 32.52
N PHE B 304 -7.48 -29.85 32.01
CA PHE B 304 -6.57 -30.88 32.50
C PHE B 304 -5.91 -30.49 33.81
N GLN B 305 -5.42 -29.25 33.91
CA GLN B 305 -4.79 -28.68 35.10
C GLN B 305 -3.44 -29.29 35.44
N HIS B 306 -2.99 -30.31 34.71
CA HIS B 306 -1.66 -30.87 34.92
C HIS B 306 -1.26 -31.62 33.65
N LEU B 307 -0.09 -32.26 33.70
CA LEU B 307 0.42 -32.99 32.55
C LEU B 307 -0.44 -34.21 32.27
N VAL B 308 -0.62 -34.51 30.99
CA VAL B 308 -1.43 -35.64 30.55
C VAL B 308 -0.62 -36.47 29.56
N GLN B 309 -1.09 -37.70 29.31
CA GLN B 309 -0.32 -38.65 28.51
C GLN B 309 -0.16 -38.23 27.06
N ALA B 310 -0.91 -37.22 26.60
CA ALA B 310 -0.77 -36.69 25.24
C ALA B 310 -1.00 -37.76 24.19
N ASN B 311 -2.02 -38.58 24.40
CA ASN B 311 -2.46 -39.53 23.40
C ASN B 311 -3.43 -38.83 22.44
N VAL B 312 -4.04 -39.61 21.54
CA VAL B 312 -4.89 -39.01 20.51
C VAL B 312 -6.11 -38.35 21.15
N ARG B 313 -6.62 -38.94 22.24
CA ARG B 313 -7.80 -38.37 22.91
C ARG B 313 -7.45 -37.07 23.62
N ASN B 314 -6.33 -37.03 24.33
CA ASN B 314 -5.97 -35.84 25.09
C ASN B 314 -5.49 -34.72 24.17
N LYS B 315 -4.71 -35.06 23.15
CA LYS B 315 -4.22 -34.04 22.23
C LYS B 315 -5.35 -33.34 21.49
N LYS B 316 -6.44 -34.05 21.20
CA LYS B 316 -7.59 -33.43 20.55
C LYS B 316 -8.23 -32.37 21.45
N VAL B 317 -8.32 -32.65 22.75
CA VAL B 317 -8.89 -31.69 23.68
C VAL B 317 -8.01 -30.45 23.76
N LEU B 318 -6.70 -30.63 23.87
CA LEU B 318 -5.80 -29.48 23.94
C LEU B 318 -5.85 -28.68 22.65
N LYS B 319 -5.90 -29.34 21.49
CA LYS B 319 -5.97 -28.63 20.23
C LYS B 319 -7.25 -27.82 20.11
N ASP B 320 -8.37 -28.39 20.56
CA ASP B 320 -9.64 -27.67 20.48
C ASP B 320 -9.61 -26.43 21.38
N ALA B 321 -9.04 -26.55 22.57
CA ALA B 321 -9.00 -25.42 23.49
C ALA B 321 -8.03 -24.35 23.02
N VAL B 322 -6.93 -24.74 22.37
CA VAL B 322 -5.98 -23.76 21.85
C VAL B 322 -6.63 -22.93 20.74
N ASN B 323 -7.46 -23.56 19.91
CA ASN B 323 -8.15 -22.87 18.84
C ASN B 323 -9.32 -22.02 19.33
N ASN B 324 -9.46 -21.83 20.64
CA ASN B 324 -10.57 -21.06 21.21
C ASN B 324 -10.08 -19.98 22.16
N ILE B 325 -8.80 -19.63 22.12
CA ILE B 325 -8.23 -18.62 23.00
C ILE B 325 -8.38 -17.25 22.35
N THR B 326 -8.36 -16.21 23.18
CA THR B 326 -8.47 -14.83 22.71
C THR B 326 -7.37 -14.00 23.35
N ALA B 327 -7.05 -12.88 22.70
CA ALA B 327 -5.97 -12.01 23.12
C ALA B 327 -6.54 -10.77 23.80
N LYS B 328 -6.13 -10.53 25.05
CA LYS B 328 -6.59 -9.37 25.81
C LYS B 328 -5.77 -9.28 27.08
N GLY B 329 -5.44 -8.06 27.48
CA GLY B 329 -4.75 -7.80 28.72
C GLY B 329 -3.30 -7.38 28.50
N ILE B 330 -2.55 -7.38 29.60
CA ILE B 330 -1.14 -7.00 29.58
C ILE B 330 -0.29 -8.25 29.76
N THR B 331 1.01 -8.08 29.60
CA THR B 331 1.96 -9.19 29.64
C THR B 331 2.63 -9.25 31.01
N ASP B 332 2.72 -10.47 31.57
CA ASP B 332 3.38 -10.69 32.85
C ASP B 332 4.16 -11.99 32.75
N TYR B 333 5.47 -11.87 32.49
CA TYR B 333 6.31 -13.06 32.37
C TYR B 333 6.63 -13.67 33.73
N LYS B 334 6.72 -12.85 34.78
CA LYS B 334 7.03 -13.37 36.11
C LYS B 334 5.94 -14.29 36.61
N LYS B 335 4.67 -13.93 36.38
CA LYS B 335 3.58 -14.80 36.78
C LYS B 335 3.41 -15.98 35.84
N GLY B 336 3.69 -15.78 34.55
CA GLY B 336 3.56 -16.87 33.59
C GLY B 336 4.54 -18.01 33.80
N PHE B 337 5.81 -17.67 34.05
CA PHE B 337 6.83 -18.70 34.23
C PHE B 337 6.76 -19.37 35.58
N SER B 338 6.32 -18.66 36.62
CA SER B 338 6.12 -19.29 37.92
C SER B 338 5.05 -20.37 37.84
N PHE B 339 3.96 -20.08 37.12
CA PHE B 339 2.92 -21.08 36.92
C PHE B 339 3.43 -22.29 36.16
N ALA B 340 4.28 -22.07 35.15
CA ALA B 340 4.81 -23.18 34.36
C ALA B 340 5.79 -24.02 35.18
N PHE B 341 6.65 -23.35 35.96
CA PHE B 341 7.63 -24.09 36.76
C PHE B 341 6.97 -24.88 37.88
N GLU B 342 5.80 -24.44 38.35
CA GLU B 342 5.11 -25.18 39.40
C GLU B 342 4.48 -26.46 38.89
N GLN B 343 4.00 -26.47 37.64
CA GLN B 343 3.37 -27.66 37.08
C GLN B 343 4.36 -28.76 36.74
N LEU B 344 5.63 -28.42 36.52
CA LEU B 344 6.65 -29.42 36.26
C LEU B 344 7.24 -30.01 37.54
N LEU B 345 6.85 -29.49 38.70
CA LEU B 345 7.30 -30.01 39.99
C LEU B 345 6.21 -30.78 40.71
N ASN B 346 5.14 -31.16 40.01
CA ASN B 346 3.98 -31.78 40.63
C ASN B 346 4.33 -33.12 41.27
N TYR B 347 4.68 -34.10 40.45
CA TYR B 347 5.01 -35.46 40.88
C TYR B 347 3.85 -36.14 41.61
N ASN B 348 2.67 -35.53 41.64
CA ASN B 348 1.49 -36.18 42.17
C ASN B 348 1.00 -37.27 41.23
N VAL B 349 1.12 -37.04 39.94
CA VAL B 349 0.55 -37.90 38.92
C VAL B 349 1.67 -38.58 38.14
N SER B 350 1.29 -39.44 37.19
CA SER B 350 2.25 -40.12 36.36
C SER B 350 2.88 -39.14 35.38
N ARG B 351 4.21 -39.19 35.27
CA ARG B 351 4.93 -38.39 34.29
C ARG B 351 5.93 -39.26 33.55
N ALA B 352 6.78 -38.65 32.73
CA ALA B 352 7.84 -39.40 32.07
C ALA B 352 9.14 -39.40 32.87
N ASN B 353 9.29 -38.49 33.83
CA ASN B 353 10.49 -38.38 34.65
C ASN B 353 11.74 -38.26 33.77
N CYS B 354 11.64 -37.37 32.78
CA CYS B 354 12.64 -37.22 31.74
C CYS B 354 12.65 -35.75 31.32
N ASN B 355 13.14 -35.46 30.12
CA ASN B 355 13.32 -34.11 29.61
C ASN B 355 12.15 -33.21 29.99
N LYS B 356 12.48 -32.12 30.67
CA LYS B 356 11.48 -31.14 31.13
C LYS B 356 11.76 -29.84 30.41
N ILE B 357 10.83 -29.42 29.56
CA ILE B 357 11.02 -28.25 28.71
C ILE B 357 9.81 -27.33 28.82
N ILE B 358 10.07 -26.03 28.83
CA ILE B 358 9.05 -25.00 28.79
C ILE B 358 9.18 -24.29 27.45
N MET B 359 8.10 -24.29 26.67
CA MET B 359 8.16 -23.84 25.28
C MET B 359 7.30 -22.59 25.15
N LEU B 360 7.94 -21.44 25.13
CA LEU B 360 7.26 -20.14 25.20
C LEU B 360 6.86 -19.67 23.81
N PHE B 361 5.59 -19.28 23.67
CA PHE B 361 5.05 -18.77 22.41
C PHE B 361 4.63 -17.32 22.64
N THR B 362 5.51 -16.40 22.33
CA THR B 362 5.26 -14.97 22.46
C THR B 362 5.69 -14.26 21.18
N ASP B 363 5.67 -12.93 21.22
CA ASP B 363 6.16 -12.10 20.13
C ASP B 363 7.42 -11.33 20.50
N GLY B 364 7.39 -10.59 21.61
CA GLY B 364 8.54 -9.85 22.07
C GLY B 364 8.22 -8.97 23.25
N GLY B 365 9.20 -8.76 24.13
CA GLY B 365 8.98 -7.94 25.30
C GLY B 365 10.25 -7.36 25.89
N GLU B 366 10.12 -6.64 27.00
CA GLU B 366 11.26 -6.03 27.67
C GLU B 366 11.52 -6.60 29.06
N GLU B 367 10.84 -7.69 29.43
CA GLU B 367 11.01 -8.30 30.74
C GLU B 367 11.82 -9.58 30.61
N ARG B 368 12.80 -9.74 31.50
CA ARG B 368 13.68 -10.91 31.46
C ARG B 368 13.36 -11.94 32.53
N ALA B 369 12.71 -11.52 33.63
CA ALA B 369 12.30 -12.42 34.70
C ALA B 369 13.49 -13.22 35.24
N GLN B 370 14.59 -12.51 35.52
CA GLN B 370 15.80 -13.17 35.99
C GLN B 370 15.59 -13.83 37.35
N GLU B 371 14.78 -13.22 38.22
CA GLU B 371 14.56 -13.79 39.54
C GLU B 371 13.84 -15.13 39.46
N ILE B 372 12.89 -15.26 38.52
CA ILE B 372 12.12 -16.49 38.40
C ILE B 372 13.02 -17.65 37.99
N PHE B 373 13.88 -17.42 36.99
CA PHE B 373 14.81 -18.47 36.59
C PHE B 373 15.82 -18.76 37.69
N ASN B 374 16.29 -17.73 38.39
CA ASN B 374 17.21 -17.93 39.51
C ASN B 374 16.55 -18.73 40.63
N LYS B 375 15.29 -18.44 40.93
CA LYS B 375 14.63 -19.09 42.06
C LYS B 375 14.27 -20.54 41.76
N TYR B 376 13.79 -20.81 40.54
CA TYR B 376 13.23 -22.12 40.23
C TYR B 376 14.28 -23.10 39.72
N ASN B 377 14.94 -22.77 38.60
CA ASN B 377 15.97 -23.64 38.04
C ASN B 377 17.33 -22.94 38.09
N LYS B 378 17.99 -23.04 39.25
CA LYS B 378 19.37 -22.60 39.39
C LYS B 378 20.37 -23.59 38.80
N ASP B 379 20.06 -24.89 38.86
CA ASP B 379 20.94 -25.94 38.36
C ASP B 379 20.61 -26.39 36.95
N LYS B 380 19.75 -25.64 36.25
CA LYS B 380 19.47 -25.87 34.82
C LYS B 380 18.89 -27.27 34.58
N LYS B 381 17.93 -27.65 35.42
CA LYS B 381 17.24 -28.93 35.25
C LYS B 381 16.12 -28.87 34.23
N VAL B 382 15.66 -27.67 33.86
CA VAL B 382 14.56 -27.49 32.92
C VAL B 382 15.04 -26.63 31.76
N ARG B 383 14.83 -27.12 30.54
CA ARG B 383 15.17 -26.35 29.35
C ARG B 383 14.04 -25.38 29.02
N VAL B 384 14.39 -24.28 28.36
CA VAL B 384 13.44 -23.27 27.95
C VAL B 384 13.69 -22.97 26.47
N PHE B 385 12.70 -23.26 25.64
CA PHE B 385 12.73 -22.90 24.23
C PHE B 385 11.74 -21.77 23.99
N THR B 386 12.21 -20.70 23.34
CA THR B 386 11.42 -19.50 23.14
C THR B 386 11.16 -19.30 21.65
N PHE B 387 9.94 -18.88 21.33
CA PHE B 387 9.52 -18.66 19.94
C PHE B 387 9.04 -17.23 19.78
N SER B 388 9.49 -16.56 18.73
CA SER B 388 9.06 -15.21 18.40
C SER B 388 8.22 -15.30 17.13
N VAL B 389 6.91 -15.15 17.28
CA VAL B 389 5.95 -15.44 16.22
C VAL B 389 5.31 -14.14 15.75
N GLY B 390 5.22 -13.97 14.44
CA GLY B 390 4.49 -12.87 13.84
C GLY B 390 5.40 -11.82 13.26
N GLN B 391 4.79 -10.96 12.44
CA GLN B 391 5.47 -9.81 11.84
C GLN B 391 5.31 -8.64 12.79
N HIS B 392 6.34 -8.39 13.59
CA HIS B 392 6.33 -7.33 14.58
C HIS B 392 7.71 -6.68 14.63
N ASN B 393 7.82 -5.66 15.48
CA ASN B 393 9.07 -4.93 15.67
C ASN B 393 9.33 -4.70 17.15
N TYR B 394 9.00 -5.68 17.98
CA TYR B 394 9.24 -5.59 19.41
C TYR B 394 10.66 -6.04 19.72
N ASP B 395 11.04 -5.98 21.00
CA ASP B 395 12.39 -6.33 21.43
C ASP B 395 12.49 -7.85 21.59
N ARG B 396 13.38 -8.46 20.82
CA ARG B 396 13.65 -9.89 20.92
C ARG B 396 14.81 -10.21 21.84
N GLY B 397 15.38 -9.20 22.50
CA GLY B 397 16.52 -9.39 23.37
C GLY B 397 16.24 -10.28 24.56
N PRO B 398 15.26 -9.91 25.39
CA PRO B 398 14.92 -10.79 26.52
C PRO B 398 14.47 -12.18 26.10
N ILE B 399 13.79 -12.29 24.96
CA ILE B 399 13.36 -13.60 24.48
C ILE B 399 14.56 -14.47 24.13
N GLN B 400 15.56 -13.88 23.45
CA GLN B 400 16.78 -14.63 23.14
C GLN B 400 17.57 -14.98 24.40
N TRP B 401 17.62 -14.07 25.37
CA TRP B 401 18.37 -14.33 26.60
C TRP B 401 17.75 -15.49 27.38
N MET B 402 16.42 -15.55 27.44
CA MET B 402 15.76 -16.64 28.14
C MET B 402 16.09 -17.98 27.51
N ALA B 403 16.33 -18.00 26.19
CA ALA B 403 16.46 -19.27 25.48
C ALA B 403 17.65 -20.07 25.97
N CYS B 404 18.83 -19.47 25.97
CA CYS B 404 20.05 -20.23 26.24
C CYS B 404 20.61 -20.02 27.64
N GLU B 405 20.03 -19.12 28.43
CA GLU B 405 20.35 -19.11 29.85
C GLU B 405 19.84 -20.38 30.52
N ASN B 406 18.93 -21.10 29.88
CA ASN B 406 18.37 -22.34 30.41
C ASN B 406 18.57 -23.51 29.44
N LYS B 407 19.66 -23.49 28.68
CA LYS B 407 20.02 -24.58 27.77
C LYS B 407 18.91 -24.86 26.75
N GLY B 408 18.46 -23.81 26.07
CA GLY B 408 17.44 -23.98 25.05
C GLY B 408 17.88 -23.52 23.68
N TYR B 409 16.93 -23.03 22.88
CA TYR B 409 17.22 -22.56 21.54
C TYR B 409 16.11 -21.60 21.13
N TYR B 410 16.44 -20.68 20.24
CA TYR B 410 15.54 -19.59 19.87
C TYR B 410 15.12 -19.72 18.41
N TYR B 411 13.86 -19.40 18.14
CA TYR B 411 13.27 -19.65 16.82
C TYR B 411 12.50 -18.43 16.35
N GLU B 412 12.45 -18.26 15.03
CA GLU B 412 11.64 -17.23 14.38
C GLU B 412 10.54 -17.89 13.56
N ILE B 413 9.30 -17.45 13.78
CA ILE B 413 8.16 -17.91 12.98
C ILE B 413 7.43 -16.67 12.46
N PRO B 414 7.90 -16.05 11.38
CA PRO B 414 7.24 -14.83 10.90
C PRO B 414 6.03 -15.07 10.02
N SER B 415 5.84 -16.28 9.49
CA SER B 415 4.75 -16.55 8.57
C SER B 415 4.33 -18.01 8.71
N ILE B 416 3.33 -18.40 7.94
CA ILE B 416 2.80 -19.76 8.02
C ILE B 416 3.83 -20.76 7.47
N GLY B 417 4.57 -20.37 6.43
CA GLY B 417 5.52 -21.26 5.82
C GLY B 417 6.65 -21.70 6.74
N ALA B 418 6.91 -20.95 7.80
CA ALA B 418 7.94 -21.32 8.76
C ALA B 418 7.40 -22.13 9.94
N ILE B 419 6.10 -22.36 10.00
CA ILE B 419 5.52 -23.11 11.12
C ILE B 419 5.95 -24.58 11.05
N ARG B 420 5.89 -25.17 9.86
CA ARG B 420 6.13 -26.61 9.73
C ARG B 420 7.55 -26.97 10.12
N ILE B 421 8.53 -26.16 9.72
CA ILE B 421 9.94 -26.51 9.92
C ILE B 421 10.44 -26.11 11.31
N ASN B 422 9.99 -24.96 11.84
CA ASN B 422 10.56 -24.45 13.07
C ASN B 422 9.97 -25.12 14.31
N THR B 423 8.85 -25.84 14.19
CA THR B 423 8.25 -26.51 15.32
C THR B 423 8.72 -27.95 15.48
N GLN B 424 9.65 -28.41 14.65
CA GLN B 424 10.22 -29.74 14.78
C GLN B 424 11.72 -29.73 15.02
N GLU B 425 12.36 -28.55 14.99
CA GLU B 425 13.80 -28.46 15.17
C GLU B 425 14.22 -28.49 16.63
N TYR B 426 13.27 -28.46 17.57
CA TYR B 426 13.62 -28.54 18.97
C TYR B 426 14.13 -29.93 19.37
N LEU B 427 13.97 -30.93 18.50
CA LEU B 427 14.49 -32.26 18.78
C LEU B 427 15.99 -32.35 18.61
N ASP B 428 16.61 -31.43 17.87
CA ASP B 428 18.06 -31.41 17.76
C ASP B 428 18.71 -31.08 19.09
N VAL B 429 18.14 -30.12 19.82
CA VAL B 429 18.69 -29.77 21.13
C VAL B 429 18.49 -30.91 22.12
N LEU B 430 17.31 -31.55 22.10
CA LEU B 430 17.02 -32.64 23.02
C LEU B 430 17.89 -33.86 22.75
N GLY B 431 18.43 -34.01 21.55
CA GLY B 431 19.29 -35.12 21.22
C GLY B 431 20.74 -34.98 21.59
N ARG B 432 21.13 -33.84 22.17
CA ARG B 432 22.53 -33.65 22.57
C ARG B 432 22.97 -34.65 23.62
N PRO B 433 22.25 -34.86 24.74
CA PRO B 433 22.73 -35.86 25.72
C PRO B 433 22.72 -37.28 25.18
N MET B 434 21.94 -37.58 24.14
CA MET B 434 21.87 -38.95 23.65
C MET B 434 23.13 -39.30 22.86
N VAL B 435 23.64 -38.38 22.05
CA VAL B 435 24.86 -38.65 21.28
C VAL B 435 26.08 -38.67 22.20
N LEU B 436 26.10 -37.85 23.24
CA LEU B 436 27.23 -37.83 24.15
C LEU B 436 27.27 -39.05 25.06
N ALA B 437 26.16 -39.77 25.18
CA ALA B 437 26.17 -41.03 25.92
C ALA B 437 27.08 -42.05 25.25
N GLY B 438 27.06 -42.12 23.93
CA GLY B 438 27.92 -43.02 23.19
C GLY B 438 27.18 -44.25 22.68
N ASP B 439 27.74 -45.43 22.95
CA ASP B 439 27.13 -46.67 22.52
C ASP B 439 26.07 -47.19 23.49
N LYS B 440 25.88 -46.52 24.63
CA LYS B 440 24.82 -46.90 25.55
C LYS B 440 23.45 -46.37 25.13
N ALA B 441 23.40 -45.48 24.15
CA ALA B 441 22.15 -44.96 23.61
C ALA B 441 21.72 -45.67 22.33
N LYS B 442 22.48 -46.67 21.88
CA LYS B 442 22.14 -47.41 20.67
C LYS B 442 21.27 -48.62 21.03
N GLN B 443 20.03 -48.32 21.38
CA GLN B 443 19.04 -49.34 21.73
C GLN B 443 17.90 -49.31 20.72
N VAL B 444 17.49 -50.50 20.29
CA VAL B 444 16.43 -50.62 19.30
C VAL B 444 15.07 -50.47 20.00
N GLN B 445 14.24 -49.59 19.47
CA GLN B 445 12.90 -49.36 19.99
C GLN B 445 11.87 -49.64 18.90
N TRP B 446 10.65 -49.97 19.32
CA TRP B 446 9.57 -50.28 18.41
C TRP B 446 8.40 -49.34 18.66
N THR B 447 7.86 -48.79 17.57
CA THR B 447 6.81 -47.78 17.67
C THR B 447 5.46 -48.44 17.91
N ASN B 448 4.44 -47.60 18.08
CA ASN B 448 3.07 -48.07 18.16
C ASN B 448 2.60 -48.53 16.78
N VAL B 449 1.49 -49.26 16.77
CA VAL B 449 0.94 -49.76 15.52
C VAL B 449 0.38 -48.59 14.72
N TYR B 450 0.85 -48.43 13.49
CA TYR B 450 0.41 -47.33 12.64
C TYR B 450 0.33 -47.82 11.20
N LEU B 451 -0.45 -47.10 10.39
CA LEU B 451 -0.62 -47.44 8.99
C LEU B 451 0.59 -46.96 8.20
N ASP B 452 1.14 -47.83 7.36
CA ASP B 452 2.35 -47.51 6.61
C ASP B 452 2.07 -46.38 5.62
N ALA B 453 3.08 -45.55 5.38
CA ALA B 453 2.94 -44.45 4.43
C ALA B 453 2.81 -44.97 3.00
N LEU B 454 3.47 -46.09 2.69
CA LEU B 454 3.47 -46.64 1.34
C LEU B 454 2.36 -47.67 1.13
N GLU B 455 1.26 -47.57 1.87
CA GLU B 455 0.07 -48.39 1.67
C GLU B 455 0.40 -49.88 1.79
N LEU B 456 0.85 -50.27 2.98
CA LEU B 456 1.20 -51.65 3.27
C LEU B 456 0.34 -52.28 4.36
N GLY B 457 -0.40 -51.49 5.12
CA GLY B 457 -1.22 -52.00 6.20
C GLY B 457 -0.73 -51.53 7.56
N LEU B 458 -1.04 -52.33 8.57
CA LEU B 458 -0.63 -52.06 9.94
C LEU B 458 0.78 -52.61 10.15
N VAL B 459 1.72 -51.73 10.52
CA VAL B 459 3.12 -52.09 10.67
C VAL B 459 3.68 -51.46 11.93
N ILE B 460 4.83 -51.99 12.37
CA ILE B 460 5.63 -51.38 13.42
C ILE B 460 7.05 -51.23 12.87
N THR B 461 7.78 -50.26 13.43
CA THR B 461 9.08 -49.88 12.88
C THR B 461 10.14 -49.96 13.96
N GLY B 462 11.26 -50.62 13.65
CA GLY B 462 12.42 -50.54 14.50
C GLY B 462 13.13 -49.20 14.34
N THR B 463 13.87 -48.81 15.38
CA THR B 463 14.45 -47.48 15.42
C THR B 463 15.84 -47.53 16.00
N LEU B 464 16.77 -46.82 15.36
CA LEU B 464 18.15 -46.71 15.82
C LEU B 464 18.77 -45.45 15.25
N PRO B 465 19.30 -44.57 16.10
CA PRO B 465 19.89 -43.32 15.60
C PRO B 465 21.25 -43.53 14.96
N VAL B 466 21.68 -42.55 14.18
CA VAL B 466 22.97 -42.54 13.51
C VAL B 466 23.69 -41.26 13.90
N PHE B 467 24.95 -41.39 14.29
CA PHE B 467 25.73 -40.27 14.83
C PHE B 467 26.74 -39.74 13.84
N ASN B 468 27.13 -38.48 14.04
CA ASN B 468 28.26 -37.87 13.35
C ASN B 468 29.53 -38.14 14.16
N ILE B 469 30.42 -38.96 13.58
CA ILE B 469 31.66 -39.32 14.26
C ILE B 469 32.88 -38.89 13.44
N THR B 470 32.73 -37.85 12.62
CA THR B 470 33.87 -37.36 11.85
C THR B 470 34.87 -36.69 12.78
N GLY B 471 36.12 -37.14 12.70
CA GLY B 471 37.17 -36.63 13.56
C GLY B 471 37.21 -37.21 14.95
N GLN B 472 36.29 -38.12 15.28
CA GLN B 472 36.28 -38.73 16.61
C GLN B 472 37.49 -39.63 16.83
N PHE B 473 38.14 -40.08 15.75
CA PHE B 473 39.35 -40.89 15.91
C PHE B 473 40.44 -40.12 16.63
N GLU B 474 40.44 -38.78 16.51
CA GLU B 474 41.34 -37.93 17.26
C GLU B 474 40.64 -37.02 18.26
N ASN B 475 39.31 -36.93 18.19
CA ASN B 475 38.49 -36.15 19.12
C ASN B 475 38.93 -34.68 19.15
N LYS B 476 38.76 -34.03 18.00
CA LYS B 476 39.22 -32.65 17.88
C LYS B 476 38.13 -31.69 17.39
N THR B 477 37.14 -32.20 16.64
CA THR B 477 36.10 -31.30 16.13
C THR B 477 35.03 -31.03 17.19
N ASN B 478 34.27 -32.07 17.55
CA ASN B 478 33.30 -32.05 18.65
C ASN B 478 32.35 -30.84 18.59
N LEU B 479 32.20 -30.20 17.43
CA LEU B 479 31.34 -29.02 17.32
C LEU B 479 29.99 -29.34 16.69
N LYS B 480 29.97 -29.97 15.52
CA LYS B 480 28.74 -30.46 14.93
C LYS B 480 28.53 -31.95 15.18
N ASN B 481 29.42 -32.58 15.94
CA ASN B 481 29.33 -34.00 16.25
C ASN B 481 28.32 -34.30 17.35
N GLN B 482 27.59 -33.30 17.84
CA GLN B 482 26.58 -33.49 18.86
C GLN B 482 25.17 -33.53 18.29
N LEU B 483 25.04 -33.71 16.98
CA LEU B 483 23.76 -33.84 16.31
C LEU B 483 23.70 -35.19 15.59
N ILE B 484 22.54 -35.84 15.64
CA ILE B 484 22.37 -37.13 15.00
C ILE B 484 22.38 -36.97 13.49
N LEU B 485 22.96 -37.95 12.80
CA LEU B 485 22.90 -37.95 11.34
C LEU B 485 21.49 -38.29 10.85
N GLY B 486 20.82 -39.21 11.54
CA GLY B 486 19.50 -39.62 11.12
C GLY B 486 18.99 -40.75 12.00
N VAL B 487 18.01 -41.48 11.49
CA VAL B 487 17.37 -42.56 12.21
C VAL B 487 17.25 -43.76 11.28
N MET B 488 17.61 -44.94 11.77
CA MET B 488 17.44 -46.19 11.03
C MET B 488 16.05 -46.74 11.28
N GLY B 489 15.46 -47.29 10.23
CA GLY B 489 14.12 -47.86 10.32
C GLY B 489 13.97 -49.12 9.50
N VAL B 490 13.31 -50.11 10.09
CA VAL B 490 12.91 -51.33 9.39
C VAL B 490 11.50 -51.66 9.82
N ASP B 491 10.65 -52.02 8.86
CA ASP B 491 9.23 -52.23 9.11
C ASP B 491 8.92 -53.71 9.29
N VAL B 492 8.03 -53.99 10.25
CA VAL B 492 7.52 -55.34 10.47
C VAL B 492 6.00 -55.26 10.43
N SER B 493 5.39 -55.98 9.48
CA SER B 493 3.94 -55.98 9.35
C SER B 493 3.31 -56.85 10.40
N LEU B 494 2.06 -56.53 10.76
CA LEU B 494 1.31 -57.35 11.71
C LEU B 494 0.95 -58.71 11.12
N GLU B 495 0.92 -58.83 9.79
CA GLU B 495 0.69 -60.13 9.17
C GLU B 495 1.85 -61.09 9.46
N ASP B 496 3.07 -60.57 9.51
CA ASP B 496 4.23 -61.39 9.89
C ASP B 496 4.13 -61.89 11.33
N ILE B 497 3.51 -61.12 12.21
CA ILE B 497 3.37 -61.56 13.60
C ILE B 497 2.20 -62.53 13.75
N LYS B 498 1.11 -62.31 13.01
CA LYS B 498 0.00 -63.26 13.04
C LYS B 498 0.38 -64.62 12.48
N ARG B 499 1.43 -64.69 11.66
CA ARG B 499 1.88 -65.96 11.12
C ARG B 499 2.60 -66.81 12.15
N LEU B 500 3.24 -66.18 13.14
CA LEU B 500 3.95 -66.91 14.19
C LEU B 500 3.03 -67.38 15.31
N THR B 501 1.74 -67.03 15.26
CA THR B 501 0.75 -67.43 16.25
C THR B 501 -0.38 -68.13 15.52
N PRO B 502 -0.24 -69.42 15.24
CA PRO B 502 -1.28 -70.12 14.48
C PRO B 502 -2.50 -70.42 15.36
N ARG B 503 -3.68 -70.08 14.84
CA ARG B 503 -4.92 -70.16 15.60
C ARG B 503 -5.86 -71.23 15.09
N PHE B 504 -5.43 -72.04 14.12
CA PHE B 504 -6.32 -73.02 13.52
C PHE B 504 -6.32 -74.35 14.26
N THR B 505 -5.41 -74.55 15.21
CA THR B 505 -5.50 -75.65 16.15
C THR B 505 -6.36 -75.32 17.36
N LEU B 506 -6.89 -74.10 17.42
CA LEU B 506 -7.71 -73.62 18.52
C LEU B 506 -9.16 -73.53 18.08
N CYS B 507 -10.06 -73.46 19.05
CA CYS B 507 -11.44 -73.18 18.74
C CYS B 507 -11.60 -71.73 18.30
N PRO B 508 -12.67 -71.40 17.57
CA PRO B 508 -12.86 -70.01 17.13
C PRO B 508 -12.98 -69.01 18.27
N ASN B 509 -13.30 -69.47 19.48
CA ASN B 509 -13.36 -68.57 20.63
C ASN B 509 -11.99 -68.33 21.26
N GLY B 510 -10.96 -69.05 20.83
CA GLY B 510 -9.62 -68.86 21.34
C GLY B 510 -8.77 -68.01 20.41
N TYR B 511 -7.93 -67.17 21.01
CA TYR B 511 -7.11 -66.25 20.22
C TYR B 511 -5.93 -65.78 21.06
N TYR B 512 -4.94 -65.23 20.37
CA TYR B 512 -3.79 -64.59 20.98
C TYR B 512 -3.97 -63.08 20.98
N PHE B 513 -3.28 -62.41 21.91
CA PHE B 513 -3.22 -60.96 21.87
C PHE B 513 -1.98 -60.49 22.64
N ALA B 514 -1.32 -59.47 22.10
CA ALA B 514 -0.11 -58.91 22.66
C ALA B 514 -0.36 -57.49 23.12
N ILE B 515 0.40 -57.04 24.12
CA ILE B 515 0.15 -55.76 24.76
C ILE B 515 1.42 -54.92 24.77
N ASP B 516 1.25 -53.61 24.81
CA ASP B 516 2.31 -52.62 24.90
C ASP B 516 2.45 -52.24 26.37
N PRO B 517 3.64 -51.84 26.82
CA PRO B 517 3.74 -51.28 28.18
C PRO B 517 2.80 -50.12 28.42
N ASN B 518 2.47 -49.34 27.40
CA ASN B 518 1.43 -48.32 27.52
C ASN B 518 0.03 -48.90 27.62
N GLY B 519 -0.12 -50.20 27.35
CA GLY B 519 -1.42 -50.86 27.42
C GLY B 519 -2.07 -51.13 26.09
N TYR B 520 -1.61 -50.49 25.02
CA TYR B 520 -2.21 -50.69 23.71
C TYR B 520 -1.91 -52.09 23.19
N VAL B 521 -2.81 -52.61 22.35
CA VAL B 521 -2.68 -53.96 21.82
C VAL B 521 -1.82 -53.92 20.56
N LEU B 522 -0.72 -54.67 20.58
CA LEU B 522 0.04 -54.91 19.36
C LEU B 522 -0.66 -55.93 18.48
N LEU B 523 -1.35 -56.90 19.09
CA LEU B 523 -2.05 -57.96 18.39
C LEU B 523 -3.40 -58.17 19.03
N HIS B 524 -4.45 -58.23 18.21
CA HIS B 524 -5.81 -58.50 18.70
C HIS B 524 -6.74 -58.79 17.54
N PRO B 525 -7.68 -59.71 17.69
CA PRO B 525 -8.70 -59.92 16.63
C PRO B 525 -9.54 -58.69 16.35
N ASN B 526 -9.78 -57.86 17.35
CA ASN B 526 -10.63 -56.68 17.21
C ASN B 526 -9.87 -55.48 16.65
N LEU B 527 -8.56 -55.59 16.44
CA LEU B 527 -7.77 -54.51 15.86
C LEU B 527 -7.95 -54.51 14.35
N GLN B 528 -8.27 -53.34 13.79
CA GLN B 528 -8.61 -53.24 12.38
C GLN B 528 -7.73 -52.21 11.70
N PRO B 529 -7.48 -52.36 10.39
CA PRO B 529 -6.60 -51.41 9.69
C PRO B 529 -7.29 -50.08 9.39
N LYS B 530 -7.86 -49.46 10.41
CA LYS B 530 -8.49 -48.16 10.27
C LYS B 530 -8.02 -47.24 11.39
N PRO B 531 -7.90 -45.95 11.12
CA PRO B 531 -7.52 -45.01 12.18
C PRO B 531 -8.62 -44.94 13.25
N ILE B 532 -8.18 -44.76 14.49
CA ILE B 532 -9.09 -44.62 15.62
C ILE B 532 -9.58 -43.18 15.67
N GLY B 533 -10.89 -43.00 15.84
CA GLY B 533 -11.51 -41.70 15.78
C GLY B 533 -11.78 -41.11 17.14
N VAL B 534 -12.04 -39.79 17.15
CA VAL B 534 -12.40 -39.05 18.35
C VAL B 534 -13.57 -38.14 18.03
N GLY B 535 -14.61 -38.19 18.88
CA GLY B 535 -15.74 -37.29 18.76
C GLY B 535 -16.58 -37.53 17.52
N ILE B 536 -17.54 -36.63 17.33
CA ILE B 536 -18.42 -36.63 16.16
C ILE B 536 -17.81 -35.74 15.09
N PRO B 537 -17.64 -36.21 13.87
CA PRO B 537 -17.12 -35.36 12.79
C PRO B 537 -18.18 -34.38 12.31
N THR B 538 -17.99 -33.10 12.65
CA THR B 538 -18.92 -32.04 12.28
C THR B 538 -18.25 -31.16 11.23
N ILE B 539 -18.70 -31.29 9.98
CA ILE B 539 -18.16 -30.51 8.87
C ILE B 539 -19.33 -29.83 8.16
N ASN B 540 -19.18 -28.53 7.89
CA ASN B 540 -20.20 -27.78 7.18
C ASN B 540 -20.20 -28.12 5.69
N SER B 553 -4.95 -40.07 8.47
CA SER B 553 -4.52 -41.34 9.05
C SER B 553 -3.09 -41.25 9.58
N GLN B 554 -2.61 -40.02 9.78
CA GLN B 554 -1.26 -39.82 10.26
C GLN B 554 -1.08 -40.27 11.71
N GLU B 555 -2.15 -40.29 12.49
CA GLU B 555 -2.06 -40.72 13.88
C GLU B 555 -1.90 -42.23 13.97
N PRO B 556 -1.18 -42.72 14.98
CA PRO B 556 -1.03 -44.17 15.14
C PRO B 556 -2.33 -44.82 15.59
N VAL B 557 -2.43 -46.11 15.31
CA VAL B 557 -3.61 -46.89 15.72
C VAL B 557 -3.30 -47.44 17.11
N THR B 558 -3.59 -46.61 18.11
CA THR B 558 -3.33 -46.94 19.51
C THR B 558 -4.65 -47.34 20.17
N LEU B 559 -4.95 -48.64 20.13
CA LEU B 559 -6.16 -49.18 20.73
C LEU B 559 -5.80 -49.86 22.04
N ASP B 560 -6.37 -49.38 23.14
CA ASP B 560 -6.06 -49.94 24.45
C ASP B 560 -6.67 -51.33 24.60
N PHE B 561 -6.06 -52.13 25.49
CA PHE B 561 -6.54 -53.49 25.69
C PHE B 561 -7.96 -53.50 26.25
N LEU B 562 -8.24 -52.61 27.22
CA LEU B 562 -9.57 -52.57 27.80
C LEU B 562 -10.61 -52.03 26.83
N ASP B 563 -10.19 -51.43 25.72
CA ASP B 563 -11.13 -50.95 24.71
C ASP B 563 -11.28 -51.93 23.55
N ALA B 564 -10.34 -52.86 23.38
CA ALA B 564 -10.46 -53.84 22.31
C ALA B 564 -11.63 -54.79 22.56
N GLU B 565 -11.81 -55.22 23.80
CA GLU B 565 -12.92 -56.11 24.15
C GLU B 565 -13.70 -55.56 25.34
N LEU B 566 -14.59 -56.37 25.89
CA LEU B 566 -15.42 -55.92 27.00
C LEU B 566 -14.59 -55.74 28.26
N GLU B 567 -14.74 -54.58 28.90
CA GLU B 567 -13.95 -54.27 30.09
C GLU B 567 -14.55 -54.94 31.32
N ASN B 568 -13.69 -55.55 32.13
CA ASN B 568 -14.11 -56.25 33.33
C ASN B 568 -13.14 -55.93 34.46
N ASP B 569 -13.63 -56.09 35.69
CA ASP B 569 -12.79 -55.84 36.87
C ASP B 569 -11.65 -56.84 36.98
N ILE B 570 -11.76 -57.99 36.32
CA ILE B 570 -10.69 -58.98 36.35
C ILE B 570 -9.69 -58.75 35.22
N LYS B 571 -10.13 -58.19 34.10
CA LYS B 571 -9.21 -57.89 33.01
C LYS B 571 -8.19 -56.83 33.42
N VAL B 572 -8.58 -55.92 34.31
CA VAL B 572 -7.69 -54.84 34.70
C VAL B 572 -6.47 -55.37 35.42
N GLU B 573 -6.66 -56.31 36.36
CA GLU B 573 -5.52 -56.86 37.09
C GLU B 573 -4.67 -57.76 36.19
N ILE B 574 -5.29 -58.40 35.20
CA ILE B 574 -4.51 -59.13 34.20
C ILE B 574 -3.72 -58.17 33.32
N ARG B 575 -4.34 -57.04 32.95
CA ARG B 575 -3.64 -56.05 32.14
C ARG B 575 -2.44 -55.47 32.90
N ASN B 576 -2.63 -55.15 34.18
CA ASN B 576 -1.53 -54.64 34.98
C ASN B 576 -0.42 -55.67 35.14
N LYS B 577 -0.78 -56.93 35.38
CA LYS B 577 0.20 -57.99 35.51
C LYS B 577 0.95 -58.23 34.20
N MET B 578 0.31 -57.96 33.06
CA MET B 578 0.98 -58.14 31.78
C MET B 578 1.83 -56.95 31.39
N ILE B 579 1.50 -55.76 31.89
CA ILE B 579 2.27 -54.56 31.55
C ILE B 579 3.66 -54.63 32.18
N ASP B 580 3.74 -55.01 33.45
CA ASP B 580 5.00 -55.05 34.17
C ASP B 580 5.77 -56.36 33.95
N GLY B 581 5.35 -57.17 32.98
CA GLY B 581 6.13 -58.31 32.54
C GLY B 581 6.31 -59.42 33.57
N GLU B 582 5.23 -60.10 33.93
CA GLU B 582 5.32 -61.30 34.76
C GLU B 582 4.36 -62.35 34.23
N SER B 583 4.80 -63.60 34.21
CA SER B 583 3.98 -64.68 33.69
C SER B 583 2.92 -65.09 34.70
N GLY B 584 1.86 -65.70 34.19
CA GLY B 584 0.79 -66.17 35.05
C GLY B 584 -0.33 -66.78 34.25
N GLU B 585 -1.36 -67.22 34.97
CA GLU B 585 -2.56 -67.78 34.37
C GLU B 585 -3.72 -67.60 35.33
N LYS B 586 -4.93 -67.62 34.79
CA LYS B 586 -6.13 -67.45 35.60
C LYS B 586 -7.35 -67.92 34.82
N THR B 587 -8.18 -68.74 35.44
CA THR B 587 -9.45 -69.19 34.86
C THR B 587 -10.59 -68.50 35.61
N PHE B 588 -11.49 -67.88 34.86
CA PHE B 588 -12.58 -67.12 35.44
C PHE B 588 -13.69 -66.97 34.42
N ARG B 589 -14.85 -66.52 34.90
CA ARG B 589 -16.06 -66.46 34.09
C ARG B 589 -16.19 -65.09 33.45
N THR B 590 -16.26 -65.05 32.14
CA THR B 590 -16.35 -63.82 31.36
C THR B 590 -17.64 -63.81 30.55
N LEU B 591 -18.20 -62.61 30.36
CA LEU B 591 -19.31 -62.42 29.44
C LEU B 591 -18.76 -61.77 28.18
N VAL B 592 -19.00 -62.41 27.03
CA VAL B 592 -18.27 -62.14 25.80
C VAL B 592 -19.20 -61.56 24.76
N LYS B 593 -18.75 -60.50 24.11
CA LYS B 593 -19.48 -59.93 22.97
C LYS B 593 -19.33 -60.84 21.76
N SER B 594 -20.41 -60.96 20.99
CA SER B 594 -20.39 -61.81 19.82
C SER B 594 -19.63 -61.15 18.68
N GLN B 595 -19.43 -61.91 17.60
CA GLN B 595 -18.74 -61.37 16.42
C GLN B 595 -19.51 -60.18 15.85
N ASP B 596 -20.82 -60.31 15.71
CA ASP B 596 -21.68 -59.17 15.41
C ASP B 596 -22.11 -58.54 16.72
N GLU B 597 -21.95 -57.23 16.83
CA GLU B 597 -22.18 -56.55 18.11
C GLU B 597 -23.68 -56.48 18.41
N ARG B 598 -24.29 -57.64 18.66
CA ARG B 598 -25.71 -57.72 18.96
C ARG B 598 -26.04 -58.60 20.16
N TYR B 599 -25.22 -59.60 20.48
CA TYR B 599 -25.48 -60.52 21.57
C TYR B 599 -24.28 -60.56 22.51
N ILE B 600 -24.57 -60.75 23.80
CA ILE B 600 -23.55 -60.97 24.81
C ILE B 600 -23.82 -62.31 25.47
N ASP B 601 -22.82 -63.18 25.48
CA ASP B 601 -22.93 -64.50 26.07
C ASP B 601 -21.80 -64.70 27.07
N LYS B 602 -22.10 -65.36 28.17
CA LYS B 602 -21.15 -65.56 29.26
C LYS B 602 -20.62 -66.99 29.24
N GLY B 603 -19.31 -67.11 29.40
CA GLY B 603 -18.66 -68.41 29.37
C GLY B 603 -17.29 -68.36 30.00
N ASN B 604 -16.80 -69.54 30.38
CA ASN B 604 -15.51 -69.64 31.04
C ASN B 604 -14.37 -69.37 30.07
N ARG B 605 -13.34 -68.69 30.55
CA ARG B 605 -12.15 -68.40 29.76
C ARG B 605 -10.91 -68.63 30.62
N THR B 606 -9.79 -68.90 29.95
CA THR B 606 -8.51 -69.07 30.63
C THR B 606 -7.47 -68.23 29.92
N TYR B 607 -6.87 -67.30 30.65
CA TYR B 607 -5.84 -66.41 30.10
C TYR B 607 -4.48 -66.86 30.60
N THR B 608 -3.56 -67.11 29.66
CA THR B 608 -2.19 -67.51 29.97
C THR B 608 -1.26 -66.56 29.24
N TRP B 609 -0.38 -65.90 29.99
CA TRP B 609 0.49 -64.87 29.45
C TRP B 609 1.92 -65.04 29.94
N THR B 610 2.86 -64.67 29.07
CA THR B 610 4.28 -64.57 29.42
C THR B 610 4.84 -63.33 28.75
N PRO B 611 5.90 -62.74 29.29
CA PRO B 611 6.53 -61.60 28.62
C PRO B 611 7.52 -62.04 27.56
N VAL B 612 7.50 -61.34 26.43
CA VAL B 612 8.52 -61.55 25.41
C VAL B 612 9.83 -61.00 25.92
N ASN B 613 10.88 -61.84 25.93
CA ASN B 613 12.09 -61.51 26.65
C ASN B 613 12.87 -60.39 25.96
N GLY B 614 13.03 -60.49 24.64
CA GLY B 614 13.84 -59.50 23.93
C GLY B 614 13.25 -58.11 23.97
N THR B 615 11.95 -57.99 23.70
CA THR B 615 11.26 -56.72 23.67
C THR B 615 10.53 -56.48 25.00
N ASP B 616 9.69 -55.46 25.03
CA ASP B 616 8.90 -55.13 26.22
C ASP B 616 7.43 -55.56 26.07
N TYR B 617 7.12 -56.30 25.02
CA TYR B 617 5.76 -56.77 24.79
C TYR B 617 5.46 -57.99 25.67
N SER B 618 4.17 -58.21 25.90
CA SER B 618 3.69 -59.38 26.64
C SER B 618 2.64 -60.08 25.79
N LEU B 619 2.81 -61.39 25.61
CA LEU B 619 1.92 -62.19 24.79
C LEU B 619 1.01 -63.03 25.67
N ALA B 620 -0.28 -63.03 25.36
CA ALA B 620 -1.27 -63.78 26.12
C ALA B 620 -2.13 -64.59 25.16
N LEU B 621 -2.56 -65.76 25.63
CA LEU B 621 -3.42 -66.66 24.85
C LEU B 621 -4.76 -66.79 25.56
N VAL B 622 -5.82 -66.36 24.89
CA VAL B 622 -7.17 -66.58 25.37
C VAL B 622 -7.61 -67.96 24.93
N LEU B 623 -7.98 -68.80 25.89
CA LEU B 623 -8.38 -70.16 25.57
C LEU B 623 -9.49 -70.61 26.51
N PRO B 624 -10.69 -70.85 26.01
CA PRO B 624 -11.80 -71.26 26.87
C PRO B 624 -11.68 -72.73 27.26
N THR B 625 -12.65 -73.19 28.04
CA THR B 625 -12.78 -74.60 28.35
C THR B 625 -13.18 -75.34 27.06
N TYR B 626 -13.28 -76.67 27.13
CA TYR B 626 -13.64 -77.54 26.01
C TYR B 626 -12.75 -77.30 24.80
N SER B 627 -11.62 -76.63 25.01
CA SER B 627 -10.66 -76.36 23.93
C SER B 627 -9.25 -76.77 24.32
N PHE B 628 -9.09 -77.50 25.42
CA PHE B 628 -7.78 -78.00 25.83
C PHE B 628 -7.35 -79.23 25.03
N TYR B 629 -8.22 -79.73 24.16
CA TYR B 629 -7.86 -80.80 23.24
C TYR B 629 -8.43 -80.48 21.87
N TYR B 630 -7.76 -80.98 20.83
CA TYR B 630 -8.19 -80.73 19.46
C TYR B 630 -8.01 -81.99 18.64
N ILE B 631 -8.77 -82.07 17.54
CA ILE B 631 -8.73 -83.22 16.65
C ILE B 631 -7.58 -83.04 15.68
N LYS B 632 -6.65 -84.00 15.67
CA LYS B 632 -5.55 -84.05 14.72
C LYS B 632 -5.74 -85.27 13.84
N ALA B 633 -5.98 -85.05 12.55
CA ALA B 633 -6.19 -86.15 11.63
C ALA B 633 -4.87 -86.86 11.35
N LYS B 634 -4.87 -88.18 11.48
CA LYS B 634 -3.72 -89.01 11.11
C LYS B 634 -4.25 -90.02 10.09
N LEU B 635 -3.88 -89.80 8.82
CA LEU B 635 -4.32 -90.63 7.72
C LEU B 635 -3.46 -90.31 6.51
N GLU B 636 -2.80 -91.32 5.96
CA GLU B 636 -1.89 -91.15 4.84
C GLU B 636 -2.21 -92.03 3.64
N GLU B 637 -3.14 -92.97 3.77
CA GLU B 637 -3.48 -93.84 2.66
C GLU B 637 -4.15 -93.04 1.54
N THR B 638 -3.97 -93.51 0.31
CA THR B 638 -4.41 -92.75 -0.86
C THR B 638 -5.89 -92.91 -1.14
N ILE B 639 -6.38 -94.16 -1.20
CA ILE B 639 -7.75 -94.38 -1.64
C ILE B 639 -8.75 -93.89 -0.58
N THR B 640 -8.31 -93.76 0.67
CA THR B 640 -9.18 -93.20 1.70
C THR B 640 -9.27 -91.68 1.64
N GLN B 641 -8.40 -91.02 0.88
CA GLN B 641 -8.46 -89.59 0.68
C GLN B 641 -9.04 -89.20 -0.68
N ALA B 642 -8.94 -90.08 -1.68
CA ALA B 642 -9.51 -89.79 -2.99
C ALA B 642 -11.03 -89.66 -2.92
N ARG B 643 -11.68 -90.55 -2.16
CA ARG B 643 -13.13 -90.47 -2.03
C ARG B 643 -13.55 -89.20 -1.31
N TYR B 644 -12.80 -88.79 -0.29
CA TYR B 644 -13.11 -87.55 0.42
C TYR B 644 -12.97 -86.33 -0.48
N SER B 645 -11.90 -86.29 -1.29
CA SER B 645 -11.69 -85.14 -2.17
C SER B 645 -12.73 -85.06 -3.26
N GLU B 646 -13.27 -86.21 -3.71
CA GLU B 646 -14.29 -86.20 -4.75
C GLU B 646 -15.61 -85.64 -4.27
N THR B 647 -15.78 -85.42 -2.96
CA THR B 647 -17.01 -84.83 -2.45
C THR B 647 -17.09 -83.33 -2.73
N LEU B 648 -15.96 -82.67 -2.88
CA LEU B 648 -15.92 -81.22 -3.08
C LEU B 648 -16.14 -80.81 -4.53
N LYS B 649 -16.45 -81.75 -5.42
CA LYS B 649 -16.71 -81.41 -6.81
C LYS B 649 -17.96 -80.56 -6.90
N PRO B 650 -17.92 -79.42 -7.60
CA PRO B 650 -19.13 -78.60 -7.77
C PRO B 650 -20.25 -79.31 -8.50
N ASP B 651 -19.93 -80.29 -9.34
CA ASP B 651 -20.94 -81.03 -10.10
C ASP B 651 -21.63 -82.09 -9.27
N ASN B 652 -21.14 -82.38 -8.07
CA ASN B 652 -21.74 -83.38 -7.19
C ASN B 652 -22.60 -82.74 -6.11
N PHE B 653 -22.90 -81.44 -6.25
CA PHE B 653 -23.68 -80.72 -5.26
C PHE B 653 -25.15 -81.11 -5.26
N GLU B 654 -25.61 -81.83 -6.28
CA GLU B 654 -27.01 -82.22 -6.34
C GLU B 654 -27.40 -83.14 -5.19
N GLU B 655 -26.52 -84.08 -4.83
CA GLU B 655 -26.78 -85.02 -3.76
C GLU B 655 -25.98 -84.74 -2.50
N SER B 656 -24.83 -84.10 -2.61
CA SER B 656 -23.95 -83.84 -1.48
C SER B 656 -24.18 -82.47 -0.86
N GLY B 657 -25.14 -81.70 -1.36
CA GLY B 657 -25.39 -80.38 -0.84
C GLY B 657 -24.39 -79.35 -1.32
N TYR B 658 -24.80 -78.08 -1.36
CA TYR B 658 -23.92 -77.02 -1.83
C TYR B 658 -22.84 -76.77 -0.78
N THR B 659 -21.58 -76.92 -1.19
CA THR B 659 -20.45 -76.96 -0.27
C THR B 659 -19.59 -75.72 -0.41
N PHE B 660 -19.20 -75.14 0.72
CA PHE B 660 -18.26 -74.03 0.79
C PHE B 660 -16.89 -74.54 1.21
N ILE B 661 -15.92 -73.63 1.22
CA ILE B 661 -14.57 -73.95 1.68
C ILE B 661 -13.99 -72.70 2.34
N ALA B 662 -13.28 -72.89 3.44
CA ALA B 662 -12.68 -71.77 4.14
C ALA B 662 -11.44 -71.30 3.39
N PRO B 663 -11.35 -70.01 3.06
CA PRO B 663 -10.16 -69.51 2.34
C PRO B 663 -8.92 -69.47 3.23
N ARG B 664 -8.49 -70.63 3.67
CA ARG B 664 -7.29 -70.70 4.49
C ARG B 664 -6.12 -71.04 3.59
N ASP B 665 -4.92 -70.76 4.06
CA ASP B 665 -3.75 -71.05 3.27
C ASP B 665 -3.37 -72.52 3.42
N TYR B 666 -4.30 -73.39 3.08
CA TYR B 666 -4.03 -74.82 3.16
C TYR B 666 -2.69 -75.11 2.52
N CYS B 667 -2.40 -74.43 1.42
CA CYS B 667 -1.13 -74.65 0.73
C CYS B 667 -0.67 -73.46 -0.07
N ASN B 668 0.38 -72.79 0.40
CA ASN B 668 0.94 -71.63 -0.30
C ASN B 668 0.39 -71.43 -1.70
N ASP B 669 0.95 -72.14 -2.67
CA ASP B 669 0.49 -72.04 -4.05
C ASP B 669 -0.97 -71.65 -4.16
N LEU B 670 -1.86 -72.52 -3.72
CA LEU B 670 -3.28 -72.21 -3.74
C LEU B 670 -3.50 -70.87 -3.07
N LYS B 671 -3.74 -69.83 -3.87
CA LYS B 671 -3.96 -68.50 -3.31
C LYS B 671 -5.42 -68.35 -2.92
N ILE B 672 -5.74 -67.29 -2.18
CA ILE B 672 -7.11 -67.07 -1.77
C ILE B 672 -7.76 -66.04 -2.68
N SER B 673 -9.07 -66.19 -2.90
CA SER B 673 -9.81 -65.32 -3.81
C SER B 673 -10.89 -64.50 -3.14
N ASP B 674 -11.27 -64.81 -1.90
CA ASP B 674 -12.27 -64.04 -1.14
C ASP B 674 -13.63 -64.04 -1.85
N ASN B 675 -13.91 -65.09 -2.64
CA ASN B 675 -15.22 -65.25 -3.26
C ASN B 675 -15.79 -66.65 -3.13
N ASN B 676 -14.96 -67.67 -2.91
CA ASN B 676 -15.41 -69.05 -2.74
C ASN B 676 -16.19 -69.56 -3.94
N THR B 677 -15.92 -69.01 -5.11
CA THR B 677 -16.43 -69.52 -6.38
C THR B 677 -15.35 -70.18 -7.22
N GLU B 678 -14.23 -69.49 -7.42
CA GLU B 678 -13.08 -70.09 -8.09
C GLU B 678 -12.12 -70.75 -7.12
N PHE B 679 -12.14 -70.36 -5.84
CA PHE B 679 -11.22 -70.93 -4.87
C PHE B 679 -11.50 -72.43 -4.67
N LEU B 680 -12.78 -72.80 -4.59
CA LEU B 680 -13.12 -74.21 -4.49
C LEU B 680 -12.69 -74.96 -5.74
N LEU B 681 -12.90 -74.37 -6.91
CA LEU B 681 -12.40 -74.95 -8.15
C LEU B 681 -10.87 -74.99 -8.14
N ASN B 682 -10.23 -73.94 -7.64
CA ASN B 682 -8.78 -73.94 -7.54
C ASN B 682 -8.29 -74.99 -6.55
N PHE B 683 -8.98 -75.14 -5.43
CA PHE B 683 -8.51 -76.05 -4.38
C PHE B 683 -8.64 -77.50 -4.80
N ASN B 684 -9.81 -77.90 -5.33
CA ASN B 684 -10.02 -79.30 -5.68
C ASN B 684 -9.28 -79.71 -6.94
N GLU B 685 -8.99 -78.77 -7.84
CA GLU B 685 -8.11 -79.07 -8.96
C GLU B 685 -6.64 -79.01 -8.57
N PHE B 686 -6.34 -78.58 -7.35
CA PHE B 686 -4.97 -78.58 -6.84
C PHE B 686 -4.62 -79.90 -6.15
N ILE B 687 -5.54 -80.45 -5.36
CA ILE B 687 -5.23 -81.66 -4.60
C ILE B 687 -4.97 -82.84 -5.53
N ASP B 688 -5.78 -83.01 -6.58
CA ASP B 688 -5.57 -84.12 -7.50
C ASP B 688 -4.34 -83.91 -8.38
N ARG B 689 -4.09 -82.68 -8.81
CA ARG B 689 -2.95 -82.37 -9.66
C ARG B 689 -1.73 -81.97 -8.83
N LYS B 690 -1.38 -82.83 -7.87
CA LYS B 690 -0.29 -82.55 -6.94
C LYS B 690 0.04 -83.83 -6.19
N THR B 691 1.33 -84.10 -6.02
CA THR B 691 1.75 -85.30 -5.32
C THR B 691 1.36 -85.20 -3.84
N PRO B 692 0.94 -86.30 -3.22
CA PRO B 692 0.49 -86.26 -1.82
C PRO B 692 1.61 -86.10 -0.80
N ASN B 693 2.88 -86.13 -1.21
CA ASN B 693 3.99 -86.01 -0.27
C ASN B 693 4.09 -84.61 0.33
N ASN B 694 3.52 -83.59 -0.32
CA ASN B 694 3.48 -82.22 0.18
C ASN B 694 4.87 -81.69 0.51
N PRO B 695 5.73 -81.50 -0.48
CA PRO B 695 7.10 -81.04 -0.19
C PRO B 695 7.16 -79.65 0.42
N SER B 696 6.21 -78.79 0.10
CA SER B 696 6.25 -77.41 0.59
C SER B 696 5.37 -77.17 1.80
N CYS B 697 4.07 -77.00 1.58
CA CYS B 697 3.16 -76.68 2.67
C CYS B 697 2.88 -77.85 3.59
N ASN B 698 1.86 -77.72 4.45
CA ASN B 698 1.57 -78.76 5.41
C ASN B 698 0.32 -79.56 5.10
N ALA B 699 0.25 -80.78 5.63
CA ALA B 699 -0.96 -81.56 5.46
C ALA B 699 -1.90 -81.49 6.66
N ASP B 700 -1.46 -80.88 7.77
CA ASP B 700 -2.31 -80.79 8.94
C ASP B 700 -3.58 -79.99 8.66
N LEU B 701 -3.44 -78.86 7.97
CA LEU B 701 -4.61 -78.09 7.58
C LEU B 701 -5.32 -78.68 6.38
N ILE B 702 -4.72 -79.65 5.70
CA ILE B 702 -5.36 -80.30 4.56
C ILE B 702 -6.00 -81.62 4.96
N ASN B 703 -5.37 -82.37 5.88
CA ASN B 703 -6.00 -83.58 6.39
C ASN B 703 -7.28 -83.27 7.17
N ARG B 704 -7.25 -82.20 7.97
CA ARG B 704 -8.41 -81.86 8.79
C ARG B 704 -9.62 -81.52 7.92
N VAL B 705 -9.42 -80.70 6.88
CA VAL B 705 -10.54 -80.35 6.02
C VAL B 705 -11.00 -81.54 5.20
N LEU B 706 -10.06 -82.39 4.76
CA LEU B 706 -10.44 -83.58 3.99
C LEU B 706 -11.17 -84.58 4.87
N LEU B 707 -10.73 -84.73 6.12
CA LEU B 707 -11.40 -85.66 7.04
C LEU B 707 -12.84 -85.23 7.30
N ASP B 708 -13.05 -83.94 7.54
CA ASP B 708 -14.40 -83.45 7.78
C ASP B 708 -15.25 -83.46 6.52
N ALA B 709 -14.64 -83.52 5.34
CA ALA B 709 -15.41 -83.70 4.11
C ALA B 709 -16.13 -85.05 4.12
N GLY B 710 -15.43 -86.10 4.55
CA GLY B 710 -16.08 -87.40 4.67
C GLY B 710 -17.11 -87.43 5.79
N PHE B 711 -16.81 -86.78 6.91
CA PHE B 711 -17.74 -86.77 8.04
C PHE B 711 -19.06 -86.10 7.66
N THR B 712 -18.99 -84.97 6.96
CA THR B 712 -20.21 -84.31 6.51
C THR B 712 -20.86 -85.07 5.36
N ASN B 713 -20.07 -85.77 4.55
CA ASN B 713 -20.65 -86.60 3.49
C ASN B 713 -21.52 -87.70 4.06
N GLU B 714 -21.04 -88.37 5.12
CA GLU B 714 -21.79 -89.45 5.73
C GLU B 714 -23.10 -88.95 6.37
N LEU B 715 -23.18 -87.68 6.74
CA LEU B 715 -24.41 -87.15 7.33
C LEU B 715 -25.41 -86.70 6.28
N VAL B 716 -24.95 -86.02 5.24
CA VAL B 716 -25.86 -85.55 4.20
C VAL B 716 -26.40 -86.72 3.38
N GLN B 717 -25.60 -87.77 3.22
CA GLN B 717 -26.02 -88.91 2.40
C GLN B 717 -26.89 -89.87 3.19
N ASN B 718 -26.43 -90.32 4.35
CA ASN B 718 -27.10 -91.38 5.09
C ASN B 718 -28.28 -90.89 5.92
N TYR B 719 -28.36 -89.61 6.22
CA TYR B 719 -29.49 -89.15 7.03
C TYR B 719 -30.28 -88.02 6.38
N TRP B 720 -29.61 -87.05 5.76
CA TRP B 720 -30.33 -85.92 5.18
C TRP B 720 -31.03 -86.30 3.89
N SER B 721 -30.46 -87.21 3.10
CA SER B 721 -31.10 -87.64 1.87
C SER B 721 -32.36 -88.45 2.15
N LYS B 722 -32.41 -89.16 3.28
CA LYS B 722 -33.58 -89.97 3.59
C LYS B 722 -34.81 -89.09 3.78
N GLN B 723 -34.67 -87.97 4.49
CA GLN B 723 -35.76 -87.00 4.65
C GLN B 723 -35.48 -85.85 3.69
N LYS B 724 -35.91 -86.02 2.44
CA LYS B 724 -35.64 -85.04 1.41
C LYS B 724 -36.34 -83.71 1.71
N ASN B 725 -37.64 -83.77 2.01
CA ASN B 725 -38.42 -82.57 2.27
C ASN B 725 -39.14 -82.71 3.60
N ILE B 726 -39.14 -81.62 4.38
CA ILE B 726 -39.85 -81.54 5.65
C ILE B 726 -40.72 -80.30 5.61
N LYS B 727 -41.92 -80.39 6.17
CA LYS B 727 -42.89 -79.30 6.07
C LYS B 727 -42.35 -78.02 6.69
N GLY B 728 -41.75 -78.11 7.87
CA GLY B 728 -41.22 -76.95 8.55
C GLY B 728 -39.75 -76.66 8.34
N VAL B 729 -39.05 -77.42 7.50
CA VAL B 729 -37.61 -77.25 7.31
C VAL B 729 -37.37 -76.72 5.90
N LYS B 730 -36.67 -75.60 5.82
CA LYS B 730 -36.37 -74.95 4.55
C LYS B 730 -34.92 -75.08 4.12
N ALA B 731 -33.99 -75.16 5.07
CA ALA B 731 -32.59 -75.39 4.75
C ALA B 731 -31.96 -76.14 5.91
N ARG B 732 -30.86 -76.84 5.59
CA ARG B 732 -30.13 -77.62 6.58
C ARG B 732 -28.64 -77.40 6.37
N PHE B 733 -27.96 -76.89 7.38
CA PHE B 733 -26.56 -76.52 7.26
C PHE B 733 -25.72 -77.18 8.34
N VAL B 734 -24.48 -77.52 7.98
CA VAL B 734 -23.51 -78.05 8.93
C VAL B 734 -22.21 -77.28 8.76
N VAL B 735 -21.66 -76.79 9.88
CA VAL B 735 -20.41 -76.03 9.88
C VAL B 735 -19.42 -76.77 10.77
N THR B 736 -18.25 -77.08 10.23
CA THR B 736 -17.24 -77.88 10.91
C THR B 736 -15.98 -77.06 11.16
N ASP B 737 -15.14 -77.57 12.06
CA ASP B 737 -13.88 -76.91 12.37
C ASP B 737 -12.91 -76.96 11.21
N GLY B 738 -13.09 -77.92 10.29
CA GLY B 738 -12.20 -78.01 9.15
C GLY B 738 -12.28 -76.81 8.22
N GLY B 739 -13.49 -76.30 8.01
CA GLY B 739 -13.67 -75.13 7.19
C GLY B 739 -14.57 -75.31 5.99
N ILE B 740 -15.53 -76.24 6.08
CA ILE B 740 -16.51 -76.46 5.02
C ILE B 740 -17.90 -76.33 5.62
N THR B 741 -18.78 -75.64 4.89
CA THR B 741 -20.19 -75.53 5.26
C THR B 741 -21.03 -76.08 4.11
N ARG B 742 -21.97 -76.95 4.44
CA ARG B 742 -22.77 -77.62 3.42
C ARG B 742 -24.25 -77.43 3.71
N VAL B 743 -24.98 -76.96 2.70
CA VAL B 743 -26.42 -76.81 2.76
C VAL B 743 -27.03 -77.81 1.78
N TYR B 744 -27.87 -78.72 2.28
CA TYR B 744 -28.41 -79.76 1.40
C TYR B 744 -29.25 -79.20 0.27
N PRO B 745 -30.24 -78.32 0.50
CA PRO B 745 -30.97 -77.76 -0.65
C PRO B 745 -30.09 -76.83 -1.46
N LYS B 746 -29.68 -77.28 -2.66
CA LYS B 746 -28.81 -76.45 -3.48
C LYS B 746 -29.52 -75.16 -3.90
N GLU B 747 -30.85 -75.21 -4.03
CA GLU B 747 -31.61 -73.99 -4.26
C GLU B 747 -31.55 -73.04 -3.07
N ALA B 748 -31.32 -73.58 -1.88
CA ALA B 748 -31.15 -72.76 -0.68
C ALA B 748 -29.69 -72.38 -0.42
N GLY B 749 -28.77 -72.88 -1.24
CA GLY B 749 -27.38 -72.48 -1.09
C GLY B 749 -27.06 -71.07 -1.54
N GLU B 750 -27.93 -70.47 -2.34
CA GLU B 750 -27.74 -69.08 -2.75
C GLU B 750 -28.22 -68.09 -1.69
N ASN B 751 -28.96 -68.56 -0.69
CA ASN B 751 -29.40 -67.72 0.42
C ASN B 751 -28.38 -67.68 1.55
N TRP B 752 -27.29 -68.42 1.44
CA TRP B 752 -26.26 -68.43 2.48
C TRP B 752 -25.48 -67.12 2.44
N GLN B 753 -25.55 -66.36 3.53
CA GLN B 753 -24.84 -65.09 3.64
C GLN B 753 -23.68 -65.16 4.63
N GLU B 754 -23.49 -66.27 5.31
CA GLU B 754 -22.44 -66.39 6.32
C GLU B 754 -21.06 -66.40 5.66
N ASN B 755 -20.06 -66.00 6.42
CA ASN B 755 -18.69 -65.97 5.94
C ASN B 755 -18.23 -67.40 5.64
N PRO B 756 -17.57 -67.64 4.50
CA PRO B 756 -17.08 -68.99 4.22
C PRO B 756 -16.11 -69.51 5.26
N GLU B 757 -15.34 -68.63 5.91
CA GLU B 757 -14.43 -69.06 6.97
C GLU B 757 -15.23 -69.40 8.22
N THR B 758 -14.97 -70.57 8.79
CA THR B 758 -15.70 -71.01 9.98
C THR B 758 -15.43 -70.11 11.16
N TYR B 759 -14.17 -69.69 11.35
CA TYR B 759 -13.77 -68.97 12.54
C TYR B 759 -14.34 -67.55 12.60
N GLU B 760 -14.92 -67.06 11.51
CA GLU B 760 -15.50 -65.71 11.48
C GLU B 760 -17.02 -65.73 11.49
N ASP B 761 -17.64 -66.89 11.72
CA ASP B 761 -19.09 -67.01 11.76
C ASP B 761 -19.58 -66.68 13.16
N SER B 762 -20.44 -65.66 13.26
CA SER B 762 -20.95 -65.22 14.56
C SER B 762 -21.75 -66.32 15.24
N PHE B 763 -22.62 -67.00 14.49
CA PHE B 763 -23.46 -68.04 15.09
C PHE B 763 -22.64 -69.25 15.52
N TYR B 764 -21.51 -69.52 14.84
CA TYR B 764 -20.69 -70.66 15.22
C TYR B 764 -20.04 -70.44 16.59
N LYS B 765 -19.45 -69.27 16.80
CA LYS B 765 -18.82 -68.99 18.09
C LYS B 765 -19.85 -68.89 19.20
N ARG B 766 -21.02 -68.31 18.90
CA ARG B 766 -22.06 -68.20 19.92
C ARG B 766 -22.61 -69.57 20.31
N SER B 767 -22.71 -70.50 19.35
CA SER B 767 -23.27 -71.81 19.64
C SER B 767 -22.37 -72.63 20.56
N LEU B 768 -21.05 -72.47 20.46
CA LEU B 768 -20.15 -73.26 21.29
C LEU B 768 -20.31 -72.91 22.77
N ASP B 769 -20.46 -71.62 23.07
CA ASP B 769 -20.56 -71.19 24.47
C ASP B 769 -21.82 -71.73 25.13
N ASN B 770 -22.95 -71.61 24.45
CA ASN B 770 -24.22 -72.10 24.99
C ASN B 770 -24.28 -73.62 24.96
N ASP B 771 -24.93 -74.20 25.95
CA ASP B 771 -25.15 -75.64 26.00
C ASP B 771 -26.50 -76.04 25.43
N ASN B 772 -27.25 -75.10 24.88
CA ASN B 772 -28.58 -75.34 24.33
C ASN B 772 -28.63 -74.83 22.89
N TYR B 773 -29.81 -74.90 22.29
CA TYR B 773 -30.01 -74.41 20.93
C TYR B 773 -29.98 -72.89 20.92
N VAL B 774 -29.43 -72.32 19.85
CA VAL B 774 -29.26 -70.88 19.71
C VAL B 774 -30.10 -70.42 18.52
N PHE B 775 -30.95 -69.43 18.75
CA PHE B 775 -31.78 -68.84 17.70
C PHE B 775 -31.18 -67.49 17.30
N THR B 776 -30.85 -67.35 16.02
CA THR B 776 -30.24 -66.13 15.50
C THR B 776 -31.27 -65.36 14.70
N ALA B 777 -31.56 -64.14 15.13
CA ALA B 777 -32.52 -63.31 14.42
C ALA B 777 -31.90 -62.74 13.15
N PRO B 778 -32.67 -62.69 12.05
CA PRO B 778 -32.13 -62.12 10.81
C PRO B 778 -32.01 -60.61 10.89
N TYR B 779 -31.25 -60.05 9.95
CA TYR B 779 -31.10 -58.61 9.88
C TYR B 779 -32.37 -57.96 9.35
N PHE B 780 -32.46 -56.65 9.55
CA PHE B 780 -33.63 -55.87 9.19
C PHE B 780 -33.30 -54.93 8.03
N ASN B 781 -34.33 -54.21 7.56
CA ASN B 781 -34.20 -53.21 6.52
C ASN B 781 -33.70 -53.82 5.21
N LYS B 782 -34.39 -54.88 4.77
CA LYS B 782 -34.18 -55.56 3.49
C LYS B 782 -32.71 -55.70 3.12
N SER B 783 -31.86 -56.03 4.11
CA SER B 783 -30.44 -56.22 3.86
C SER B 783 -30.25 -57.57 3.17
N GLY B 784 -30.50 -57.57 1.86
CA GLY B 784 -30.54 -58.78 1.09
C GLY B 784 -31.81 -59.55 1.36
N PRO B 785 -31.92 -60.76 0.82
CA PRO B 785 -33.11 -61.57 1.10
C PRO B 785 -33.02 -62.24 2.47
N GLY B 786 -33.73 -61.68 3.45
CA GLY B 786 -33.73 -62.24 4.78
C GLY B 786 -35.08 -62.25 5.46
N ALA B 787 -36.09 -61.67 4.80
CA ALA B 787 -37.40 -61.52 5.42
C ALA B 787 -38.14 -62.85 5.47
N TYR B 788 -38.46 -63.41 4.30
CA TYR B 788 -39.26 -64.63 4.21
C TYR B 788 -38.59 -65.77 3.47
N GLU B 789 -37.73 -65.49 2.50
CA GLU B 789 -37.10 -66.52 1.69
C GLU B 789 -35.85 -67.11 2.34
N SER B 790 -35.45 -66.60 3.51
CA SER B 790 -34.28 -67.12 4.21
C SER B 790 -34.66 -68.03 5.37
N GLY B 791 -35.47 -67.53 6.29
CA GLY B 791 -35.86 -68.27 7.48
C GLY B 791 -35.13 -67.76 8.71
N ILE B 792 -35.46 -68.39 9.84
CA ILE B 792 -34.85 -68.06 11.13
C ILE B 792 -33.82 -69.13 11.43
N MET B 793 -32.58 -68.71 11.64
CA MET B 793 -31.48 -69.67 11.81
C MET B 793 -31.48 -70.26 13.20
N VAL B 794 -31.31 -71.58 13.28
CA VAL B 794 -31.19 -72.32 14.54
C VAL B 794 -29.90 -73.12 14.48
N SER B 795 -29.15 -73.12 15.57
CA SER B 795 -27.87 -73.81 15.62
C SER B 795 -27.70 -74.55 16.94
N LYS B 796 -26.90 -75.62 16.90
CA LYS B 796 -26.59 -76.41 18.08
C LYS B 796 -25.24 -77.07 17.88
N ALA B 797 -24.37 -76.98 18.88
CA ALA B 797 -23.01 -77.50 18.79
C ALA B 797 -22.98 -78.99 19.10
N VAL B 798 -22.23 -79.73 18.30
CA VAL B 798 -22.07 -81.17 18.53
C VAL B 798 -21.05 -81.39 19.64
N GLU B 799 -21.34 -82.32 20.53
CA GLU B 799 -20.48 -82.63 21.67
C GLU B 799 -20.14 -84.10 21.64
N ILE B 800 -18.85 -84.42 21.70
CA ILE B 800 -18.38 -85.81 21.67
C ILE B 800 -17.49 -86.05 22.88
N TYR B 801 -17.38 -87.33 23.27
CA TYR B 801 -16.57 -87.74 24.41
C TYR B 801 -15.74 -88.94 23.97
N ILE B 802 -14.49 -88.69 23.57
CA ILE B 802 -13.67 -89.75 23.01
C ILE B 802 -13.10 -90.64 24.11
N GLN B 803 -12.38 -90.05 25.05
CA GLN B 803 -11.95 -90.73 26.27
C GLN B 803 -12.36 -89.93 27.50
N GLY B 804 -13.61 -89.47 27.50
CA GLY B 804 -14.08 -88.61 28.56
C GLY B 804 -13.62 -87.17 28.45
N LYS B 805 -13.10 -86.78 27.30
CA LYS B 805 -12.63 -85.42 27.06
C LYS B 805 -13.61 -84.74 26.12
N LEU B 806 -14.17 -83.61 26.56
CA LEU B 806 -15.20 -82.93 25.80
C LEU B 806 -14.59 -82.23 24.58
N LEU B 807 -15.22 -82.42 23.42
CA LEU B 807 -14.81 -81.78 22.19
C LEU B 807 -16.05 -81.27 21.46
N LYS B 808 -15.90 -80.14 20.77
CA LYS B 808 -16.98 -79.55 19.99
C LYS B 808 -16.46 -79.27 18.58
N PRO B 809 -16.43 -80.29 17.72
CA PRO B 809 -15.79 -80.12 16.41
C PRO B 809 -16.62 -79.33 15.41
N ALA B 810 -17.94 -79.27 15.60
CA ALA B 810 -18.81 -78.71 14.58
C ALA B 810 -20.09 -78.18 15.23
N VAL B 811 -20.92 -77.56 14.41
CA VAL B 811 -22.28 -77.20 14.78
C VAL B 811 -23.22 -77.63 13.65
N VAL B 812 -24.47 -77.88 14.00
CA VAL B 812 -25.51 -78.22 13.05
C VAL B 812 -26.76 -77.42 13.38
N GLY B 813 -27.65 -77.32 12.41
CA GLY B 813 -28.90 -76.62 12.63
C GLY B 813 -29.74 -76.60 11.37
N ILE B 814 -30.89 -75.95 11.49
CA ILE B 814 -31.86 -75.82 10.41
C ILE B 814 -32.29 -74.37 10.31
N LYS B 815 -32.91 -74.03 9.20
CA LYS B 815 -33.50 -72.72 8.98
C LYS B 815 -35.02 -72.89 9.00
N ILE B 816 -35.62 -72.62 10.17
CA ILE B 816 -37.07 -72.76 10.31
C ILE B 816 -37.76 -71.73 9.44
N ASP B 817 -38.69 -72.20 8.61
CA ASP B 817 -39.45 -71.29 7.76
C ASP B 817 -40.43 -70.49 8.61
N VAL B 818 -40.44 -69.17 8.40
CA VAL B 818 -41.29 -68.31 9.20
C VAL B 818 -42.77 -68.57 8.91
N ASN B 819 -43.09 -68.91 7.66
CA ASN B 819 -44.48 -69.12 7.28
C ASN B 819 -45.11 -70.28 8.04
N SER B 820 -44.46 -71.45 8.03
CA SER B 820 -45.04 -72.63 8.66
C SER B 820 -45.08 -72.50 10.17
N TRP B 821 -44.09 -71.83 10.77
CA TRP B 821 -44.06 -71.69 12.22
C TRP B 821 -45.21 -70.82 12.72
N ILE B 822 -45.67 -69.87 11.90
CA ILE B 822 -46.76 -68.98 12.32
C ILE B 822 -48.04 -69.76 12.59
N GLU B 823 -48.37 -70.72 11.71
CA GLU B 823 -49.57 -71.51 11.93
C GLU B 823 -49.49 -72.30 13.22
N ASN B 824 -48.33 -72.90 13.50
CA ASN B 824 -48.13 -73.59 14.77
C ASN B 824 -48.24 -72.62 15.95
N PHE B 825 -47.89 -71.34 15.74
CA PHE B 825 -48.00 -70.36 16.79
C PHE B 825 -49.46 -70.05 17.12
N THR B 826 -50.29 -69.91 16.09
CA THR B 826 -51.70 -69.56 16.32
C THR B 826 -52.47 -70.73 16.92
N LYS B 827 -52.26 -71.94 16.41
CA LYS B 827 -52.95 -73.12 16.94
C LYS B 827 -52.44 -73.46 18.34
N ARG B 843 -55.14 -65.24 16.49
CA ARG B 843 -54.54 -64.64 15.30
C ARG B 843 -55.02 -63.21 15.10
N ASN B 844 -54.08 -62.26 15.17
CA ASN B 844 -54.36 -60.85 14.95
C ASN B 844 -55.44 -60.34 15.92
N SER B 845 -55.41 -60.82 17.15
CA SER B 845 -56.37 -60.39 18.15
C SER B 845 -56.14 -58.94 18.53
N ASP B 846 -57.23 -58.20 18.71
CA ASP B 846 -57.17 -56.80 19.10
C ASP B 846 -57.09 -56.61 20.61
N VAL B 847 -57.17 -57.69 21.38
CA VAL B 847 -57.13 -57.59 22.83
C VAL B 847 -55.74 -57.86 23.38
N MET B 848 -55.07 -58.90 22.90
CA MET B 848 -53.83 -59.38 23.52
C MET B 848 -52.77 -59.58 22.45
N ASP B 849 -51.51 -59.46 22.87
CA ASP B 849 -50.37 -59.61 21.99
C ASP B 849 -49.57 -60.84 22.41
N CYS B 850 -49.16 -61.63 21.44
CA CYS B 850 -48.34 -62.82 21.68
C CYS B 850 -47.07 -62.69 20.86
N VAL B 851 -45.95 -62.40 21.51
CA VAL B 851 -44.68 -62.21 20.85
C VAL B 851 -43.64 -63.13 21.48
N ILE B 852 -42.62 -63.45 20.69
CA ILE B 852 -41.51 -64.29 21.13
C ILE B 852 -40.21 -63.52 20.90
N LEU B 853 -39.37 -63.48 21.92
CA LEU B 853 -38.08 -62.79 21.85
C LEU B 853 -36.97 -63.77 22.15
N ASP B 854 -35.78 -63.47 21.63
CA ASP B 854 -34.60 -64.28 21.84
C ASP B 854 -33.70 -63.63 22.88
N ASP B 855 -32.53 -64.22 23.11
CA ASP B 855 -31.58 -63.65 24.06
C ASP B 855 -30.93 -62.40 23.44
N GLY B 856 -31.50 -61.24 23.70
CA GLY B 856 -31.04 -60.01 23.09
C GLY B 856 -32.18 -59.09 22.71
N GLY B 857 -33.41 -59.54 22.96
CA GLY B 857 -34.59 -58.74 22.70
C GLY B 857 -34.88 -58.48 21.23
N PHE B 858 -34.67 -59.47 20.37
CA PHE B 858 -34.97 -59.35 18.95
C PHE B 858 -36.22 -60.17 18.63
N LEU B 859 -37.13 -59.55 17.90
CA LEU B 859 -38.42 -60.20 17.60
C LEU B 859 -38.22 -61.36 16.64
N LEU B 860 -38.90 -62.47 16.92
CA LEU B 860 -38.82 -63.66 16.07
C LEU B 860 -40.18 -64.00 15.46
N MET B 861 -41.24 -63.82 16.24
CA MET B 861 -42.61 -63.80 15.74
C MET B 861 -43.45 -62.88 16.61
N ALA B 862 -44.64 -62.56 16.11
CA ALA B 862 -45.63 -61.82 16.86
C ALA B 862 -47.01 -62.38 16.53
N ASN B 863 -48.05 -61.63 16.91
CA ASN B 863 -49.41 -62.10 16.66
C ASN B 863 -50.25 -60.98 16.04
N HIS B 864 -49.62 -60.08 15.27
CA HIS B 864 -50.34 -58.97 14.68
C HIS B 864 -49.98 -58.73 13.22
N ASP B 865 -49.35 -59.69 12.55
CA ASP B 865 -49.06 -59.62 11.11
C ASP B 865 -48.14 -58.43 10.82
N ASP B 866 -48.60 -57.20 11.13
CA ASP B 866 -47.77 -56.02 10.89
C ASP B 866 -46.44 -56.10 11.65
N TYR B 867 -46.47 -56.59 12.88
CA TYR B 867 -45.23 -56.84 13.60
C TYR B 867 -44.38 -57.90 12.89
N THR B 868 -45.04 -58.93 12.35
CA THR B 868 -44.32 -59.96 11.62
C THR B 868 -43.62 -59.40 10.39
N ASN B 869 -44.23 -58.42 9.71
CA ASN B 869 -43.60 -57.81 8.55
C ASN B 869 -42.27 -57.15 8.89
N GLN B 870 -42.11 -56.64 10.11
CA GLN B 870 -40.85 -56.07 10.58
C GLN B 870 -40.19 -57.12 11.49
N ILE B 871 -39.42 -58.01 10.87
CA ILE B 871 -38.87 -59.17 11.55
C ILE B 871 -37.38 -58.95 11.79
N GLY B 872 -36.87 -59.58 12.84
CA GLY B 872 -35.47 -59.44 13.21
C GLY B 872 -35.14 -58.03 13.63
N ARG B 873 -36.04 -57.42 14.42
CA ARG B 873 -35.89 -56.05 14.87
C ARG B 873 -35.94 -56.02 16.39
N PHE B 874 -35.17 -55.10 16.97
CA PHE B 874 -35.14 -54.95 18.42
C PHE B 874 -36.53 -54.62 18.94
N PHE B 875 -36.93 -55.30 20.02
CA PHE B 875 -38.27 -55.10 20.56
C PHE B 875 -38.47 -53.70 21.11
N GLY B 876 -37.39 -53.00 21.45
CA GLY B 876 -37.52 -51.63 21.91
C GLY B 876 -37.87 -50.62 20.84
N GLU B 877 -37.66 -50.95 19.57
CA GLU B 877 -38.02 -50.09 18.46
C GLU B 877 -39.45 -50.29 17.98
N ILE B 878 -40.14 -51.31 18.48
CA ILE B 878 -41.52 -51.58 18.09
C ILE B 878 -42.48 -51.55 19.27
N ASP B 879 -42.00 -51.58 20.51
CA ASP B 879 -42.84 -51.40 21.69
C ASP B 879 -41.93 -50.93 22.82
N PRO B 880 -41.66 -49.62 22.87
CA PRO B 880 -40.75 -49.11 23.91
C PRO B 880 -41.26 -49.29 25.33
N SER B 881 -42.57 -49.23 25.54
CA SER B 881 -43.11 -49.23 26.89
C SER B 881 -42.81 -50.55 27.61
N LEU B 882 -43.05 -51.68 26.95
CA LEU B 882 -42.83 -52.97 27.59
C LEU B 882 -41.34 -53.31 27.66
N MET B 883 -40.58 -52.97 26.62
CA MET B 883 -39.15 -53.28 26.60
C MET B 883 -38.41 -52.56 27.72
N ARG B 884 -38.73 -51.29 27.95
CA ARG B 884 -38.09 -50.54 29.02
C ARG B 884 -38.41 -51.11 30.39
N HIS B 885 -39.66 -51.57 30.58
CA HIS B 885 -40.03 -52.15 31.86
C HIS B 885 -39.35 -53.50 32.09
N LEU B 886 -39.09 -54.25 31.02
CA LEU B 886 -38.44 -55.56 31.17
C LEU B 886 -37.05 -55.42 31.75
N VAL B 887 -36.33 -54.36 31.37
CA VAL B 887 -34.99 -54.13 31.91
C VAL B 887 -35.07 -53.81 33.40
N ASN B 888 -36.08 -53.04 33.81
CA ASN B 888 -36.19 -52.63 35.20
C ASN B 888 -36.53 -53.79 36.12
N ILE B 889 -37.24 -54.79 35.61
CA ILE B 889 -37.65 -55.94 36.43
C ILE B 889 -36.58 -57.02 36.36
N SER B 890 -35.41 -56.67 35.82
CA SER B 890 -34.24 -57.55 35.80
C SER B 890 -34.49 -58.83 35.00
N VAL B 891 -34.96 -58.65 33.77
CA VAL B 891 -35.12 -59.78 32.84
C VAL B 891 -34.11 -59.61 31.72
N TYR B 892 -33.75 -58.37 31.41
CA TYR B 892 -32.80 -58.06 30.34
C TYR B 892 -31.73 -57.14 30.91
N ALA B 893 -30.52 -57.67 31.10
CA ALA B 893 -29.38 -56.86 31.49
C ALA B 893 -28.69 -56.30 30.24
N PHE B 894 -27.80 -55.35 30.46
CA PHE B 894 -27.17 -54.66 29.33
C PHE B 894 -25.92 -53.93 29.79
N ASN B 895 -24.88 -54.00 28.96
CA ASN B 895 -23.67 -53.20 29.10
C ASN B 895 -23.38 -52.48 27.80
N LYS B 896 -22.99 -51.22 27.90
CA LYS B 896 -22.62 -50.43 26.74
C LYS B 896 -21.11 -50.45 26.56
N SER B 897 -20.68 -50.34 25.29
CA SER B 897 -19.27 -50.34 24.95
C SER B 897 -18.99 -49.17 24.01
N TYR B 898 -17.71 -48.94 23.75
CA TYR B 898 -17.27 -47.90 22.82
C TYR B 898 -16.48 -48.55 21.69
N ASP B 899 -16.82 -48.19 20.46
CA ASP B 899 -16.15 -48.71 19.27
C ASP B 899 -15.35 -47.58 18.65
N TYR B 900 -14.05 -47.54 18.96
CA TYR B 900 -13.20 -46.45 18.50
C TYR B 900 -12.85 -46.56 17.02
N GLN B 901 -12.93 -47.77 16.45
CA GLN B 901 -12.68 -47.96 15.02
C GLN B 901 -14.03 -48.17 14.33
N SER B 902 -14.66 -47.06 13.99
CA SER B 902 -15.95 -47.07 13.33
C SER B 902 -16.06 -45.84 12.45
N VAL B 903 -16.94 -45.92 11.45
CA VAL B 903 -17.14 -44.86 10.49
C VAL B 903 -18.63 -44.53 10.44
N CYS B 904 -18.94 -43.24 10.34
CA CYS B 904 -20.32 -42.78 10.37
C CYS B 904 -20.47 -41.53 9.52
N GLU B 905 -21.72 -41.24 9.14
CA GLU B 905 -22.00 -40.04 8.35
C GLU B 905 -21.78 -38.80 9.20
N PRO B 906 -21.11 -37.78 8.69
CA PRO B 906 -20.87 -36.57 9.48
C PRO B 906 -22.15 -35.80 9.72
N GLY B 907 -22.14 -35.02 10.81
CA GLY B 907 -23.27 -34.21 11.20
C GLY B 907 -23.03 -32.73 10.94
N ALA B 908 -24.11 -31.96 11.08
CA ALA B 908 -24.06 -30.53 10.85
C ALA B 908 -23.22 -29.84 11.93
N ALA B 909 -22.48 -28.82 11.51
CA ALA B 909 -21.65 -28.05 12.43
C ALA B 909 -22.32 -26.73 12.80
N SER B 970 -18.58 -38.00 1.78
CA SER B 970 -18.32 -39.37 2.20
C SER B 970 -18.59 -39.56 3.69
N LYS B 971 -17.82 -40.44 4.32
CA LYS B 971 -17.96 -40.72 5.75
C LYS B 971 -16.58 -40.71 6.39
N GLN B 972 -16.55 -40.36 7.67
CA GLN B 972 -15.31 -40.23 8.43
C GLN B 972 -15.36 -41.10 9.67
N SER B 973 -14.17 -41.37 10.22
CA SER B 973 -14.06 -42.18 11.41
C SER B 973 -14.65 -41.47 12.62
N CYS B 974 -15.29 -42.22 13.50
CA CYS B 974 -15.93 -41.67 14.68
C CYS B 974 -16.06 -42.76 15.74
N ILE B 975 -16.34 -42.35 16.96
CA ILE B 975 -16.60 -43.27 18.06
C ILE B 975 -18.09 -43.56 18.11
N THR B 976 -18.45 -44.84 18.10
CA THR B 976 -19.84 -45.27 18.18
C THR B 976 -20.04 -46.11 19.43
N GLU B 977 -21.12 -45.86 20.15
CA GLU B 977 -21.42 -46.55 21.39
C GLU B 977 -22.33 -47.74 21.10
N GLN B 978 -21.92 -48.93 21.53
CA GLN B 978 -22.61 -50.17 21.25
C GLN B 978 -23.21 -50.73 22.53
N THR B 979 -24.46 -51.18 22.46
CA THR B 979 -25.14 -51.81 23.58
C THR B 979 -25.69 -53.15 23.16
N GLN B 980 -25.58 -54.14 24.06
CA GLN B 980 -26.11 -55.47 23.84
C GLN B 980 -26.90 -55.90 25.07
N TYR B 981 -27.91 -56.73 24.86
CA TYR B 981 -28.77 -57.19 25.94
C TYR B 981 -28.64 -58.70 26.11
N PHE B 982 -28.83 -59.16 27.34
CA PHE B 982 -28.71 -60.58 27.66
C PHE B 982 -29.57 -60.88 28.87
N PHE B 983 -29.85 -62.17 29.06
CA PHE B 983 -30.70 -62.60 30.16
C PHE B 983 -29.93 -62.49 31.47
N ASP B 984 -30.46 -61.68 32.40
CA ASP B 984 -29.76 -61.44 33.65
C ASP B 984 -30.02 -62.56 34.66
N ASN B 985 -31.28 -62.74 35.05
CA ASN B 985 -31.63 -63.71 36.07
C ASN B 985 -31.81 -65.10 35.47
N ASP B 986 -31.60 -66.12 36.31
CA ASP B 986 -31.80 -67.50 35.91
C ASP B 986 -33.24 -67.96 36.09
N SER B 987 -34.09 -67.15 36.71
CA SER B 987 -35.49 -67.50 36.88
C SER B 987 -36.20 -67.54 35.53
N LYS B 988 -37.20 -68.41 35.44
CA LYS B 988 -37.87 -68.69 34.18
C LYS B 988 -39.28 -68.12 34.09
N SER B 989 -39.96 -67.93 35.21
CA SER B 989 -41.34 -67.43 35.23
C SER B 989 -41.34 -65.97 35.65
N PHE B 990 -41.98 -65.13 34.83
CA PHE B 990 -42.05 -63.70 35.09
C PHE B 990 -43.50 -63.24 34.99
N SER B 991 -43.93 -62.44 35.96
CA SER B 991 -45.28 -61.88 35.96
C SER B 991 -45.23 -60.51 36.61
N GLY B 992 -46.09 -59.61 36.12
CA GLY B 992 -46.14 -58.27 36.66
C GLY B 992 -47.14 -57.43 35.90
N VAL B 993 -47.27 -56.18 36.34
CA VAL B 993 -48.20 -55.23 35.76
C VAL B 993 -47.42 -54.01 35.30
N LEU B 994 -47.62 -53.63 34.03
CA LEU B 994 -46.98 -52.45 33.46
C LEU B 994 -47.92 -51.25 33.61
N ASP B 995 -47.52 -50.29 34.43
CA ASP B 995 -48.30 -49.08 34.68
C ASP B 995 -47.68 -47.93 33.89
N CYS B 996 -48.39 -47.48 32.86
CA CYS B 996 -47.93 -46.38 32.02
C CYS B 996 -48.65 -45.07 32.32
N GLY B 997 -49.48 -45.06 33.38
CA GLY B 997 -50.24 -43.87 33.72
C GLY B 997 -51.68 -43.93 33.24
N ASN B 998 -52.62 -43.68 34.15
CA ASN B 998 -54.06 -43.69 33.89
C ASN B 998 -54.49 -44.92 33.08
N CYS B 999 -53.77 -46.02 33.25
CA CYS B 999 -54.07 -47.28 32.56
C CYS B 999 -53.30 -48.39 33.28
N SER B 1000 -53.43 -49.61 32.75
CA SER B 1000 -52.79 -50.76 33.36
C SER B 1000 -52.66 -51.87 32.34
N ARG B 1001 -51.47 -52.45 32.24
CA ARG B 1001 -51.19 -53.59 31.38
C ARG B 1001 -50.50 -54.67 32.20
N ILE B 1002 -51.09 -55.86 32.23
CA ILE B 1002 -50.53 -56.99 32.96
C ILE B 1002 -49.95 -57.98 31.96
N PHE B 1003 -48.83 -58.60 32.33
CA PHE B 1003 -48.11 -59.48 31.42
C PHE B 1003 -47.58 -60.70 32.18
N HIS B 1004 -47.31 -61.76 31.42
CA HIS B 1004 -46.67 -62.95 31.96
C HIS B 1004 -45.54 -63.35 31.02
N GLY B 1005 -44.38 -63.67 31.60
CA GLY B 1005 -43.21 -64.02 30.81
C GLY B 1005 -42.67 -65.39 31.13
N GLU B 1006 -42.54 -66.24 30.12
CA GLU B 1006 -42.03 -67.59 30.28
C GLU B 1006 -40.90 -67.83 29.30
N LYS B 1007 -39.80 -68.39 29.80
CA LYS B 1007 -38.63 -68.68 28.99
C LYS B 1007 -38.63 -70.14 28.58
N LEU B 1008 -38.41 -70.40 27.30
CA LEU B 1008 -38.42 -71.77 26.79
C LEU B 1008 -37.22 -72.55 27.31
N MET B 1009 -37.45 -73.82 27.59
CA MET B 1009 -36.39 -74.70 28.08
C MET B 1009 -35.47 -75.12 26.94
N ASN B 1010 -34.18 -75.27 27.28
CA ASN B 1010 -33.15 -75.71 26.33
C ASN B 1010 -33.09 -74.78 25.12
N THR B 1011 -33.41 -73.51 25.32
CA THR B 1011 -33.41 -72.54 24.25
C THR B 1011 -33.23 -71.16 24.85
N ASN B 1012 -32.68 -70.24 24.04
CA ASN B 1012 -32.42 -68.87 24.48
C ASN B 1012 -33.59 -67.94 24.16
N LEU B 1013 -34.80 -68.48 24.11
CA LEU B 1013 -36.00 -67.71 23.79
C LEU B 1013 -36.82 -67.42 25.04
N ILE B 1014 -37.64 -66.38 24.94
CA ILE B 1014 -38.59 -66.02 25.98
C ILE B 1014 -39.91 -65.65 25.33
N PHE B 1015 -41.00 -66.07 25.95
CA PHE B 1015 -42.34 -65.79 25.43
C PHE B 1015 -43.08 -64.93 26.44
N ILE B 1016 -43.63 -63.81 25.98
CA ILE B 1016 -44.31 -62.86 26.85
C ILE B 1016 -45.64 -62.48 26.20
N MET B 1017 -46.67 -62.42 27.01
CA MET B 1017 -48.02 -62.14 26.55
C MET B 1017 -48.53 -60.85 27.21
N VAL B 1018 -48.97 -59.90 26.39
CA VAL B 1018 -49.33 -58.57 26.83
C VAL B 1018 -50.54 -58.10 26.04
N GLU B 1019 -51.32 -57.19 26.62
CA GLU B 1019 -52.45 -56.63 25.91
C GLU B 1019 -51.99 -55.72 24.77
N SER B 1020 -52.94 -55.39 23.89
CA SER B 1020 -52.63 -54.55 22.75
C SER B 1020 -52.22 -53.15 23.20
N LYS B 1021 -51.32 -52.54 22.43
CA LYS B 1021 -50.84 -51.19 22.76
C LYS B 1021 -51.93 -50.15 22.57
N GLY B 1022 -53.00 -50.46 21.83
CA GLY B 1022 -54.08 -49.52 21.65
C GLY B 1022 -54.98 -49.37 22.85
N THR B 1023 -54.96 -50.33 23.78
CA THR B 1023 -55.76 -50.22 24.99
C THR B 1023 -55.33 -49.02 25.83
N CYS B 1024 -54.02 -48.83 25.97
CA CYS B 1024 -53.47 -47.69 26.69
C CYS B 1024 -52.77 -46.78 25.70
N PRO B 1025 -53.36 -45.65 25.30
CA PRO B 1025 -52.74 -44.81 24.28
C PRO B 1025 -51.55 -44.01 24.79
N CYS B 1026 -50.49 -44.72 25.16
CA CYS B 1026 -49.25 -44.09 25.61
C CYS B 1026 -48.08 -44.70 24.84
N ASP B 1027 -47.13 -43.85 24.47
CA ASP B 1027 -45.98 -44.29 23.69
C ASP B 1027 -44.76 -43.44 24.05
N THR B 1028 -43.91 -43.96 24.92
CA THR B 1028 -42.69 -43.27 25.31
C THR B 1028 -41.69 -43.31 24.16
N ARG B 1029 -40.51 -42.73 24.39
CA ARG B 1029 -39.47 -42.73 23.36
C ARG B 1029 -39.00 -44.15 23.09
N LEU B 1030 -38.77 -44.44 21.81
CA LEU B 1030 -38.39 -45.79 21.41
C LEU B 1030 -36.97 -46.09 21.87
N LEU B 1031 -36.76 -47.31 22.37
CA LEU B 1031 -35.47 -47.71 22.90
C LEU B 1031 -34.61 -48.25 21.77
N ILE B 1032 -33.49 -47.58 21.50
CA ILE B 1032 -32.64 -47.88 20.36
C ILE B 1032 -31.51 -48.79 20.80
N GLN B 1033 -31.31 -49.88 20.06
CA GLN B 1033 -30.15 -50.75 20.21
C GLN B 1033 -29.48 -50.80 18.84
N ALA B 1034 -28.58 -49.86 18.59
CA ALA B 1034 -27.90 -49.75 17.30
C ALA B 1034 -26.62 -48.97 17.48
N GLU B 1035 -25.92 -48.76 16.37
CA GLU B 1035 -24.64 -48.05 16.38
C GLU B 1035 -24.94 -46.57 16.57
N GLN B 1036 -24.78 -46.09 17.80
CA GLN B 1036 -25.07 -44.70 18.14
C GLN B 1036 -23.77 -43.89 18.15
N THR B 1037 -23.74 -42.84 17.36
CA THR B 1037 -22.55 -41.99 17.26
C THR B 1037 -22.43 -41.12 18.51
N SER B 1038 -21.35 -41.32 19.26
CA SER B 1038 -21.10 -40.58 20.49
C SER B 1038 -19.70 -39.99 20.48
N ASP B 1039 -19.32 -39.36 21.60
CA ASP B 1039 -17.99 -38.80 21.76
C ASP B 1039 -17.32 -39.22 23.06
N GLY B 1040 -17.98 -40.02 23.88
CA GLY B 1040 -17.43 -40.41 25.15
C GLY B 1040 -16.30 -41.40 25.02
N PRO B 1041 -15.60 -41.69 26.12
CA PRO B 1041 -15.86 -41.08 27.43
C PRO B 1041 -15.24 -39.70 27.57
N ASN B 1042 -15.73 -38.91 28.52
CA ASN B 1042 -15.19 -37.57 28.74
C ASN B 1042 -13.76 -37.66 29.26
N PRO B 1043 -12.79 -37.01 28.60
CA PRO B 1043 -11.39 -37.12 29.05
C PRO B 1043 -11.03 -36.17 30.17
N CYS B 1044 -11.90 -35.24 30.56
CA CYS B 1044 -11.57 -34.33 31.66
C CYS B 1044 -11.43 -35.08 32.98
N ASP B 1045 -12.22 -36.13 33.18
CA ASP B 1045 -12.16 -36.91 34.41
C ASP B 1045 -11.47 -38.26 34.22
N MET B 1046 -11.01 -38.57 33.01
CA MET B 1046 -10.17 -39.75 32.83
C MET B 1046 -8.76 -39.52 33.35
N VAL B 1047 -8.22 -38.31 33.14
CA VAL B 1047 -6.86 -38.01 33.58
C VAL B 1047 -6.76 -37.96 35.09
N LYS B 1048 -7.89 -37.82 35.80
CA LYS B 1048 -7.85 -37.85 37.25
C LYS B 1048 -7.49 -39.23 37.77
N GLN B 1049 -7.99 -40.28 37.12
CA GLN B 1049 -7.70 -41.66 37.47
C GLN B 1049 -7.29 -42.42 36.22
N PRO B 1050 -6.09 -42.14 35.70
CA PRO B 1050 -5.66 -42.80 34.46
C PRO B 1050 -5.31 -44.27 34.69
N ARG B 1051 -5.36 -45.02 33.61
CA ARG B 1051 -5.00 -46.44 33.67
C ARG B 1051 -3.52 -46.61 33.98
N TYR B 1052 -3.19 -47.73 34.60
CA TYR B 1052 -1.80 -48.02 34.95
C TYR B 1052 -0.97 -48.23 33.68
N ARG B 1053 0.24 -47.69 33.69
CA ARG B 1053 1.15 -47.82 32.56
C ARG B 1053 2.58 -47.74 33.06
N LYS B 1054 3.49 -48.28 32.25
CA LYS B 1054 4.92 -48.27 32.56
C LYS B 1054 5.67 -47.68 31.38
N GLY B 1055 6.53 -46.70 31.66
CA GLY B 1055 7.28 -46.04 30.62
C GLY B 1055 8.69 -46.57 30.49
N PRO B 1056 9.43 -46.08 29.49
CA PRO B 1056 10.82 -46.51 29.32
C PRO B 1056 11.66 -46.12 30.53
N ASP B 1057 12.63 -46.98 30.85
CA ASP B 1057 13.49 -46.78 32.02
C ASP B 1057 14.80 -46.08 31.67
N VAL B 1058 15.01 -45.71 30.41
CA VAL B 1058 16.24 -45.06 29.98
C VAL B 1058 15.93 -43.59 29.69
N CYS B 1059 16.69 -42.69 30.33
CA CYS B 1059 16.55 -41.27 30.13
C CYS B 1059 17.92 -40.68 29.82
N PHE B 1060 17.97 -39.76 28.87
CA PHE B 1060 19.21 -39.12 28.44
C PHE B 1060 19.02 -37.61 28.48
N ASP B 1061 19.46 -36.98 29.57
CA ASP B 1061 19.38 -35.54 29.71
C ASP B 1061 20.42 -35.07 30.70
N ASN B 1062 20.72 -33.77 30.65
CA ASN B 1062 21.61 -33.10 31.60
C ASN B 1062 22.99 -33.77 31.61
N ASN B 1063 23.67 -33.64 30.48
CA ASN B 1063 25.04 -34.10 30.33
C ASN B 1063 25.99 -32.90 30.44
N VAL B 1064 27.04 -33.06 31.25
CA VAL B 1064 27.91 -31.93 31.56
C VAL B 1064 28.79 -31.56 30.37
N LEU B 1065 28.94 -32.46 29.40
CA LEU B 1065 29.74 -32.18 28.22
C LEU B 1065 28.96 -31.43 27.13
N GLU B 1066 27.69 -31.14 27.36
CA GLU B 1066 26.89 -30.42 26.38
C GLU B 1066 27.41 -29.00 26.19
N ASP B 1067 27.49 -28.57 24.92
CA ASP B 1067 28.07 -27.27 24.61
C ASP B 1067 27.08 -26.14 24.81
N TYR B 1068 25.99 -26.16 24.04
CA TYR B 1068 24.89 -25.20 24.16
C TYR B 1068 25.37 -23.75 24.15
N THR B 1069 26.46 -23.51 23.41
CA THR B 1069 27.03 -22.18 23.29
C THR B 1069 26.43 -21.36 22.16
N ASP B 1070 25.50 -21.93 21.40
CA ASP B 1070 24.80 -21.22 20.33
C ASP B 1070 23.34 -21.06 20.77
N CYS B 1071 22.97 -19.83 21.12
CA CYS B 1071 21.67 -19.68 21.78
C CYS B 1071 20.54 -19.69 20.76
N GLY B 1072 20.33 -18.57 20.08
CA GLY B 1072 19.59 -18.51 18.84
C GLY B 1072 20.01 -17.31 18.01
N GLY B 1073 21.00 -16.57 18.51
CA GLY B 1073 21.26 -15.23 18.03
C GLY B 1073 22.65 -15.00 17.49
N VAL B 1074 23.59 -15.86 17.86
CA VAL B 1074 24.93 -15.79 17.28
C VAL B 1074 24.90 -15.98 15.78
N SER B 1075 23.86 -16.63 15.26
CA SER B 1075 23.64 -16.76 13.82
C SER B 1075 22.60 -15.77 13.31
N GLY B 1076 22.16 -14.85 14.17
CA GLY B 1076 21.16 -13.87 13.79
C GLY B 1076 20.54 -13.14 14.97
N GLU C 38 37.15 103.00 -48.97
CA GLU C 38 38.53 103.29 -48.57
C GLU C 38 39.44 102.11 -48.87
N SER C 39 40.59 102.41 -49.48
CA SER C 39 41.53 101.35 -49.84
C SER C 39 42.31 100.83 -48.64
N ALA C 40 42.58 101.70 -47.66
CA ALA C 40 43.43 101.30 -46.53
C ALA C 40 42.75 100.21 -45.69
N ARG C 41 41.44 100.33 -45.46
CA ARG C 41 40.75 99.33 -44.66
C ARG C 41 40.72 97.97 -45.35
N ARG C 42 40.49 97.96 -46.67
CA ARG C 42 40.54 96.70 -47.40
C ARG C 42 41.95 96.12 -47.41
N GLU C 43 42.96 96.98 -47.52
CA GLU C 43 44.34 96.51 -47.49
C GLU C 43 44.68 95.86 -46.15
N VAL C 44 44.26 96.50 -45.05
CA VAL C 44 44.55 95.93 -43.73
C VAL C 44 43.72 94.66 -43.51
N GLU C 45 42.50 94.60 -44.07
CA GLU C 45 41.72 93.37 -44.03
C GLU C 45 42.46 92.22 -44.71
N SER C 46 42.97 92.49 -45.92
CA SER C 46 43.70 91.45 -46.65
C SER C 46 44.97 91.05 -45.92
N GLN C 47 45.69 92.02 -45.35
CA GLN C 47 46.91 91.71 -44.61
C GLN C 47 46.60 90.84 -43.40
N ALA C 48 45.54 91.18 -42.65
CA ALA C 48 45.16 90.39 -41.49
C ALA C 48 44.75 88.98 -41.90
N GLN C 49 43.99 88.85 -42.99
CA GLN C 49 43.58 87.53 -43.45
C GLN C 49 44.77 86.67 -43.85
N GLN C 50 45.73 87.27 -44.58
CA GLN C 50 46.92 86.52 -44.97
C GLN C 50 47.75 86.15 -43.75
N GLN C 51 47.87 87.05 -42.78
CA GLN C 51 48.60 86.74 -41.55
C GLN C 51 47.95 85.58 -40.81
N LEU C 52 46.62 85.57 -40.72
CA LEU C 52 45.93 84.47 -40.07
C LEU C 52 46.15 83.16 -40.82
N GLU C 53 46.09 83.20 -42.15
CA GLU C 53 46.31 81.99 -42.93
C GLU C 53 47.72 81.46 -42.73
N ARG C 54 48.71 82.34 -42.65
CA ARG C 54 50.09 81.90 -42.47
C ARG C 54 50.34 81.43 -41.03
N ALA C 55 49.71 82.04 -40.05
CA ALA C 55 49.94 81.72 -38.64
C ALA C 55 48.98 80.67 -38.09
N LYS C 56 48.09 80.13 -38.93
CA LYS C 56 47.24 79.02 -38.49
C LYS C 56 48.05 77.83 -38.00
N HIS C 57 49.28 77.68 -38.48
CA HIS C 57 50.12 76.52 -38.17
C HIS C 57 51.37 76.93 -37.40
N LYS C 58 51.20 77.80 -36.41
CA LYS C 58 52.29 78.20 -35.53
C LYS C 58 52.06 77.67 -34.12
N PRO C 59 53.12 77.48 -33.33
CA PRO C 59 52.95 76.98 -31.97
C PRO C 59 52.11 77.94 -31.13
N VAL C 60 51.30 77.36 -30.24
CA VAL C 60 50.43 78.16 -29.38
C VAL C 60 51.26 78.84 -28.30
N ALA C 61 50.98 80.12 -28.04
CA ALA C 61 51.74 80.88 -27.07
C ALA C 61 51.24 80.63 -25.65
N PHE C 62 49.97 80.91 -25.39
CA PHE C 62 49.43 80.78 -24.03
C PHE C 62 47.92 80.70 -24.11
N ALA C 63 47.26 80.80 -22.95
CA ALA C 63 45.81 80.71 -22.89
C ALA C 63 45.28 81.63 -21.78
N VAL C 64 44.04 82.08 -21.95
CA VAL C 64 43.35 82.93 -20.99
C VAL C 64 41.93 82.43 -20.82
N ARG C 65 41.25 82.94 -19.78
CA ARG C 65 39.85 82.64 -19.51
C ARG C 65 39.11 83.94 -19.23
N THR C 66 37.92 84.08 -19.82
CA THR C 66 37.08 85.24 -19.63
C THR C 66 36.16 85.04 -18.42
N ASN C 67 35.49 86.13 -18.02
CA ASN C 67 34.42 86.01 -17.04
C ASN C 67 33.25 86.95 -17.36
N VAL C 68 33.14 87.42 -18.60
CA VAL C 68 32.12 88.38 -18.98
C VAL C 68 31.46 87.91 -20.28
N SER C 69 30.22 88.34 -20.49
CA SER C 69 29.45 87.97 -21.68
C SER C 69 29.72 89.01 -22.77
N TYR C 70 30.37 88.58 -23.85
CA TYR C 70 30.68 89.48 -24.95
C TYR C 70 30.89 88.66 -26.21
N CYS C 71 30.70 89.32 -27.36
CA CYS C 71 30.88 88.71 -28.67
C CYS C 71 31.91 89.52 -29.44
N GLY C 72 32.86 88.82 -30.07
CA GLY C 72 33.92 89.46 -30.81
C GLY C 72 33.63 89.75 -32.27
N VAL C 73 32.39 89.55 -32.72
CA VAL C 73 32.03 89.76 -34.12
C VAL C 73 31.21 91.03 -34.26
N LEU C 74 30.40 91.34 -33.25
CA LEU C 74 29.50 92.49 -33.34
C LEU C 74 30.25 93.82 -33.23
N ASP C 75 31.45 93.82 -32.66
CA ASP C 75 32.20 95.06 -32.50
C ASP C 75 32.67 95.57 -33.85
N GLU C 76 32.69 96.90 -33.99
CA GLU C 76 33.19 97.52 -35.21
C GLU C 76 34.70 97.71 -35.20
N GLU C 77 35.35 97.58 -34.05
CA GLU C 77 36.79 97.80 -33.94
C GLU C 77 37.59 96.57 -34.30
N CYS C 78 36.95 95.44 -34.58
CA CYS C 78 37.69 94.25 -34.97
C CYS C 78 38.37 94.47 -36.32
N PRO C 79 39.64 94.08 -36.47
CA PRO C 79 40.32 94.25 -37.76
C PRO C 79 39.74 93.41 -38.86
N VAL C 80 39.02 92.33 -38.53
CA VAL C 80 38.34 91.48 -39.51
C VAL C 80 36.89 91.36 -39.08
N GLN C 81 35.98 91.76 -39.97
CA GLN C 81 34.55 91.75 -39.68
C GLN C 81 33.93 90.44 -40.13
N GLY C 82 33.03 89.91 -39.29
CA GLY C 82 32.34 88.68 -39.59
C GLY C 82 33.04 87.41 -39.14
N SER C 83 34.26 87.51 -38.64
CA SER C 83 35.03 86.37 -38.19
C SER C 83 35.43 86.52 -36.73
N GLY C 84 34.53 87.09 -35.91
CA GLY C 84 34.79 87.26 -34.49
C GLY C 84 34.46 86.00 -33.70
N VAL C 85 34.72 86.09 -32.40
CA VAL C 85 34.49 84.98 -31.48
C VAL C 85 33.18 85.22 -30.74
N ASN C 86 32.31 84.21 -30.77
CA ASN C 86 31.02 84.27 -30.06
C ASN C 86 31.11 83.47 -28.77
N PHE C 87 31.75 84.08 -27.78
CA PHE C 87 31.99 83.44 -26.50
C PHE C 87 31.01 83.94 -25.45
N GLU C 88 31.00 83.25 -24.30
CA GLU C 88 30.17 83.63 -23.17
C GLU C 88 31.02 83.72 -21.91
N ALA C 89 30.38 83.83 -20.75
CA ALA C 89 31.11 83.92 -19.50
C ALA C 89 31.86 82.62 -19.21
N LYS C 90 33.09 82.76 -18.72
CA LYS C 90 33.94 81.64 -18.32
C LYS C 90 34.20 80.69 -19.50
N ASP C 91 34.87 81.25 -20.51
CA ASP C 91 35.32 80.49 -21.67
C ASP C 91 36.83 80.60 -21.80
N PHE C 92 37.43 79.63 -22.50
CA PHE C 92 38.88 79.50 -22.60
C PHE C 92 39.33 79.81 -24.01
N LEU C 93 40.35 80.66 -24.12
CA LEU C 93 40.92 81.06 -25.40
C LEU C 93 42.41 80.74 -25.45
N HIS C 94 42.88 80.29 -26.60
CA HIS C 94 44.29 80.00 -26.84
C HIS C 94 44.85 81.06 -27.79
N ILE C 95 45.90 81.75 -27.35
CA ILE C 95 46.51 82.84 -28.11
C ILE C 95 47.86 82.37 -28.61
N LYS C 96 48.15 82.66 -29.89
CA LYS C 96 49.39 82.24 -30.54
C LYS C 96 50.29 83.42 -30.89
N GLU C 97 49.79 84.40 -31.65
CA GLU C 97 50.60 85.53 -32.08
C GLU C 97 49.97 86.84 -31.61
N LYS C 98 50.60 87.95 -31.97
CA LYS C 98 50.27 89.27 -31.44
C LYS C 98 49.70 90.13 -32.55
N TYR C 99 48.76 91.02 -32.19
CA TYR C 99 48.22 91.98 -33.14
C TYR C 99 48.56 93.42 -32.76
N SER C 100 48.16 93.86 -31.57
CA SER C 100 48.33 95.25 -31.14
C SER C 100 47.92 95.33 -29.67
N ASN C 101 47.89 96.55 -29.13
CA ASN C 101 47.46 96.77 -27.76
C ASN C 101 45.95 96.67 -27.59
N ASP C 102 45.19 96.55 -28.67
CA ASP C 102 43.74 96.49 -28.59
C ASP C 102 43.13 95.15 -28.98
N TRP C 103 43.88 94.28 -29.64
CA TRP C 103 43.34 92.99 -30.06
C TRP C 103 44.46 91.95 -30.06
N TRP C 104 44.05 90.69 -29.92
CA TRP C 104 44.94 89.54 -30.06
C TRP C 104 44.30 88.52 -31.00
N ILE C 105 45.11 87.57 -31.46
CA ILE C 105 44.64 86.48 -32.29
C ILE C 105 44.53 85.24 -31.44
N GLY C 106 43.41 84.52 -31.57
CA GLY C 106 43.27 83.31 -30.79
C GLY C 106 42.17 82.40 -31.31
N ARG C 107 42.17 81.19 -30.80
CA ARG C 107 41.18 80.17 -31.11
C ARG C 107 40.47 79.74 -29.83
N LEU C 108 39.34 79.06 -30.01
CA LEU C 108 38.60 78.52 -28.88
C LEU C 108 39.02 77.08 -28.60
N VAL C 109 38.75 76.64 -27.36
CA VAL C 109 38.98 75.25 -26.99
C VAL C 109 37.89 74.33 -27.50
N LYS C 110 36.92 74.85 -28.26
CA LYS C 110 35.89 74.03 -28.84
C LYS C 110 36.47 73.15 -29.94
N GLU C 111 35.74 72.08 -30.27
CA GLU C 111 36.18 71.16 -31.31
C GLU C 111 35.96 71.79 -32.68
N GLY C 112 37.04 71.95 -33.44
CA GLY C 112 36.97 72.56 -34.75
C GLY C 112 36.96 74.07 -34.75
N GLY C 113 37.14 74.72 -33.61
CA GLY C 113 37.15 76.17 -33.53
C GLY C 113 38.21 76.81 -34.39
N ASP C 114 37.84 77.85 -35.13
CA ASP C 114 38.74 78.51 -36.05
C ASP C 114 39.46 79.67 -35.34
N ILE C 115 40.15 80.50 -36.11
CA ILE C 115 40.93 81.62 -35.58
C ILE C 115 40.09 82.89 -35.66
N ALA C 116 40.03 83.62 -34.56
CA ALA C 116 39.32 84.88 -34.48
C ALA C 116 40.18 85.88 -33.70
N PHE C 117 39.62 87.07 -33.48
CA PHE C 117 40.30 88.13 -32.75
C PHE C 117 39.59 88.37 -31.42
N ILE C 118 40.37 88.50 -30.36
CA ILE C 118 39.88 88.69 -29.00
C ILE C 118 40.25 90.09 -28.54
N PRO C 119 39.33 90.87 -28.01
CA PRO C 119 39.68 92.22 -27.54
C PRO C 119 40.68 92.16 -26.38
N SER C 120 41.55 93.16 -26.35
CA SER C 120 42.62 93.19 -25.36
C SER C 120 42.09 93.57 -23.98
N PRO C 121 42.85 93.27 -22.92
CA PRO C 121 42.46 93.75 -21.59
C PRO C 121 42.01 95.20 -21.56
N GLN C 122 42.83 96.12 -22.09
CA GLN C 122 42.44 97.52 -22.14
C GLN C 122 41.23 97.72 -23.05
N ARG C 123 41.19 96.99 -24.18
CA ARG C 123 40.05 97.07 -25.07
C ARG C 123 38.78 96.56 -24.40
N LEU C 124 38.88 95.47 -23.63
CA LEU C 124 37.73 94.98 -22.90
C LEU C 124 37.29 95.97 -21.83
N GLU C 125 38.26 96.64 -21.17
CA GLU C 125 37.90 97.69 -20.22
C GLU C 125 37.16 98.83 -20.91
N SER C 126 37.63 99.21 -22.11
CA SER C 126 36.95 100.26 -22.86
C SER C 126 35.53 99.86 -23.25
N ILE C 127 35.37 98.62 -23.72
CA ILE C 127 34.03 98.18 -24.12
C ILE C 127 33.13 98.02 -22.90
N ARG C 128 33.70 97.71 -21.73
CA ARG C 128 32.91 97.65 -20.51
C ARG C 128 32.48 99.04 -20.06
N LEU C 129 33.36 100.03 -20.17
CA LEU C 129 32.94 101.41 -19.93
C LEU C 129 31.87 101.84 -20.91
N LYS C 130 31.96 101.37 -22.16
CA LYS C 130 30.89 101.60 -23.13
C LYS C 130 29.60 100.90 -22.71
N GLN C 131 29.71 99.79 -21.99
CA GLN C 131 28.53 99.07 -21.53
C GLN C 131 27.73 99.90 -20.53
N GLU C 132 28.41 100.58 -19.61
CA GLU C 132 27.76 101.38 -18.58
C GLU C 132 27.73 102.87 -18.90
N GLN C 133 27.68 103.23 -20.18
CA GLN C 133 27.50 104.61 -20.58
C GLN C 133 26.22 104.86 -21.37
N LYS C 134 25.61 103.82 -21.95
CA LYS C 134 24.37 103.99 -22.69
C LYS C 134 23.19 104.34 -21.78
N ALA C 135 23.33 104.11 -20.48
CA ALA C 135 22.27 104.47 -19.54
C ALA C 135 22.17 105.99 -19.42
N ARG C 136 21.07 106.44 -18.80
CA ARG C 136 20.85 107.86 -18.65
C ARG C 136 21.92 108.50 -17.76
N ARG C 137 22.30 107.83 -16.68
CA ARG C 137 23.30 108.35 -15.76
C ARG C 137 24.17 107.21 -15.25
N SER C 138 25.39 107.55 -14.85
CA SER C 138 26.32 106.56 -14.32
C SER C 138 26.88 107.01 -12.97
N GLY C 139 26.94 108.31 -12.76
CA GLY C 139 27.48 108.89 -11.54
C GLY C 139 26.42 109.11 -10.48
N ASN C 140 26.68 110.08 -9.61
CA ASN C 140 25.74 110.39 -8.53
C ASN C 140 24.49 111.17 -8.93
N PRO C 141 24.46 111.99 -9.99
CA PRO C 141 23.24 112.79 -10.20
C PRO C 141 22.16 111.97 -10.89
N SER C 142 21.08 111.70 -10.17
CA SER C 142 19.98 110.93 -10.72
C SER C 142 19.17 111.78 -11.70
N SER C 143 18.47 111.10 -12.60
CA SER C 143 17.61 111.74 -13.59
C SER C 143 16.14 111.50 -13.29
N LEU C 144 15.77 111.52 -12.01
CA LEU C 144 14.39 111.30 -11.59
C LEU C 144 13.64 112.63 -11.64
N SER C 145 13.38 113.08 -12.87
CA SER C 145 12.66 114.33 -13.13
C SER C 145 13.35 115.52 -12.48
N ASP C 146 14.68 115.52 -12.51
CA ASP C 146 15.50 116.62 -11.97
C ASP C 146 16.55 116.96 -13.02
N ILE C 147 16.20 117.87 -13.92
CA ILE C 147 17.08 118.26 -15.02
C ILE C 147 17.22 119.77 -15.02
N GLY C 148 18.46 120.25 -15.18
CA GLY C 148 18.75 121.65 -15.33
C GLY C 148 19.25 122.34 -14.08
N ASN C 149 19.14 121.72 -12.91
CA ASN C 149 19.57 122.32 -11.65
C ASN C 149 20.91 121.78 -11.18
N ARG C 150 21.02 120.46 -11.04
CA ARG C 150 22.24 119.80 -10.57
C ARG C 150 22.89 119.12 -11.76
N ARG C 151 23.76 119.86 -12.46
CA ARG C 151 24.50 119.27 -13.58
C ARG C 151 25.43 118.16 -13.09
N SER C 152 26.23 118.46 -12.06
CA SER C 152 27.09 117.48 -11.40
C SER C 152 27.96 116.73 -12.40
N PRO C 153 29.00 117.37 -12.94
CA PRO C 153 29.88 116.69 -13.90
C PRO C 153 30.49 115.45 -13.27
N PRO C 154 30.68 114.38 -14.06
CA PRO C 154 31.11 113.10 -13.50
C PRO C 154 32.43 113.21 -12.76
N PRO C 155 32.43 112.96 -11.44
CA PRO C 155 33.67 113.02 -10.68
C PRO C 155 34.49 111.75 -10.82
N SER C 156 35.57 111.63 -10.04
CA SER C 156 36.39 110.42 -10.07
C SER C 156 35.61 109.18 -9.65
N LEU C 157 34.50 109.36 -8.93
CA LEU C 157 33.69 108.21 -8.52
C LEU C 157 32.88 107.64 -9.68
N ALA C 158 32.71 108.39 -10.77
CA ALA C 158 31.94 107.95 -11.92
C ALA C 158 32.79 107.29 -13.00
N LYS C 159 34.09 107.15 -12.78
CA LYS C 159 35.00 106.54 -13.73
C LYS C 159 35.55 105.23 -13.17
N GLN C 160 36.41 104.58 -13.96
CA GLN C 160 37.04 103.33 -13.55
C GLN C 160 38.14 103.55 -12.53
N LYS C 161 38.51 104.79 -12.24
CA LYS C 161 39.55 105.05 -11.25
C LYS C 161 39.15 104.53 -9.87
N GLN C 162 37.89 104.71 -9.49
CA GLN C 162 37.41 104.24 -8.20
C GLN C 162 37.06 102.76 -8.29
N LYS C 163 36.37 102.25 -7.27
CA LYS C 163 35.99 100.83 -7.19
C LYS C 163 37.21 99.92 -7.22
N GLN C 164 38.31 100.36 -6.60
CA GLN C 164 39.55 99.61 -6.57
C GLN C 164 39.74 98.82 -5.28
N ALA C 165 38.69 98.69 -4.47
CA ALA C 165 38.78 97.89 -3.25
C ALA C 165 39.06 96.43 -3.60
N GLU C 166 38.38 95.90 -4.60
CA GLU C 166 38.62 94.54 -5.09
C GLU C 166 39.20 94.52 -6.49
N HIS C 167 38.52 95.15 -7.46
CA HIS C 167 39.01 95.29 -8.82
C HIS C 167 39.30 93.92 -9.45
N VAL C 168 38.23 93.14 -9.61
CA VAL C 168 38.35 91.82 -10.23
C VAL C 168 38.66 92.01 -11.71
N PRO C 169 39.78 91.47 -12.20
CA PRO C 169 40.15 91.66 -13.60
C PRO C 169 39.27 90.84 -14.52
N PRO C 170 38.80 91.43 -15.63
CA PRO C 170 38.01 90.65 -16.60
C PRO C 170 38.76 89.45 -17.16
N TYR C 171 40.07 89.56 -17.39
CA TYR C 171 40.87 88.48 -17.95
C TYR C 171 41.83 87.93 -16.92
N ASP C 172 41.94 86.60 -16.88
CA ASP C 172 42.89 85.90 -16.04
C ASP C 172 43.67 84.91 -16.87
N VAL C 173 44.95 84.77 -16.57
CA VAL C 173 45.84 83.88 -17.33
C VAL C 173 45.78 82.52 -16.63
N VAL C 174 44.85 81.68 -17.08
CA VAL C 174 44.71 80.32 -16.57
C VAL C 174 45.72 79.42 -17.27
N PRO C 175 46.03 78.25 -16.72
CA PRO C 175 46.95 77.33 -17.42
C PRO C 175 46.39 76.95 -18.79
N SER C 176 47.31 76.67 -19.72
CA SER C 176 46.92 76.36 -21.09
C SER C 176 46.04 75.12 -21.13
N MET C 177 46.43 74.07 -20.41
CA MET C 177 45.64 72.85 -20.29
C MET C 177 45.11 72.73 -18.87
N ARG C 178 43.81 72.54 -18.73
CA ARG C 178 43.21 72.47 -17.41
C ARG C 178 43.66 71.20 -16.69
N PRO C 179 44.23 71.30 -15.49
CA PRO C 179 44.67 70.11 -14.78
C PRO C 179 43.49 69.21 -14.41
N VAL C 180 43.75 67.91 -14.39
CA VAL C 180 42.75 66.90 -14.02
C VAL C 180 43.01 66.48 -12.59
N VAL C 181 42.00 66.64 -11.74
CA VAL C 181 42.11 66.32 -10.32
C VAL C 181 40.93 65.45 -9.92
N LEU C 182 41.21 64.44 -9.08
CA LEU C 182 40.17 63.57 -8.56
C LEU C 182 39.83 64.00 -7.13
N VAL C 183 38.55 63.96 -6.80
CA VAL C 183 38.07 64.30 -5.46
C VAL C 183 37.07 63.23 -5.03
N GLY C 184 37.15 62.83 -3.77
CA GLY C 184 36.25 61.82 -3.25
C GLY C 184 36.77 60.42 -3.46
N PRO C 185 36.02 59.42 -2.95
CA PRO C 185 34.76 59.63 -2.24
C PRO C 185 34.95 59.89 -0.75
N SER C 186 36.20 59.96 -0.29
CA SER C 186 36.50 60.18 1.11
C SER C 186 37.76 61.03 1.19
N LEU C 187 38.34 61.10 2.39
CA LEU C 187 39.55 61.89 2.59
C LEU C 187 40.72 61.25 1.83
N LYS C 188 41.50 62.09 1.14
CA LYS C 188 42.76 61.62 0.59
C LYS C 188 43.72 61.27 1.72
N GLY C 189 44.47 60.19 1.51
CA GLY C 189 45.34 59.67 2.55
C GLY C 189 44.77 58.51 3.33
N TYR C 190 43.60 58.00 2.94
CA TYR C 190 43.02 56.81 3.55
C TYR C 190 42.78 55.76 2.46
N GLU C 191 42.82 54.50 2.88
CA GLU C 191 42.99 53.39 1.93
C GLU C 191 41.98 53.46 0.79
N VAL C 192 40.69 53.62 1.13
CA VAL C 192 39.65 53.55 0.11
C VAL C 192 39.87 54.62 -0.96
N THR C 193 40.09 55.86 -0.54
CA THR C 193 40.30 56.95 -1.49
C THR C 193 41.58 56.76 -2.29
N ASP C 194 42.67 56.36 -1.61
CA ASP C 194 43.93 56.19 -2.31
C ASP C 194 43.82 55.15 -3.41
N MET C 195 43.19 54.00 -3.13
CA MET C 195 43.06 52.98 -4.18
C MET C 195 42.07 53.41 -5.26
N MET C 196 40.91 53.96 -4.87
CA MET C 196 39.94 54.34 -5.89
C MET C 196 40.45 55.47 -6.78
N GLN C 197 41.48 56.21 -6.35
CA GLN C 197 42.11 57.18 -7.22
C GLN C 197 43.32 56.60 -7.96
N LYS C 198 44.03 55.67 -7.33
CA LYS C 198 45.22 55.06 -7.95
C LYS C 198 44.83 54.23 -9.16
N ALA C 199 43.70 53.51 -9.08
CA ALA C 199 43.25 52.73 -10.23
C ALA C 199 42.98 53.62 -11.43
N LEU C 200 42.30 54.74 -11.21
CA LEU C 200 42.04 55.67 -12.30
C LEU C 200 43.32 56.30 -12.82
N PHE C 201 44.25 56.63 -11.92
CA PHE C 201 45.52 57.19 -12.35
C PHE C 201 46.28 56.22 -13.25
N ASP C 202 46.32 54.95 -12.85
CA ASP C 202 46.98 53.93 -13.66
C ASP C 202 46.30 53.76 -15.01
N PHE C 203 44.97 53.75 -15.02
CA PHE C 203 44.26 53.64 -16.29
C PHE C 203 44.59 54.81 -17.20
N LEU C 204 44.61 56.03 -16.65
CA LEU C 204 44.93 57.21 -17.45
C LEU C 204 46.34 57.14 -17.98
N LYS C 205 47.30 56.71 -17.15
CA LYS C 205 48.68 56.58 -17.60
C LYS C 205 48.82 55.56 -18.71
N HIS C 206 48.15 54.41 -18.57
CA HIS C 206 48.30 53.34 -19.56
C HIS C 206 47.61 53.69 -20.87
N ARG C 207 46.38 54.22 -20.81
CA ARG C 207 45.66 54.52 -22.04
C ARG C 207 46.27 55.68 -22.81
N PHE C 208 46.78 56.69 -22.11
CA PHE C 208 47.37 57.87 -22.74
C PHE C 208 48.88 57.86 -22.67
N ASP C 209 49.50 56.68 -22.71
CA ASP C 209 50.94 56.57 -22.62
C ASP C 209 51.61 57.30 -23.78
N GLY C 210 52.63 58.10 -23.46
CA GLY C 210 53.31 58.89 -24.45
C GLY C 210 52.68 60.25 -24.72
N ARG C 211 51.54 60.56 -24.10
CA ARG C 211 50.89 61.84 -24.32
C ARG C 211 50.37 62.46 -23.03
N ILE C 212 50.69 61.91 -21.87
CA ILE C 212 50.22 62.43 -20.59
C ILE C 212 51.36 62.35 -19.57
N SER C 213 51.42 63.35 -18.70
CA SER C 213 52.38 63.38 -17.61
C SER C 213 51.64 63.51 -16.29
N ILE C 214 51.91 62.59 -15.37
CA ILE C 214 51.28 62.57 -14.06
C ILE C 214 52.37 62.66 -12.99
N THR C 215 52.22 63.63 -12.09
CA THR C 215 53.16 63.86 -11.01
C THR C 215 52.39 64.13 -9.71
N ARG C 216 52.94 63.64 -8.60
CA ARG C 216 52.33 63.87 -7.30
C ARG C 216 52.78 65.22 -6.75
N VAL C 217 51.81 66.02 -6.31
CA VAL C 217 52.08 67.34 -5.77
C VAL C 217 52.07 67.22 -4.26
N THR C 218 53.26 67.02 -3.68
CA THR C 218 53.37 66.89 -2.23
C THR C 218 52.99 68.19 -1.52
N ALA C 219 53.39 69.34 -2.09
CA ALA C 219 53.15 70.62 -1.46
C ALA C 219 51.68 70.99 -1.50
N ASP C 220 51.30 71.93 -0.64
CA ASP C 220 49.92 72.38 -0.57
C ASP C 220 49.56 73.18 -1.82
N LEU C 221 48.26 73.22 -2.12
CA LEU C 221 47.79 73.86 -3.35
C LEU C 221 46.60 74.79 -3.13
N SER C 222 45.94 74.72 -1.98
CA SER C 222 44.69 75.47 -1.76
C SER C 222 44.90 76.97 -1.69
N LEU C 223 46.14 77.45 -1.57
CA LEU C 223 46.43 78.87 -1.42
C LEU C 223 46.94 79.50 -2.71
N ALA C 224 46.37 79.11 -3.85
CA ALA C 224 46.76 79.65 -5.15
C ALA C 224 46.12 81.02 -5.35
N LYS C 225 46.69 82.01 -4.68
CA LYS C 225 46.18 83.37 -4.73
C LYS C 225 46.95 84.19 -5.78
N ARG C 226 46.38 85.34 -6.14
CA ARG C 226 46.98 86.19 -7.16
C ARG C 226 47.13 87.63 -6.68
N SER C 227 46.25 88.08 -5.79
CA SER C 227 46.18 89.48 -5.40
C SER C 227 46.27 89.62 -3.88
N VAL C 228 47.22 88.93 -3.27
CA VAL C 228 47.48 89.12 -1.84
C VAL C 228 48.38 90.32 -1.62
N LEU C 229 49.51 90.37 -2.32
CA LEU C 229 50.47 91.47 -2.22
C LEU C 229 51.36 91.41 -3.44
N ASN C 230 52.25 92.40 -3.56
CA ASN C 230 53.20 92.42 -4.68
C ASN C 230 54.08 91.18 -4.68
N ASN C 231 54.63 90.83 -3.52
CA ASN C 231 55.46 89.63 -3.40
C ASN C 231 55.55 89.19 -1.95
N PRO C 232 54.63 88.35 -1.48
CA PRO C 232 54.72 87.86 -0.09
C PRO C 232 55.87 86.89 0.10
N GLY C 233 56.91 87.34 0.81
CA GLY C 233 58.09 86.52 1.02
C GLY C 233 58.94 86.38 -0.22
N LYS C 234 59.51 87.49 -0.69
CA LYS C 234 60.36 87.45 -1.87
C LYS C 234 61.68 86.76 -1.60
N ARG C 235 62.22 86.91 -0.39
CA ARG C 235 63.49 86.30 0.00
C ARG C 235 63.29 85.40 1.20
N THR C 236 64.03 84.29 1.23
CA THR C 236 63.94 83.34 2.34
C THR C 236 64.82 83.72 3.53
N ILE C 237 65.71 84.71 3.37
CA ILE C 237 66.59 85.12 4.46
C ILE C 237 66.02 86.28 5.27
N ILE C 238 64.81 86.74 4.95
CA ILE C 238 64.20 87.82 5.71
C ILE C 238 63.90 87.38 7.14
N GLU C 239 63.72 86.07 7.36
CA GLU C 239 63.34 85.53 8.67
C GLU C 239 62.04 86.16 9.16
N ARG C 240 61.10 86.32 8.24
CA ARG C 240 59.80 86.90 8.54
C ARG C 240 58.78 85.78 8.77
N SER C 241 57.52 86.18 9.00
CA SER C 241 56.46 85.20 9.22
C SER C 241 56.24 84.34 7.97
N SER C 242 56.26 84.96 6.79
CA SER C 242 56.08 84.24 5.55
C SER C 242 57.40 83.81 4.91
N ALA C 243 58.51 84.46 5.27
CA ALA C 243 59.81 84.04 4.74
C ALA C 243 60.18 82.65 5.23
N ARG C 244 59.90 82.35 6.49
CA ARG C 244 60.18 81.04 7.06
C ARG C 244 59.05 80.04 6.80
N SER C 245 57.96 80.47 6.17
CA SER C 245 56.83 79.59 5.90
C SER C 245 57.09 78.78 4.63
N SER C 246 56.07 78.04 4.19
CA SER C 246 56.15 77.23 2.98
C SER C 246 55.24 77.76 1.88
N ILE C 247 54.80 79.01 1.98
CA ILE C 247 53.94 79.59 0.95
C ILE C 247 54.68 79.69 -0.37
N ALA C 248 55.95 80.10 -0.33
CA ALA C 248 56.76 80.19 -1.54
C ALA C 248 56.81 78.86 -2.27
N GLU C 249 56.81 77.74 -1.53
CA GLU C 249 56.71 76.44 -2.18
C GLU C 249 55.41 76.31 -2.95
N VAL C 250 54.31 76.80 -2.36
CA VAL C 250 53.01 76.73 -3.04
C VAL C 250 53.06 77.53 -4.33
N GLN C 251 53.56 78.76 -4.27
CA GLN C 251 53.64 79.56 -5.49
C GLN C 251 54.55 78.92 -6.53
N SER C 252 55.68 78.38 -6.11
CA SER C 252 56.60 77.72 -7.05
C SER C 252 55.92 76.55 -7.73
N GLU C 253 55.15 75.76 -6.97
CA GLU C 253 54.35 74.72 -7.60
C GLU C 253 53.32 75.30 -8.56
N ILE C 254 52.81 76.50 -8.27
CA ILE C 254 51.86 77.13 -9.18
C ILE C 254 52.52 77.40 -10.54
N GLU C 255 53.70 78.03 -10.53
CA GLU C 255 54.37 78.25 -11.82
C GLU C 255 54.81 76.94 -12.46
N ARG C 256 55.12 75.91 -11.65
CA ARG C 256 55.47 74.62 -12.21
C ARG C 256 54.29 74.03 -12.97
N ILE C 257 53.09 74.11 -12.39
CA ILE C 257 51.89 73.63 -13.07
C ILE C 257 51.61 74.47 -14.31
N PHE C 258 51.81 75.77 -14.21
CA PHE C 258 51.59 76.65 -15.37
C PHE C 258 52.49 76.27 -16.53
N GLU C 259 53.80 76.06 -16.25
CA GLU C 259 54.72 75.74 -17.32
C GLU C 259 54.49 74.34 -17.86
N LEU C 260 54.05 73.41 -17.00
CA LEU C 260 53.74 72.07 -17.50
C LEU C 260 52.49 72.07 -18.38
N ALA C 261 51.50 72.90 -18.04
CA ALA C 261 50.35 73.05 -18.92
C ALA C 261 50.73 73.79 -20.20
N LYS C 262 51.76 74.63 -20.15
CA LYS C 262 52.27 75.27 -21.35
C LYS C 262 52.79 74.24 -22.35
N SER C 263 53.23 73.08 -21.86
CA SER C 263 53.78 72.04 -22.73
C SER C 263 52.74 71.42 -23.66
N LEU C 264 51.46 71.71 -23.45
CA LEU C 264 50.31 71.28 -24.25
C LEU C 264 49.94 69.82 -23.96
N GLN C 265 50.74 69.08 -23.22
CA GLN C 265 50.41 67.71 -22.86
C GLN C 265 49.52 67.69 -21.62
N LEU C 266 48.68 66.66 -21.53
CA LEU C 266 47.71 66.57 -20.45
C LEU C 266 48.41 66.37 -19.11
N VAL C 267 47.86 67.00 -18.06
CA VAL C 267 48.42 66.96 -16.72
C VAL C 267 47.36 66.47 -15.75
N VAL C 268 47.76 65.57 -14.87
CA VAL C 268 46.88 65.03 -13.83
C VAL C 268 47.59 65.20 -12.49
N LEU C 269 46.88 65.73 -11.50
CA LEU C 269 47.46 66.04 -10.20
C LEU C 269 47.10 64.98 -9.18
N ASP C 270 48.07 64.64 -8.33
CA ASP C 270 47.90 63.65 -7.28
C ASP C 270 48.10 64.27 -5.90
N ALA C 271 47.78 65.55 -5.75
CA ALA C 271 47.95 66.24 -4.48
C ALA C 271 46.91 65.76 -3.47
N ASP C 272 47.37 65.41 -2.28
CA ASP C 272 46.52 64.84 -1.23
C ASP C 272 45.87 65.90 -0.35
N THR C 273 45.74 67.13 -0.84
CA THR C 273 45.17 68.21 -0.05
C THR C 273 43.86 68.73 -0.64
N ILE C 274 43.18 67.92 -1.45
CA ILE C 274 41.92 68.30 -2.08
C ILE C 274 40.83 67.37 -1.57
N ASN C 275 39.79 67.93 -0.98
CA ASN C 275 38.63 67.16 -0.55
C ASN C 275 37.32 67.82 -0.90
N HIS C 276 37.35 68.98 -1.57
CA HIS C 276 36.15 69.69 -2.00
C HIS C 276 36.55 70.70 -3.08
N PRO C 277 35.84 70.75 -4.21
CA PRO C 277 36.20 71.72 -5.25
C PRO C 277 36.13 73.16 -4.80
N ALA C 278 35.30 73.46 -3.79
CA ALA C 278 35.19 74.83 -3.29
C ALA C 278 36.50 75.36 -2.74
N GLN C 279 37.44 74.47 -2.39
CA GLN C 279 38.75 74.90 -1.91
C GLN C 279 39.67 75.33 -3.05
N LEU C 280 39.33 75.00 -4.29
CA LEU C 280 40.15 75.37 -5.44
C LEU C 280 39.29 75.87 -6.59
N ALA C 281 38.31 76.72 -6.28
CA ALA C 281 37.42 77.28 -7.29
C ALA C 281 37.65 78.77 -7.55
N LYS C 282 38.24 79.49 -6.60
CA LYS C 282 38.50 80.92 -6.75
C LYS C 282 39.94 81.20 -7.18
N THR C 283 40.72 80.17 -7.46
CA THR C 283 42.13 80.34 -7.82
C THR C 283 42.25 80.59 -9.32
N SER C 284 43.49 80.57 -9.82
CA SER C 284 43.74 80.79 -11.24
C SER C 284 43.80 79.51 -12.05
N LEU C 285 44.07 78.38 -11.39
CA LEU C 285 44.20 77.11 -12.11
C LEU C 285 42.87 76.67 -12.69
N ALA C 286 41.81 76.68 -11.88
CA ALA C 286 40.49 76.18 -12.25
C ALA C 286 40.60 74.78 -12.82
N PRO C 287 41.02 73.79 -12.02
CA PRO C 287 41.26 72.46 -12.57
C PRO C 287 39.98 71.72 -12.92
N ILE C 288 40.11 70.74 -13.79
CA ILE C 288 38.98 69.88 -14.14
C ILE C 288 38.69 69.00 -12.94
N ILE C 289 37.60 69.29 -12.24
CA ILE C 289 37.24 68.52 -11.05
C ILE C 289 36.58 67.22 -11.50
N VAL C 290 37.14 66.10 -11.06
CA VAL C 290 36.61 64.77 -11.36
C VAL C 290 36.13 64.17 -10.05
N PHE C 291 34.86 63.78 -10.02
CA PHE C 291 34.22 63.27 -8.81
C PHE C 291 33.95 61.77 -8.98
N VAL C 292 34.50 60.98 -8.06
CA VAL C 292 34.15 59.57 -7.93
C VAL C 292 33.30 59.43 -6.67
N LYS C 293 32.05 59.03 -6.84
CA LYS C 293 31.08 59.01 -5.75
C LYS C 293 30.52 57.60 -5.57
N VAL C 294 30.33 57.23 -4.31
CA VAL C 294 29.62 56.02 -3.95
C VAL C 294 28.13 56.35 -3.83
N SER C 295 27.28 55.47 -4.34
CA SER C 295 25.86 55.77 -4.46
C SER C 295 25.21 55.98 -3.10
N SER C 296 25.55 55.14 -2.12
CA SER C 296 24.91 55.18 -0.82
C SER C 296 25.95 55.20 0.29
N PRO C 297 25.64 55.86 1.41
CA PRO C 297 26.55 55.79 2.57
C PRO C 297 26.76 54.37 3.08
N LYS C 298 25.75 53.51 2.98
CA LYS C 298 25.90 52.13 3.45
C LYS C 298 26.98 51.41 2.66
N VAL C 299 27.01 51.59 1.34
CA VAL C 299 28.02 50.94 0.52
C VAL C 299 29.41 51.44 0.90
N LEU C 300 29.56 52.75 1.10
CA LEU C 300 30.85 53.31 1.47
C LEU C 300 31.32 52.77 2.81
N GLN C 301 30.41 52.68 3.79
CA GLN C 301 30.86 52.26 5.11
C GLN C 301 31.10 50.76 5.17
N ARG C 302 30.42 49.95 4.35
CA ARG C 302 30.75 48.54 4.30
C ARG C 302 32.05 48.31 3.51
N LEU C 303 32.32 49.15 2.51
CA LEU C 303 33.65 49.16 1.88
C LEU C 303 34.73 49.46 2.90
N ILE C 304 34.50 50.47 3.74
CA ILE C 304 35.46 50.83 4.77
C ILE C 304 35.64 49.68 5.76
N ARG C 305 34.54 49.05 6.16
CA ARG C 305 34.61 47.87 7.02
C ARG C 305 35.42 46.76 6.37
N SER C 306 35.37 46.64 5.05
CA SER C 306 36.13 45.60 4.35
C SER C 306 37.64 45.80 4.45
N ARG C 307 38.10 46.98 4.88
CA ARG C 307 39.53 47.21 4.98
C ARG C 307 40.10 46.67 6.29
N GLY C 308 39.57 47.10 7.41
CA GLY C 308 40.04 46.63 8.70
C GLY C 308 39.76 47.66 9.78
N LYS C 309 40.33 47.40 10.96
CA LYS C 309 40.12 48.27 12.11
C LYS C 309 40.81 49.61 11.92
N SER C 310 41.93 49.65 11.19
CA SER C 310 42.66 50.89 11.01
C SER C 310 41.78 51.95 10.36
N GLN C 311 41.00 51.56 9.35
CA GLN C 311 40.05 52.49 8.74
C GLN C 311 38.75 52.60 9.54
N MET C 312 38.43 51.59 10.35
CA MET C 312 37.30 51.73 11.27
C MET C 312 37.54 52.86 12.27
N LYS C 313 38.80 53.14 12.59
CA LYS C 313 39.10 54.23 13.51
C LYS C 313 38.73 55.58 12.92
N HIS C 314 38.98 55.77 11.62
CA HIS C 314 38.70 57.03 10.94
C HIS C 314 37.40 57.02 10.14
N LEU C 315 36.61 55.95 10.27
CA LEU C 315 35.33 55.85 9.56
C LEU C 315 34.45 57.05 9.80
N THR C 316 34.48 57.61 11.01
CA THR C 316 33.62 58.75 11.34
C THR C 316 33.94 59.95 10.47
N VAL C 317 35.23 60.35 10.43
CA VAL C 317 35.61 61.51 9.62
C VAL C 317 35.45 61.19 8.14
N GLN C 318 35.66 59.93 7.75
CA GLN C 318 35.46 59.57 6.35
C GLN C 318 34.01 59.76 5.93
N MET C 319 33.07 59.31 6.77
CA MET C 319 31.65 59.53 6.48
C MET C 319 31.31 61.01 6.48
N MET C 320 31.87 61.77 7.43
CA MET C 320 31.57 63.21 7.47
C MET C 320 32.02 63.90 6.20
N ALA C 321 33.26 63.66 5.76
CA ALA C 321 33.75 64.27 4.54
C ALA C 321 32.95 63.79 3.33
N TYR C 322 32.56 62.51 3.32
CA TYR C 322 31.78 61.99 2.20
C TYR C 322 30.45 62.73 2.08
N ASP C 323 29.73 62.88 3.20
CA ASP C 323 28.43 63.55 3.11
C ASP C 323 28.59 65.03 2.78
N LYS C 324 29.61 65.69 3.34
CA LYS C 324 29.84 67.09 2.98
C LYS C 324 30.14 67.25 1.50
N LEU C 325 30.92 66.33 0.93
CA LEU C 325 31.26 66.43 -0.48
C LEU C 325 30.08 66.07 -1.38
N VAL C 326 29.20 65.18 -0.92
CA VAL C 326 27.98 64.88 -1.67
C VAL C 326 27.04 66.08 -1.67
N GLN C 327 26.98 66.80 -0.54
CA GLN C 327 26.13 67.99 -0.47
C GLN C 327 26.58 69.07 -1.44
N CYS C 328 27.81 69.00 -1.93
CA CYS C 328 28.25 69.89 -3.01
C CYS C 328 27.42 69.63 -4.25
N PRO C 329 26.92 70.66 -4.93
CA PRO C 329 26.00 70.43 -6.03
C PRO C 329 26.70 70.02 -7.31
N PRO C 330 25.99 69.33 -8.22
CA PRO C 330 26.66 68.78 -9.41
C PRO C 330 27.29 69.84 -10.31
N GLU C 331 26.72 71.04 -10.38
CA GLU C 331 27.28 72.07 -11.25
C GLU C 331 28.67 72.53 -10.79
N SER C 332 29.02 72.26 -9.53
CA SER C 332 30.36 72.60 -9.05
C SER C 332 31.43 71.76 -9.74
N PHE C 333 31.14 70.49 -10.00
CA PHE C 333 32.10 69.60 -10.64
C PHE C 333 32.05 69.74 -12.15
N ASP C 334 33.08 69.19 -12.81
CA ASP C 334 33.15 69.18 -14.26
C ASP C 334 32.69 67.87 -14.87
N VAL C 335 33.11 66.74 -14.30
CA VAL C 335 32.66 65.42 -14.73
C VAL C 335 32.27 64.63 -13.48
N ILE C 336 31.43 63.62 -13.69
CA ILE C 336 30.95 62.77 -12.61
C ILE C 336 31.26 61.32 -12.96
N LEU C 337 31.63 60.53 -11.95
CA LEU C 337 31.89 59.10 -12.10
C LEU C 337 31.08 58.39 -11.01
N ASP C 338 29.83 58.08 -11.33
CA ASP C 338 28.93 57.43 -10.39
C ASP C 338 28.70 55.96 -10.71
N GLU C 339 29.26 55.45 -11.81
CA GLU C 339 29.11 54.04 -12.15
C GLU C 339 29.87 53.18 -11.15
N ASN C 340 29.24 52.07 -10.75
CA ASN C 340 29.86 51.16 -9.80
C ASN C 340 30.92 50.26 -10.43
N GLN C 341 31.00 50.23 -11.75
CA GLN C 341 31.99 49.42 -12.45
C GLN C 341 33.21 50.28 -12.77
N LEU C 342 34.39 49.74 -12.51
CA LEU C 342 35.61 50.46 -12.80
C LEU C 342 35.71 50.76 -14.28
N GLU C 343 35.46 49.75 -15.10
CA GLU C 343 35.61 49.92 -16.54
C GLU C 343 34.75 51.07 -17.04
N ASP C 344 33.44 51.03 -16.78
CA ASP C 344 32.54 52.04 -17.32
C ASP C 344 33.01 53.45 -17.00
N ALA C 345 33.44 53.66 -15.75
CA ALA C 345 34.01 54.97 -15.39
C ALA C 345 35.29 55.24 -16.17
N CYS C 346 36.11 54.21 -16.40
CA CYS C 346 37.36 54.41 -17.13
C CYS C 346 37.09 54.88 -18.55
N GLU C 347 36.22 54.18 -19.29
CA GLU C 347 35.90 54.66 -20.64
C GLU C 347 35.12 55.97 -20.63
N HIS C 348 34.37 56.26 -19.56
CA HIS C 348 33.73 57.57 -19.47
C HIS C 348 34.77 58.69 -19.42
N LEU C 349 35.73 58.57 -18.51
CA LEU C 349 36.78 59.57 -18.40
C LEU C 349 37.63 59.61 -19.67
N ALA C 350 37.89 58.44 -20.26
CA ALA C 350 38.66 58.38 -21.49
C ALA C 350 37.95 59.09 -22.63
N GLU C 351 36.64 58.92 -22.74
CA GLU C 351 35.89 59.61 -23.78
C GLU C 351 35.90 61.11 -23.56
N TYR C 352 35.73 61.55 -22.30
CA TYR C 352 35.78 62.99 -22.04
C TYR C 352 37.14 63.58 -22.41
N LEU C 353 38.22 62.90 -22.01
CA LEU C 353 39.55 63.42 -22.31
C LEU C 353 39.88 63.31 -23.80
N GLU C 354 39.33 62.31 -24.49
CA GLU C 354 39.48 62.24 -25.94
C GLU C 354 38.77 63.40 -26.62
N VAL C 355 37.58 63.75 -26.14
CA VAL C 355 36.89 64.93 -26.67
C VAL C 355 37.71 66.18 -26.43
N TYR C 356 38.28 66.32 -25.23
CA TYR C 356 39.12 67.48 -24.94
C TYR C 356 40.35 67.52 -25.84
N TRP C 357 40.99 66.37 -26.06
CA TRP C 357 42.18 66.31 -26.90
C TRP C 357 41.85 66.66 -28.35
N ARG C 358 40.75 66.12 -28.87
CA ARG C 358 40.35 66.42 -30.25
C ARG C 358 39.90 67.87 -30.39
N ALA C 359 39.41 68.46 -29.30
CA ALA C 359 38.92 69.84 -29.35
C ALA C 359 40.06 70.85 -29.38
N THR C 360 41.20 70.54 -28.77
CA THR C 360 42.32 71.47 -28.65
C THR C 360 43.44 71.15 -29.63
N HIS C 361 43.09 70.70 -30.84
CA HIS C 361 44.09 70.36 -31.84
C HIS C 361 43.60 70.69 -33.24
C1 NAG D . 31.08 -38.98 -4.19
C2 NAG D . 31.65 -40.35 -3.85
C3 NAG D . 33.02 -40.51 -4.48
C4 NAG D . 32.99 -40.18 -5.97
C5 NAG D . 32.22 -38.87 -6.25
C6 NAG D . 31.96 -38.65 -7.72
C7 NAG D . 31.24 -41.66 -1.81
C8 NAG D . 31.39 -41.71 -0.33
N2 NAG D . 31.71 -40.56 -2.41
O3 NAG D . 33.46 -41.86 -4.30
O4 NAG D . 34.33 -40.00 -6.40
O5 NAG D . 30.95 -38.86 -5.59
O6 NAG D . 31.09 -39.65 -8.25
O7 NAG D . 30.71 -42.57 -2.45
C1 NAG D . 34.76 -40.91 -7.44
C2 NAG D . 36.29 -40.79 -7.51
C3 NAG D . 36.85 -41.71 -8.59
C4 NAG D . 36.35 -43.13 -8.41
C5 NAG D . 34.82 -43.15 -8.28
C6 NAG D . 34.28 -44.52 -7.96
C7 NAG D . 36.54 -38.52 -8.62
C8 NAG D . 35.69 -38.95 -9.78
N2 NAG D . 36.77 -39.42 -7.64
O3 NAG D . 38.27 -41.67 -8.52
O4 NAG D . 36.71 -43.92 -9.54
O5 NAG D . 34.39 -42.28 -7.22
O6 NAG D . 35.05 -45.17 -6.96
O7 NAG D . 37.03 -37.39 -8.57
C1 NAG D . 37.86 -44.75 -9.28
C2 NAG D . 38.99 -44.29 -10.19
C3 NAG D . 40.32 -44.23 -9.44
C4 NAG D . 40.49 -45.44 -8.52
C5 NAG D . 39.29 -45.63 -7.61
C6 NAG D . 39.61 -45.46 -6.14
C7 NAG D . 39.07 -44.67 -12.62
C8 NAG D . 38.90 -43.19 -12.77
N2 NAG D . 39.11 -45.14 -11.37
O3 NAG D . 40.39 -43.03 -8.67
O4 NAG D . 40.68 -46.62 -9.30
O5 NAG D . 38.27 -44.67 -7.93
O6 NAG D . 40.52 -44.39 -5.94
O7 NAG D . 39.17 -45.41 -13.60
C1 NAG E . -0.17 -33.83 45.92
C2 NAG E . 1.02 -34.16 46.84
C3 NAG E . 0.97 -33.31 48.10
C4 NAG E . 0.81 -31.83 47.76
C5 NAG E . -0.36 -31.61 46.80
C6 NAG E . -0.48 -30.19 46.32
C7 NAG E . 0.12 -36.24 47.83
C8 NAG E . 0.38 -37.70 48.06
N2 NAG E . 1.07 -35.58 47.16
O3 NAG E . 2.16 -33.51 48.84
O4 NAG E . 0.63 -31.02 48.92
O5 NAG E . -0.20 -32.43 45.64
O6 NAG E . 0.13 -30.02 45.04
O7 NAG E . -0.91 -35.69 48.22
C1 NAG E . -0.13 -31.60 50.01
C2 NAG E . -0.26 -30.50 51.05
C3 NAG E . -1.44 -30.75 52.00
C4 NAG E . -1.86 -32.23 52.03
C5 NAG E . -2.04 -32.84 50.64
C6 NAG E . -3.49 -33.00 50.24
C7 NAG E . 1.60 -31.21 52.52
C8 NAG E . 2.87 -30.76 53.20
N2 NAG E . 0.98 -30.28 51.80
O3 NAG E . -2.55 -29.95 51.62
O4 NAG E . -0.92 -33.00 52.77
O5 NAG E . -1.42 -32.03 49.63
O6 NAG E . -3.98 -31.83 49.59
O7 NAG E . 1.19 -32.36 52.62
C1 NAG F . 29.30 -34.04 10.53
C2 NAG F . 28.53 -33.28 9.45
C3 NAG F . 29.50 -32.65 8.46
C4 NAG F . 30.55 -31.81 9.18
C5 NAG F . 31.23 -32.64 10.27
C6 NAG F . 32.19 -31.83 11.11
C7 NAG F . 26.51 -33.70 8.14
C8 NAG F . 25.63 -34.74 7.50
N2 NAG F . 27.58 -34.14 8.77
O3 NAG F . 28.79 -31.84 7.53
O4 NAG F . 31.53 -31.37 8.25
O5 NAG F . 30.24 -33.17 11.16
O6 NAG F . 32.04 -32.11 12.50
O7 NAG F . 26.23 -32.50 8.08
C1 NAG F . 31.59 -29.94 8.20
C2 NAG F . 33.02 -29.52 7.82
C3 NAG F . 33.12 -27.99 7.71
C4 NAG F . 32.03 -27.44 6.81
C5 NAG F . 30.66 -27.98 7.22
C6 NAG F . 29.55 -27.55 6.29
C7 NAG F . 34.73 -31.12 8.55
C8 NAG F . 35.68 -31.51 9.64
N2 NAG F . 33.98 -30.03 8.77
O3 NAG F . 34.41 -27.67 7.20
O4 NAG F . 31.99 -26.01 6.89
O5 NAG F . 30.67 -29.40 7.24
O6 NAG F . 28.33 -27.36 6.98
O7 NAG F . 34.65 -31.75 7.50
C1 NAG F . 32.91 -25.36 5.98
C2 NAG F . 32.42 -25.46 4.52
C3 NAG F . 32.55 -24.11 3.81
C4 NAG F . 31.72 -23.06 4.54
C5 NAG F . 32.13 -22.97 6.00
C6 NAG F . 30.97 -23.17 6.96
C7 NAG F . 34.34 -26.72 3.45
C8 NAG F . 35.34 -25.70 3.92
N2 NAG F . 33.05 -26.54 3.76
O3 NAG F . 32.11 -24.25 2.46
O4 NAG F . 31.92 -21.79 3.92
O5 NAG F . 33.14 -23.94 6.34
O6 NAG F . 29.72 -23.07 6.29
O7 NAG F . 34.70 -27.70 2.79
C1 NAG F . 30.67 -21.09 3.73
C2 NAG F . 29.80 -21.86 2.72
C3 NAG F . 28.43 -21.19 2.54
C4 NAG F . 27.77 -20.97 3.90
C5 NAG F . 28.71 -20.21 4.82
C6 NAG F . 28.15 -20.03 6.22
C7 NAG F . 30.90 -21.20 0.52
C8 NAG F . 30.73 -19.74 0.83
N2 NAG F . 30.46 -22.10 1.44
O3 NAG F . 27.60 -22.02 1.72
O4 NAG F . 26.57 -20.21 3.74
O5 NAG F . 29.95 -20.93 4.96
O6 NAG F . 28.73 -18.91 6.88
O7 NAG F . 31.44 -21.57 -0.51
C1 NAG G . 12.80 -65.45 29.44
C2 NAG G . 12.12 -66.80 29.24
C3 NAG G . 11.91 -67.50 30.58
C4 NAG G . 13.23 -67.57 31.35
C5 NAG G . 13.85 -66.19 31.45
C6 NAG G . 15.22 -66.19 32.11
C7 NAG G . 10.68 -66.99 27.26
C8 NAG G . 9.30 -66.76 26.70
N2 NAG G . 10.85 -66.65 28.54
O3 NAG G . 11.39 -68.80 30.34
O4 NAG G . 13.01 -68.07 32.67
O5 NAG G . 14.03 -65.63 30.14
O6 NAG G . 16.09 -65.26 31.50
O7 NAG G . 11.58 -67.47 26.58
C1 NAG G . 13.14 -69.50 32.77
C2 NAG G . 14.49 -69.88 33.39
C3 NAG G . 14.56 -71.39 33.59
C4 NAG G . 13.36 -71.90 34.38
C5 NAG G . 12.07 -71.45 33.70
C6 NAG G . 10.83 -71.81 34.48
C7 NAG G . 16.81 -69.17 33.06
C8 NAG G . 17.84 -68.71 32.08
N2 NAG G . 15.59 -69.43 32.57
O3 NAG G . 15.76 -71.72 34.28
O4 NAG G . 13.38 -73.31 34.45
O5 NAG G . 12.07 -70.01 33.57
O6 NAG G . 9.67 -71.80 33.65
O7 NAG G . 17.08 -69.33 34.25
C1 NAG H . -21.84 -56.18 32.67
C2 NAG H . -21.11 -55.37 33.77
C3 NAG H . -22.09 -54.54 34.60
C4 NAG H . -23.26 -55.38 35.13
C5 NAG H . -23.93 -56.21 34.04
C6 NAG H . -24.80 -55.40 33.10
C7 NAG H . -19.04 -56.04 34.92
C8 NAG H . -18.42 -54.82 34.30
N2 NAG H . -20.34 -56.25 34.63
O3 NAG H . -22.56 -53.42 33.86
O4 NAG H . -22.81 -56.24 36.17
O5 NAG H . -22.96 -56.92 33.24
O6 NAG H . -25.78 -54.67 33.81
O7 NAG H . -18.41 -56.80 35.65
C1 NAG H . -23.60 -55.96 37.34
C2 NAG H . -23.16 -56.88 38.47
C3 NAG H . -23.95 -56.57 39.74
C4 NAG H . -23.84 -55.09 40.08
C5 NAG H . -24.24 -54.24 38.89
C6 NAG H . -24.04 -52.76 39.13
C7 NAG H . -22.31 -59.16 38.12
C8 NAG H . -20.97 -58.62 38.56
N2 NAG H . -23.32 -58.28 38.10
O3 NAG H . -23.45 -57.36 40.81
O4 NAG H . -24.68 -54.79 41.19
O5 NAG H . -23.46 -54.59 37.75
O6 NAG H . -23.64 -52.49 40.46
O7 NAG H . -22.46 -60.33 37.81
CA CA I . -4.27 7.67 -7.07
C1 NAG J . 15.25 -65.17 11.65
C2 NAG J . 16.53 -65.87 12.15
C3 NAG J . 16.43 -67.38 11.96
C4 NAG J . 15.16 -67.91 12.59
C5 NAG J . 13.95 -67.16 12.06
C6 NAG J . 12.65 -67.57 12.71
C7 NAG J . 17.94 -65.42 10.16
C8 NAG J . 19.22 -64.82 9.68
N2 NAG J . 17.72 -65.35 11.47
O3 NAG J . 17.57 -68.01 12.53
O4 NAG J . 15.01 -69.30 12.29
O5 NAG J . 14.11 -65.76 12.30
O6 NAG J . 11.98 -66.45 13.28
O7 NAG J . 17.14 -65.94 9.38
C1 NAG K . -38.30 -49.79 5.69
C2 NAG K . -37.54 -49.04 6.79
C3 NAG K . -37.10 -47.67 6.29
C4 NAG K . -36.32 -47.81 4.98
C5 NAG K . -37.12 -48.61 3.96
C6 NAG K . -36.36 -48.90 2.70
C7 NAG K . -37.82 -48.88 9.23
C8 NAG K . -38.80 -48.74 10.34
N2 NAG K . -38.35 -48.92 7.99
O3 NAG K . -36.29 -47.04 7.26
O4 NAG K . -36.03 -46.52 4.45
O5 NAG K . -37.49 -49.88 4.52
O6 NAG K . -37.18 -49.56 1.74
O7 NAG K . -36.62 -48.97 9.42
CA CA L . 2.81 -8.35 24.94
#